data_2KHZ
#
_entry.id   2KHZ
#
_cell.length_a   1.000
_cell.length_b   1.000
_cell.length_c   1.000
_cell.angle_alpha   90.00
_cell.angle_beta   90.00
_cell.angle_gamma   90.00
#
_symmetry.space_group_name_H-M   'P 1'
#
_entity_poly.entity_id   1
_entity_poly.type   'polypeptide(L)'
_entity_poly.pdbx_seq_one_letter_code
;GHMAASGEQAPCSVYFCGSIRGGREDQALYARIVSRLRRYGKVLTEHVADAELEPLGEEAAGGDQFIHEQDLNWLQQADV
VVAEVTQPSLGVGYELGRAVALGKPILCLFRPQSGRVLSAMIRGAADGSRFQVWDYAEGEVETMLDRYFEAYLPQKTASS
SHPSA
;
_entity_poly.pdbx_strand_id   A,B
#
# COMPACT_ATOMS: atom_id res chain seq x y z
N MET A 3 2.00 14.72 38.51
CA MET A 3 0.81 15.61 38.54
C MET A 3 -0.38 14.87 37.91
N ALA A 4 -1.47 14.79 38.61
CA ALA A 4 -2.67 14.09 38.06
C ALA A 4 -3.11 14.79 36.78
N ALA A 5 -3.64 14.04 35.84
CA ALA A 5 -4.09 14.67 34.56
C ALA A 5 -5.26 15.61 34.85
N SER A 6 -5.46 16.59 34.02
CA SER A 6 -6.58 17.54 34.24
C SER A 6 -7.91 16.77 34.29
N GLY A 7 -8.91 17.33 34.89
CA GLY A 7 -10.22 16.63 34.97
C GLY A 7 -10.87 16.59 33.59
N GLU A 8 -10.09 16.40 32.57
CA GLU A 8 -10.63 16.35 31.18
C GLU A 8 -10.43 14.94 30.61
N GLN A 9 -11.22 14.56 29.64
CA GLN A 9 -11.06 13.20 29.05
C GLN A 9 -9.86 13.19 28.10
N ALA A 10 -9.54 12.06 27.55
CA ALA A 10 -8.38 11.99 26.61
C ALA A 10 -8.87 12.26 25.18
N PRO A 11 -8.16 13.06 24.43
CA PRO A 11 -8.55 13.36 23.03
C PRO A 11 -8.65 12.10 22.19
N CYS A 12 -8.39 12.21 20.93
CA CYS A 12 -8.42 11.01 20.04
C CYS A 12 -6.99 10.73 19.62
N SER A 13 -6.80 9.77 18.77
CA SER A 13 -5.41 9.49 18.32
C SER A 13 -5.37 9.64 16.81
N VAL A 14 -4.24 9.97 16.27
CA VAL A 14 -4.13 10.17 14.81
C VAL A 14 -2.92 9.39 14.30
N TYR A 15 -3.09 8.71 13.20
CA TYR A 15 -1.94 7.94 12.64
C TYR A 15 -1.57 8.58 11.32
N PHE A 16 -0.55 9.40 11.32
CA PHE A 16 -0.14 10.05 10.05
C PHE A 16 0.87 9.15 9.34
N CYS A 17 0.53 8.67 8.16
CA CYS A 17 1.48 7.79 7.43
C CYS A 17 2.33 8.64 6.48
N GLY A 18 3.55 8.25 6.27
CA GLY A 18 4.44 9.05 5.36
C GLY A 18 5.71 8.26 5.05
N SER A 19 5.60 7.26 4.21
CA SER A 19 6.79 6.43 3.84
C SER A 19 8.09 7.12 4.22
N ILE A 20 8.94 6.45 4.94
CA ILE A 20 10.23 7.07 5.36
C ILE A 20 11.33 6.71 4.37
N ARG A 21 11.82 5.51 4.42
CA ARG A 21 12.90 5.12 3.50
C ARG A 21 13.97 6.22 3.55
N GLY A 22 14.70 6.29 4.62
CA GLY A 22 15.76 7.33 4.75
C GLY A 22 15.36 8.38 5.81
N GLY A 23 15.18 9.59 5.38
CA GLY A 23 14.79 10.69 6.31
C GLY A 23 15.17 11.99 5.62
N ARG A 24 14.24 12.62 4.96
CA ARG A 24 14.57 13.85 4.19
C ARG A 24 13.61 15.01 4.52
N GLU A 25 13.29 15.81 3.54
CA GLU A 25 12.36 16.94 3.78
C GLU A 25 11.04 16.35 4.27
N ASP A 26 10.60 15.29 3.66
CA ASP A 26 9.35 14.65 4.11
C ASP A 26 9.48 14.41 5.61
N GLN A 27 10.67 14.11 6.04
CA GLN A 27 10.91 13.89 7.50
C GLN A 27 10.64 15.20 8.23
N ALA A 28 11.13 16.30 7.69
CA ALA A 28 10.88 17.62 8.35
C ALA A 28 9.40 17.97 8.26
N LEU A 29 8.84 17.87 7.07
CA LEU A 29 7.39 18.17 6.90
C LEU A 29 6.60 17.23 7.80
N TYR A 30 7.09 16.03 8.00
CA TYR A 30 6.38 15.06 8.87
C TYR A 30 6.42 15.55 10.32
N ALA A 31 7.55 15.98 10.79
CA ALA A 31 7.62 16.44 12.19
C ALA A 31 6.66 17.62 12.38
N ARG A 32 6.54 18.46 11.39
CA ARG A 32 5.57 19.60 11.52
C ARG A 32 4.15 19.05 11.46
N ILE A 33 3.82 18.36 10.41
CA ILE A 33 2.47 17.77 10.29
C ILE A 33 2.19 16.98 11.56
N VAL A 34 3.17 16.25 12.01
CA VAL A 34 3.00 15.45 13.24
C VAL A 34 2.74 16.39 14.41
N SER A 35 3.27 17.58 14.36
CA SER A 35 3.04 18.56 15.46
C SER A 35 1.57 18.98 15.49
N ARG A 36 0.97 19.17 14.35
CA ARG A 36 -0.48 19.56 14.34
C ARG A 36 -1.33 18.39 14.81
N LEU A 37 -1.09 17.24 14.26
CA LEU A 37 -1.88 16.05 14.70
C LEU A 37 -1.61 15.84 16.19
N ARG A 38 -0.39 16.05 16.60
CA ARG A 38 -0.06 15.89 18.05
C ARG A 38 -0.86 16.93 18.86
N ARG A 39 -1.24 18.02 18.24
CA ARG A 39 -2.04 19.03 18.99
C ARG A 39 -3.49 18.57 19.08
N TYR A 40 -3.99 17.93 18.05
CA TYR A 40 -5.41 17.48 18.05
C TYR A 40 -5.61 16.33 19.04
N GLY A 41 -4.74 15.35 19.02
CA GLY A 41 -4.87 14.23 19.98
C GLY A 41 -3.51 13.56 20.14
N LYS A 42 -3.48 12.26 20.18
CA LYS A 42 -2.19 11.54 20.34
C LYS A 42 -1.73 11.04 18.96
N VAL A 43 -0.48 11.20 18.64
CA VAL A 43 0.01 10.68 17.33
C VAL A 43 0.67 9.33 17.59
N LEU A 44 0.14 8.28 17.03
CA LEU A 44 0.75 6.94 17.28
C LEU A 44 1.98 6.75 16.40
N THR A 45 1.95 7.24 15.20
CA THR A 45 3.13 7.05 14.30
C THR A 45 4.32 7.86 14.83
N GLU A 46 4.47 7.92 16.13
CA GLU A 46 5.60 8.69 16.71
C GLU A 46 6.91 8.27 16.02
N HIS A 47 7.03 7.02 15.67
CA HIS A 47 8.27 6.56 15.00
C HIS A 47 8.60 7.51 13.84
N VAL A 48 7.66 7.75 12.98
CA VAL A 48 7.91 8.67 11.84
C VAL A 48 8.30 10.05 12.39
N ALA A 49 8.86 10.89 11.57
CA ALA A 49 9.29 12.24 12.05
C ALA A 49 10.35 12.07 13.13
N ASP A 50 10.03 11.42 14.19
CA ASP A 50 11.03 11.19 15.26
C ASP A 50 12.13 10.29 14.70
N ALA A 51 12.29 10.30 13.40
CA ALA A 51 13.34 9.46 12.76
C ALA A 51 14.52 10.34 12.36
N GLU A 52 14.37 11.64 12.42
CA GLU A 52 15.48 12.55 12.05
C GLU A 52 16.65 12.36 13.01
N LEU A 53 16.35 12.18 14.27
CA LEU A 53 17.43 11.99 15.28
C LEU A 53 18.32 10.81 14.87
N GLU A 54 19.50 10.71 15.42
CA GLU A 54 20.42 9.59 15.06
C GLU A 54 20.64 9.58 13.55
N PRO A 55 21.72 8.97 13.09
CA PRO A 55 22.04 8.89 11.64
C PRO A 55 20.97 8.10 10.87
N LEU A 56 20.51 8.63 9.77
CA LEU A 56 19.46 7.91 8.98
C LEU A 56 20.13 7.07 7.88
N GLY A 57 19.36 6.26 7.22
CA GLY A 57 19.92 5.40 6.14
C GLY A 57 19.27 4.02 6.19
N GLU A 58 18.01 3.97 6.49
CA GLU A 58 17.30 2.65 6.55
C GLU A 58 18.13 1.68 7.38
N GLU A 59 19.05 0.99 6.75
CA GLU A 59 19.90 0.02 7.50
C GLU A 59 20.42 0.69 8.78
N ALA A 60 20.43 2.00 8.81
CA ALA A 60 20.91 2.72 10.02
C ALA A 60 20.24 2.11 11.25
N ALA A 61 20.90 2.15 12.38
CA ALA A 61 20.30 1.58 13.62
C ALA A 61 18.85 2.03 13.73
N GLY A 62 17.95 1.14 14.09
CA GLY A 62 16.53 1.52 14.22
C GLY A 62 15.67 0.27 14.42
N GLY A 63 15.65 -0.61 13.45
CA GLY A 63 14.82 -1.85 13.58
C GLY A 63 13.66 -1.77 12.59
N ASP A 64 13.92 -2.08 11.35
CA ASP A 64 12.82 -2.03 10.34
C ASP A 64 11.64 -2.84 10.88
N GLN A 65 11.91 -4.01 11.39
CA GLN A 65 10.83 -4.85 11.94
C GLN A 65 10.19 -4.12 13.12
N PHE A 66 10.98 -3.63 14.03
CA PHE A 66 10.40 -2.90 15.20
C PHE A 66 9.64 -1.67 14.69
N ILE A 67 10.13 -1.04 13.66
CA ILE A 67 9.44 0.15 13.10
C ILE A 67 8.06 -0.29 12.60
N HIS A 68 8.03 -1.29 11.78
CA HIS A 68 6.73 -1.79 11.23
C HIS A 68 5.90 -2.39 12.37
N GLU A 69 6.49 -3.27 13.13
CA GLU A 69 5.76 -3.93 14.24
C GLU A 69 4.94 -2.89 15.01
N GLN A 70 5.58 -1.88 15.53
CA GLN A 70 4.82 -0.84 16.29
C GLN A 70 3.85 -0.13 15.34
N ASP A 71 4.26 0.13 14.14
CA ASP A 71 3.36 0.83 13.17
C ASP A 71 2.08 0.02 12.96
N LEU A 72 2.18 -1.25 12.74
CA LEU A 72 0.97 -2.08 12.51
C LEU A 72 0.11 -2.10 13.78
N ASN A 73 0.72 -2.30 14.91
CA ASN A 73 -0.06 -2.34 16.18
C ASN A 73 -0.68 -0.98 16.44
N TRP A 74 0.11 0.05 16.42
CA TRP A 74 -0.45 1.41 16.68
C TRP A 74 -1.46 1.74 15.58
N LEU A 75 -1.12 1.50 14.35
CA LEU A 75 -2.09 1.79 13.25
C LEU A 75 -3.41 1.14 13.63
N GLN A 76 -3.35 -0.02 14.23
CA GLN A 76 -4.59 -0.70 14.65
C GLN A 76 -5.19 0.02 15.86
N GLN A 77 -4.37 0.64 16.67
CA GLN A 77 -4.91 1.35 17.86
C GLN A 77 -5.30 2.78 17.48
N ALA A 78 -5.11 3.15 16.25
CA ALA A 78 -5.44 4.56 15.84
C ALA A 78 -6.94 4.82 15.82
N ASP A 79 -7.34 5.92 16.42
CA ASP A 79 -8.77 6.29 16.41
C ASP A 79 -9.03 7.08 15.12
N VAL A 80 -8.02 7.78 14.66
CA VAL A 80 -8.14 8.56 13.39
C VAL A 80 -6.88 8.31 12.56
N VAL A 81 -6.99 8.25 11.25
CA VAL A 81 -5.78 7.97 10.42
C VAL A 81 -5.75 8.83 9.16
N VAL A 82 -4.64 9.47 8.91
CA VAL A 82 -4.48 10.31 7.69
C VAL A 82 -3.11 10.03 7.09
N ALA A 83 -3.03 9.78 5.81
CA ALA A 83 -1.68 9.50 5.20
C ALA A 83 -1.33 10.57 4.17
N GLU A 84 -0.09 11.01 4.20
CA GLU A 84 0.35 12.06 3.24
C GLU A 84 0.76 11.41 1.92
N VAL A 85 0.40 12.00 0.81
CA VAL A 85 0.76 11.40 -0.50
C VAL A 85 1.09 12.52 -1.50
N THR A 86 1.99 12.24 -2.40
CA THR A 86 2.40 13.25 -3.42
C THR A 86 3.34 12.55 -4.39
N GLN A 87 4.52 12.20 -3.93
CA GLN A 87 5.49 11.47 -4.78
C GLN A 87 5.39 9.98 -4.46
N PRO A 88 5.73 9.13 -5.39
CA PRO A 88 5.67 7.66 -5.17
C PRO A 88 6.09 7.28 -3.75
N SER A 89 5.47 6.28 -3.17
CA SER A 89 5.82 5.89 -1.77
C SER A 89 5.28 4.49 -1.46
N LEU A 90 6.14 3.59 -1.06
CA LEU A 90 5.67 2.21 -0.74
C LEU A 90 5.00 2.22 0.64
N GLY A 91 5.59 2.87 1.60
CA GLY A 91 4.98 2.91 2.95
C GLY A 91 3.61 3.58 2.87
N VAL A 92 3.50 4.64 2.12
CA VAL A 92 2.19 5.32 2.01
C VAL A 92 1.19 4.39 1.34
N GLY A 93 1.60 3.75 0.28
CA GLY A 93 0.68 2.82 -0.43
C GLY A 93 0.28 1.69 0.53
N TYR A 94 1.23 1.12 1.20
CA TYR A 94 0.89 0.02 2.15
C TYR A 94 0.07 0.57 3.32
N GLU A 95 0.50 1.67 3.89
CA GLU A 95 -0.26 2.25 5.02
C GLU A 95 -1.68 2.61 4.58
N LEU A 96 -1.84 3.08 3.37
CA LEU A 96 -3.21 3.42 2.90
C LEU A 96 -3.98 2.14 2.57
N GLY A 97 -3.33 1.19 1.96
CA GLY A 97 -4.03 -0.09 1.63
C GLY A 97 -4.39 -0.79 2.94
N ARG A 98 -3.44 -0.93 3.83
CA ARG A 98 -3.73 -1.59 5.12
C ARG A 98 -4.84 -0.82 5.83
N ALA A 99 -4.82 0.48 5.76
CA ALA A 99 -5.88 1.25 6.45
C ALA A 99 -7.20 1.01 5.70
N VAL A 100 -7.15 0.91 4.41
CA VAL A 100 -8.38 0.66 3.64
C VAL A 100 -9.08 -0.57 4.23
N ALA A 101 -8.32 -1.59 4.50
CA ALA A 101 -8.92 -2.84 5.04
C ALA A 101 -8.96 -2.85 6.58
N LEU A 102 -7.85 -2.60 7.22
CA LEU A 102 -7.81 -2.61 8.71
C LEU A 102 -8.12 -1.22 9.23
N GLY A 103 -7.78 -0.23 8.50
CA GLY A 103 -8.09 1.14 8.95
C GLY A 103 -9.59 1.37 8.79
N LYS A 104 -10.06 2.41 9.38
CA LYS A 104 -11.50 2.77 9.24
C LYS A 104 -11.57 4.22 8.72
N PRO A 105 -11.22 5.21 9.52
CA PRO A 105 -11.20 6.62 9.05
C PRO A 105 -9.91 6.87 8.27
N ILE A 106 -9.98 7.08 6.97
CA ILE A 106 -8.72 7.26 6.20
C ILE A 106 -8.77 8.51 5.32
N LEU A 107 -7.91 9.45 5.60
CA LEU A 107 -7.83 10.68 4.77
C LEU A 107 -6.50 10.63 4.00
N CYS A 108 -6.53 10.76 2.70
CA CYS A 108 -5.26 10.71 1.91
C CYS A 108 -4.98 12.10 1.34
N LEU A 109 -3.73 12.47 1.23
CA LEU A 109 -3.42 13.84 0.70
C LEU A 109 -2.51 13.78 -0.53
N PHE A 110 -2.81 14.54 -1.55
CA PHE A 110 -1.94 14.57 -2.77
C PHE A 110 -1.75 16.05 -3.13
N ARG A 111 -0.55 16.45 -3.50
CA ARG A 111 -0.33 17.90 -3.80
C ARG A 111 -0.37 18.16 -5.31
N PRO A 112 -1.07 19.20 -5.72
CA PRO A 112 -1.16 19.59 -7.16
C PRO A 112 0.08 20.36 -7.60
N GLN A 113 0.74 21.03 -6.68
CA GLN A 113 1.96 21.80 -7.04
C GLN A 113 2.86 20.93 -7.92
N SER A 114 2.93 19.67 -7.60
CA SER A 114 3.75 18.73 -8.42
C SER A 114 2.79 17.95 -9.31
N GLY A 115 1.53 17.98 -8.99
CA GLY A 115 0.50 17.26 -9.80
C GLY A 115 1.05 15.91 -10.27
N ARG A 116 1.58 15.13 -9.37
CA ARG A 116 2.13 13.82 -9.78
C ARG A 116 1.00 12.81 -9.93
N VAL A 117 -0.20 13.30 -10.05
CA VAL A 117 -1.37 12.39 -10.20
C VAL A 117 -1.29 11.26 -9.18
N LEU A 118 -2.04 11.38 -8.13
CA LEU A 118 -2.03 10.33 -7.09
C LEU A 118 -2.18 8.96 -7.74
N SER A 119 -1.55 7.95 -7.18
CA SER A 119 -1.63 6.59 -7.79
C SER A 119 -3.08 6.25 -8.15
N ALA A 120 -3.28 5.56 -9.24
CA ALA A 120 -4.65 5.19 -9.66
C ALA A 120 -5.31 4.33 -8.59
N MET A 121 -4.53 3.59 -7.88
CA MET A 121 -5.11 2.71 -6.83
C MET A 121 -5.62 3.56 -5.68
N ILE A 122 -4.81 4.42 -5.15
CA ILE A 122 -5.28 5.26 -4.03
C ILE A 122 -6.43 6.14 -4.52
N ARG A 123 -6.31 6.69 -5.69
CA ARG A 123 -7.41 7.55 -6.23
C ARG A 123 -8.65 6.70 -6.46
N GLY A 124 -8.51 5.58 -7.11
CA GLY A 124 -9.70 4.73 -7.38
C GLY A 124 -10.31 4.24 -6.06
N ALA A 125 -9.51 4.06 -5.04
CA ALA A 125 -10.06 3.60 -3.74
C ALA A 125 -11.02 4.69 -3.23
N ALA A 126 -10.93 5.84 -3.81
CA ALA A 126 -11.80 6.98 -3.42
C ALA A 126 -13.25 6.52 -3.27
N ASP A 127 -13.67 6.22 -2.06
CA ASP A 127 -15.07 5.79 -1.86
C ASP A 127 -15.86 6.93 -1.22
N GLY A 128 -15.17 7.83 -0.58
CA GLY A 128 -15.88 8.98 0.08
C GLY A 128 -16.73 8.41 1.22
N SER A 129 -16.28 7.32 1.79
CA SER A 129 -17.00 6.67 2.93
C SER A 129 -15.93 6.35 3.96
N ARG A 130 -15.28 7.37 4.41
CA ARG A 130 -14.15 7.27 5.40
C ARG A 130 -12.86 7.33 4.61
N PHE A 131 -12.88 6.83 3.40
CA PHE A 131 -11.67 6.88 2.54
C PHE A 131 -11.81 8.09 1.61
N GLN A 132 -10.90 9.02 1.69
CA GLN A 132 -11.02 10.23 0.82
C GLN A 132 -9.65 10.73 0.40
N VAL A 133 -9.55 11.19 -0.82
CA VAL A 133 -8.26 11.75 -1.31
C VAL A 133 -8.39 13.27 -1.43
N TRP A 134 -7.88 14.00 -0.48
CA TRP A 134 -8.00 15.49 -0.51
C TRP A 134 -6.71 16.07 -1.13
N ASP A 135 -6.81 17.23 -1.74
CA ASP A 135 -5.61 17.86 -2.34
C ASP A 135 -5.04 18.89 -1.36
N TYR A 136 -3.77 19.21 -1.45
CA TYR A 136 -3.20 20.20 -0.49
C TYR A 136 -1.79 20.61 -0.88
N ALA A 137 -1.20 21.45 -0.08
CA ALA A 137 0.19 21.92 -0.32
C ALA A 137 0.76 22.32 1.05
N GLU A 138 2.04 22.19 1.25
CA GLU A 138 2.62 22.55 2.59
C GLU A 138 1.99 23.86 3.08
N GLY A 139 1.60 24.74 2.19
CA GLY A 139 1.01 26.04 2.61
C GLY A 139 -0.44 25.88 3.05
N GLU A 140 -1.03 24.73 2.90
CA GLU A 140 -2.46 24.57 3.31
C GLU A 140 -2.72 23.16 3.87
N VAL A 141 -1.68 22.42 4.13
CA VAL A 141 -1.88 21.05 4.67
C VAL A 141 -2.74 21.15 5.93
N GLU A 142 -2.43 22.09 6.78
CA GLU A 142 -3.22 22.24 8.03
C GLU A 142 -4.69 22.49 7.66
N THR A 143 -4.93 23.15 6.56
CA THR A 143 -6.35 23.41 6.17
C THR A 143 -7.03 22.10 5.80
N MET A 144 -6.37 21.27 5.02
CA MET A 144 -6.98 19.97 4.65
C MET A 144 -7.42 19.29 5.94
N LEU A 145 -6.52 19.21 6.88
CA LEU A 145 -6.88 18.57 8.18
C LEU A 145 -7.93 19.42 8.90
N ASP A 146 -7.85 20.72 8.77
CA ASP A 146 -8.83 21.60 9.48
C ASP A 146 -10.25 21.36 8.95
N ARG A 147 -10.41 21.21 7.66
CA ARG A 147 -11.77 20.97 7.12
C ARG A 147 -12.23 19.59 7.56
N TYR A 148 -11.40 18.60 7.38
CA TYR A 148 -11.77 17.24 7.80
C TYR A 148 -12.04 17.20 9.30
N PHE A 149 -11.16 17.75 10.07
CA PHE A 149 -11.36 17.73 11.55
C PHE A 149 -12.52 18.64 11.92
N GLU A 150 -12.72 19.70 11.21
CA GLU A 150 -13.86 20.59 11.56
C GLU A 150 -15.14 19.78 11.37
N ALA A 151 -15.14 18.88 10.43
CA ALA A 151 -16.33 18.01 10.24
C ALA A 151 -16.23 16.90 11.27
N TYR A 152 -15.30 17.03 12.19
CA TYR A 152 -15.09 15.96 13.19
C TYR A 152 -14.96 16.55 14.60
N LEU A 153 -13.77 16.58 15.13
CA LEU A 153 -13.53 17.11 16.51
C LEU A 153 -14.49 18.24 16.85
N PRO A 154 -15.62 17.93 17.44
CA PRO A 154 -16.63 18.93 17.84
C PRO A 154 -16.45 19.35 19.30
N GLN A 155 -16.58 18.40 20.19
CA GLN A 155 -16.40 18.70 21.64
C GLN A 155 -15.08 18.10 22.12
N LYS A 156 -14.60 17.09 21.42
CA LYS A 156 -13.31 16.47 21.81
C LYS A 156 -12.22 17.54 21.83
N THR A 157 -12.34 18.55 21.00
CA THR A 157 -11.33 19.63 20.96
C THR A 157 -11.19 20.25 22.35
N ALA A 158 -12.29 20.53 23.00
CA ALA A 158 -12.22 21.14 24.36
C ALA A 158 -13.61 21.10 25.01
N SER A 159 -13.66 20.99 26.31
CA SER A 159 -14.98 20.94 27.01
C SER A 159 -14.84 21.54 28.42
N SER A 160 -15.54 22.60 28.70
CA SER A 160 -15.44 23.21 30.05
C SER A 160 -16.18 22.33 31.07
N SER A 161 -17.22 21.65 30.63
CA SER A 161 -17.99 20.78 31.57
C SER A 161 -17.49 19.34 31.44
N HIS A 162 -17.58 18.57 32.49
CA HIS A 162 -17.11 17.16 32.44
C HIS A 162 -18.10 16.26 33.17
N PRO A 163 -19.22 15.98 32.56
CA PRO A 163 -20.28 15.10 33.17
C PRO A 163 -19.71 13.78 33.66
N SER A 164 -20.32 13.18 34.65
CA SER A 164 -19.81 11.89 35.17
C SER A 164 -19.71 10.88 34.02
N ALA A 165 -18.83 9.92 34.14
CA ALA A 165 -18.67 8.91 33.06
C ALA A 165 -17.85 7.74 33.57
N MET B 3 -13.54 -23.12 -31.44
CA MET B 3 -12.95 -24.45 -31.09
C MET B 3 -13.17 -24.73 -29.60
N ALA B 4 -13.77 -25.82 -29.27
CA ALA B 4 -14.02 -26.15 -27.83
C ALA B 4 -12.68 -26.22 -27.09
N ALA B 5 -12.68 -25.83 -25.84
CA ALA B 5 -11.40 -25.87 -25.06
C ALA B 5 -10.95 -27.31 -24.91
N SER B 6 -9.67 -27.53 -24.73
CA SER B 6 -9.17 -28.92 -24.59
C SER B 6 -9.86 -29.59 -23.40
N GLY B 7 -9.88 -30.90 -23.37
CA GLY B 7 -10.55 -31.61 -22.24
C GLY B 7 -9.72 -31.43 -20.96
N GLU B 8 -9.15 -30.27 -20.77
CA GLU B 8 -8.33 -30.01 -19.56
C GLU B 8 -9.01 -28.95 -18.69
N GLN B 9 -8.75 -28.95 -17.42
CA GLN B 9 -9.39 -27.92 -16.54
C GLN B 9 -8.71 -26.58 -16.73
N ALA B 10 -9.19 -25.56 -16.09
CA ALA B 10 -8.57 -24.21 -16.24
C ALA B 10 -7.48 -24.05 -15.18
N PRO B 11 -6.33 -23.52 -15.55
CA PRO B 11 -5.22 -23.30 -14.58
C PRO B 11 -5.66 -22.41 -13.43
N CYS B 12 -4.73 -21.67 -12.89
CA CYS B 12 -5.07 -20.74 -11.78
C CYS B 12 -4.94 -19.32 -12.32
N SER B 13 -5.11 -18.34 -11.50
CA SER B 13 -4.94 -16.94 -11.99
C SER B 13 -3.85 -16.28 -11.17
N VAL B 14 -3.19 -15.33 -11.73
CA VAL B 14 -2.10 -14.65 -11.01
C VAL B 14 -2.28 -13.14 -11.12
N TYR B 15 -2.11 -12.44 -10.04
CA TYR B 15 -2.25 -10.97 -10.08
C TYR B 15 -0.90 -10.35 -9.82
N PHE B 16 -0.21 -9.95 -10.85
CA PHE B 16 1.13 -9.35 -10.65
C PHE B 16 0.96 -7.84 -10.46
N CYS B 17 1.33 -7.33 -9.31
CA CYS B 17 1.19 -5.87 -9.07
C CYS B 17 2.51 -5.17 -9.44
N GLY B 18 2.42 -3.97 -9.94
CA GLY B 18 3.67 -3.24 -10.32
C GLY B 18 3.35 -1.78 -10.59
N SER B 19 3.11 -1.01 -9.55
CA SER B 19 2.79 0.45 -9.70
C SER B 19 3.15 0.94 -11.10
N ILE B 20 2.22 1.55 -11.78
CA ILE B 20 2.51 2.05 -13.15
C ILE B 20 2.93 3.50 -13.10
N ARG B 21 2.00 4.40 -12.90
CA ARG B 21 2.39 5.84 -12.86
C ARG B 21 3.24 6.13 -14.09
N GLY B 22 2.65 6.14 -15.26
CA GLY B 22 3.44 6.42 -16.49
C GLY B 22 3.53 5.15 -17.34
N GLY B 23 4.71 4.65 -17.54
CA GLY B 23 4.92 3.42 -18.36
C GLY B 23 6.38 3.44 -18.79
N ARG B 24 7.23 2.76 -18.07
CA ARG B 24 8.68 2.81 -18.40
C ARG B 24 9.30 1.40 -18.51
N GLU B 25 10.52 1.26 -18.07
CA GLU B 25 11.17 -0.08 -18.14
C GLU B 25 10.34 -1.04 -17.31
N ASP B 26 9.89 -0.59 -16.17
CA ASP B 26 9.04 -1.47 -15.33
C ASP B 26 7.90 -1.96 -16.22
N GLN B 27 7.47 -1.11 -17.12
CA GLN B 27 6.37 -1.51 -18.04
C GLN B 27 6.88 -2.66 -18.92
N ALA B 28 8.09 -2.54 -19.42
CA ALA B 28 8.66 -3.63 -20.27
C ALA B 28 8.90 -4.87 -19.41
N LEU B 29 9.56 -4.70 -18.29
CA LEU B 29 9.81 -5.86 -17.39
C LEU B 29 8.46 -6.46 -16.98
N TYR B 30 7.46 -5.63 -16.86
CA TYR B 30 6.11 -6.13 -16.49
C TYR B 30 5.55 -6.99 -17.60
N ALA B 31 5.64 -6.55 -18.82
CA ALA B 31 5.08 -7.35 -19.93
C ALA B 31 5.81 -8.71 -19.96
N ARG B 32 7.08 -8.73 -19.67
CA ARG B 32 7.80 -10.03 -19.66
C ARG B 32 7.33 -10.84 -18.44
N ILE B 33 7.47 -10.27 -17.28
CA ILE B 33 7.02 -10.99 -16.05
C ILE B 33 5.59 -11.44 -16.27
N VAL B 34 4.80 -10.57 -16.84
CA VAL B 34 3.38 -10.91 -17.12
C VAL B 34 3.33 -12.08 -18.09
N SER B 35 4.29 -12.19 -18.96
CA SER B 35 4.31 -13.32 -19.92
C SER B 35 4.52 -14.65 -19.18
N ARG B 36 5.37 -14.65 -18.19
CA ARG B 36 5.59 -15.93 -17.43
C ARG B 36 4.33 -16.26 -16.63
N LEU B 37 3.83 -15.31 -15.90
CA LEU B 37 2.60 -15.56 -15.11
C LEU B 37 1.50 -15.96 -16.09
N ARG B 38 1.45 -15.32 -17.22
CA ARG B 38 0.42 -15.68 -18.25
C ARG B 38 0.65 -17.13 -18.70
N ARG B 39 1.86 -17.63 -18.59
CA ARG B 39 2.10 -19.05 -18.99
C ARG B 39 1.59 -19.98 -17.89
N TYR B 40 1.75 -19.59 -16.65
CA TYR B 40 1.32 -20.46 -15.51
C TYR B 40 -0.21 -20.54 -15.46
N GLY B 41 -0.90 -19.44 -15.56
CA GLY B 41 -2.38 -19.47 -15.53
C GLY B 41 -2.91 -18.20 -16.19
N LYS B 42 -3.93 -17.62 -15.64
CA LYS B 42 -4.50 -16.38 -16.24
C LYS B 42 -3.97 -15.17 -15.47
N VAL B 43 -3.56 -14.13 -16.17
CA VAL B 43 -3.08 -12.91 -15.45
C VAL B 43 -4.24 -11.92 -15.41
N LEU B 44 -4.71 -11.57 -14.25
CA LEU B 44 -5.86 -10.63 -14.17
C LEU B 44 -5.37 -9.19 -14.34
N THR B 45 -4.22 -8.88 -13.83
CA THR B 45 -3.70 -7.49 -13.96
C THR B 45 -3.36 -7.20 -15.42
N GLU B 46 -4.14 -7.72 -16.33
CA GLU B 46 -3.85 -7.48 -17.78
C GLU B 46 -3.66 -5.98 -18.01
N HIS B 47 -4.37 -5.16 -17.28
CA HIS B 47 -4.21 -3.69 -17.47
C HIS B 47 -2.73 -3.32 -17.43
N VAL B 48 -2.04 -3.75 -16.42
CA VAL B 48 -0.59 -3.44 -16.32
C VAL B 48 0.12 -4.03 -17.54
N ALA B 49 1.33 -3.60 -17.80
CA ALA B 49 2.08 -4.12 -18.98
C ALA B 49 1.32 -3.75 -20.26
N ASP B 50 0.11 -4.19 -20.39
CA ASP B 50 -0.69 -3.83 -21.59
C ASP B 50 -0.95 -2.31 -21.54
N ALA B 51 -0.10 -1.59 -20.86
CA ALA B 51 -0.26 -0.12 -20.77
C ALA B 51 0.74 0.56 -21.69
N GLU B 52 1.68 -0.18 -22.22
CA GLU B 52 2.68 0.44 -23.15
C GLU B 52 1.97 0.96 -24.39
N LEU B 53 1.02 0.23 -24.88
CA LEU B 53 0.27 0.66 -26.10
C LEU B 53 -0.30 2.07 -25.88
N GLU B 54 -0.65 2.76 -26.93
CA GLU B 54 -1.22 4.14 -26.80
C GLU B 54 -0.23 5.02 -26.02
N PRO B 55 -0.35 6.31 -26.16
CA PRO B 55 0.55 7.27 -25.45
C PRO B 55 0.38 7.18 -23.92
N LEU B 56 1.47 7.10 -23.20
CA LEU B 56 1.37 7.00 -21.72
C LEU B 56 1.48 8.39 -21.10
N GLY B 57 1.22 8.50 -19.82
CA GLY B 57 1.31 9.81 -19.14
C GLY B 57 0.18 9.92 -18.11
N GLU B 58 -0.11 8.85 -17.43
CA GLU B 58 -1.20 8.88 -16.42
C GLU B 58 -2.42 9.57 -17.00
N GLU B 59 -2.50 10.87 -16.90
CA GLU B 59 -3.66 11.61 -17.47
C GLU B 59 -3.93 11.10 -18.88
N ALA B 60 -2.96 10.50 -19.51
CA ALA B 60 -3.17 9.97 -20.89
C ALA B 60 -4.47 9.17 -20.92
N ALA B 61 -5.12 9.11 -22.05
CA ALA B 61 -6.40 8.35 -22.14
C ALA B 61 -6.22 6.98 -21.48
N GLY B 62 -7.18 6.55 -20.71
CA GLY B 62 -7.04 5.23 -20.03
C GLY B 62 -8.18 5.06 -19.02
N GLY B 63 -8.23 5.89 -18.01
CA GLY B 63 -9.31 5.76 -16.99
C GLY B 63 -8.69 5.32 -15.68
N ASP B 64 -8.11 6.23 -14.94
CA ASP B 64 -7.49 5.84 -13.65
C ASP B 64 -8.52 5.08 -12.83
N GLN B 65 -9.72 5.57 -12.79
CA GLN B 65 -10.78 4.86 -12.03
C GLN B 65 -11.03 3.50 -12.67
N PHE B 66 -11.20 3.45 -13.96
CA PHE B 66 -11.42 2.14 -14.63
C PHE B 66 -10.21 1.23 -14.40
N ILE B 67 -9.04 1.81 -14.37
CA ILE B 67 -7.80 1.01 -14.13
C ILE B 67 -7.90 0.39 -12.73
N HIS B 68 -8.13 1.20 -11.75
CA HIS B 68 -8.25 0.70 -10.35
C HIS B 68 -9.49 -0.19 -10.22
N GLU B 69 -10.61 0.31 -10.66
CA GLU B 69 -11.87 -0.48 -10.57
C GLU B 69 -11.62 -1.93 -10.98
N GLN B 70 -11.15 -2.14 -12.18
CA GLN B 70 -10.89 -3.54 -12.63
C GLN B 70 -9.80 -4.16 -11.75
N ASP B 71 -8.80 -3.40 -11.40
CA ASP B 71 -7.70 -3.94 -10.56
C ASP B 71 -8.25 -4.46 -9.23
N LEU B 72 -9.07 -3.69 -8.57
CA LEU B 72 -9.62 -4.15 -7.25
C LEU B 72 -10.51 -5.37 -7.45
N ASN B 73 -11.35 -5.34 -8.45
CA ASN B 73 -12.25 -6.51 -8.69
C ASN B 73 -11.43 -7.72 -9.09
N TRP B 74 -10.57 -7.58 -10.05
CA TRP B 74 -9.75 -8.75 -10.48
C TRP B 74 -8.84 -9.16 -9.31
N LEU B 75 -8.22 -8.21 -8.67
CA LEU B 75 -7.35 -8.56 -7.51
C LEU B 75 -8.16 -9.45 -6.59
N GLN B 76 -9.43 -9.16 -6.46
CA GLN B 76 -10.29 -9.98 -5.59
C GLN B 76 -10.57 -11.33 -6.28
N GLN B 77 -10.55 -11.37 -7.58
CA GLN B 77 -10.82 -12.66 -8.28
C GLN B 77 -9.51 -13.43 -8.45
N ALA B 78 -8.42 -12.88 -8.00
CA ALA B 78 -7.10 -13.57 -8.18
C ALA B 78 -6.98 -14.82 -7.32
N ASP B 79 -6.56 -15.91 -7.93
CA ASP B 79 -6.34 -17.16 -7.17
C ASP B 79 -4.93 -17.10 -6.59
N VAL B 80 -4.04 -16.46 -7.29
CA VAL B 80 -2.64 -16.31 -6.81
C VAL B 80 -2.21 -14.85 -6.99
N VAL B 81 -1.43 -14.30 -6.10
CA VAL B 81 -1.03 -12.87 -6.26
C VAL B 81 0.44 -12.64 -5.90
N VAL B 82 1.15 -11.97 -6.78
CA VAL B 82 2.59 -11.66 -6.54
C VAL B 82 2.85 -10.21 -6.93
N ALA B 83 3.49 -9.44 -6.10
CA ALA B 83 3.74 -8.00 -6.45
C ALA B 83 5.24 -7.74 -6.56
N GLU B 84 5.63 -7.02 -7.58
CA GLU B 84 7.08 -6.72 -7.78
C GLU B 84 7.46 -5.50 -6.93
N VAL B 85 8.60 -5.52 -6.32
CA VAL B 85 9.03 -4.36 -5.48
C VAL B 85 10.54 -4.16 -5.60
N THR B 86 10.97 -2.93 -5.52
CA THR B 86 12.40 -2.60 -5.63
C THR B 86 12.56 -1.11 -5.32
N GLN B 87 12.06 -0.28 -6.21
CA GLN B 87 12.12 1.19 -5.97
C GLN B 87 10.77 1.64 -5.42
N PRO B 88 10.74 2.73 -4.68
CA PRO B 88 9.48 3.24 -4.09
C PRO B 88 8.30 3.06 -5.05
N SER B 89 7.13 2.78 -4.53
CA SER B 89 5.95 2.57 -5.44
C SER B 89 4.66 2.65 -4.63
N LEU B 90 3.76 3.53 -5.01
CA LEU B 90 2.47 3.64 -4.27
C LEU B 90 1.55 2.49 -4.66
N GLY B 91 1.46 2.20 -5.93
CA GLY B 91 0.57 1.08 -6.37
C GLY B 91 1.05 -0.22 -5.75
N VAL B 92 2.34 -0.45 -5.72
CA VAL B 92 2.85 -1.70 -5.11
C VAL B 92 2.51 -1.71 -3.62
N GLY B 93 2.74 -0.62 -2.95
CA GLY B 93 2.42 -0.57 -1.49
C GLY B 93 0.93 -0.81 -1.30
N TYR B 94 0.12 -0.13 -2.06
CA TYR B 94 -1.35 -0.33 -1.92
C TYR B 94 -1.73 -1.75 -2.34
N GLU B 95 -1.25 -2.19 -3.47
CA GLU B 95 -1.58 -3.55 -3.93
C GLU B 95 -1.10 -4.59 -2.91
N LEU B 96 0.02 -4.36 -2.29
CA LEU B 96 0.51 -5.33 -1.27
C LEU B 96 -0.30 -5.18 0.01
N GLY B 97 -0.59 -3.98 0.40
CA GLY B 97 -1.39 -3.78 1.64
C GLY B 97 -2.79 -4.33 1.41
N ARG B 98 -3.42 -3.97 0.33
CA ARG B 98 -4.78 -4.49 0.04
C ARG B 98 -4.70 -6.01 -0.04
N ALA B 99 -3.68 -6.56 -0.62
CA ALA B 99 -3.59 -8.04 -0.68
C ALA B 99 -3.37 -8.58 0.72
N VAL B 100 -2.61 -7.89 1.52
CA VAL B 100 -2.37 -8.36 2.91
C VAL B 100 -3.73 -8.61 3.57
N ALA B 101 -4.63 -7.68 3.39
CA ALA B 101 -5.98 -7.82 4.03
C ALA B 101 -6.98 -8.57 3.13
N LEU B 102 -7.14 -8.14 1.91
CA LEU B 102 -8.11 -8.82 0.98
C LEU B 102 -7.40 -9.92 0.22
N GLY B 103 -6.15 -9.76 -0.02
CA GLY B 103 -5.42 -10.83 -0.72
C GLY B 103 -5.22 -11.99 0.24
N LYS B 104 -4.85 -13.10 -0.28
CA LYS B 104 -4.58 -14.29 0.56
C LYS B 104 -3.14 -14.76 0.25
N PRO B 105 -2.88 -15.32 -0.92
CA PRO B 105 -1.50 -15.73 -1.31
C PRO B 105 -0.72 -14.50 -1.77
N ILE B 106 0.26 -14.05 -1.04
CA ILE B 106 0.98 -12.81 -1.47
C ILE B 106 2.49 -13.01 -1.49
N LEU B 107 3.08 -12.90 -2.65
CA LEU B 107 4.56 -13.03 -2.77
C LEU B 107 5.09 -11.63 -3.14
N CYS B 108 6.02 -11.11 -2.39
CA CYS B 108 6.57 -9.75 -2.72
C CYS B 108 8.01 -9.90 -3.19
N LEU B 109 8.45 -9.08 -4.11
CA LEU B 109 9.85 -9.21 -4.62
C LEU B 109 10.64 -7.90 -4.43
N PHE B 110 11.87 -8.01 -3.98
CA PHE B 110 12.74 -6.79 -3.82
C PHE B 110 14.10 -7.15 -4.41
N ARG B 111 14.72 -6.26 -5.14
CA ARG B 111 16.03 -6.60 -5.77
C ARG B 111 17.21 -6.05 -4.95
N PRO B 112 18.22 -6.86 -4.72
CA PRO B 112 19.44 -6.43 -3.98
C PRO B 112 20.40 -5.63 -4.87
N GLN B 113 20.35 -5.88 -6.16
CA GLN B 113 21.24 -5.13 -7.10
C GLN B 113 21.20 -3.65 -6.74
N SER B 114 20.04 -3.17 -6.39
CA SER B 114 19.90 -1.74 -6.00
C SER B 114 19.81 -1.69 -4.47
N GLY B 115 19.57 -2.82 -3.86
CA GLY B 115 19.48 -2.89 -2.38
C GLY B 115 18.78 -1.65 -1.84
N ARG B 116 17.63 -1.32 -2.36
CA ARG B 116 16.93 -0.10 -1.87
C ARG B 116 16.21 -0.43 -0.58
N VAL B 117 16.57 -1.52 0.04
CA VAL B 117 15.91 -1.91 1.31
C VAL B 117 14.41 -1.82 1.17
N LEU B 118 13.76 -2.93 0.95
CA LEU B 118 12.29 -2.94 0.81
C LEU B 118 11.66 -2.12 1.93
N SER B 119 10.58 -1.44 1.66
CA SER B 119 9.92 -0.60 2.71
C SER B 119 9.82 -1.38 4.01
N ALA B 120 9.99 -0.70 5.12
CA ALA B 120 9.91 -1.39 6.44
C ALA B 120 8.52 -1.99 6.61
N MET B 121 7.53 -1.39 6.03
CA MET B 121 6.16 -1.93 6.18
C MET B 121 6.01 -3.24 5.42
N ILE B 122 6.37 -3.25 4.17
CA ILE B 122 6.27 -4.52 3.41
C ILE B 122 7.19 -5.56 4.05
N ARG B 123 8.37 -5.16 4.43
CA ARG B 123 9.31 -6.14 5.06
C ARG B 123 8.72 -6.60 6.40
N GLY B 124 8.31 -5.68 7.22
CA GLY B 124 7.76 -6.07 8.55
C GLY B 124 6.50 -6.93 8.37
N ALA B 125 5.75 -6.70 7.32
CA ALA B 125 4.53 -7.54 7.10
C ALA B 125 4.96 -8.98 6.92
N ALA B 126 6.22 -9.18 6.67
CA ALA B 126 6.79 -10.54 6.47
C ALA B 126 6.25 -11.49 7.53
N ASP B 127 5.22 -12.23 7.22
CA ASP B 127 4.67 -13.20 8.21
C ASP B 127 5.08 -14.61 7.79
N GLY B 128 5.40 -14.81 6.54
CA GLY B 128 5.81 -16.16 6.07
C GLY B 128 4.58 -17.08 6.19
N SER B 129 3.42 -16.51 6.06
CA SER B 129 2.15 -17.29 6.14
C SER B 129 1.30 -16.82 4.98
N ARG B 130 1.84 -16.99 3.80
CA ARG B 130 1.18 -16.56 2.53
C ARG B 130 1.81 -15.23 2.14
N PHE B 131 2.21 -14.45 3.11
CA PHE B 131 2.88 -13.16 2.83
C PHE B 131 4.38 -13.38 2.92
N GLN B 132 5.10 -13.16 1.86
CA GLN B 132 6.56 -13.40 1.91
C GLN B 132 7.30 -12.39 1.04
N VAL B 133 8.45 -11.95 1.50
CA VAL B 133 9.26 -10.99 0.71
C VAL B 133 10.50 -11.72 0.16
N TRP B 134 10.46 -12.12 -1.09
CA TRP B 134 11.62 -12.86 -1.67
C TRP B 134 12.54 -11.88 -2.40
N ASP B 135 13.81 -12.19 -2.50
CA ASP B 135 14.75 -11.27 -3.21
C ASP B 135 14.93 -11.77 -4.65
N TYR B 136 15.31 -10.91 -5.56
CA TYR B 136 15.47 -11.37 -6.97
C TYR B 136 16.12 -10.31 -7.84
N ALA B 137 16.30 -10.63 -9.10
CA ALA B 137 16.89 -9.67 -10.07
C ALA B 137 16.35 -10.05 -11.45
N GLU B 138 16.18 -9.12 -12.34
CA GLU B 138 15.64 -9.47 -13.69
C GLU B 138 16.28 -10.76 -14.20
N GLY B 139 17.50 -11.04 -13.81
CA GLY B 139 18.18 -12.27 -14.29
C GLY B 139 17.69 -13.52 -13.54
N GLU B 140 16.88 -13.37 -12.53
CA GLU B 140 16.40 -14.57 -11.77
C GLU B 140 14.95 -14.39 -11.30
N VAL B 141 14.28 -13.38 -11.78
CA VAL B 141 12.87 -13.17 -11.35
C VAL B 141 12.09 -14.45 -11.60
N GLU B 142 12.27 -15.03 -12.75
CA GLU B 142 11.55 -16.29 -13.07
C GLU B 142 11.87 -17.34 -12.01
N THR B 143 13.06 -17.31 -11.48
CA THR B 143 13.43 -18.32 -10.45
C THR B 143 12.63 -18.06 -9.17
N MET B 144 12.55 -16.83 -8.75
CA MET B 144 11.76 -16.53 -7.53
C MET B 144 10.39 -17.16 -7.72
N LEU B 145 9.77 -16.88 -8.83
CA LEU B 145 8.42 -17.46 -9.09
C LEU B 145 8.55 -18.98 -9.24
N ASP B 146 9.62 -19.46 -9.80
CA ASP B 146 9.77 -20.93 -10.01
C ASP B 146 9.85 -21.65 -8.65
N ARG B 147 10.56 -21.10 -7.70
CA ARG B 147 10.65 -21.77 -6.39
C ARG B 147 9.27 -21.70 -5.71
N TYR B 148 8.69 -20.54 -5.68
CA TYR B 148 7.35 -20.40 -5.06
C TYR B 148 6.35 -21.28 -5.78
N PHE B 149 6.32 -21.22 -7.08
CA PHE B 149 5.34 -22.05 -7.84
C PHE B 149 5.72 -23.52 -7.73
N GLU B 150 6.98 -23.83 -7.66
CA GLU B 150 7.37 -25.24 -7.54
C GLU B 150 6.79 -25.77 -6.23
N ALA B 151 6.71 -24.93 -5.24
CA ALA B 151 6.10 -25.36 -3.96
C ALA B 151 4.60 -25.24 -4.13
N TYR B 152 4.17 -25.03 -5.34
CA TYR B 152 2.72 -24.86 -5.60
C TYR B 152 2.26 -25.69 -6.80
N LEU B 153 2.02 -25.03 -7.91
CA LEU B 153 1.54 -25.73 -9.14
C LEU B 153 2.14 -27.14 -9.25
N PRO B 154 1.45 -28.12 -8.74
CA PRO B 154 1.88 -29.54 -8.78
C PRO B 154 1.27 -30.26 -9.97
N GLN B 155 -0.03 -30.35 -9.99
CA GLN B 155 -0.73 -31.02 -11.12
C GLN B 155 -1.42 -29.96 -11.99
N LYS B 156 -1.71 -28.82 -11.42
CA LYS B 156 -2.36 -27.74 -12.21
C LYS B 156 -1.50 -27.42 -13.42
N THR B 157 -0.20 -27.58 -13.30
CA THR B 157 0.70 -27.28 -14.44
C THR B 157 0.29 -28.12 -15.65
N ALA B 158 0.03 -29.39 -15.46
CA ALA B 158 -0.37 -30.25 -16.61
C ALA B 158 -0.91 -31.58 -16.08
N SER B 159 -1.84 -32.18 -16.78
CA SER B 159 -2.40 -33.48 -16.32
C SER B 159 -2.86 -34.29 -17.53
N SER B 160 -2.27 -35.44 -17.75
CA SER B 160 -2.67 -36.28 -18.91
C SER B 160 -4.04 -36.91 -18.64
N SER B 161 -4.33 -37.20 -17.40
CA SER B 161 -5.65 -37.82 -17.07
C SER B 161 -6.63 -36.72 -16.65
N HIS B 162 -7.90 -36.93 -16.88
CA HIS B 162 -8.91 -35.89 -16.50
C HIS B 162 -10.14 -36.58 -15.89
N PRO B 163 -10.03 -37.00 -14.66
CA PRO B 163 -11.14 -37.68 -13.94
C PRO B 163 -12.44 -36.86 -13.98
N SER B 164 -13.57 -37.50 -13.91
CA SER B 164 -14.86 -36.75 -13.95
C SER B 164 -14.86 -35.69 -12.84
N ALA B 165 -15.53 -34.58 -13.06
CA ALA B 165 -15.56 -33.52 -12.03
C ALA B 165 -16.22 -34.05 -10.75
N MET A 3 -16.20 27.85 29.67
CA MET A 3 -16.59 26.63 30.44
C MET A 3 -16.78 25.46 29.48
N ALA A 4 -15.72 24.75 29.19
CA ALA A 4 -15.85 23.58 28.27
C ALA A 4 -16.48 22.40 29.01
N ALA A 5 -17.34 21.66 28.37
CA ALA A 5 -17.98 20.49 29.04
C ALA A 5 -16.91 19.44 29.35
N SER A 6 -15.90 19.34 28.54
CA SER A 6 -14.84 18.32 28.80
C SER A 6 -15.48 16.97 29.05
N GLY A 7 -16.72 16.81 28.67
CA GLY A 7 -17.41 15.50 28.88
C GLY A 7 -16.56 14.38 28.28
N GLU A 8 -15.96 14.61 27.16
CA GLU A 8 -15.11 13.56 26.52
C GLU A 8 -13.96 13.20 27.46
N GLN A 9 -13.70 11.93 27.61
CA GLN A 9 -12.60 11.50 28.52
C GLN A 9 -11.25 11.93 27.92
N ALA A 10 -10.99 11.51 26.72
CA ALA A 10 -9.70 11.88 26.06
C ALA A 10 -9.98 12.25 24.60
N PRO A 11 -9.13 13.08 24.02
CA PRO A 11 -9.29 13.50 22.59
C PRO A 11 -9.35 12.29 21.66
N CYS A 12 -8.98 12.48 20.43
CA CYS A 12 -8.98 11.35 19.47
C CYS A 12 -7.52 11.06 19.14
N SER A 13 -7.24 10.01 18.42
CA SER A 13 -5.83 9.72 18.08
C SER A 13 -5.65 9.85 16.58
N VAL A 14 -4.45 10.12 16.15
CA VAL A 14 -4.19 10.27 14.71
C VAL A 14 -2.98 9.42 14.32
N TYR A 15 -3.12 8.58 13.34
CA TYR A 15 -1.97 7.74 12.92
C TYR A 15 -1.26 8.46 11.78
N PHE A 16 0.02 8.65 11.90
CA PHE A 16 0.75 9.37 10.84
C PHE A 16 1.49 8.40 9.93
N CYS A 17 1.34 8.53 8.64
CA CYS A 17 2.06 7.63 7.70
C CYS A 17 2.69 8.45 6.58
N GLY A 18 3.95 8.27 6.32
CA GLY A 18 4.62 9.05 5.24
C GLY A 18 5.89 8.31 4.80
N SER A 19 6.61 8.86 3.86
CA SER A 19 7.86 8.18 3.41
C SER A 19 8.95 8.38 4.46
N ILE A 20 9.44 7.31 5.04
CA ILE A 20 10.49 7.46 6.09
C ILE A 20 11.66 6.52 5.81
N ARG A 21 12.71 6.99 5.20
CA ARG A 21 13.88 6.12 4.96
C ARG A 21 14.78 6.20 6.19
N GLY A 22 15.67 7.15 6.21
CA GLY A 22 16.57 7.32 7.38
C GLY A 22 16.51 8.78 7.83
N GLY A 23 15.35 9.38 7.75
CA GLY A 23 15.21 10.81 8.15
C GLY A 23 15.50 11.69 6.94
N ARG A 24 14.72 12.73 6.71
CA ARG A 24 14.98 13.58 5.52
C ARG A 24 14.10 14.84 5.54
N GLU A 25 13.99 15.50 4.41
CA GLU A 25 13.15 16.72 4.35
C GLU A 25 11.70 16.35 4.68
N ASP A 26 11.16 15.38 4.00
CA ASP A 26 9.76 14.96 4.30
C ASP A 26 9.67 14.61 5.77
N GLN A 27 10.76 14.16 6.35
CA GLN A 27 10.77 13.81 7.79
C GLN A 27 10.52 15.08 8.61
N ALA A 28 11.16 16.17 8.23
CA ALA A 28 10.96 17.44 8.96
C ALA A 28 9.52 17.92 8.77
N LEU A 29 9.05 17.94 7.55
CA LEU A 29 7.65 18.38 7.28
C LEU A 29 6.72 17.48 8.09
N TYR A 30 7.08 16.23 8.25
CA TYR A 30 6.23 15.30 9.04
C TYR A 30 6.25 15.69 10.52
N ALA A 31 7.39 16.03 11.04
CA ALA A 31 7.41 16.39 12.48
C ALA A 31 6.54 17.63 12.70
N ARG A 32 6.53 18.55 11.79
CA ARG A 32 5.65 19.75 11.96
C ARG A 32 4.19 19.32 11.80
N ILE A 33 3.88 18.74 10.68
CA ILE A 33 2.49 18.27 10.45
C ILE A 33 2.09 17.37 11.61
N VAL A 34 2.98 16.53 12.04
CA VAL A 34 2.68 15.63 13.18
C VAL A 34 2.47 16.48 14.45
N SER A 35 3.11 17.62 14.52
CA SER A 35 2.95 18.48 15.71
C SER A 35 1.50 19.00 15.77
N ARG A 36 0.95 19.38 14.65
CA ARG A 36 -0.45 19.87 14.67
C ARG A 36 -1.39 18.71 14.98
N LEU A 37 -1.21 17.61 14.32
CA LEU A 37 -2.08 16.44 14.59
C LEU A 37 -1.88 16.04 16.06
N ARG A 38 -0.66 16.10 16.51
CA ARG A 38 -0.38 15.75 17.93
C ARG A 38 -1.10 16.75 18.85
N ARG A 39 -1.38 17.93 18.38
CA ARG A 39 -2.10 18.93 19.22
C ARG A 39 -3.60 18.58 19.25
N TYR A 40 -4.12 18.13 18.14
CA TYR A 40 -5.58 17.81 18.07
C TYR A 40 -5.90 16.60 18.93
N GLY A 41 -5.12 15.56 18.85
CA GLY A 41 -5.37 14.36 19.69
C GLY A 41 -4.06 13.63 19.95
N LYS A 42 -4.10 12.36 20.16
CA LYS A 42 -2.86 11.58 20.40
C LYS A 42 -2.30 11.09 19.07
N VAL A 43 -1.10 11.47 18.72
CA VAL A 43 -0.51 10.96 17.45
C VAL A 43 0.23 9.67 17.76
N LEU A 44 -0.21 8.57 17.21
CA LEU A 44 0.48 7.28 17.50
C LEU A 44 1.73 7.18 16.65
N THR A 45 2.54 6.19 16.89
CA THR A 45 3.79 6.02 16.09
C THR A 45 4.60 7.32 16.16
N GLU A 46 4.67 7.92 17.31
CA GLU A 46 5.46 9.18 17.44
C GLU A 46 6.84 8.97 16.82
N HIS A 47 7.19 7.74 16.56
CA HIS A 47 8.52 7.46 15.95
C HIS A 47 8.70 8.30 14.70
N VAL A 48 7.71 8.35 13.86
CA VAL A 48 7.81 9.16 12.60
C VAL A 48 8.55 10.47 12.87
N ALA A 49 7.88 11.43 13.43
CA ALA A 49 8.54 12.72 13.73
C ALA A 49 9.84 12.46 14.47
N ASP A 50 9.81 11.55 15.40
CA ASP A 50 11.05 11.23 16.15
C ASP A 50 11.87 10.26 15.30
N ALA A 51 11.68 10.28 14.01
CA ALA A 51 12.47 9.39 13.11
C ALA A 51 13.50 10.23 12.38
N GLU A 52 14.01 11.25 13.02
CA GLU A 52 15.03 12.13 12.39
C GLU A 52 16.28 12.15 13.28
N LEU A 53 16.13 11.83 14.53
CA LEU A 53 17.29 11.82 15.46
C LEU A 53 18.06 10.51 15.32
N GLU A 54 19.27 10.45 15.80
CA GLU A 54 20.05 9.19 15.71
C GLU A 54 20.11 8.71 14.25
N PRO A 55 21.09 7.91 13.92
CA PRO A 55 21.25 7.37 12.54
C PRO A 55 20.06 6.49 12.14
N LEU A 56 18.92 7.09 11.91
CA LEU A 56 17.71 6.30 11.53
C LEU A 56 18.03 5.46 10.29
N GLY A 57 17.03 4.89 9.69
CA GLY A 57 17.25 4.03 8.49
C GLY A 57 16.83 2.60 8.81
N GLU A 58 16.03 1.99 7.97
CA GLU A 58 15.61 0.59 8.25
C GLU A 58 16.84 -0.25 8.55
N GLU A 59 17.93 0.06 7.91
CA GLU A 59 19.19 -0.70 8.17
C GLU A 59 19.67 -0.36 9.58
N ALA A 60 19.29 0.79 10.08
CA ALA A 60 19.72 1.19 11.45
C ALA A 60 19.18 0.18 12.46
N ALA A 61 19.87 -0.02 13.56
CA ALA A 61 19.39 -0.99 14.58
C ALA A 61 18.11 -0.45 15.23
N GLY A 62 17.53 0.58 14.67
CA GLY A 62 16.29 1.15 15.26
C GLY A 62 15.25 0.06 15.44
N GLY A 63 15.26 -0.95 14.60
CA GLY A 63 14.26 -2.04 14.72
C GLY A 63 13.17 -1.85 13.68
N ASP A 64 13.46 -2.18 12.45
CA ASP A 64 12.44 -2.01 11.38
C ASP A 64 11.16 -2.72 11.81
N GLN A 65 11.29 -3.90 12.32
CA GLN A 65 10.09 -4.65 12.77
C GLN A 65 9.41 -3.86 13.90
N PHE A 66 10.18 -3.38 14.85
CA PHE A 66 9.57 -2.59 15.95
C PHE A 66 8.78 -1.43 15.34
N ILE A 67 9.29 -0.88 14.28
CA ILE A 67 8.57 0.25 13.61
C ILE A 67 7.28 -0.31 13.01
N HIS A 68 7.33 -1.53 12.51
CA HIS A 68 6.10 -2.13 11.91
C HIS A 68 5.18 -2.66 13.02
N GLU A 69 5.63 -3.61 13.78
CA GLU A 69 4.77 -4.16 14.88
C GLU A 69 4.07 -3.02 15.61
N GLN A 70 4.81 -2.01 15.98
CA GLN A 70 4.18 -0.87 16.70
C GLN A 70 3.27 -0.10 15.73
N ASP A 71 3.72 0.13 14.53
CA ASP A 71 2.88 0.87 13.55
C ASP A 71 1.56 0.13 13.31
N LEU A 72 1.60 -1.15 13.10
CA LEU A 72 0.35 -1.92 12.84
C LEU A 72 -0.55 -1.90 14.08
N ASN A 73 0.00 -2.15 15.23
CA ASN A 73 -0.83 -2.16 16.45
C ASN A 73 -1.43 -0.77 16.66
N TRP A 74 -0.60 0.22 16.69
CA TRP A 74 -1.12 1.60 16.89
C TRP A 74 -2.06 1.95 15.74
N LEU A 75 -1.77 1.48 14.55
CA LEU A 75 -2.66 1.79 13.40
C LEU A 75 -4.06 1.32 13.72
N GLN A 76 -4.20 0.17 14.31
CA GLN A 76 -5.56 -0.32 14.64
C GLN A 76 -6.09 0.43 15.88
N GLN A 77 -5.21 0.96 16.69
CA GLN A 77 -5.68 1.71 17.88
C GLN A 77 -6.00 3.15 17.48
N ALA A 78 -5.64 3.51 16.27
CA ALA A 78 -5.88 4.91 15.81
C ALA A 78 -7.36 5.21 15.62
N ASP A 79 -7.81 6.34 16.15
CA ASP A 79 -9.22 6.74 15.96
C ASP A 79 -9.30 7.52 14.65
N VAL A 80 -8.21 8.14 14.29
CA VAL A 80 -8.15 8.92 13.01
C VAL A 80 -6.81 8.67 12.34
N VAL A 81 -6.78 8.47 11.05
CA VAL A 81 -5.48 8.19 10.38
C VAL A 81 -5.25 9.15 9.20
N VAL A 82 -4.02 9.57 9.03
CA VAL A 82 -3.68 10.51 7.91
C VAL A 82 -2.34 10.08 7.28
N ALA A 83 -2.35 9.81 6.01
CA ALA A 83 -1.10 9.38 5.32
C ALA A 83 -0.76 10.35 4.19
N GLU A 84 0.46 10.84 4.17
CA GLU A 84 0.85 11.78 3.08
C GLU A 84 1.36 10.96 1.90
N VAL A 85 0.80 11.17 0.73
CA VAL A 85 1.24 10.39 -0.46
C VAL A 85 1.87 11.34 -1.49
N THR A 86 2.43 12.43 -1.05
CA THR A 86 3.08 13.37 -2.00
C THR A 86 4.45 12.82 -2.39
N GLN A 87 4.64 11.54 -2.28
CA GLN A 87 5.95 10.93 -2.63
C GLN A 87 5.81 9.41 -2.74
N PRO A 88 6.06 8.84 -3.90
CA PRO A 88 5.95 7.38 -4.11
C PRO A 88 6.60 6.59 -2.96
N SER A 89 5.81 5.95 -2.14
CA SER A 89 6.38 5.18 -0.99
C SER A 89 5.56 3.89 -0.78
N LEU A 90 6.23 2.78 -0.66
CA LEU A 90 5.50 1.50 -0.45
C LEU A 90 4.87 1.50 0.94
N GLY A 91 5.57 2.01 1.91
CA GLY A 91 5.01 2.04 3.30
C GLY A 91 3.74 2.89 3.31
N VAL A 92 3.79 4.03 2.68
CA VAL A 92 2.59 4.90 2.65
C VAL A 92 1.49 4.19 1.88
N GLY A 93 1.80 3.67 0.72
CA GLY A 93 0.75 2.95 -0.07
C GLY A 93 0.29 1.74 0.74
N TYR A 94 1.19 1.06 1.40
CA TYR A 94 0.81 -0.12 2.21
C TYR A 94 -0.09 0.30 3.36
N GLU A 95 0.31 1.30 4.09
CA GLU A 95 -0.53 1.76 5.23
C GLU A 95 -1.91 2.17 4.71
N LEU A 96 -1.98 2.68 3.52
CA LEU A 96 -3.30 3.09 2.96
C LEU A 96 -4.11 1.83 2.65
N GLY A 97 -3.48 0.85 2.06
CA GLY A 97 -4.20 -0.42 1.75
C GLY A 97 -4.56 -1.10 3.07
N ARG A 98 -3.60 -1.18 3.97
CA ARG A 98 -3.87 -1.82 5.28
C ARG A 98 -4.97 -1.04 6.00
N ALA A 99 -4.90 0.27 6.00
CA ALA A 99 -5.96 1.06 6.67
C ALA A 99 -7.27 0.86 5.91
N VAL A 100 -7.20 0.75 4.62
CA VAL A 100 -8.44 0.54 3.84
C VAL A 100 -9.17 -0.68 4.41
N ALA A 101 -8.43 -1.72 4.67
CA ALA A 101 -9.05 -2.97 5.19
C ALA A 101 -9.18 -2.95 6.72
N LEU A 102 -8.11 -2.70 7.42
CA LEU A 102 -8.17 -2.69 8.93
C LEU A 102 -8.45 -1.28 9.42
N GLY A 103 -8.01 -0.30 8.73
CA GLY A 103 -8.30 1.07 9.16
C GLY A 103 -9.80 1.31 8.94
N LYS A 104 -10.26 2.43 9.36
CA LYS A 104 -11.69 2.80 9.15
C LYS A 104 -11.75 4.27 8.71
N PRO A 105 -11.04 5.14 9.39
CA PRO A 105 -10.95 6.57 9.05
C PRO A 105 -9.67 6.85 8.26
N ILE A 106 -9.76 7.15 6.99
CA ILE A 106 -8.51 7.36 6.20
C ILE A 106 -8.53 8.70 5.46
N LEU A 107 -7.52 9.51 5.70
CA LEU A 107 -7.39 10.81 5.00
C LEU A 107 -6.02 10.80 4.30
N CYS A 108 -5.98 10.85 3.00
CA CYS A 108 -4.67 10.83 2.28
C CYS A 108 -4.37 12.24 1.76
N LEU A 109 -3.12 12.62 1.70
CA LEU A 109 -2.78 14.00 1.22
C LEU A 109 -1.86 13.94 -0.01
N PHE A 110 -2.11 14.80 -0.98
CA PHE A 110 -1.28 14.84 -2.22
C PHE A 110 -1.19 16.29 -2.70
N ARG A 111 -0.01 16.82 -2.83
CA ARG A 111 0.13 18.24 -3.27
C ARG A 111 0.15 18.33 -4.80
N PRO A 112 -0.51 19.33 -5.35
CA PRO A 112 -0.55 19.53 -6.84
C PRO A 112 0.77 20.14 -7.34
N GLN A 113 1.44 20.90 -6.52
CA GLN A 113 2.72 21.53 -6.95
C GLN A 113 3.59 20.47 -7.61
N SER A 114 3.50 19.25 -7.17
CA SER A 114 4.32 18.17 -7.77
C SER A 114 3.47 17.40 -8.78
N GLY A 115 2.17 17.38 -8.59
CA GLY A 115 1.28 16.64 -9.53
C GLY A 115 1.83 15.23 -9.74
N ARG A 116 2.13 14.53 -8.67
CA ARG A 116 2.70 13.15 -8.84
C ARG A 116 1.63 12.15 -9.25
N VAL A 117 0.38 12.53 -9.19
CA VAL A 117 -0.70 11.55 -9.54
C VAL A 117 -0.59 10.36 -8.60
N LEU A 118 -1.62 10.09 -7.85
CA LEU A 118 -1.54 8.92 -6.94
C LEU A 118 -1.76 7.66 -7.75
N SER A 119 -1.34 6.55 -7.23
CA SER A 119 -1.52 5.28 -7.99
C SER A 119 -2.99 5.13 -8.33
N ALA A 120 -3.29 4.58 -9.46
CA ALA A 120 -4.72 4.40 -9.84
C ALA A 120 -5.42 3.64 -8.73
N MET A 121 -4.68 2.97 -7.91
CA MET A 121 -5.30 2.21 -6.81
C MET A 121 -5.69 3.16 -5.68
N ILE A 122 -4.82 4.07 -5.32
CA ILE A 122 -5.17 5.03 -4.25
C ILE A 122 -6.29 5.93 -4.75
N ARG A 123 -6.15 6.48 -5.93
CA ARG A 123 -7.22 7.36 -6.47
C ARG A 123 -8.46 6.52 -6.76
N GLY A 124 -8.29 5.39 -7.38
CA GLY A 124 -9.46 4.54 -7.67
C GLY A 124 -10.09 4.09 -6.35
N ALA A 125 -9.29 3.98 -5.31
CA ALA A 125 -9.81 3.55 -4.00
C ALA A 125 -11.17 4.19 -3.72
N ALA A 126 -11.21 5.49 -3.61
CA ALA A 126 -12.52 6.13 -3.28
C ALA A 126 -12.61 7.55 -3.84
N ASP A 127 -12.29 8.51 -3.00
CA ASP A 127 -12.37 9.97 -3.35
C ASP A 127 -13.51 10.56 -2.51
N GLY A 128 -14.08 9.75 -1.63
CA GLY A 128 -15.21 10.23 -0.78
C GLY A 128 -15.99 9.03 -0.21
N SER A 129 -15.39 8.32 0.71
CA SER A 129 -16.07 7.14 1.32
C SER A 129 -15.31 6.78 2.60
N ARG A 130 -15.37 7.64 3.57
CA ARG A 130 -14.61 7.40 4.84
C ARG A 130 -13.13 7.45 4.48
N PHE A 131 -12.87 7.27 3.22
CA PHE A 131 -11.49 7.34 2.67
C PHE A 131 -11.51 8.49 1.69
N GLN A 132 -10.74 9.52 1.90
CA GLN A 132 -10.80 10.66 0.95
C GLN A 132 -9.40 11.17 0.61
N VAL A 133 -9.18 11.40 -0.64
CA VAL A 133 -7.87 11.91 -1.10
C VAL A 133 -7.91 13.44 -1.14
N TRP A 134 -7.27 14.09 -0.20
CA TRP A 134 -7.30 15.59 -0.16
C TRP A 134 -5.97 16.14 -0.71
N ASP A 135 -6.02 17.22 -1.44
CA ASP A 135 -4.76 17.79 -1.99
C ASP A 135 -4.29 18.92 -1.08
N TYR A 136 -3.02 19.26 -1.10
CA TYR A 136 -2.56 20.36 -0.19
C TYR A 136 -1.17 20.87 -0.57
N ALA A 137 -0.62 21.72 0.25
CA ALA A 137 0.73 22.28 0.02
C ALA A 137 1.24 22.79 1.37
N GLU A 138 2.52 22.74 1.61
CA GLU A 138 3.04 23.22 2.92
C GLU A 138 2.35 24.53 3.32
N GLY A 139 2.07 25.38 2.39
CA GLY A 139 1.42 26.68 2.72
C GLY A 139 -0.08 26.49 3.02
N GLU A 140 -0.57 25.28 3.01
CA GLU A 140 -2.03 25.08 3.29
C GLU A 140 -2.27 23.70 3.92
N VAL A 141 -1.22 22.99 4.24
CA VAL A 141 -1.42 21.64 4.86
C VAL A 141 -2.32 21.79 6.08
N GLU A 142 -2.06 22.78 6.89
CA GLU A 142 -2.89 22.99 8.09
C GLU A 142 -4.34 23.16 7.67
N THR A 143 -4.57 23.76 6.54
CA THR A 143 -5.98 23.95 6.08
C THR A 143 -6.60 22.60 5.74
N MET A 144 -5.89 21.76 5.04
CA MET A 144 -6.45 20.43 4.70
C MET A 144 -6.93 19.79 5.99
N LEU A 145 -6.11 19.83 7.00
CA LEU A 145 -6.52 19.23 8.31
C LEU A 145 -7.62 20.08 8.95
N ASP A 146 -7.58 21.37 8.80
CA ASP A 146 -8.63 22.23 9.43
C ASP A 146 -9.99 21.94 8.81
N ARG A 147 -10.06 21.74 7.53
CA ARG A 147 -11.37 21.46 6.90
C ARG A 147 -11.84 20.08 7.34
N TYR A 148 -10.99 19.10 7.21
CA TYR A 148 -11.36 17.74 7.63
C TYR A 148 -11.70 17.73 9.13
N PHE A 149 -10.87 18.33 9.93
CA PHE A 149 -11.15 18.33 11.38
C PHE A 149 -12.37 19.19 11.68
N GLU A 150 -12.58 20.25 10.96
CA GLU A 150 -13.78 21.07 11.23
C GLU A 150 -15.01 20.22 10.88
N ALA A 151 -14.82 19.25 10.02
CA ALA A 151 -15.97 18.39 9.61
C ALA A 151 -16.41 17.46 10.75
N TYR A 152 -15.65 17.34 11.83
CA TYR A 152 -16.10 16.40 12.90
C TYR A 152 -15.53 16.77 14.29
N LEU A 153 -14.25 17.01 14.39
CA LEU A 153 -13.65 17.30 15.73
C LEU A 153 -14.58 18.18 16.57
N PRO A 154 -14.95 19.35 16.11
CA PRO A 154 -15.85 20.25 16.88
C PRO A 154 -17.19 19.59 17.20
N GLN A 155 -17.61 18.66 16.38
CA GLN A 155 -18.90 17.97 16.63
C GLN A 155 -18.70 16.87 17.68
N LYS A 156 -17.47 16.51 17.93
CA LYS A 156 -17.20 15.44 18.94
C LYS A 156 -17.84 15.82 20.27
N THR A 157 -17.90 17.09 20.57
CA THR A 157 -18.51 17.52 21.85
C THR A 157 -20.01 17.16 21.86
N ALA A 158 -20.65 17.26 20.74
CA ALA A 158 -22.11 16.93 20.68
C ALA A 158 -22.30 15.44 20.98
N SER A 159 -21.35 14.62 20.62
CA SER A 159 -21.48 13.16 20.89
C SER A 159 -21.68 12.94 22.38
N SER A 160 -22.34 11.88 22.75
CA SER A 160 -22.58 11.60 24.20
C SER A 160 -22.74 10.09 24.41
N SER A 161 -22.56 9.62 25.62
CA SER A 161 -22.71 8.16 25.88
C SER A 161 -24.16 7.76 25.63
N HIS A 162 -24.39 6.53 25.24
CA HIS A 162 -25.79 6.08 24.98
C HIS A 162 -26.57 6.04 26.30
N PRO A 163 -27.86 6.25 26.26
CA PRO A 163 -28.72 6.23 27.48
C PRO A 163 -28.79 4.82 28.10
N SER A 164 -28.53 3.81 27.33
CA SER A 164 -28.57 2.42 27.88
C SER A 164 -27.15 1.97 28.24
N ALA A 165 -27.02 1.18 29.27
CA ALA A 165 -25.66 0.71 29.67
C ALA A 165 -24.78 1.91 29.99
N MET B 3 1.00 -38.73 -20.45
CA MET B 3 -0.43 -38.84 -20.09
C MET B 3 -0.72 -38.00 -18.84
N ALA B 4 -1.02 -36.74 -19.01
CA ALA B 4 -1.31 -35.88 -17.83
C ALA B 4 -2.73 -36.17 -17.34
N ALA B 5 -2.92 -36.19 -16.04
CA ALA B 5 -4.29 -36.46 -15.50
C ALA B 5 -5.23 -35.32 -15.88
N SER B 6 -4.71 -34.12 -16.00
CA SER B 6 -5.59 -32.97 -16.37
C SER B 6 -6.82 -32.96 -15.47
N GLY B 7 -6.77 -33.66 -14.37
CA GLY B 7 -7.95 -33.68 -13.44
C GLY B 7 -8.36 -32.26 -13.11
N GLU B 8 -7.41 -31.38 -12.92
CA GLU B 8 -7.75 -29.97 -12.60
C GLU B 8 -8.58 -29.36 -13.74
N GLN B 9 -9.62 -28.66 -13.42
CA GLN B 9 -10.47 -28.04 -14.49
C GLN B 9 -9.68 -26.94 -15.19
N ALA B 10 -9.19 -25.99 -14.43
CA ALA B 10 -8.40 -24.87 -15.04
C ALA B 10 -7.19 -24.58 -14.14
N PRO B 11 -6.15 -24.03 -14.72
CA PRO B 11 -4.91 -23.68 -13.95
C PRO B 11 -5.23 -22.75 -12.79
N CYS B 12 -4.27 -21.98 -12.38
CA CYS B 12 -4.51 -21.02 -11.26
C CYS B 12 -4.42 -19.62 -11.86
N SER B 13 -4.74 -18.61 -11.12
CA SER B 13 -4.66 -17.24 -11.69
C SER B 13 -3.58 -16.46 -10.96
N VAL B 14 -3.03 -15.47 -11.60
CA VAL B 14 -1.96 -14.67 -10.96
C VAL B 14 -2.30 -13.19 -11.10
N TYR B 15 -2.31 -12.46 -10.03
CA TYR B 15 -2.61 -11.01 -10.14
C TYR B 15 -1.28 -10.27 -10.25
N PHE B 16 -1.13 -9.44 -11.23
CA PHE B 16 0.15 -8.72 -11.40
C PHE B 16 0.04 -7.29 -10.87
N CYS B 17 0.97 -6.88 -10.05
CA CYS B 17 0.93 -5.48 -9.52
C CYS B 17 2.33 -4.86 -9.63
N GLY B 18 2.43 -3.70 -10.20
CA GLY B 18 3.76 -3.04 -10.35
C GLY B 18 3.56 -1.53 -10.55
N SER B 19 4.62 -0.79 -10.72
CA SER B 19 4.48 0.68 -10.93
C SER B 19 4.01 0.92 -12.36
N ILE B 20 2.86 1.51 -12.53
CA ILE B 20 2.35 1.76 -13.91
C ILE B 20 1.88 3.20 -14.06
N ARG B 21 2.70 4.06 -14.59
CA ARG B 21 2.26 5.46 -14.78
C ARG B 21 1.59 5.54 -16.14
N GLY B 22 2.35 5.79 -17.18
CA GLY B 22 1.77 5.86 -18.55
C GLY B 22 2.58 4.94 -19.47
N GLY B 23 3.04 3.81 -18.95
CA GLY B 23 3.86 2.87 -19.77
C GLY B 23 5.32 3.26 -19.62
N ARG B 24 6.21 2.30 -19.46
CA ARG B 24 7.65 2.66 -19.31
C ARG B 24 8.53 1.41 -19.33
N GLU B 25 9.77 1.55 -18.90
CA GLU B 25 10.69 0.38 -18.87
C GLU B 25 10.10 -0.70 -17.97
N ASP B 26 9.77 -0.36 -16.76
CA ASP B 26 9.17 -1.36 -15.84
C ASP B 26 7.94 -1.96 -16.51
N GLN B 27 7.30 -1.19 -17.35
CA GLN B 27 6.11 -1.70 -18.07
C GLN B 27 6.54 -2.84 -18.99
N ALA B 28 7.63 -2.68 -19.68
CA ALA B 28 8.12 -3.75 -20.59
C ALA B 28 8.52 -4.97 -19.76
N LEU B 29 9.30 -4.77 -18.73
CA LEU B 29 9.72 -5.91 -17.87
C LEU B 29 8.45 -6.59 -17.34
N TYR B 30 7.42 -5.82 -17.09
CA TYR B 30 6.16 -6.41 -16.58
C TYR B 30 5.50 -7.25 -17.67
N ALA B 31 5.48 -6.78 -18.88
CA ALA B 31 4.83 -7.60 -19.94
C ALA B 31 5.57 -8.93 -20.09
N ARG B 32 6.88 -8.93 -19.96
CA ARG B 32 7.61 -10.22 -20.06
C ARG B 32 7.31 -11.06 -18.81
N ILE B 33 7.57 -10.52 -17.66
CA ILE B 33 7.28 -11.25 -16.41
C ILE B 33 5.82 -11.69 -16.43
N VAL B 34 4.96 -10.82 -16.88
CA VAL B 34 3.50 -11.18 -16.97
C VAL B 34 3.32 -12.30 -17.98
N SER B 35 4.18 -12.36 -18.96
CA SER B 35 4.06 -13.44 -19.99
C SER B 35 4.34 -14.80 -19.34
N ARG B 36 5.30 -14.87 -18.47
CA ARG B 36 5.58 -16.17 -17.80
C ARG B 36 4.44 -16.50 -16.84
N LEU B 37 4.05 -15.56 -16.05
CA LEU B 37 2.92 -15.82 -15.12
C LEU B 37 1.69 -16.18 -15.95
N ARG B 38 1.51 -15.48 -17.04
CA ARG B 38 0.35 -15.77 -17.94
C ARG B 38 0.47 -17.19 -18.48
N ARG B 39 1.67 -17.72 -18.55
CA ARG B 39 1.83 -19.11 -19.06
C ARG B 39 1.45 -20.10 -17.95
N TYR B 40 1.80 -19.79 -16.74
CA TYR B 40 1.52 -20.71 -15.60
C TYR B 40 0.01 -20.81 -15.35
N GLY B 41 -0.68 -19.71 -15.33
CA GLY B 41 -2.15 -19.74 -15.12
C GLY B 41 -2.77 -18.53 -15.80
N LYS B 42 -3.89 -18.09 -15.29
CA LYS B 42 -4.56 -16.90 -15.89
C LYS B 42 -4.05 -15.63 -15.21
N VAL B 43 -3.47 -14.73 -15.95
CA VAL B 43 -3.00 -13.46 -15.32
C VAL B 43 -4.14 -12.45 -15.39
N LEU B 44 -4.64 -12.03 -14.25
CA LEU B 44 -5.76 -11.06 -14.28
C LEU B 44 -5.22 -9.66 -14.53
N THR B 45 -6.08 -8.71 -14.73
CA THR B 45 -5.62 -7.33 -14.98
C THR B 45 -4.62 -7.32 -16.15
N GLU B 46 -4.90 -8.07 -17.18
CA GLU B 46 -3.98 -8.11 -18.35
C GLU B 46 -3.67 -6.66 -18.77
N HIS B 47 -4.40 -5.73 -18.25
CA HIS B 47 -4.16 -4.31 -18.62
C HIS B 47 -2.69 -3.97 -18.37
N VAL B 48 -2.16 -4.36 -17.24
CA VAL B 48 -0.73 -4.07 -16.92
C VAL B 48 0.13 -4.23 -18.17
N ALA B 49 0.46 -5.43 -18.52
CA ALA B 49 1.30 -5.65 -19.74
C ALA B 49 0.69 -4.87 -20.89
N ASP B 50 -0.59 -4.92 -21.02
CA ASP B 50 -1.26 -4.18 -22.11
C ASP B 50 -1.38 -2.71 -21.69
N ALA B 51 -0.54 -2.28 -20.79
CA ALA B 51 -0.59 -0.86 -20.34
C ALA B 51 0.59 -0.11 -20.95
N GLU B 52 0.97 -0.49 -22.14
CA GLU B 52 2.10 0.19 -22.83
C GLU B 52 1.62 0.72 -24.19
N LEU B 53 0.56 0.15 -24.71
CA LEU B 53 0.03 0.62 -26.02
C LEU B 53 -0.84 1.86 -25.81
N GLU B 54 -1.11 2.58 -26.85
CA GLU B 54 -1.97 3.80 -26.72
C GLU B 54 -1.40 4.73 -25.65
N PRO B 55 -1.73 5.99 -25.70
CA PRO B 55 -1.25 7.00 -24.72
C PRO B 55 -1.73 6.67 -23.30
N LEU B 56 -1.19 5.64 -22.70
CA LEU B 56 -1.61 5.26 -21.33
C LEU B 56 -1.43 6.45 -20.39
N GLY B 57 -1.55 6.23 -19.10
CA GLY B 57 -1.39 7.34 -18.12
C GLY B 57 -2.71 7.53 -17.38
N GLU B 58 -2.68 7.58 -16.08
CA GLU B 58 -3.95 7.76 -15.32
C GLU B 58 -4.70 8.95 -15.92
N GLU B 59 -3.99 9.94 -16.38
CA GLU B 59 -4.66 11.11 -17.00
C GLU B 59 -5.29 10.68 -18.32
N ALA B 60 -4.76 9.64 -18.91
CA ALA B 60 -5.32 9.15 -20.20
C ALA B 60 -6.77 8.72 -20.00
N ALA B 61 -7.58 8.83 -21.01
CA ALA B 61 -9.01 8.43 -20.88
C ALA B 61 -9.10 6.92 -20.70
N GLY B 62 -7.99 6.27 -20.46
CA GLY B 62 -8.02 4.79 -20.28
C GLY B 62 -9.03 4.41 -19.21
N GLY B 63 -9.25 5.27 -18.24
CA GLY B 63 -10.22 4.95 -17.17
C GLY B 63 -9.46 4.51 -15.91
N ASP B 64 -8.91 5.45 -15.20
CA ASP B 64 -8.15 5.09 -13.97
C ASP B 64 -9.04 4.24 -13.08
N GLN B 65 -10.27 4.63 -12.93
CA GLN B 65 -11.21 3.85 -12.08
C GLN B 65 -11.37 2.46 -12.69
N PHE B 66 -11.57 2.39 -13.99
CA PHE B 66 -11.72 1.06 -14.63
C PHE B 66 -10.50 0.21 -14.29
N ILE B 67 -9.35 0.84 -14.23
CA ILE B 67 -8.11 0.08 -13.89
C ILE B 67 -8.22 -0.36 -12.43
N HIS B 68 -8.83 0.45 -11.59
CA HIS B 68 -8.97 0.08 -10.16
C HIS B 68 -10.14 -0.90 -9.99
N GLU B 69 -11.34 -0.48 -10.30
CA GLU B 69 -12.52 -1.39 -10.15
C GLU B 69 -12.16 -2.78 -10.67
N GLN B 70 -11.59 -2.85 -11.85
CA GLN B 70 -11.22 -4.19 -12.40
C GLN B 70 -10.07 -4.77 -11.59
N ASP B 71 -9.10 -3.98 -11.25
CA ASP B 71 -7.94 -4.49 -10.46
C ASP B 71 -8.42 -5.06 -9.12
N LEU B 72 -9.26 -4.35 -8.43
CA LEU B 72 -9.74 -4.83 -7.10
C LEU B 72 -10.59 -6.09 -7.28
N ASN B 73 -11.50 -6.09 -8.21
CA ASN B 73 -12.35 -7.30 -8.41
C ASN B 73 -11.46 -8.48 -8.79
N TRP B 74 -10.68 -8.31 -9.82
CA TRP B 74 -9.79 -9.43 -10.23
C TRP B 74 -8.83 -9.76 -9.09
N LEU B 75 -8.40 -8.77 -8.35
CA LEU B 75 -7.47 -9.05 -7.21
C LEU B 75 -8.13 -10.05 -6.27
N GLN B 76 -9.39 -9.92 -6.03
CA GLN B 76 -10.06 -10.89 -5.12
C GLN B 76 -10.32 -12.20 -5.88
N GLN B 77 -10.38 -12.15 -7.19
CA GLN B 77 -10.61 -13.41 -7.95
C GLN B 77 -9.27 -14.11 -8.16
N ALA B 78 -8.19 -13.45 -7.83
CA ALA B 78 -6.86 -14.05 -8.05
C ALA B 78 -6.58 -15.23 -7.12
N ASP B 79 -6.10 -16.32 -7.67
CA ASP B 79 -5.75 -17.50 -6.83
C ASP B 79 -4.32 -17.30 -6.36
N VAL B 80 -3.54 -16.58 -7.13
CA VAL B 80 -2.13 -16.31 -6.75
C VAL B 80 -1.80 -14.85 -7.10
N VAL B 81 -1.12 -14.14 -6.24
CA VAL B 81 -0.81 -12.70 -6.55
C VAL B 81 0.69 -12.42 -6.43
N VAL B 82 1.20 -11.60 -7.32
CA VAL B 82 2.64 -11.25 -7.29
C VAL B 82 2.82 -9.75 -7.57
N ALA B 83 3.42 -9.04 -6.66
CA ALA B 83 3.61 -7.57 -6.85
C ALA B 83 5.11 -7.23 -6.84
N GLU B 84 5.57 -6.51 -7.83
CA GLU B 84 7.01 -6.15 -7.87
C GLU B 84 7.19 -4.83 -7.10
N VAL B 85 8.06 -4.81 -6.13
CA VAL B 85 8.27 -3.56 -5.33
C VAL B 85 9.68 -3.04 -5.55
N THR B 86 10.27 -3.32 -6.69
CA THR B 86 11.64 -2.82 -6.98
C THR B 86 11.55 -1.34 -7.38
N GLN B 87 10.51 -0.67 -6.96
CA GLN B 87 10.37 0.77 -7.32
C GLN B 87 9.27 1.40 -6.44
N PRO B 88 9.61 2.39 -5.65
CA PRO B 88 8.62 3.07 -4.77
C PRO B 88 7.31 3.39 -5.52
N SER B 89 6.25 2.70 -5.21
CA SER B 89 4.96 2.95 -5.91
C SER B 89 3.79 2.82 -4.92
N LEU B 90 2.91 3.78 -4.90
CA LEU B 90 1.76 3.72 -3.97
C LEU B 90 0.82 2.59 -4.40
N GLY B 91 0.62 2.42 -5.68
CA GLY B 91 -0.29 1.35 -6.17
C GLY B 91 0.27 0.00 -5.75
N VAL B 92 1.55 -0.20 -5.92
CA VAL B 92 2.15 -1.50 -5.53
C VAL B 92 2.04 -1.66 -4.03
N GLY B 93 2.42 -0.65 -3.29
CA GLY B 93 2.32 -0.75 -1.81
C GLY B 93 0.85 -0.92 -1.42
N TYR B 94 -0.03 -0.23 -2.09
CA TYR B 94 -1.48 -0.36 -1.79
C TYR B 94 -1.96 -1.77 -2.10
N GLU B 95 -1.65 -2.27 -3.26
CA GLU B 95 -2.09 -3.64 -3.62
C GLU B 95 -1.52 -4.63 -2.62
N LEU B 96 -0.36 -4.37 -2.09
CA LEU B 96 0.22 -5.30 -1.09
C LEU B 96 -0.58 -5.19 0.21
N GLY B 97 -0.91 -4.00 0.62
CA GLY B 97 -1.72 -3.84 1.85
C GLY B 97 -3.11 -4.40 1.60
N ARG B 98 -3.68 -4.07 0.48
CA ARG B 98 -5.04 -4.58 0.14
C ARG B 98 -4.98 -6.11 0.05
N ALA B 99 -3.97 -6.63 -0.58
CA ALA B 99 -3.87 -8.12 -0.67
C ALA B 99 -3.62 -8.68 0.73
N VAL B 100 -2.86 -7.98 1.51
CA VAL B 100 -2.59 -8.47 2.89
C VAL B 100 -3.93 -8.72 3.58
N ALA B 101 -4.84 -7.81 3.43
CA ALA B 101 -6.17 -7.96 4.09
C ALA B 101 -7.15 -8.77 3.24
N LEU B 102 -7.35 -8.40 2.00
CA LEU B 102 -8.31 -9.15 1.13
C LEU B 102 -7.58 -10.23 0.36
N GLY B 103 -6.36 -10.01 0.04
CA GLY B 103 -5.61 -11.07 -0.67
C GLY B 103 -5.37 -12.21 0.32
N LYS B 104 -4.83 -13.26 -0.16
CA LYS B 104 -4.50 -14.42 0.72
C LYS B 104 -3.10 -14.93 0.34
N PRO B 105 -2.84 -15.10 -0.93
CA PRO B 105 -1.53 -15.54 -1.45
C PRO B 105 -0.73 -14.31 -1.93
N ILE B 106 0.32 -13.93 -1.24
CA ILE B 106 1.07 -12.72 -1.67
C ILE B 106 2.57 -12.99 -1.83
N LEU B 107 3.08 -12.70 -3.00
CA LEU B 107 4.54 -12.87 -3.25
C LEU B 107 5.06 -11.50 -3.71
N CYS B 108 5.94 -10.89 -2.97
CA CYS B 108 6.47 -9.55 -3.39
C CYS B 108 7.89 -9.72 -3.91
N LEU B 109 8.30 -8.92 -4.87
CA LEU B 109 9.68 -9.06 -5.44
C LEU B 109 10.49 -7.76 -5.26
N PHE B 110 11.74 -7.89 -4.91
CA PHE B 110 12.63 -6.70 -4.70
C PHE B 110 14.05 -7.07 -5.15
N ARG B 111 14.61 -6.35 -6.08
CA ARG B 111 15.98 -6.69 -6.55
C ARG B 111 17.03 -6.00 -5.68
N PRO B 112 18.11 -6.69 -5.38
CA PRO B 112 19.23 -6.13 -4.57
C PRO B 112 20.11 -5.17 -5.38
N GLN B 113 20.18 -5.39 -6.67
CA GLN B 113 21.01 -4.50 -7.52
C GLN B 113 20.70 -3.04 -7.20
N SER B 114 19.48 -2.77 -6.84
CA SER B 114 19.09 -1.38 -6.50
C SER B 114 19.10 -1.21 -4.98
N GLY B 115 18.89 -2.27 -4.25
CA GLY B 115 18.88 -2.18 -2.77
C GLY B 115 17.98 -1.03 -2.34
N ARG B 116 16.77 -0.97 -2.85
CA ARG B 116 15.86 0.16 -2.48
C ARG B 116 15.31 -0.02 -1.07
N VAL B 117 15.48 -1.17 -0.47
CA VAL B 117 14.91 -1.39 0.88
C VAL B 117 13.40 -1.20 0.81
N LEU B 118 12.64 -2.20 1.13
CA LEU B 118 11.17 -2.04 1.08
C LEU B 118 10.72 -1.26 2.30
N SER B 119 9.58 -0.64 2.22
CA SER B 119 9.09 0.13 3.38
C SER B 119 9.11 -0.76 4.61
N ALA B 120 9.40 -0.21 5.75
CA ALA B 120 9.42 -1.03 6.98
C ALA B 120 8.08 -1.73 7.12
N MET B 121 7.08 -1.25 6.45
CA MET B 121 5.75 -1.88 6.54
C MET B 121 5.73 -3.15 5.67
N ILE B 122 6.24 -3.06 4.48
CA ILE B 122 6.26 -4.26 3.59
C ILE B 122 7.19 -5.29 4.21
N ARG B 123 8.38 -4.89 4.59
CA ARG B 123 9.34 -5.85 5.19
C ARG B 123 8.81 -6.28 6.56
N GLY B 124 8.34 -5.34 7.34
CA GLY B 124 7.82 -5.71 8.68
C GLY B 124 6.59 -6.60 8.48
N ALA B 125 5.89 -6.43 7.39
CA ALA B 125 4.67 -7.24 7.13
C ALA B 125 4.91 -8.69 7.55
N ALA B 126 5.81 -9.37 6.89
CA ALA B 126 6.03 -10.80 7.24
C ALA B 126 7.46 -11.25 6.98
N ASP B 127 7.66 -11.84 5.81
CA ASP B 127 8.98 -12.40 5.39
C ASP B 127 8.82 -13.92 5.36
N GLY B 128 7.61 -14.39 5.57
CA GLY B 128 7.37 -15.87 5.55
C GLY B 128 6.03 -16.19 6.27
N SER B 129 4.93 -15.83 5.66
CA SER B 129 3.60 -16.10 6.28
C SER B 129 2.54 -15.95 5.18
N ARG B 130 2.57 -16.84 4.23
CA ARG B 130 1.61 -16.75 3.09
C ARG B 130 1.98 -15.48 2.32
N PHE B 131 2.66 -14.61 3.00
CA PHE B 131 3.15 -13.34 2.41
C PHE B 131 4.66 -13.42 2.48
N GLN B 132 5.35 -13.40 1.39
CA GLN B 132 6.83 -13.52 1.47
C GLN B 132 7.52 -12.54 0.53
N VAL B 133 8.52 -11.88 1.05
CA VAL B 133 9.28 -10.89 0.24
C VAL B 133 10.47 -11.61 -0.42
N TRP B 134 10.40 -11.86 -1.70
CA TRP B 134 11.51 -12.57 -2.41
C TRP B 134 12.35 -11.56 -3.18
N ASP B 135 13.64 -11.75 -3.21
CA ASP B 135 14.52 -10.79 -3.96
C ASP B 135 14.81 -11.37 -5.34
N TYR B 136 15.16 -10.55 -6.31
CA TYR B 136 15.44 -11.12 -7.66
C TYR B 136 16.17 -10.12 -8.56
N ALA B 137 16.31 -10.47 -9.81
CA ALA B 137 16.97 -9.58 -10.80
C ALA B 137 16.52 -10.04 -12.19
N GLU B 138 16.41 -9.15 -13.15
CA GLU B 138 15.95 -9.58 -14.50
C GLU B 138 16.64 -10.90 -14.90
N GLY B 139 17.89 -11.06 -14.55
CA GLY B 139 18.61 -12.31 -14.94
C GLY B 139 18.19 -13.50 -14.05
N GLU B 140 17.24 -13.31 -13.17
CA GLU B 140 16.81 -14.47 -12.31
C GLU B 140 15.34 -14.31 -11.90
N VAL B 141 14.65 -13.35 -12.44
CA VAL B 141 13.22 -13.16 -12.06
C VAL B 141 12.49 -14.49 -12.29
N GLU B 142 12.74 -15.11 -13.40
CA GLU B 142 12.07 -16.40 -13.70
C GLU B 142 12.39 -17.39 -12.57
N THR B 143 13.56 -17.32 -12.02
CA THR B 143 13.92 -18.26 -10.92
C THR B 143 13.06 -17.97 -9.70
N MET B 144 12.92 -16.72 -9.34
CA MET B 144 12.10 -16.38 -8.15
C MET B 144 10.75 -17.06 -8.33
N LEU B 145 10.17 -16.92 -9.49
CA LEU B 145 8.85 -17.56 -9.74
C LEU B 145 9.01 -19.08 -9.81
N ASP B 146 10.10 -19.57 -10.34
CA ASP B 146 10.28 -21.05 -10.45
C ASP B 146 10.38 -21.67 -9.05
N ARG B 147 11.05 -21.04 -8.14
CA ARG B 147 11.17 -21.62 -6.78
C ARG B 147 9.79 -21.54 -6.11
N TYR B 148 9.19 -20.40 -6.13
CA TYR B 148 7.86 -20.25 -5.51
C TYR B 148 6.87 -21.21 -6.18
N PHE B 149 6.86 -21.21 -7.49
CA PHE B 149 5.90 -22.10 -8.19
C PHE B 149 6.28 -23.56 -7.99
N GLU B 150 7.54 -23.86 -7.90
CA GLU B 150 7.92 -25.27 -7.66
C GLU B 150 7.43 -25.67 -6.28
N ALA B 151 7.26 -24.70 -5.43
CA ALA B 151 6.80 -24.99 -4.04
C ALA B 151 5.32 -25.40 -4.01
N TYR B 152 4.59 -25.29 -5.10
CA TYR B 152 3.15 -25.69 -5.03
C TYR B 152 2.57 -26.06 -6.41
N LEU B 153 2.76 -25.24 -7.40
CA LEU B 153 2.17 -25.54 -8.75
C LEU B 153 2.22 -27.05 -9.06
N PRO B 154 3.39 -27.64 -9.08
CA PRO B 154 3.53 -29.09 -9.39
C PRO B 154 2.74 -29.96 -8.41
N GLN B 155 2.52 -29.47 -7.22
CA GLN B 155 1.76 -30.26 -6.21
C GLN B 155 0.26 -30.09 -6.46
N LYS B 156 -0.11 -29.11 -7.24
CA LYS B 156 -1.56 -28.89 -7.53
C LYS B 156 -2.16 -30.17 -8.11
N THR B 157 -1.39 -30.93 -8.83
CA THR B 157 -1.93 -32.19 -9.42
C THR B 157 -2.29 -33.16 -8.30
N ALA B 158 -1.53 -33.17 -7.24
CA ALA B 158 -1.83 -34.10 -6.10
C ALA B 158 -3.18 -33.71 -5.48
N SER B 159 -3.51 -32.45 -5.49
CA SER B 159 -4.80 -32.01 -4.89
C SER B 159 -5.96 -32.77 -5.56
N SER B 160 -7.04 -32.96 -4.86
CA SER B 160 -8.19 -33.68 -5.46
C SER B 160 -9.49 -33.23 -4.78
N SER B 161 -10.60 -33.43 -5.42
CA SER B 161 -11.90 -33.01 -4.80
C SER B 161 -12.13 -33.82 -3.52
N HIS B 162 -12.84 -33.25 -2.58
CA HIS B 162 -13.09 -33.99 -1.30
C HIS B 162 -14.03 -35.16 -1.58
N PRO B 163 -13.92 -36.22 -0.80
CA PRO B 163 -14.77 -37.43 -0.97
C PRO B 163 -16.24 -37.13 -0.65
N SER B 164 -16.49 -36.10 0.10
CA SER B 164 -17.91 -35.75 0.44
C SER B 164 -18.39 -34.62 -0.48
N ALA B 165 -19.66 -34.55 -0.73
CA ALA B 165 -20.19 -33.48 -1.62
C ALA B 165 -19.51 -33.58 -2.99
N MET A 3 -26.52 6.94 20.04
CA MET A 3 -26.38 8.08 19.10
C MET A 3 -25.50 9.15 19.73
N ALA A 4 -25.46 9.22 21.03
CA ALA A 4 -24.62 10.25 21.69
C ALA A 4 -23.14 9.93 21.47
N ALA A 5 -22.28 10.90 21.57
CA ALA A 5 -20.83 10.66 21.35
C ALA A 5 -20.30 9.75 22.47
N SER A 6 -19.26 9.02 22.20
CA SER A 6 -18.69 8.10 23.24
C SER A 6 -18.38 8.90 24.51
N GLY A 7 -17.97 10.12 24.37
CA GLY A 7 -17.64 10.95 25.57
C GLY A 7 -16.40 10.39 26.25
N GLU A 8 -15.34 10.20 25.51
CA GLU A 8 -14.09 9.65 26.11
C GLU A 8 -13.32 10.78 26.81
N GLN A 9 -12.74 10.49 27.94
CA GLN A 9 -11.97 11.54 28.67
C GLN A 9 -10.78 12.00 27.82
N ALA A 10 -9.95 11.08 27.43
CA ALA A 10 -8.77 11.43 26.60
C ALA A 10 -9.23 11.77 25.18
N PRO A 11 -8.50 12.62 24.50
CA PRO A 11 -8.84 13.01 23.10
C PRO A 11 -8.90 11.80 22.18
N CYS A 12 -8.64 12.01 20.92
CA CYS A 12 -8.64 10.87 19.96
C CYS A 12 -7.21 10.65 19.54
N SER A 13 -6.96 9.69 18.69
CA SER A 13 -5.56 9.46 18.24
C SER A 13 -5.50 9.64 16.73
N VAL A 14 -4.34 9.91 16.20
CA VAL A 14 -4.23 10.13 14.75
C VAL A 14 -3.00 9.40 14.22
N TYR A 15 -3.15 8.76 13.10
CA TYR A 15 -2.02 8.02 12.49
C TYR A 15 -1.80 8.57 11.09
N PHE A 16 -0.83 9.41 10.91
CA PHE A 16 -0.59 9.97 9.55
C PHE A 16 0.47 9.14 8.83
N CYS A 17 0.18 8.69 7.63
CA CYS A 17 1.18 7.87 6.88
C CYS A 17 2.12 8.82 6.14
N GLY A 18 3.35 8.41 5.94
CA GLY A 18 4.31 9.31 5.24
C GLY A 18 5.44 8.50 4.60
N SER A 19 6.18 9.11 3.71
CA SER A 19 7.30 8.42 3.04
C SER A 19 8.59 8.64 3.83
N ILE A 20 9.31 7.60 4.13
CA ILE A 20 10.58 7.76 4.91
C ILE A 20 11.73 7.13 4.12
N ARG A 21 11.45 6.55 2.98
CA ARG A 21 12.51 5.92 2.16
C ARG A 21 12.59 6.61 0.80
N GLY A 22 11.99 7.76 0.66
CA GLY A 22 12.02 8.47 -0.65
C GLY A 22 12.47 9.93 -0.44
N GLY A 23 12.81 10.29 0.76
CA GLY A 23 13.27 11.70 1.01
C GLY A 23 13.27 11.98 2.51
N ARG A 24 13.65 13.18 2.90
CA ARG A 24 13.68 13.53 4.34
C ARG A 24 12.94 14.85 4.56
N GLU A 25 12.83 15.66 3.54
CA GLU A 25 12.09 16.94 3.69
C GLU A 25 10.72 16.62 4.25
N ASP A 26 10.13 15.56 3.78
CA ASP A 26 8.80 15.15 4.28
C ASP A 26 8.95 14.77 5.76
N GLN A 27 10.13 14.33 6.14
CA GLN A 27 10.34 13.97 7.57
C GLN A 27 10.20 15.23 8.41
N ALA A 28 10.74 16.32 7.94
CA ALA A 28 10.62 17.59 8.72
C ALA A 28 9.15 17.99 8.77
N LEU A 29 8.50 18.02 7.63
CA LEU A 29 7.05 18.38 7.61
C LEU A 29 6.28 17.35 8.41
N TYR A 30 6.79 16.15 8.50
CA TYR A 30 6.08 15.09 9.27
C TYR A 30 6.12 15.42 10.75
N ALA A 31 7.25 15.79 11.26
CA ALA A 31 7.29 16.12 12.70
C ALA A 31 6.41 17.35 12.93
N ARG A 32 6.33 18.24 11.97
CA ARG A 32 5.44 19.43 12.14
C ARG A 32 3.98 18.97 12.03
N ILE A 33 3.63 18.37 10.91
CA ILE A 33 2.23 17.89 10.74
C ILE A 33 1.88 17.02 11.94
N VAL A 34 2.83 16.23 12.38
CA VAL A 34 2.59 15.38 13.57
C VAL A 34 2.39 16.28 14.79
N SER A 35 2.99 17.42 14.77
CA SER A 35 2.82 18.36 15.93
C SER A 35 1.39 18.88 15.98
N ARG A 36 0.80 19.16 14.84
CA ARG A 36 -0.62 19.63 14.84
C ARG A 36 -1.52 18.46 15.19
N LEU A 37 -1.33 17.36 14.53
CA LEU A 37 -2.15 16.17 14.84
C LEU A 37 -1.96 15.86 16.32
N ARG A 38 -0.75 16.01 16.80
CA ARG A 38 -0.46 15.76 18.24
C ARG A 38 -1.20 16.80 19.09
N ARG A 39 -1.52 17.94 18.53
CA ARG A 39 -2.27 18.96 19.33
C ARG A 39 -3.74 18.53 19.42
N TYR A 40 -4.26 17.95 18.37
CA TYR A 40 -5.69 17.53 18.37
C TYR A 40 -5.89 16.33 19.30
N GLY A 41 -5.05 15.33 19.20
CA GLY A 41 -5.16 14.16 20.09
C GLY A 41 -3.78 13.52 20.21
N LYS A 42 -3.72 12.22 20.22
CA LYS A 42 -2.39 11.54 20.32
C LYS A 42 -1.96 11.06 18.93
N VAL A 43 -0.72 11.24 18.58
CA VAL A 43 -0.25 10.73 17.26
C VAL A 43 0.52 9.45 17.52
N LEU A 44 0.13 8.36 16.92
CA LEU A 44 0.85 7.09 17.18
C LEU A 44 2.08 6.98 16.29
N THR A 45 1.96 7.32 15.04
CA THR A 45 3.12 7.22 14.12
C THR A 45 4.20 8.23 14.52
N GLU A 46 4.71 8.12 15.72
CA GLU A 46 5.76 9.08 16.17
C GLU A 46 7.12 8.59 15.66
N HIS A 47 7.24 7.32 15.41
CA HIS A 47 8.55 6.78 14.92
C HIS A 47 8.98 7.55 13.67
N VAL A 48 8.08 7.78 12.76
CA VAL A 48 8.45 8.52 11.53
C VAL A 48 9.05 9.88 11.89
N ALA A 49 8.33 10.71 12.58
CA ALA A 49 8.90 12.02 12.96
C ALA A 49 10.14 11.81 13.81
N ASP A 50 10.16 10.75 14.57
CA ASP A 50 11.34 10.47 15.41
C ASP A 50 12.36 9.66 14.61
N ALA A 51 12.64 10.10 13.41
CA ALA A 51 13.64 9.41 12.55
C ALA A 51 14.57 10.44 11.91
N GLU A 52 14.18 11.69 11.92
CA GLU A 52 15.06 12.74 11.32
C GLU A 52 16.20 13.05 12.29
N LEU A 53 16.12 12.59 13.51
CA LEU A 53 17.21 12.86 14.49
C LEU A 53 18.53 12.40 13.88
N GLU A 54 18.54 11.24 13.30
CA GLU A 54 19.78 10.72 12.68
C GLU A 54 19.49 9.39 11.99
N PRO A 55 18.82 8.48 12.66
CA PRO A 55 18.48 7.15 12.10
C PRO A 55 17.43 7.26 11.00
N LEU A 56 17.82 7.09 9.76
CA LEU A 56 16.84 7.20 8.66
C LEU A 56 17.26 6.25 7.53
N GLY A 57 16.51 5.20 7.31
CA GLY A 57 16.85 4.24 6.22
C GLY A 57 16.83 2.81 6.78
N GLU A 58 15.85 2.50 7.58
CA GLU A 58 15.77 1.12 8.17
C GLU A 58 17.09 0.77 8.85
N GLU A 59 18.09 0.39 8.10
CA GLU A 59 19.40 0.04 8.71
C GLU A 59 19.72 1.07 9.80
N ALA A 60 19.32 2.29 9.60
CA ALA A 60 19.59 3.35 10.60
C ALA A 60 18.29 3.68 11.34
N ALA A 61 17.76 2.74 12.07
CA ALA A 61 16.49 2.99 12.82
C ALA A 61 16.51 2.19 14.12
N GLY A 62 16.99 0.97 14.07
CA GLY A 62 17.05 0.13 15.29
C GLY A 62 15.96 -0.93 15.24
N GLY A 63 15.91 -1.71 14.19
CA GLY A 63 14.87 -2.77 14.09
C GLY A 63 13.79 -2.32 13.12
N ASP A 64 14.04 -2.38 11.85
CA ASP A 64 13.00 -1.99 10.87
C ASP A 64 11.73 -2.74 11.23
N GLN A 65 11.87 -4.00 11.52
CA GLN A 65 10.69 -4.82 11.91
C GLN A 65 10.03 -4.16 13.11
N PHE A 66 10.81 -3.76 14.08
CA PHE A 66 10.23 -3.09 15.28
C PHE A 66 9.46 -1.85 14.81
N ILE A 67 9.94 -1.20 13.78
CA ILE A 67 9.25 0.00 13.25
C ILE A 67 7.93 -0.46 12.62
N HIS A 68 7.89 -1.64 12.07
CA HIS A 68 6.63 -2.13 11.42
C HIS A 68 5.66 -2.62 12.49
N GLU A 69 6.01 -3.65 13.21
CA GLU A 69 5.06 -4.18 14.24
C GLU A 69 4.59 -3.02 15.14
N GLN A 70 5.48 -2.16 15.55
CA GLN A 70 5.09 -1.03 16.42
C GLN A 70 4.18 -0.06 15.65
N ASP A 71 4.56 0.32 14.47
CA ASP A 71 3.74 1.28 13.67
C ASP A 71 2.44 0.62 13.19
N LEU A 72 2.55 -0.48 12.50
CA LEU A 72 1.33 -1.18 11.98
C LEU A 72 0.38 -1.49 13.14
N ASN A 73 0.90 -1.88 14.26
CA ASN A 73 0.02 -2.18 15.41
C ASN A 73 -0.69 -0.90 15.82
N TRP A 74 0.04 0.15 16.05
CA TRP A 74 -0.59 1.43 16.44
C TRP A 74 -1.58 1.83 15.33
N LEU A 75 -1.19 1.68 14.10
CA LEU A 75 -2.13 2.04 12.99
C LEU A 75 -3.46 1.38 13.28
N GLN A 76 -3.41 0.16 13.73
CA GLN A 76 -4.68 -0.55 14.05
C GLN A 76 -5.30 0.06 15.31
N GLN A 77 -4.50 0.62 16.18
CA GLN A 77 -5.07 1.23 17.42
C GLN A 77 -5.42 2.69 17.15
N ALA A 78 -5.19 3.15 15.96
CA ALA A 78 -5.48 4.59 15.64
C ALA A 78 -6.98 4.88 15.62
N ASP A 79 -7.38 5.92 16.29
CA ASP A 79 -8.82 6.31 16.28
C ASP A 79 -9.05 7.08 14.99
N VAL A 80 -8.05 7.80 14.55
CA VAL A 80 -8.17 8.57 13.27
C VAL A 80 -6.90 8.31 12.45
N VAL A 81 -7.02 8.25 11.15
CA VAL A 81 -5.81 7.95 10.31
C VAL A 81 -5.74 8.86 9.09
N VAL A 82 -4.64 9.56 8.94
CA VAL A 82 -4.44 10.47 7.78
C VAL A 82 -3.24 9.96 6.99
N ALA A 83 -2.93 10.57 5.87
CA ALA A 83 -1.76 10.08 5.09
C ALA A 83 -1.32 11.15 4.07
N GLU A 84 -0.14 11.67 4.22
CA GLU A 84 0.34 12.71 3.27
C GLU A 84 0.82 12.00 2.00
N VAL A 85 0.60 12.59 0.86
CA VAL A 85 1.04 11.95 -0.41
C VAL A 85 1.41 13.01 -1.44
N THR A 86 2.36 12.72 -2.28
CA THR A 86 2.81 13.69 -3.32
C THR A 86 3.76 12.96 -4.27
N GLN A 87 4.63 12.15 -3.71
CA GLN A 87 5.60 11.38 -4.55
C GLN A 87 5.54 9.90 -4.12
N PRO A 88 5.85 8.99 -5.01
CA PRO A 88 5.82 7.53 -4.70
C PRO A 88 6.27 7.22 -3.27
N SER A 89 5.72 6.20 -2.67
CA SER A 89 6.11 5.84 -1.27
C SER A 89 5.41 4.55 -0.83
N LEU A 90 6.17 3.56 -0.43
CA LEU A 90 5.57 2.27 0.01
C LEU A 90 4.89 2.48 1.37
N GLY A 91 5.54 3.14 2.29
CA GLY A 91 4.94 3.35 3.63
C GLY A 91 3.58 4.05 3.47
N VAL A 92 3.47 4.94 2.53
CA VAL A 92 2.18 5.66 2.34
C VAL A 92 1.19 4.72 1.64
N GLY A 93 1.61 4.10 0.56
CA GLY A 93 0.68 3.18 -0.17
C GLY A 93 0.37 1.95 0.68
N TYR A 94 1.33 1.45 1.40
CA TYR A 94 1.09 0.25 2.24
C TYR A 94 0.17 0.60 3.41
N GLU A 95 0.50 1.62 4.15
CA GLU A 95 -0.36 2.02 5.30
C GLU A 95 -1.74 2.43 4.78
N LEU A 96 -1.79 2.99 3.59
CA LEU A 96 -3.12 3.41 3.04
C LEU A 96 -3.94 2.17 2.71
N GLY A 97 -3.36 1.20 2.04
CA GLY A 97 -4.13 -0.02 1.72
C GLY A 97 -4.54 -0.70 3.01
N ARG A 98 -3.69 -0.65 3.99
CA ARG A 98 -4.00 -1.28 5.30
C ARG A 98 -5.23 -0.60 5.90
N ALA A 99 -5.31 0.70 5.83
CA ALA A 99 -6.51 1.40 6.40
C ALA A 99 -7.73 1.06 5.56
N VAL A 100 -7.56 1.00 4.27
CA VAL A 100 -8.72 0.64 3.41
C VAL A 100 -9.31 -0.65 3.97
N ALA A 101 -8.45 -1.55 4.37
CA ALA A 101 -8.91 -2.84 4.92
C ALA A 101 -9.29 -2.70 6.41
N LEU A 102 -8.40 -2.18 7.21
CA LEU A 102 -8.68 -2.05 8.67
C LEU A 102 -9.92 -1.17 8.89
N GLY A 103 -10.40 -0.55 7.85
CA GLY A 103 -11.62 0.28 8.00
C GLY A 103 -11.40 1.31 9.11
N LYS A 104 -10.99 2.48 8.74
CA LYS A 104 -10.77 3.58 9.73
C LYS A 104 -10.66 4.89 8.95
N PRO A 105 -11.04 6.00 9.53
CA PRO A 105 -10.97 7.30 8.83
C PRO A 105 -9.70 7.41 7.97
N ILE A 106 -9.82 7.29 6.67
CA ILE A 106 -8.61 7.36 5.80
C ILE A 106 -8.57 8.68 5.04
N LEU A 107 -7.86 9.64 5.55
CA LEU A 107 -7.74 10.94 4.85
C LEU A 107 -6.39 10.94 4.13
N CYS A 108 -6.39 11.03 2.82
CA CYS A 108 -5.11 11.03 2.07
C CYS A 108 -5.02 12.34 1.29
N LEU A 109 -3.86 12.91 1.17
CA LEU A 109 -3.76 14.19 0.42
C LEU A 109 -2.60 14.16 -0.59
N PHE A 110 -2.80 14.79 -1.73
CA PHE A 110 -1.72 14.84 -2.76
C PHE A 110 -1.56 16.32 -3.15
N ARG A 111 -0.38 16.75 -3.50
CA ARG A 111 -0.20 18.20 -3.82
C ARG A 111 -0.19 18.43 -5.34
N PRO A 112 -0.78 19.52 -5.76
CA PRO A 112 -0.83 19.90 -7.20
C PRO A 112 0.48 20.56 -7.64
N GLN A 113 1.13 21.25 -6.74
CA GLN A 113 2.42 21.92 -7.08
C GLN A 113 3.28 20.93 -7.85
N SER A 114 3.24 19.69 -7.45
CA SER A 114 4.02 18.64 -8.15
C SER A 114 3.10 17.96 -9.16
N GLY A 115 1.81 18.08 -8.96
CA GLY A 115 0.83 17.45 -9.90
C GLY A 115 1.36 16.09 -10.33
N ARG A 116 1.87 15.32 -9.41
CA ARG A 116 2.42 13.99 -9.78
C ARG A 116 1.27 13.00 -9.93
N VAL A 117 0.06 13.49 -9.99
CA VAL A 117 -1.10 12.58 -10.15
C VAL A 117 -1.03 11.45 -9.13
N LEU A 118 -1.79 11.56 -8.08
CA LEU A 118 -1.79 10.49 -7.05
C LEU A 118 -1.87 9.12 -7.75
N SER A 119 -1.45 8.07 -7.09
CA SER A 119 -1.47 6.72 -7.73
C SER A 119 -2.87 6.39 -8.28
N ALA A 120 -2.90 5.73 -9.41
CA ALA A 120 -4.21 5.36 -10.02
C ALA A 120 -5.05 4.55 -9.04
N MET A 121 -4.48 3.51 -8.48
CA MET A 121 -5.28 2.69 -7.54
C MET A 121 -5.64 3.50 -6.30
N ILE A 122 -4.74 4.32 -5.83
CA ILE A 122 -5.04 5.13 -4.62
C ILE A 122 -6.15 6.13 -4.94
N ARG A 123 -6.07 6.80 -6.07
CA ARG A 123 -7.13 7.78 -6.41
C ARG A 123 -8.38 7.04 -6.84
N GLY A 124 -8.23 6.04 -7.66
CA GLY A 124 -9.42 5.26 -8.08
C GLY A 124 -10.04 4.64 -6.83
N ALA A 125 -9.26 4.49 -5.80
CA ALA A 125 -9.79 3.89 -4.55
C ALA A 125 -11.13 4.52 -4.20
N ALA A 126 -11.17 5.81 -3.98
CA ALA A 126 -12.47 6.42 -3.59
C ALA A 126 -12.51 7.92 -3.92
N ASP A 127 -12.05 8.73 -2.99
CA ASP A 127 -12.06 10.22 -3.14
C ASP A 127 -13.31 10.75 -2.40
N GLY A 128 -14.10 9.86 -1.83
CA GLY A 128 -15.33 10.32 -1.11
C GLY A 128 -16.08 9.10 -0.54
N SER A 129 -15.69 8.66 0.64
CA SER A 129 -16.39 7.48 1.27
C SER A 129 -15.49 6.90 2.37
N ARG A 130 -15.41 7.57 3.49
CA ARG A 130 -14.54 7.08 4.60
C ARG A 130 -13.10 7.19 4.12
N PHE A 131 -12.95 7.19 2.84
CA PHE A 131 -11.61 7.33 2.20
C PHE A 131 -11.70 8.53 1.28
N GLN A 132 -10.91 9.55 1.52
CA GLN A 132 -11.02 10.75 0.66
C GLN A 132 -9.64 11.26 0.24
N VAL A 133 -9.51 11.64 -0.99
CA VAL A 133 -8.23 12.18 -1.51
C VAL A 133 -8.32 13.71 -1.59
N TRP A 134 -7.76 14.39 -0.62
CA TRP A 134 -7.84 15.89 -0.60
C TRP A 134 -6.59 16.48 -1.26
N ASP A 135 -6.71 17.62 -1.89
CA ASP A 135 -5.52 18.24 -2.52
C ASP A 135 -4.92 19.23 -1.52
N TYR A 136 -3.64 19.43 -1.50
CA TYR A 136 -3.09 20.36 -0.48
C TYR A 136 -1.62 20.71 -0.77
N ALA A 137 -1.09 21.63 0.01
CA ALA A 137 0.32 22.03 -0.12
C ALA A 137 0.88 22.23 1.29
N GLU A 138 2.14 21.95 1.51
CA GLU A 138 2.72 22.10 2.87
C GLU A 138 2.21 23.38 3.53
N GLY A 139 1.92 24.39 2.77
CA GLY A 139 1.45 25.67 3.36
C GLY A 139 -0.07 25.62 3.61
N GLU A 140 -0.71 24.52 3.31
CA GLU A 140 -2.19 24.43 3.53
C GLU A 140 -2.54 23.10 4.17
N VAL A 141 -1.57 22.26 4.38
CA VAL A 141 -1.89 20.93 4.99
C VAL A 141 -2.67 21.19 6.27
N GLU A 142 -2.22 22.11 7.07
CA GLU A 142 -2.95 22.42 8.33
C GLU A 142 -4.42 22.68 7.99
N THR A 143 -4.67 23.31 6.88
CA THR A 143 -6.06 23.60 6.49
C THR A 143 -6.80 22.29 6.20
N MET A 144 -6.16 21.35 5.55
CA MET A 144 -6.85 20.07 5.27
C MET A 144 -7.32 19.52 6.60
N LEU A 145 -6.41 19.37 7.51
CA LEU A 145 -6.78 18.84 8.85
C LEU A 145 -7.82 19.78 9.49
N ASP A 146 -7.81 21.03 9.13
CA ASP A 146 -8.78 21.99 9.73
C ASP A 146 -10.21 21.69 9.26
N ARG A 147 -10.43 21.49 7.99
CA ARG A 147 -11.83 21.23 7.55
C ARG A 147 -12.26 19.82 7.96
N TYR A 148 -11.40 18.87 7.75
CA TYR A 148 -11.74 17.47 8.12
C TYR A 148 -12.03 17.36 9.62
N PHE A 149 -11.20 17.94 10.43
CA PHE A 149 -11.42 17.83 11.90
C PHE A 149 -12.56 18.71 12.36
N GLU A 150 -12.76 19.85 11.77
CA GLU A 150 -13.89 20.69 12.23
C GLU A 150 -15.17 19.97 11.82
N ALA A 151 -15.08 19.13 10.82
CA ALA A 151 -16.29 18.39 10.35
C ALA A 151 -16.73 17.38 11.41
N TYR A 152 -15.94 17.13 12.43
CA TYR A 152 -16.38 16.13 13.45
C TYR A 152 -15.73 16.36 14.83
N LEU A 153 -14.45 16.59 14.87
CA LEU A 153 -13.78 16.77 16.20
C LEU A 153 -14.63 17.65 17.13
N PRO A 154 -15.01 18.82 16.70
CA PRO A 154 -15.84 19.74 17.54
C PRO A 154 -17.00 19.00 18.23
N GLN A 155 -17.27 17.79 17.82
CA GLN A 155 -18.38 17.03 18.45
C GLN A 155 -18.04 16.72 19.92
N LYS A 156 -17.02 15.95 20.15
CA LYS A 156 -16.64 15.62 21.55
C LYS A 156 -15.78 16.74 22.14
N THR A 157 -15.20 17.57 21.31
CA THR A 157 -14.35 18.67 21.82
C THR A 157 -15.22 19.90 22.10
N ALA A 158 -14.85 20.69 23.07
CA ALA A 158 -15.67 21.89 23.40
C ALA A 158 -17.05 21.46 23.86
N SER A 159 -17.13 20.47 24.71
CA SER A 159 -18.46 19.98 25.19
C SER A 159 -18.38 19.71 26.70
N SER A 160 -19.49 19.47 27.32
CA SER A 160 -19.49 19.20 28.79
C SER A 160 -18.83 17.84 29.05
N SER A 161 -17.91 17.79 29.97
CA SER A 161 -17.23 16.50 30.27
C SER A 161 -18.12 15.64 31.18
N HIS A 162 -17.96 14.34 31.13
CA HIS A 162 -18.80 13.45 31.98
C HIS A 162 -17.90 12.45 32.71
N PRO A 163 -17.19 12.91 33.71
CA PRO A 163 -16.26 12.05 34.51
C PRO A 163 -17.00 11.24 35.58
N SER A 164 -16.45 10.11 35.96
CA SER A 164 -17.12 9.28 37.00
C SER A 164 -16.69 9.73 38.39
N ALA A 165 -17.51 9.53 39.38
CA ALA A 165 -17.14 9.95 40.76
C ALA A 165 -15.87 9.20 41.19
N MET B 3 -9.28 -32.61 1.82
CA MET B 3 -7.80 -32.60 1.78
C MET B 3 -7.32 -32.71 0.33
N ALA B 4 -8.11 -33.30 -0.51
CA ALA B 4 -7.71 -33.44 -1.94
C ALA B 4 -7.72 -32.07 -2.61
N ALA B 5 -6.99 -31.91 -3.68
CA ALA B 5 -6.96 -30.60 -4.38
C ALA B 5 -8.33 -30.30 -4.97
N SER B 6 -8.66 -29.05 -5.15
CA SER B 6 -9.99 -28.70 -5.73
C SER B 6 -10.18 -29.41 -7.05
N GLY B 7 -9.13 -29.57 -7.81
CA GLY B 7 -9.26 -30.27 -9.12
C GLY B 7 -10.05 -29.38 -10.08
N GLU B 8 -9.66 -28.15 -10.23
CA GLU B 8 -10.38 -27.23 -11.15
C GLU B 8 -9.94 -27.48 -12.58
N GLN B 9 -10.85 -27.42 -13.52
CA GLN B 9 -10.48 -27.66 -14.94
C GLN B 9 -9.51 -26.58 -15.40
N ALA B 10 -9.92 -25.34 -15.30
CA ALA B 10 -9.03 -24.23 -15.74
C ALA B 10 -7.89 -24.07 -14.73
N PRO B 11 -6.74 -23.58 -15.17
CA PRO B 11 -5.57 -23.38 -14.28
C PRO B 11 -5.89 -22.44 -13.12
N CYS B 12 -4.91 -21.76 -12.63
CA CYS B 12 -5.15 -20.79 -11.53
C CYS B 12 -4.97 -19.39 -12.10
N SER B 13 -5.12 -18.38 -11.30
CA SER B 13 -4.94 -17.00 -11.82
C SER B 13 -3.82 -16.34 -11.03
N VAL B 14 -3.20 -15.34 -11.58
CA VAL B 14 -2.08 -14.67 -10.88
C VAL B 14 -2.22 -13.16 -11.02
N TYR B 15 -2.00 -12.47 -9.95
CA TYR B 15 -2.10 -10.99 -9.97
C TYR B 15 -0.76 -10.42 -9.50
N PHE B 16 0.05 -9.97 -10.42
CA PHE B 16 1.38 -9.43 -10.02
C PHE B 16 1.27 -7.90 -9.88
N CYS B 17 1.68 -7.36 -8.76
CA CYS B 17 1.61 -5.88 -8.57
C CYS B 17 2.86 -5.24 -9.18
N GLY B 18 2.74 -4.04 -9.68
CA GLY B 18 3.94 -3.39 -10.29
C GLY B 18 3.80 -1.86 -10.26
N SER B 19 4.89 -1.18 -10.49
CA SER B 19 4.85 0.31 -10.48
C SER B 19 4.61 0.83 -11.89
N ILE B 20 3.66 1.70 -12.06
CA ILE B 20 3.37 2.24 -13.42
C ILE B 20 3.45 3.76 -13.41
N ARG B 21 3.75 4.33 -12.26
CA ARG B 21 3.85 5.82 -12.16
C ARG B 21 5.26 6.20 -11.70
N GLY B 22 6.18 5.28 -11.76
CA GLY B 22 7.58 5.59 -11.32
C GLY B 22 8.57 5.16 -12.41
N GLY B 23 8.10 4.70 -13.53
CA GLY B 23 9.03 4.28 -14.62
C GLY B 23 8.27 3.46 -15.66
N ARG B 24 8.96 3.02 -16.69
CA ARG B 24 8.30 2.22 -17.76
C ARG B 24 9.12 0.95 -18.02
N GLU B 25 10.39 0.98 -17.71
CA GLU B 25 11.23 -0.23 -17.92
C GLU B 25 10.53 -1.40 -17.22
N ASP B 26 10.00 -1.14 -16.07
CA ASP B 26 9.28 -2.20 -15.32
C ASP B 26 8.04 -2.59 -16.13
N GLN B 27 7.54 -1.69 -16.93
CA GLN B 27 6.34 -2.01 -17.75
C GLN B 27 6.75 -3.08 -18.76
N ALA B 28 7.92 -2.96 -19.33
CA ALA B 28 8.37 -3.99 -20.30
C ALA B 28 8.56 -5.32 -19.56
N LEU B 29 9.28 -5.29 -18.47
CA LEU B 29 9.48 -6.54 -17.69
C LEU B 29 8.13 -7.03 -17.20
N TYR B 30 7.19 -6.14 -17.02
CA TYR B 30 5.85 -6.55 -16.54
C TYR B 30 5.15 -7.37 -17.62
N ALA B 31 5.16 -6.91 -18.82
CA ALA B 31 4.49 -7.70 -19.88
C ALA B 31 5.22 -9.04 -20.01
N ARG B 32 6.51 -9.05 -19.80
CA ARG B 32 7.26 -10.34 -19.86
C ARG B 32 6.90 -11.19 -18.65
N ILE B 33 7.13 -10.67 -17.47
CA ILE B 33 6.80 -11.43 -16.24
C ILE B 33 5.34 -11.86 -16.33
N VAL B 34 4.51 -10.99 -16.84
CA VAL B 34 3.07 -11.33 -17.01
C VAL B 34 2.97 -12.46 -18.03
N SER B 35 3.89 -12.52 -18.95
CA SER B 35 3.84 -13.60 -19.97
C SER B 35 4.12 -14.96 -19.30
N ARG B 36 5.03 -15.00 -18.37
CA ARG B 36 5.30 -16.30 -17.68
C ARG B 36 4.13 -16.61 -16.76
N LEU B 37 3.73 -15.67 -15.97
CA LEU B 37 2.57 -15.90 -15.07
C LEU B 37 1.39 -16.29 -15.96
N ARG B 38 1.28 -15.65 -17.10
CA ARG B 38 0.17 -15.98 -18.04
C ARG B 38 0.36 -17.41 -18.56
N ARG B 39 1.57 -17.92 -18.54
CA ARG B 39 1.78 -19.32 -19.01
C ARG B 39 1.30 -20.28 -17.92
N TYR B 40 1.52 -19.94 -16.68
CA TYR B 40 1.11 -20.84 -15.56
C TYR B 40 -0.42 -20.88 -15.44
N GLY B 41 -1.05 -19.73 -15.45
CA GLY B 41 -2.52 -19.69 -15.38
C GLY B 41 -3.01 -18.41 -16.05
N LYS B 42 -3.99 -17.78 -15.50
CA LYS B 42 -4.50 -16.51 -16.11
C LYS B 42 -3.96 -15.32 -15.32
N VAL B 43 -3.51 -14.29 -15.99
CA VAL B 43 -3.01 -13.09 -15.26
C VAL B 43 -4.11 -12.04 -15.32
N LEU B 44 -4.57 -11.57 -14.20
CA LEU B 44 -5.67 -10.57 -14.25
C LEU B 44 -5.10 -9.16 -14.45
N THR B 45 -4.04 -8.83 -13.77
CA THR B 45 -3.46 -7.47 -13.93
C THR B 45 -2.88 -7.30 -15.34
N GLU B 46 -3.71 -7.43 -16.34
CA GLU B 46 -3.21 -7.26 -17.74
C GLU B 46 -3.15 -5.77 -18.08
N HIS B 47 -3.98 -4.99 -17.43
CA HIS B 47 -3.98 -3.52 -17.72
C HIS B 47 -2.56 -2.97 -17.62
N VAL B 48 -1.86 -3.33 -16.59
CA VAL B 48 -0.47 -2.81 -16.41
C VAL B 48 0.36 -3.14 -17.65
N ALA B 49 0.51 -4.38 -17.97
CA ALA B 49 1.30 -4.73 -19.18
C ALA B 49 0.66 -4.08 -20.41
N ASP B 50 -0.63 -3.93 -20.38
CA ASP B 50 -1.32 -3.31 -21.53
C ASP B 50 -1.35 -1.78 -21.33
N ALA B 51 -0.23 -1.22 -20.99
CA ALA B 51 -0.15 0.26 -20.80
C ALA B 51 1.11 0.78 -21.50
N GLU B 52 2.03 -0.08 -21.83
CA GLU B 52 3.26 0.39 -22.52
C GLU B 52 2.95 0.66 -23.99
N LEU B 53 1.80 0.23 -24.45
CA LEU B 53 1.44 0.48 -25.88
C LEU B 53 1.56 1.97 -26.16
N GLU B 54 1.07 2.79 -25.27
CA GLU B 54 1.15 4.26 -25.46
C GLU B 54 0.56 4.97 -24.24
N PRO B 55 -0.60 4.55 -23.80
CA PRO B 55 -1.27 5.16 -22.62
C PRO B 55 -0.53 4.83 -21.31
N LEU B 56 0.15 5.78 -20.75
CA LEU B 56 0.90 5.51 -19.49
C LEU B 56 0.93 6.78 -18.63
N GLY B 57 0.23 6.78 -17.54
CA GLY B 57 0.21 7.99 -16.65
C GLY B 57 -1.23 8.36 -16.31
N GLU B 58 -2.06 7.39 -16.03
CA GLU B 58 -3.48 7.67 -15.70
C GLU B 58 -4.12 8.52 -16.79
N GLU B 59 -3.85 9.79 -16.81
CA GLU B 59 -4.43 10.67 -17.86
C GLU B 59 -4.34 9.96 -19.22
N ALA B 60 -3.31 9.17 -19.39
CA ALA B 60 -3.14 8.42 -20.67
C ALA B 60 -3.45 6.95 -20.42
N ALA B 61 -4.67 6.62 -20.10
CA ALA B 61 -5.04 5.21 -19.85
C ALA B 61 -6.49 4.98 -20.27
N GLY B 62 -7.34 5.92 -19.97
CA GLY B 62 -8.77 5.78 -20.36
C GLY B 62 -9.62 5.47 -19.13
N GLY B 63 -9.53 6.26 -18.10
CA GLY B 63 -10.33 6.02 -16.87
C GLY B 63 -9.43 5.43 -15.79
N ASP B 64 -8.63 6.24 -15.17
CA ASP B 64 -7.76 5.72 -14.09
C ASP B 64 -8.64 4.94 -13.13
N GLN B 65 -9.78 5.48 -12.82
CA GLN B 65 -10.72 4.79 -11.91
C GLN B 65 -11.06 3.42 -12.52
N PHE B 66 -11.31 3.37 -13.79
CA PHE B 66 -11.61 2.07 -14.46
C PHE B 66 -10.41 1.15 -14.24
N ILE B 67 -9.23 1.70 -14.24
CA ILE B 67 -8.01 0.87 -14.02
C ILE B 67 -8.03 0.36 -12.58
N HIS B 68 -8.58 1.14 -11.67
CA HIS B 68 -8.63 0.71 -10.24
C HIS B 68 -9.74 -0.31 -10.03
N GLU B 69 -10.97 0.08 -10.20
CA GLU B 69 -12.10 -0.87 -9.98
C GLU B 69 -11.82 -2.17 -10.74
N GLN B 70 -11.38 -2.07 -11.96
CA GLN B 70 -11.10 -3.30 -12.76
C GLN B 70 -9.92 -4.07 -12.15
N ASP B 71 -8.84 -3.40 -11.86
CA ASP B 71 -7.65 -4.09 -11.30
C ASP B 71 -7.91 -4.55 -9.86
N LEU B 72 -8.31 -3.66 -9.00
CA LEU B 72 -8.57 -4.02 -7.58
C LEU B 72 -9.61 -5.14 -7.52
N ASN B 73 -10.61 -5.08 -8.36
CA ASN B 73 -11.64 -6.15 -8.35
C ASN B 73 -10.97 -7.47 -8.72
N TRP B 74 -10.27 -7.49 -9.82
CA TRP B 74 -9.59 -8.74 -10.24
C TRP B 74 -8.62 -9.16 -9.12
N LEU B 75 -7.92 -8.22 -8.54
CA LEU B 75 -6.99 -8.58 -7.44
C LEU B 75 -7.75 -9.42 -6.44
N GLN B 76 -8.97 -9.05 -6.18
CA GLN B 76 -9.79 -9.84 -5.23
C GLN B 76 -10.17 -11.16 -5.87
N GLN B 77 -10.26 -11.22 -7.18
CA GLN B 77 -10.63 -12.51 -7.84
C GLN B 77 -9.37 -13.31 -8.13
N ALA B 78 -8.23 -12.79 -7.76
CA ALA B 78 -6.95 -13.50 -8.04
C ALA B 78 -6.80 -14.76 -7.20
N ASP B 79 -6.48 -15.87 -7.83
CA ASP B 79 -6.26 -17.12 -7.07
C ASP B 79 -4.85 -17.07 -6.49
N VAL B 80 -3.97 -16.42 -7.21
CA VAL B 80 -2.56 -16.27 -6.73
C VAL B 80 -2.15 -14.80 -6.93
N VAL B 81 -1.37 -14.25 -6.04
CA VAL B 81 -0.99 -12.82 -6.18
C VAL B 81 0.51 -12.61 -5.91
N VAL B 82 1.20 -12.02 -6.85
CA VAL B 82 2.66 -11.75 -6.68
C VAL B 82 2.86 -10.23 -6.74
N ALA B 83 4.06 -9.75 -6.56
CA ALA B 83 4.26 -8.27 -6.62
C ALA B 83 5.75 -7.96 -6.77
N GLU B 84 6.13 -7.37 -7.88
CA GLU B 84 7.55 -7.03 -8.09
C GLU B 84 7.87 -5.76 -7.31
N VAL B 85 9.05 -5.67 -6.75
CA VAL B 85 9.40 -4.45 -5.96
C VAL B 85 10.90 -4.17 -6.09
N THR B 86 11.27 -2.91 -6.05
CA THR B 86 12.71 -2.54 -6.16
C THR B 86 12.82 -1.04 -5.86
N GLN B 87 11.90 -0.27 -6.40
CA GLN B 87 11.91 1.20 -6.16
C GLN B 87 10.50 1.63 -5.70
N PRO B 88 10.41 2.68 -4.94
CA PRO B 88 9.10 3.18 -4.43
C PRO B 88 7.96 3.02 -5.44
N SER B 89 6.76 2.78 -4.98
CA SER B 89 5.61 2.59 -5.91
C SER B 89 4.30 2.43 -5.14
N LEU B 90 3.34 3.28 -5.39
CA LEU B 90 2.04 3.20 -4.67
C LEU B 90 1.27 1.97 -5.16
N GLY B 91 1.24 1.73 -6.44
CA GLY B 91 0.50 0.55 -6.96
C GLY B 91 1.03 -0.73 -6.32
N VAL B 92 2.31 -0.78 -6.09
CA VAL B 92 2.91 -1.99 -5.45
C VAL B 92 2.59 -1.99 -3.96
N GLY B 93 2.83 -0.89 -3.29
CA GLY B 93 2.56 -0.83 -1.83
C GLY B 93 1.05 -0.91 -1.57
N TYR B 94 0.26 -0.29 -2.41
CA TYR B 94 -1.21 -0.33 -2.20
C TYR B 94 -1.75 -1.72 -2.46
N GLU B 95 -1.44 -2.28 -3.60
CA GLU B 95 -1.93 -3.64 -3.93
C GLU B 95 -1.36 -4.65 -2.91
N LEU B 96 -0.17 -4.39 -2.42
CA LEU B 96 0.42 -5.33 -1.43
C LEU B 96 -0.35 -5.24 -0.12
N GLY B 97 -0.61 -4.05 0.36
CA GLY B 97 -1.38 -3.92 1.63
C GLY B 97 -2.76 -4.53 1.42
N ARG B 98 -3.32 -4.36 0.25
CA ARG B 98 -4.66 -4.91 -0.03
C ARG B 98 -4.60 -6.43 0.08
N ALA B 99 -3.57 -7.06 -0.43
CA ALA B 99 -3.47 -8.55 -0.32
C ALA B 99 -3.25 -8.93 1.13
N VAL B 100 -2.46 -8.17 1.84
CA VAL B 100 -2.25 -8.50 3.28
C VAL B 100 -3.63 -8.62 3.92
N ALA B 101 -4.52 -7.74 3.54
CA ALA B 101 -5.90 -7.76 4.09
C ALA B 101 -6.77 -8.79 3.37
N LEU B 102 -6.84 -8.74 2.07
CA LEU B 102 -7.70 -9.70 1.31
C LEU B 102 -7.24 -11.13 1.58
N GLY B 103 -6.13 -11.30 2.22
CA GLY B 103 -5.66 -12.67 2.53
C GLY B 103 -5.59 -13.49 1.25
N LYS B 104 -4.43 -13.53 0.66
CA LYS B 104 -4.22 -14.33 -0.58
C LYS B 104 -2.72 -14.48 -0.79
N PRO B 105 -2.27 -15.53 -1.41
CA PRO B 105 -0.81 -15.75 -1.64
C PRO B 105 -0.10 -14.43 -1.99
N ILE B 106 0.63 -13.87 -1.06
CA ILE B 106 1.32 -12.57 -1.35
C ILE B 106 2.82 -12.78 -1.53
N LEU B 107 3.26 -12.93 -2.74
CA LEU B 107 4.72 -13.10 -3.00
C LEU B 107 5.26 -11.74 -3.43
N CYS B 108 6.18 -11.18 -2.70
CA CYS B 108 6.74 -9.85 -3.07
C CYS B 108 8.25 -10.02 -3.25
N LEU B 109 8.83 -9.35 -4.20
CA LEU B 109 10.30 -9.50 -4.41
C LEU B 109 10.99 -8.14 -4.53
N PHE B 110 12.18 -8.03 -4.00
CA PHE B 110 12.97 -6.76 -4.10
C PHE B 110 14.34 -7.14 -4.64
N ARG B 111 14.96 -6.26 -5.40
CA ARG B 111 16.28 -6.63 -6.00
C ARG B 111 17.45 -6.04 -5.20
N PRO B 112 18.52 -6.79 -5.05
CA PRO B 112 19.74 -6.33 -4.33
C PRO B 112 20.60 -5.43 -5.22
N GLN B 113 20.58 -5.67 -6.50
CA GLN B 113 21.38 -4.84 -7.43
C GLN B 113 21.18 -3.37 -7.07
N SER B 114 19.98 -3.04 -6.72
CA SER B 114 19.67 -1.64 -6.32
C SER B 114 19.76 -1.55 -4.80
N GLY B 115 19.65 -2.68 -4.13
CA GLY B 115 19.72 -2.70 -2.64
C GLY B 115 18.99 -1.48 -2.09
N ARG B 116 17.85 -1.17 -2.64
CA ARG B 116 17.10 0.02 -2.15
C ARG B 116 16.38 -0.33 -0.85
N VAL B 117 16.71 -1.44 -0.26
CA VAL B 117 16.05 -1.85 1.01
C VAL B 117 14.54 -1.74 0.88
N LEU B 118 13.89 -2.85 0.68
CA LEU B 118 12.41 -2.85 0.55
C LEU B 118 11.82 -1.96 1.66
N SER B 119 10.63 -1.48 1.48
CA SER B 119 10.01 -0.57 2.50
C SER B 119 10.03 -1.23 3.89
N ALA B 120 10.25 -0.44 4.90
CA ALA B 120 10.30 -0.98 6.29
C ALA B 120 8.99 -1.69 6.61
N MET B 121 7.88 -1.07 6.40
CA MET B 121 6.59 -1.73 6.73
C MET B 121 6.39 -2.95 5.83
N ILE B 122 6.75 -2.85 4.59
CA ILE B 122 6.58 -4.01 3.69
C ILE B 122 7.48 -5.15 4.13
N ARG B 123 8.72 -4.87 4.44
CA ARG B 123 9.62 -5.96 4.88
C ARG B 123 9.25 -6.37 6.29
N GLY B 124 9.03 -5.43 7.16
CA GLY B 124 8.65 -5.79 8.54
C GLY B 124 7.33 -6.56 8.48
N ALA B 125 6.59 -6.38 7.41
CA ALA B 125 5.30 -7.10 7.27
C ALA B 125 5.45 -8.56 7.65
N ALA B 126 6.29 -9.28 6.94
CA ALA B 126 6.43 -10.73 7.25
C ALA B 126 7.78 -11.28 6.79
N ASP B 127 7.84 -11.72 5.55
CA ASP B 127 9.06 -12.35 4.97
C ASP B 127 8.92 -13.88 5.08
N GLY B 128 7.84 -14.34 5.67
CA GLY B 128 7.64 -15.81 5.81
C GLY B 128 6.30 -16.10 6.50
N SER B 129 5.22 -16.15 5.75
CA SER B 129 3.88 -16.43 6.36
C SER B 129 2.77 -16.00 5.38
N ARG B 130 2.57 -16.76 4.35
CA ARG B 130 1.53 -16.40 3.35
C ARG B 130 2.00 -15.13 2.65
N PHE B 131 2.85 -14.41 3.33
CA PHE B 131 3.44 -13.17 2.78
C PHE B 131 4.94 -13.35 2.83
N GLN B 132 5.61 -13.32 1.71
CA GLN B 132 7.09 -13.55 1.74
C GLN B 132 7.82 -12.55 0.87
N VAL B 133 8.92 -12.06 1.36
CA VAL B 133 9.73 -11.08 0.60
C VAL B 133 10.93 -11.81 -0.01
N TRP B 134 10.87 -12.16 -1.27
CA TRP B 134 11.99 -12.90 -1.93
C TRP B 134 12.94 -11.91 -2.61
N ASP B 135 14.20 -12.22 -2.67
CA ASP B 135 15.16 -11.31 -3.35
C ASP B 135 15.30 -11.77 -4.80
N TYR B 136 15.52 -10.89 -5.73
CA TYR B 136 15.61 -11.37 -7.15
C TYR B 136 16.15 -10.29 -8.08
N ALA B 137 16.36 -10.66 -9.32
CA ALA B 137 16.84 -9.70 -10.34
C ALA B 137 16.12 -10.02 -11.65
N GLU B 138 15.84 -9.05 -12.46
CA GLU B 138 15.10 -9.32 -13.73
C GLU B 138 15.62 -10.60 -14.40
N GLY B 139 16.88 -10.91 -14.22
CA GLY B 139 17.44 -12.13 -14.86
C GLY B 139 17.15 -13.38 -14.01
N GLU B 140 16.47 -13.23 -12.90
CA GLU B 140 16.18 -14.41 -12.03
C GLU B 140 14.71 -14.37 -11.58
N VAL B 141 14.00 -13.35 -11.94
CA VAL B 141 12.57 -13.27 -11.51
C VAL B 141 11.89 -14.57 -11.88
N GLU B 142 12.11 -15.03 -13.09
CA GLU B 142 11.48 -16.31 -13.52
C GLU B 142 11.81 -17.39 -12.49
N THR B 143 13.00 -17.34 -11.94
CA THR B 143 13.39 -18.35 -10.94
C THR B 143 12.53 -18.18 -9.68
N MET B 144 12.29 -16.97 -9.27
CA MET B 144 11.44 -16.78 -8.05
C MET B 144 10.13 -17.50 -8.30
N LEU B 145 9.49 -17.17 -9.37
CA LEU B 145 8.20 -17.83 -9.70
C LEU B 145 8.44 -19.33 -9.85
N ASP B 146 9.63 -19.74 -10.21
CA ASP B 146 9.91 -21.19 -10.39
C ASP B 146 9.90 -21.92 -9.04
N ARG B 147 10.55 -21.41 -8.04
CA ARG B 147 10.56 -22.14 -6.75
C ARG B 147 9.20 -22.01 -6.07
N TYR B 148 8.65 -20.84 -6.06
CA TYR B 148 7.32 -20.65 -5.41
C TYR B 148 6.27 -21.51 -6.07
N PHE B 149 6.22 -21.51 -7.37
CA PHE B 149 5.18 -22.31 -8.07
C PHE B 149 5.49 -23.80 -8.02
N GLU B 150 6.71 -24.20 -8.06
CA GLU B 150 6.98 -25.65 -7.99
C GLU B 150 6.63 -26.10 -6.57
N ALA B 151 6.65 -25.19 -5.65
CA ALA B 151 6.32 -25.55 -4.24
C ALA B 151 4.83 -25.91 -4.12
N TYR B 152 4.03 -25.68 -5.14
CA TYR B 152 2.57 -26.02 -5.01
C TYR B 152 1.91 -26.27 -6.37
N LEU B 153 2.13 -25.42 -7.33
CA LEU B 153 1.46 -25.62 -8.65
C LEU B 153 1.46 -27.09 -9.07
N PRO B 154 2.61 -27.72 -9.11
CA PRO B 154 2.71 -29.16 -9.50
C PRO B 154 1.64 -30.02 -8.83
N GLN B 155 0.97 -29.48 -7.84
CA GLN B 155 -0.09 -30.28 -7.15
C GLN B 155 -1.24 -30.56 -8.10
N LYS B 156 -1.92 -29.54 -8.56
CA LYS B 156 -3.06 -29.75 -9.50
C LYS B 156 -2.54 -29.89 -10.94
N THR B 157 -1.34 -29.44 -11.18
CA THR B 157 -0.77 -29.54 -12.56
C THR B 157 -0.08 -30.89 -12.73
N ALA B 158 -0.08 -31.41 -13.92
CA ALA B 158 0.59 -32.73 -14.16
C ALA B 158 -0.12 -33.80 -13.33
N SER B 159 -1.43 -33.79 -13.34
CA SER B 159 -2.19 -34.82 -12.55
C SER B 159 -3.36 -35.33 -13.39
N SER B 160 -4.02 -36.35 -12.92
CA SER B 160 -5.17 -36.90 -13.69
C SER B 160 -6.33 -35.91 -13.65
N SER B 161 -6.93 -35.63 -14.78
CA SER B 161 -8.06 -34.67 -14.80
C SER B 161 -9.35 -35.38 -14.37
N HIS B 162 -10.30 -34.64 -13.87
CA HIS B 162 -11.58 -35.27 -13.42
C HIS B 162 -12.76 -34.46 -13.99
N PRO B 163 -13.01 -34.59 -15.27
CA PRO B 163 -14.12 -33.87 -15.95
C PRO B 163 -15.47 -34.56 -15.75
N SER B 164 -16.54 -33.80 -15.79
CA SER B 164 -17.88 -34.42 -15.59
C SER B 164 -18.39 -34.97 -16.94
N ALA B 165 -19.08 -36.07 -16.91
CA ALA B 165 -19.60 -36.66 -18.19
C ALA B 165 -20.94 -37.34 -17.93
N MET A 3 -16.91 26.48 31.59
CA MET A 3 -16.44 25.58 32.69
C MET A 3 -16.83 24.14 32.36
N ALA A 4 -15.88 23.32 32.03
CA ALA A 4 -16.20 21.90 31.70
C ALA A 4 -16.57 21.16 32.98
N ALA A 5 -17.43 20.17 32.88
CA ALA A 5 -17.84 19.41 34.09
C ALA A 5 -16.59 18.81 34.76
N SER A 6 -16.67 18.53 36.03
CA SER A 6 -15.50 17.95 36.74
C SER A 6 -15.04 16.69 35.99
N GLY A 7 -13.93 16.13 36.39
CA GLY A 7 -13.43 14.91 35.70
C GLY A 7 -12.52 15.32 34.54
N GLU A 8 -12.04 14.37 33.77
CA GLU A 8 -11.15 14.71 32.63
C GLU A 8 -11.55 13.88 31.41
N GLN A 9 -11.21 14.34 30.23
CA GLN A 9 -11.57 13.59 29.00
C GLN A 9 -10.34 13.50 28.08
N ALA A 10 -10.50 12.91 26.93
CA ALA A 10 -9.35 12.79 25.98
C ALA A 10 -9.86 13.00 24.56
N PRO A 11 -9.04 13.54 23.69
CA PRO A 11 -9.41 13.77 22.27
C PRO A 11 -9.39 12.48 21.48
N CYS A 12 -9.22 12.54 20.20
CA CYS A 12 -9.16 11.28 19.41
C CYS A 12 -7.70 10.96 19.14
N SER A 13 -7.43 9.87 18.49
CA SER A 13 -6.00 9.52 18.21
C SER A 13 -5.80 9.54 16.70
N VAL A 14 -4.61 9.80 16.27
CA VAL A 14 -4.35 9.86 14.82
C VAL A 14 -3.08 9.06 14.50
N TYR A 15 -3.14 8.23 13.50
CA TYR A 15 -1.95 7.45 13.11
C TYR A 15 -1.29 8.21 11.96
N PHE A 16 0.01 8.15 11.86
CA PHE A 16 0.69 8.92 10.77
C PHE A 16 1.28 7.99 9.72
N CYS A 17 1.05 8.29 8.47
CA CYS A 17 1.62 7.45 7.37
C CYS A 17 2.21 8.37 6.30
N GLY A 18 3.51 8.51 6.26
CA GLY A 18 4.15 9.40 5.25
C GLY A 18 5.38 8.72 4.65
N SER A 19 6.02 9.36 3.71
CA SER A 19 7.22 8.76 3.07
C SER A 19 8.41 8.81 4.04
N ILE A 20 8.98 7.68 4.36
CA ILE A 20 10.14 7.66 5.30
C ILE A 20 11.20 6.69 4.75
N ARG A 21 12.17 7.18 4.03
CA ARG A 21 13.21 6.27 3.46
C ARG A 21 14.61 6.81 3.78
N GLY A 22 14.70 7.87 4.55
CA GLY A 22 16.05 8.42 4.89
C GLY A 22 16.01 9.95 5.00
N GLY A 23 15.92 10.46 6.21
CA GLY A 23 15.87 11.95 6.42
C GLY A 23 15.46 12.69 5.16
N ARG A 24 14.33 13.35 5.17
CA ARG A 24 13.90 14.10 3.96
C ARG A 24 13.05 15.31 4.34
N GLU A 25 12.87 16.21 3.41
CA GLU A 25 12.03 17.42 3.70
C GLU A 25 10.66 16.94 4.16
N ASP A 26 10.16 15.91 3.55
CA ASP A 26 8.84 15.37 3.96
C ASP A 26 8.94 14.95 5.44
N GLN A 27 10.08 14.47 5.83
CA GLN A 27 10.27 14.05 7.25
C GLN A 27 10.09 15.28 8.14
N ALA A 28 10.72 16.38 7.79
CA ALA A 28 10.57 17.61 8.60
C ALA A 28 9.12 18.07 8.55
N LEU A 29 8.57 18.17 7.37
CA LEU A 29 7.15 18.60 7.24
C LEU A 29 6.27 17.63 8.03
N TYR A 30 6.63 16.38 8.05
CA TYR A 30 5.82 15.39 8.81
C TYR A 30 5.92 15.67 10.30
N ALA A 31 7.09 15.86 10.82
CA ALA A 31 7.20 16.12 12.27
C ALA A 31 6.36 17.36 12.62
N ARG A 32 6.34 18.35 11.77
CA ARG A 32 5.51 19.55 12.06
C ARG A 32 4.03 19.15 11.96
N ILE A 33 3.65 18.64 10.82
CA ILE A 33 2.23 18.22 10.65
C ILE A 33 1.87 17.32 11.82
N VAL A 34 2.74 16.41 12.14
CA VAL A 34 2.48 15.49 13.28
C VAL A 34 2.31 16.32 14.55
N SER A 35 2.96 17.45 14.63
CA SER A 35 2.82 18.30 15.84
C SER A 35 1.38 18.84 15.91
N ARG A 36 0.82 19.21 14.79
CA ARG A 36 -0.58 19.69 14.79
C ARG A 36 -1.48 18.55 15.25
N LEU A 37 -1.20 17.37 14.76
CA LEU A 37 -2.00 16.18 15.17
C LEU A 37 -1.84 16.01 16.67
N ARG A 38 -0.63 16.15 17.14
CA ARG A 38 -0.39 16.01 18.61
C ARG A 38 -1.27 17.02 19.35
N ARG A 39 -1.63 18.10 18.70
CA ARG A 39 -2.50 19.10 19.37
C ARG A 39 -3.98 18.70 19.22
N TYR A 40 -4.32 18.03 18.15
CA TYR A 40 -5.75 17.63 17.92
C TYR A 40 -6.08 16.33 18.67
N GLY A 41 -5.36 15.28 18.37
CA GLY A 41 -5.61 13.97 19.05
C GLY A 41 -4.27 13.41 19.49
N LYS A 42 -4.22 12.15 19.83
CA LYS A 42 -2.94 11.54 20.25
C LYS A 42 -2.22 10.99 19.02
N VAL A 43 -1.01 11.41 18.79
CA VAL A 43 -0.27 10.85 17.63
C VAL A 43 0.28 9.50 18.07
N LEU A 44 -0.33 8.45 17.63
CA LEU A 44 0.15 7.12 18.08
C LEU A 44 1.65 6.99 17.83
N THR A 45 2.36 6.35 18.73
CA THR A 45 3.83 6.20 18.58
C THR A 45 4.20 5.98 17.12
N GLU A 46 4.62 7.02 16.46
CA GLU A 46 5.01 6.91 15.02
C GLU A 46 6.46 7.38 14.87
N HIS A 47 7.36 6.48 14.59
CA HIS A 47 8.78 6.87 14.44
C HIS A 47 8.90 7.95 13.36
N VAL A 48 7.88 8.12 12.56
CA VAL A 48 7.95 9.14 11.47
C VAL A 48 8.60 10.43 11.98
N ALA A 49 7.88 11.23 12.70
CA ALA A 49 8.47 12.51 13.21
C ALA A 49 9.82 12.21 13.86
N ASP A 50 9.94 11.06 14.46
CA ASP A 50 11.23 10.68 15.10
C ASP A 50 12.02 9.81 14.13
N ALA A 51 11.72 9.92 12.86
CA ALA A 51 12.45 9.12 11.83
C ALA A 51 13.34 10.07 11.03
N GLU A 52 13.89 11.05 11.68
CA GLU A 52 14.77 12.01 10.97
C GLU A 52 16.09 12.16 11.74
N LEU A 53 16.09 11.80 13.00
CA LEU A 53 17.35 11.89 13.79
C LEU A 53 18.39 10.94 13.17
N GLU A 54 18.61 9.80 13.75
CA GLU A 54 19.57 8.83 13.16
C GLU A 54 19.11 8.52 11.73
N PRO A 55 19.98 7.96 10.91
CA PRO A 55 19.63 7.63 9.49
C PRO A 55 18.41 6.70 9.37
N LEU A 56 17.43 6.87 10.21
CA LEU A 56 16.22 6.01 10.13
C LEU A 56 16.63 4.53 10.09
N GLY A 57 15.79 3.69 9.54
CA GLY A 57 16.12 2.24 9.46
C GLY A 57 15.96 1.77 8.01
N GLU A 58 14.98 2.29 7.33
CA GLU A 58 14.76 1.89 5.91
C GLU A 58 16.10 1.90 5.17
N GLU A 59 17.06 2.61 5.68
CA GLU A 59 18.40 2.68 5.03
C GLU A 59 19.49 2.45 6.09
N ALA A 60 19.08 2.18 7.30
CA ALA A 60 20.07 1.95 8.39
C ALA A 60 19.53 0.89 9.36
N ALA A 61 20.22 0.65 10.45
CA ALA A 61 19.73 -0.37 11.43
C ALA A 61 18.82 0.30 12.46
N GLY A 62 17.90 -0.43 13.02
CA GLY A 62 16.99 0.18 14.04
C GLY A 62 15.86 -0.80 14.37
N GLY A 63 15.74 -1.86 13.63
CA GLY A 63 14.65 -2.84 13.91
C GLY A 63 13.47 -2.53 12.98
N ASP A 64 13.59 -2.88 11.73
CA ASP A 64 12.47 -2.61 10.79
C ASP A 64 11.20 -3.23 11.36
N GLN A 65 11.33 -4.37 12.00
CA GLN A 65 10.14 -5.02 12.60
C GLN A 65 9.56 -4.10 13.68
N PHE A 66 10.40 -3.58 14.53
CA PHE A 66 9.90 -2.68 15.61
C PHE A 66 9.07 -1.55 14.97
N ILE A 67 9.48 -1.11 13.82
CA ILE A 67 8.71 -0.02 13.14
C ILE A 67 7.36 -0.59 12.70
N HIS A 68 7.36 -1.68 12.01
CA HIS A 68 6.08 -2.29 11.54
C HIS A 68 5.23 -2.73 12.73
N GLU A 69 5.81 -3.40 13.69
CA GLU A 69 5.01 -3.85 14.85
C GLU A 69 4.27 -2.67 15.48
N GLN A 70 4.98 -1.63 15.83
CA GLN A 70 4.31 -0.46 16.46
C GLN A 70 3.51 0.30 15.40
N ASP A 71 4.04 0.44 14.22
CA ASP A 71 3.32 1.21 13.15
C ASP A 71 2.02 0.49 12.75
N LEU A 72 2.12 -0.76 12.41
CA LEU A 72 0.91 -1.52 11.97
C LEU A 72 -0.06 -1.75 13.14
N ASN A 73 0.44 -2.07 14.30
CA ASN A 73 -0.48 -2.32 15.44
C ASN A 73 -1.22 -1.04 15.82
N TRP A 74 -0.50 0.01 16.06
CA TRP A 74 -1.18 1.29 16.44
C TRP A 74 -2.06 1.73 15.27
N LEU A 75 -1.57 1.64 14.07
CA LEU A 75 -2.40 2.03 12.90
C LEU A 75 -3.71 1.27 12.99
N GLN A 76 -3.67 0.05 13.43
CA GLN A 76 -4.91 -0.75 13.52
C GLN A 76 -5.75 -0.29 14.72
N GLN A 77 -5.14 0.27 15.72
CA GLN A 77 -5.94 0.74 16.90
C GLN A 77 -6.19 2.24 16.77
N ALA A 78 -5.79 2.81 15.66
CA ALA A 78 -5.98 4.28 15.45
C ALA A 78 -7.44 4.69 15.40
N ASP A 79 -7.81 5.69 16.17
CA ASP A 79 -9.21 6.20 16.13
C ASP A 79 -9.34 7.02 14.85
N VAL A 80 -8.28 7.70 14.49
CA VAL A 80 -8.27 8.51 13.24
C VAL A 80 -6.96 8.23 12.51
N VAL A 81 -6.84 8.65 11.29
CA VAL A 81 -5.57 8.39 10.55
C VAL A 81 -5.30 9.49 9.51
N VAL A 82 -4.06 9.89 9.39
CA VAL A 82 -3.68 10.93 8.40
C VAL A 82 -2.46 10.44 7.63
N ALA A 83 -2.39 10.73 6.36
CA ALA A 83 -1.23 10.26 5.56
C ALA A 83 -0.96 11.20 4.39
N GLU A 84 0.24 11.21 3.90
CA GLU A 84 0.59 12.07 2.73
C GLU A 84 1.15 11.19 1.62
N VAL A 85 0.57 11.25 0.46
CA VAL A 85 1.06 10.42 -0.68
C VAL A 85 1.49 11.33 -1.84
N THR A 86 1.82 12.55 -1.55
CA THR A 86 2.29 13.47 -2.62
C THR A 86 3.30 12.73 -3.49
N GLN A 87 4.55 12.76 -3.11
CA GLN A 87 5.59 12.05 -3.90
C GLN A 87 5.34 10.54 -3.76
N PRO A 88 5.38 9.80 -4.83
CA PRO A 88 5.16 8.34 -4.79
C PRO A 88 5.78 7.70 -3.53
N SER A 89 4.97 7.21 -2.63
CA SER A 89 5.51 6.60 -1.38
C SER A 89 5.14 5.10 -1.32
N LEU A 90 6.11 4.27 -1.06
CA LEU A 90 5.84 2.80 -0.98
C LEU A 90 5.24 2.44 0.38
N GLY A 91 5.92 2.77 1.44
CA GLY A 91 5.40 2.43 2.80
C GLY A 91 4.03 3.05 3.00
N VAL A 92 3.84 4.25 2.55
CA VAL A 92 2.51 4.91 2.71
C VAL A 92 1.46 4.15 1.91
N GLY A 93 1.82 3.67 0.75
CA GLY A 93 0.83 2.91 -0.06
C GLY A 93 0.31 1.72 0.76
N TYR A 94 1.20 1.04 1.43
CA TYR A 94 0.81 -0.12 2.26
C TYR A 94 -0.05 0.35 3.44
N GLU A 95 0.38 1.36 4.13
CA GLU A 95 -0.39 1.87 5.29
C GLU A 95 -1.77 2.34 4.82
N LEU A 96 -1.85 2.90 3.64
CA LEU A 96 -3.17 3.34 3.12
C LEU A 96 -4.02 2.12 2.82
N GLY A 97 -3.42 1.11 2.24
CA GLY A 97 -4.18 -0.13 1.91
C GLY A 97 -4.53 -0.86 3.21
N ARG A 98 -3.66 -0.83 4.17
CA ARG A 98 -3.93 -1.52 5.46
C ARG A 98 -5.11 -0.86 6.15
N ALA A 99 -5.15 0.45 6.21
CA ALA A 99 -6.31 1.09 6.88
C ALA A 99 -7.54 0.87 6.01
N VAL A 100 -7.38 0.93 4.73
CA VAL A 100 -8.54 0.71 3.84
C VAL A 100 -9.21 -0.59 4.27
N ALA A 101 -8.42 -1.58 4.54
CA ALA A 101 -8.96 -2.89 4.94
C ALA A 101 -9.60 -2.82 6.34
N LEU A 102 -8.95 -2.19 7.29
CA LEU A 102 -9.53 -2.10 8.66
C LEU A 102 -9.53 -0.65 9.15
N GLY A 103 -8.50 0.09 8.85
CA GLY A 103 -8.47 1.52 9.27
C GLY A 103 -9.50 2.25 8.43
N LYS A 104 -10.66 2.43 8.97
CA LYS A 104 -11.77 3.08 8.20
C LYS A 104 -11.45 4.54 7.87
N PRO A 105 -11.42 5.43 8.83
CA PRO A 105 -11.10 6.87 8.58
C PRO A 105 -9.68 7.05 8.03
N ILE A 106 -9.55 7.43 6.79
CA ILE A 106 -8.18 7.60 6.21
C ILE A 106 -8.07 8.89 5.40
N LEU A 107 -7.48 9.90 5.97
CA LEU A 107 -7.31 11.16 5.21
C LEU A 107 -5.96 11.09 4.49
N CYS A 108 -5.95 11.14 3.18
CA CYS A 108 -4.66 11.07 2.44
C CYS A 108 -4.41 12.43 1.78
N LEU A 109 -3.19 12.92 1.82
CA LEU A 109 -2.89 14.26 1.23
C LEU A 109 -1.89 14.14 0.07
N PHE A 110 -2.01 14.96 -0.92
CA PHE A 110 -1.04 14.92 -2.07
C PHE A 110 -0.90 16.34 -2.66
N ARG A 111 0.29 16.70 -3.05
CA ARG A 111 0.51 18.09 -3.59
C ARG A 111 1.04 18.04 -5.04
N PRO A 112 0.73 19.05 -5.82
CA PRO A 112 1.19 19.13 -7.24
C PRO A 112 2.70 19.38 -7.35
N GLN A 113 3.33 19.79 -6.28
CA GLN A 113 4.80 20.06 -6.33
C GLN A 113 5.56 18.74 -6.53
N SER A 114 5.11 17.67 -5.93
CA SER A 114 5.80 16.36 -6.10
C SER A 114 4.71 15.29 -6.17
N GLY A 115 3.50 15.70 -5.95
CA GLY A 115 2.33 14.77 -6.02
C GLY A 115 1.52 15.16 -7.24
N ARG A 116 1.70 14.46 -8.31
CA ARG A 116 0.99 14.79 -9.58
C ARG A 116 -0.23 13.89 -9.70
N VAL A 117 -0.01 12.61 -9.72
CA VAL A 117 -1.16 11.68 -9.82
C VAL A 117 -1.03 10.58 -8.77
N LEU A 118 -1.87 10.62 -7.79
CA LEU A 118 -1.83 9.56 -6.75
C LEU A 118 -1.94 8.21 -7.47
N SER A 119 -1.32 7.18 -6.96
CA SER A 119 -1.41 5.86 -7.65
C SER A 119 -2.86 5.60 -8.07
N ALA A 120 -3.05 4.94 -9.17
CA ALA A 120 -4.43 4.66 -9.65
C ALA A 120 -5.24 3.91 -8.59
N MET A 121 -4.64 2.96 -7.93
CA MET A 121 -5.39 2.19 -6.89
C MET A 121 -5.77 3.12 -5.75
N ILE A 122 -4.92 4.04 -5.38
CA ILE A 122 -5.26 4.96 -4.26
C ILE A 122 -6.44 5.84 -4.68
N ARG A 123 -6.40 6.40 -5.85
CA ARG A 123 -7.51 7.27 -6.31
C ARG A 123 -8.80 6.43 -6.41
N GLY A 124 -8.70 5.23 -6.90
CA GLY A 124 -9.91 4.38 -7.03
C GLY A 124 -10.50 4.08 -5.66
N ALA A 125 -9.67 3.89 -4.66
CA ALA A 125 -10.21 3.63 -3.29
C ALA A 125 -11.18 4.76 -2.96
N ALA A 126 -10.74 5.97 -3.19
CA ALA A 126 -11.56 7.18 -2.96
C ALA A 126 -12.95 6.85 -2.43
N ASP A 127 -13.09 6.66 -1.14
CA ASP A 127 -14.45 6.36 -0.59
C ASP A 127 -15.24 7.67 -0.51
N GLY A 128 -14.57 8.76 -0.23
CA GLY A 128 -15.26 10.08 -0.16
C GLY A 128 -15.92 10.27 1.21
N SER A 129 -16.20 9.20 1.91
CA SER A 129 -16.86 9.33 3.25
C SER A 129 -15.81 9.17 4.36
N ARG A 130 -14.98 8.18 4.25
CA ARG A 130 -13.93 7.96 5.30
C ARG A 130 -12.54 8.02 4.65
N PHE A 131 -12.39 7.40 3.51
CA PHE A 131 -11.07 7.44 2.81
C PHE A 131 -11.13 8.54 1.75
N GLN A 132 -10.16 9.42 1.71
CA GLN A 132 -10.23 10.50 0.68
C GLN A 132 -8.84 11.05 0.36
N VAL A 133 -8.73 11.71 -0.77
CA VAL A 133 -7.43 12.32 -1.19
C VAL A 133 -7.59 13.84 -1.26
N TRP A 134 -7.05 14.54 -0.30
CA TRP A 134 -7.18 16.04 -0.30
C TRP A 134 -5.89 16.67 -0.79
N ASP A 135 -5.99 17.74 -1.53
CA ASP A 135 -4.76 18.40 -2.05
C ASP A 135 -4.34 19.50 -1.09
N TYR A 136 -3.07 19.85 -1.08
CA TYR A 136 -2.62 20.91 -0.14
C TYR A 136 -1.19 21.33 -0.47
N ALA A 137 -0.57 22.04 0.43
CA ALA A 137 0.82 22.50 0.21
C ALA A 137 1.36 23.09 1.51
N GLU A 138 2.65 23.19 1.66
CA GLU A 138 3.23 23.74 2.92
C GLU A 138 2.73 25.18 3.13
N GLY A 139 1.55 25.49 2.64
CA GLY A 139 1.00 26.87 2.82
C GLY A 139 -0.48 26.78 3.23
N GLU A 140 -1.01 25.59 3.32
CA GLU A 140 -2.45 25.44 3.72
C GLU A 140 -2.69 24.05 4.31
N VAL A 141 -1.65 23.32 4.62
CA VAL A 141 -1.83 21.96 5.19
C VAL A 141 -2.77 22.07 6.40
N GLU A 142 -2.56 23.08 7.21
CA GLU A 142 -3.43 23.25 8.40
C GLU A 142 -4.88 23.36 7.95
N THR A 143 -5.12 24.00 6.84
CA THR A 143 -6.53 24.15 6.36
C THR A 143 -7.08 22.78 5.97
N MET A 144 -6.31 21.99 5.27
CA MET A 144 -6.80 20.65 4.86
C MET A 144 -7.29 19.94 6.12
N LEU A 145 -6.48 19.94 7.15
CA LEU A 145 -6.90 19.29 8.41
C LEU A 145 -7.99 20.12 9.08
N ASP A 146 -7.99 21.41 8.87
CA ASP A 146 -9.02 22.27 9.52
C ASP A 146 -10.39 21.95 8.93
N ARG A 147 -10.48 21.72 7.64
CA ARG A 147 -11.80 21.41 7.04
C ARG A 147 -12.21 19.99 7.45
N TYR A 148 -11.33 19.04 7.28
CA TYR A 148 -11.67 17.65 7.65
C TYR A 148 -12.06 17.59 9.12
N PHE A 149 -11.30 18.19 9.97
CA PHE A 149 -11.63 18.13 11.41
C PHE A 149 -12.77 19.09 11.74
N GLU A 150 -12.88 20.19 11.05
CA GLU A 150 -14.01 21.09 11.33
C GLU A 150 -15.26 20.24 11.12
N ALA A 151 -15.13 19.25 10.29
CA ALA A 151 -16.28 18.34 10.03
C ALA A 151 -16.51 17.47 11.28
N TYR A 152 -15.54 17.39 12.15
CA TYR A 152 -15.72 16.55 13.38
C TYR A 152 -14.49 16.64 14.30
N LEU A 153 -14.63 17.36 15.37
CA LEU A 153 -13.52 17.47 16.36
C LEU A 153 -13.92 18.46 17.47
N PRO A 154 -14.29 19.66 17.12
CA PRO A 154 -14.69 20.69 18.13
C PRO A 154 -15.95 20.24 18.90
N GLN A 155 -16.62 19.24 18.40
CA GLN A 155 -17.84 18.75 19.10
C GLN A 155 -17.46 18.09 20.43
N LYS A 156 -16.46 17.25 20.42
CA LYS A 156 -16.05 16.58 21.69
C LYS A 156 -15.64 17.63 22.72
N THR A 157 -15.02 18.69 22.28
CA THR A 157 -14.59 19.74 23.24
C THR A 157 -15.82 20.34 23.93
N ALA A 158 -16.87 20.55 23.20
CA ALA A 158 -18.10 21.13 23.82
C ALA A 158 -18.79 20.07 24.70
N SER A 159 -18.54 18.82 24.44
CA SER A 159 -19.17 17.74 25.26
C SER A 159 -18.52 17.71 26.65
N SER A 160 -19.21 17.15 27.62
CA SER A 160 -18.62 17.07 28.99
C SER A 160 -19.05 15.76 29.65
N SER A 161 -18.35 15.35 30.67
CA SER A 161 -18.71 14.07 31.35
C SER A 161 -20.12 14.20 31.97
N HIS A 162 -20.46 15.39 32.41
CA HIS A 162 -21.81 15.59 33.03
C HIS A 162 -22.50 16.80 32.38
N PRO A 163 -23.05 16.62 31.21
CA PRO A 163 -23.74 17.71 30.47
C PRO A 163 -25.18 17.94 30.97
N SER A 164 -25.75 16.95 31.60
CA SER A 164 -27.14 17.09 32.11
C SER A 164 -28.02 17.69 31.01
N ALA A 165 -29.15 18.23 31.37
CA ALA A 165 -30.06 18.81 30.33
C ALA A 165 -31.17 19.61 31.02
N MET B 3 -1.32 -39.54 -20.49
CA MET B 3 -2.68 -39.29 -21.03
C MET B 3 -3.60 -38.78 -19.91
N ALA B 4 -3.94 -37.53 -19.94
CA ALA B 4 -4.83 -36.97 -18.88
C ALA B 4 -6.25 -37.52 -19.06
N ALA B 5 -6.98 -37.67 -17.99
CA ALA B 5 -8.37 -38.20 -18.12
C ALA B 5 -9.18 -37.30 -19.05
N SER B 6 -10.23 -37.82 -19.64
CA SER B 6 -11.05 -36.98 -20.56
C SER B 6 -11.50 -35.72 -19.83
N GLY B 7 -12.12 -34.81 -20.52
CA GLY B 7 -12.57 -33.55 -19.86
C GLY B 7 -11.44 -32.51 -19.93
N GLU B 8 -11.64 -31.36 -19.34
CA GLU B 8 -10.58 -30.30 -19.37
C GLU B 8 -10.45 -29.67 -17.99
N GLN B 9 -9.33 -29.06 -17.71
CA GLN B 9 -9.12 -28.41 -16.39
C GLN B 9 -8.53 -27.02 -16.59
N ALA B 10 -8.24 -26.34 -15.51
CA ALA B 10 -7.65 -24.98 -15.63
C ALA B 10 -6.60 -24.79 -14.53
N PRO B 11 -5.58 -24.02 -14.78
CA PRO B 11 -4.51 -23.75 -13.79
C PRO B 11 -4.99 -22.78 -12.72
N CYS B 12 -4.09 -22.08 -12.08
CA CYS B 12 -4.53 -21.09 -11.05
C CYS B 12 -4.52 -19.72 -11.69
N SER B 13 -4.91 -18.71 -10.97
CA SER B 13 -4.90 -17.34 -11.55
C SER B 13 -3.91 -16.50 -10.79
N VAL B 14 -3.35 -15.50 -11.42
CA VAL B 14 -2.36 -14.65 -10.73
C VAL B 14 -2.67 -13.19 -10.98
N TYR B 15 -2.67 -12.40 -9.95
CA TYR B 15 -2.93 -10.95 -10.13
C TYR B 15 -1.58 -10.25 -10.21
N PHE B 16 -1.47 -9.21 -10.97
CA PHE B 16 -0.15 -8.53 -11.11
C PHE B 16 -0.14 -7.17 -10.42
N CYS B 17 0.87 -6.90 -9.65
CA CYS B 17 0.99 -5.58 -8.96
C CYS B 17 2.42 -5.05 -9.12
N GLY B 18 2.62 -4.11 -10.01
CA GLY B 18 4.00 -3.56 -10.22
C GLY B 18 3.94 -2.04 -10.34
N SER B 19 5.08 -1.40 -10.48
CA SER B 19 5.09 0.09 -10.59
C SER B 19 4.57 0.51 -11.97
N ILE B 20 3.56 1.31 -12.00
CA ILE B 20 3.00 1.78 -13.31
C ILE B 20 2.68 3.27 -13.21
N ARG B 21 3.58 4.12 -13.64
CA ARG B 21 3.32 5.59 -13.56
C ARG B 21 3.61 6.25 -14.91
N GLY B 22 3.93 5.49 -15.91
CA GLY B 22 4.21 6.11 -17.24
C GLY B 22 5.30 5.33 -17.98
N GLY B 23 4.91 4.47 -18.89
CA GLY B 23 5.88 3.66 -19.70
C GLY B 23 7.24 3.59 -19.00
N ARG B 24 7.67 2.43 -18.59
CA ARG B 24 8.99 2.32 -17.92
C ARG B 24 9.61 0.95 -18.16
N GLU B 25 10.89 0.83 -17.90
CA GLU B 25 11.57 -0.48 -18.10
C GLU B 25 10.82 -1.52 -17.28
N ASP B 26 10.41 -1.16 -16.10
CA ASP B 26 9.64 -2.10 -15.25
C ASP B 26 8.39 -2.51 -16.00
N GLN B 27 7.83 -1.61 -16.77
CA GLN B 27 6.61 -1.94 -17.54
C GLN B 27 6.96 -3.05 -18.54
N ALA B 28 8.05 -2.90 -19.24
CA ALA B 28 8.46 -3.95 -20.21
C ALA B 28 8.75 -5.24 -19.45
N LEU B 29 9.56 -5.16 -18.44
CA LEU B 29 9.88 -6.37 -17.63
C LEU B 29 8.58 -6.97 -17.10
N TYR B 30 7.64 -6.14 -16.76
CA TYR B 30 6.35 -6.66 -16.23
C TYR B 30 5.60 -7.40 -17.33
N ALA B 31 5.49 -6.84 -18.49
CA ALA B 31 4.75 -7.55 -19.56
C ALA B 31 5.42 -8.91 -19.80
N ARG B 32 6.72 -8.99 -19.74
CA ARG B 32 7.40 -10.30 -19.93
C ARG B 32 7.07 -11.20 -18.73
N ILE B 33 7.40 -10.74 -17.55
CA ILE B 33 7.10 -11.53 -16.34
C ILE B 33 5.64 -11.94 -16.39
N VAL B 34 4.79 -11.01 -16.72
CA VAL B 34 3.34 -11.31 -16.81
C VAL B 34 3.13 -12.42 -17.87
N SER B 35 3.97 -12.47 -18.86
CA SER B 35 3.83 -13.53 -19.90
C SER B 35 4.10 -14.89 -19.26
N ARG B 36 5.08 -14.97 -18.39
CA ARG B 36 5.36 -16.26 -17.71
C ARG B 36 4.14 -16.64 -16.88
N LEU B 37 3.59 -15.66 -16.21
CA LEU B 37 2.37 -15.93 -15.40
C LEU B 37 1.27 -16.41 -16.34
N ARG B 38 1.14 -15.77 -17.47
CA ARG B 38 0.11 -16.21 -18.46
C ARG B 38 0.34 -17.68 -18.79
N ARG B 39 1.55 -18.15 -18.66
CA ARG B 39 1.83 -19.59 -18.97
C ARG B 39 1.53 -20.45 -17.73
N TYR B 40 1.69 -19.90 -16.57
CA TYR B 40 1.46 -20.70 -15.32
C TYR B 40 -0.03 -20.71 -14.95
N GLY B 41 -0.60 -19.56 -14.74
CA GLY B 41 -2.03 -19.46 -14.39
C GLY B 41 -2.68 -18.38 -15.26
N LYS B 42 -3.84 -17.93 -14.91
CA LYS B 42 -4.50 -16.88 -15.72
C LYS B 42 -4.09 -15.51 -15.17
N VAL B 43 -3.54 -14.67 -16.01
CA VAL B 43 -3.17 -13.31 -15.52
C VAL B 43 -4.45 -12.49 -15.53
N LEU B 44 -5.01 -12.26 -14.38
CA LEU B 44 -6.27 -11.50 -14.34
C LEU B 44 -6.11 -10.19 -15.10
N THR B 45 -7.15 -9.79 -15.81
CA THR B 45 -7.08 -8.53 -16.61
C THR B 45 -6.27 -7.47 -15.86
N GLU B 46 -5.03 -7.31 -16.22
CA GLU B 46 -4.17 -6.29 -15.54
C GLU B 46 -3.62 -5.35 -16.60
N HIS B 47 -4.07 -4.12 -16.60
CA HIS B 47 -3.58 -3.15 -17.61
C HIS B 47 -2.06 -3.04 -17.53
N VAL B 48 -1.47 -3.52 -16.46
CA VAL B 48 0.01 -3.44 -16.32
C VAL B 48 0.70 -3.76 -17.65
N ALA B 49 0.80 -5.01 -18.00
CA ALA B 49 1.47 -5.37 -19.28
C ALA B 49 0.90 -4.51 -20.40
N ASP B 50 -0.35 -4.18 -20.31
CA ASP B 50 -0.98 -3.33 -21.36
C ASP B 50 -0.97 -1.88 -20.87
N ALA B 51 -0.07 -1.56 -19.97
CA ALA B 51 0.03 -0.16 -19.45
C ALA B 51 1.32 0.46 -19.98
N GLU B 52 1.68 0.12 -21.18
CA GLU B 52 2.92 0.69 -21.77
C GLU B 52 2.61 1.27 -23.15
N LEU B 53 1.53 0.85 -23.75
CA LEU B 53 1.16 1.40 -25.08
C LEU B 53 0.90 2.90 -24.93
N GLU B 54 -0.33 3.32 -24.90
CA GLU B 54 -0.62 4.76 -24.72
C GLU B 54 0.04 5.22 -23.42
N PRO B 55 0.19 6.50 -23.22
CA PRO B 55 0.84 7.05 -21.99
C PRO B 55 0.14 6.61 -20.69
N LEU B 56 -0.34 5.40 -20.64
CA LEU B 56 -1.02 4.90 -19.41
C LEU B 56 -2.08 5.91 -18.97
N GLY B 57 -2.41 5.90 -17.70
CA GLY B 57 -3.45 6.86 -17.19
C GLY B 57 -2.88 7.62 -16.00
N GLU B 58 -2.09 6.96 -15.19
CA GLU B 58 -1.49 7.63 -14.00
C GLU B 58 -0.92 8.99 -14.43
N GLU B 59 -0.67 9.16 -15.70
CA GLU B 59 -0.12 10.45 -16.20
C GLU B 59 -0.91 10.89 -17.44
N ALA B 60 -1.93 10.14 -17.79
CA ALA B 60 -2.75 10.50 -18.98
C ALA B 60 -4.21 10.10 -18.71
N ALA B 61 -5.06 10.22 -19.70
CA ALA B 61 -6.49 9.86 -19.51
C ALA B 61 -6.70 8.39 -19.87
N GLY B 62 -7.67 7.76 -19.25
CA GLY B 62 -7.92 6.32 -19.56
C GLY B 62 -8.94 5.74 -18.58
N GLY B 63 -9.28 6.48 -17.56
CA GLY B 63 -10.27 5.96 -16.58
C GLY B 63 -9.51 5.36 -15.39
N ASP B 64 -8.96 6.19 -14.55
CA ASP B 64 -8.22 5.67 -13.38
C ASP B 64 -9.13 4.70 -12.62
N GLN B 65 -10.40 5.03 -12.57
CA GLN B 65 -11.36 4.14 -11.86
C GLN B 65 -11.40 2.79 -12.57
N PHE B 66 -11.50 2.79 -13.87
CA PHE B 66 -11.54 1.50 -14.62
C PHE B 66 -10.33 0.65 -14.22
N ILE B 67 -9.21 1.29 -13.99
CA ILE B 67 -7.99 0.54 -13.58
C ILE B 67 -8.23 -0.03 -12.18
N HIS B 68 -8.61 0.79 -11.25
CA HIS B 68 -8.84 0.30 -9.86
C HIS B 68 -10.00 -0.70 -9.82
N GLU B 69 -11.10 -0.39 -10.47
CA GLU B 69 -12.25 -1.33 -10.44
C GLU B 69 -11.79 -2.72 -10.89
N GLN B 70 -11.20 -2.82 -12.06
CA GLN B 70 -10.74 -4.16 -12.53
C GLN B 70 -9.52 -4.62 -11.73
N ASP B 71 -8.63 -3.74 -11.43
CA ASP B 71 -7.40 -4.13 -10.67
C ASP B 71 -7.76 -4.60 -9.25
N LEU B 72 -8.48 -3.80 -8.52
CA LEU B 72 -8.85 -4.17 -7.13
C LEU B 72 -9.84 -5.34 -7.10
N ASN B 73 -10.80 -5.36 -7.98
CA ASN B 73 -11.79 -6.47 -7.96
C ASN B 73 -11.10 -7.79 -8.30
N TRP B 74 -10.41 -7.84 -9.40
CA TRP B 74 -9.73 -9.12 -9.78
C TRP B 74 -8.68 -9.44 -8.71
N LEU B 75 -7.95 -8.47 -8.25
CA LEU B 75 -6.95 -8.74 -7.19
C LEU B 75 -7.66 -9.42 -6.04
N GLN B 76 -8.87 -9.04 -5.78
CA GLN B 76 -9.62 -9.67 -4.66
C GLN B 76 -10.09 -11.07 -5.06
N GLN B 77 -10.28 -11.32 -6.32
CA GLN B 77 -10.74 -12.69 -6.74
C GLN B 77 -9.52 -13.51 -7.18
N ALA B 78 -8.34 -12.96 -7.03
CA ALA B 78 -7.11 -13.66 -7.47
C ALA B 78 -6.84 -14.94 -6.68
N ASP B 79 -6.61 -16.03 -7.37
CA ASP B 79 -6.28 -17.30 -6.69
C ASP B 79 -4.84 -17.19 -6.21
N VAL B 80 -4.02 -16.53 -7.00
CA VAL B 80 -2.59 -16.31 -6.62
C VAL B 80 -2.25 -14.84 -6.90
N VAL B 81 -1.14 -14.37 -6.42
CA VAL B 81 -0.78 -12.94 -6.68
C VAL B 81 0.74 -12.76 -6.73
N VAL B 82 1.19 -11.94 -7.64
CA VAL B 82 2.65 -11.67 -7.76
C VAL B 82 2.85 -10.16 -7.86
N ALA B 83 3.91 -9.65 -7.28
CA ALA B 83 4.13 -8.18 -7.33
C ALA B 83 5.61 -7.86 -7.23
N GLU B 84 6.00 -6.72 -7.72
CA GLU B 84 7.44 -6.31 -7.64
C GLU B 84 7.52 -4.97 -6.92
N VAL B 85 8.30 -4.89 -5.87
CA VAL B 85 8.42 -3.61 -5.11
C VAL B 85 9.88 -3.16 -5.11
N THR B 86 10.65 -3.60 -6.07
CA THR B 86 12.08 -3.18 -6.14
C THR B 86 12.14 -1.66 -5.92
N GLN B 87 12.00 -0.90 -6.97
CA GLN B 87 12.03 0.57 -6.83
C GLN B 87 10.77 1.01 -6.07
N PRO B 88 10.90 1.87 -5.09
CA PRO B 88 9.74 2.34 -4.29
C PRO B 88 8.48 2.53 -5.16
N SER B 89 7.49 1.72 -4.95
CA SER B 89 6.24 1.83 -5.78
C SER B 89 5.05 2.19 -4.88
N LEU B 90 4.29 3.18 -5.28
CA LEU B 90 3.12 3.61 -4.47
C LEU B 90 1.92 2.69 -4.74
N GLY B 91 1.53 2.57 -5.98
CA GLY B 91 0.36 1.70 -6.30
C GLY B 91 0.62 0.28 -5.82
N VAL B 92 1.82 -0.20 -5.97
CA VAL B 92 2.12 -1.59 -5.53
C VAL B 92 2.01 -1.68 -4.01
N GLY B 93 2.40 -0.64 -3.31
CA GLY B 93 2.30 -0.67 -1.83
C GLY B 93 0.83 -0.91 -1.44
N TYR B 94 -0.06 -0.23 -2.11
CA TYR B 94 -1.52 -0.38 -1.82
C TYR B 94 -1.97 -1.79 -2.21
N GLU B 95 -1.61 -2.25 -3.38
CA GLU B 95 -2.03 -3.60 -3.81
C GLU B 95 -1.45 -4.65 -2.86
N LEU B 96 -0.27 -4.41 -2.35
CA LEU B 96 0.33 -5.39 -1.39
C LEU B 96 -0.46 -5.34 -0.09
N GLY B 97 -0.80 -4.16 0.36
CA GLY B 97 -1.58 -4.03 1.61
C GLY B 97 -3.00 -4.56 1.39
N ARG B 98 -3.55 -4.34 0.23
CA ARG B 98 -4.92 -4.83 -0.04
C ARG B 98 -4.94 -6.36 -0.01
N ALA B 99 -3.99 -7.00 -0.63
CA ALA B 99 -4.00 -8.49 -0.60
C ALA B 99 -3.68 -8.94 0.83
N VAL B 100 -2.80 -8.24 1.48
CA VAL B 100 -2.46 -8.61 2.87
C VAL B 100 -3.77 -8.73 3.65
N ALA B 101 -4.64 -7.79 3.43
CA ALA B 101 -5.95 -7.78 4.14
C ALA B 101 -6.84 -8.96 3.68
N LEU B 102 -6.93 -9.19 2.40
CA LEU B 102 -7.78 -10.31 1.89
C LEU B 102 -7.00 -11.19 0.92
N GLY B 103 -6.17 -10.62 0.11
CA GLY B 103 -5.35 -11.43 -0.83
C GLY B 103 -4.31 -12.16 0.00
N LYS B 104 -4.59 -13.37 0.34
CA LYS B 104 -3.68 -14.16 1.22
C LYS B 104 -2.34 -14.42 0.53
N PRO B 105 -2.29 -15.25 -0.49
CA PRO B 105 -1.01 -15.54 -1.20
C PRO B 105 -0.43 -14.29 -1.87
N ILE B 106 0.68 -13.78 -1.39
CA ILE B 106 1.25 -12.55 -2.00
C ILE B 106 2.77 -12.68 -2.17
N LEU B 107 3.21 -12.95 -3.37
CA LEU B 107 4.68 -13.04 -3.60
C LEU B 107 5.17 -11.65 -4.00
N CYS B 108 6.05 -11.06 -3.23
CA CYS B 108 6.56 -9.71 -3.59
C CYS B 108 8.04 -9.83 -3.99
N LEU B 109 8.46 -9.15 -5.03
CA LEU B 109 9.87 -9.26 -5.48
C LEU B 109 10.58 -7.90 -5.38
N PHE B 110 11.87 -7.90 -5.07
CA PHE B 110 12.62 -6.62 -5.00
C PHE B 110 14.09 -6.88 -5.39
N ARG B 111 14.69 -5.96 -6.09
CA ARG B 111 16.10 -6.17 -6.55
C ARG B 111 17.03 -5.09 -5.99
N PRO B 112 18.29 -5.41 -5.78
CA PRO B 112 19.30 -4.44 -5.25
C PRO B 112 19.64 -3.34 -6.28
N GLN B 113 19.30 -3.55 -7.53
CA GLN B 113 19.62 -2.53 -8.57
C GLN B 113 18.81 -1.26 -8.33
N SER B 114 17.58 -1.38 -7.90
CA SER B 114 16.74 -0.18 -7.64
C SER B 114 15.90 -0.49 -6.40
N GLY B 115 16.00 -1.72 -5.93
CA GLY B 115 15.25 -2.14 -4.71
C GLY B 115 16.30 -2.36 -3.63
N ARG B 116 16.46 -1.42 -2.77
CA ARG B 116 17.49 -1.51 -1.70
C ARG B 116 16.82 -1.98 -0.42
N VAL B 117 15.87 -1.22 0.05
CA VAL B 117 15.16 -1.64 1.28
C VAL B 117 13.65 -1.52 1.07
N LEU B 118 12.99 -2.64 1.00
CA LEU B 118 11.52 -2.61 0.83
C LEU B 118 10.95 -1.75 1.98
N SER B 119 9.89 -1.04 1.75
CA SER B 119 9.31 -0.19 2.83
C SER B 119 9.30 -0.98 4.14
N ALA B 120 9.49 -0.32 5.24
CA ALA B 120 9.52 -1.03 6.55
C ALA B 120 8.21 -1.79 6.77
N MET B 121 7.09 -1.20 6.44
CA MET B 121 5.80 -1.91 6.65
C MET B 121 5.73 -3.16 5.77
N ILE B 122 6.25 -3.09 4.57
CA ILE B 122 6.21 -4.29 3.69
C ILE B 122 7.07 -5.39 4.30
N ARG B 123 8.26 -5.07 4.72
CA ARG B 123 9.15 -6.10 5.32
C ARG B 123 8.50 -6.64 6.59
N GLY B 124 7.91 -5.80 7.39
CA GLY B 124 7.27 -6.27 8.64
C GLY B 124 6.12 -7.23 8.32
N ALA B 125 5.38 -6.98 7.27
CA ALA B 125 4.26 -7.90 6.92
C ALA B 125 4.86 -9.31 6.82
N ALA B 126 5.95 -9.40 6.11
CA ALA B 126 6.68 -10.70 5.93
C ALA B 126 6.00 -11.86 6.67
N ASP B 127 5.01 -12.46 6.08
CA ASP B 127 4.35 -13.62 6.74
C ASP B 127 5.25 -14.84 6.60
N GLY B 128 5.92 -14.97 5.50
CA GLY B 128 6.84 -16.13 5.29
C GLY B 128 6.06 -17.35 4.80
N SER B 129 4.77 -17.40 5.05
CA SER B 129 3.97 -18.58 4.60
C SER B 129 3.19 -18.22 3.33
N ARG B 130 2.56 -17.08 3.31
CA ARG B 130 1.79 -16.67 2.10
C ARG B 130 2.34 -15.35 1.58
N PHE B 131 2.61 -14.41 2.45
CA PHE B 131 3.17 -13.10 2.00
C PHE B 131 4.68 -13.16 2.18
N GLN B 132 5.44 -12.80 1.17
CA GLN B 132 6.92 -12.87 1.34
C GLN B 132 7.63 -11.91 0.38
N VAL B 133 8.87 -11.60 0.68
CA VAL B 133 9.68 -10.70 -0.18
C VAL B 133 10.87 -11.48 -0.74
N TRP B 134 10.82 -11.84 -2.01
CA TRP B 134 11.95 -12.62 -2.61
C TRP B 134 12.83 -11.70 -3.43
N ASP B 135 14.11 -11.92 -3.41
CA ASP B 135 15.03 -11.04 -4.20
C ASP B 135 15.26 -11.66 -5.58
N TYR B 136 15.60 -10.87 -6.56
CA TYR B 136 15.82 -11.44 -7.91
C TYR B 136 16.45 -10.39 -8.83
N ALA B 137 16.44 -10.66 -10.11
CA ALA B 137 17.02 -9.70 -11.09
C ALA B 137 16.65 -10.17 -12.49
N GLU B 138 16.71 -9.30 -13.46
CA GLU B 138 16.35 -9.70 -14.86
C GLU B 138 17.28 -10.83 -15.33
N GLY B 139 17.77 -11.63 -14.42
CA GLY B 139 18.66 -12.77 -14.81
C GLY B 139 18.24 -14.04 -14.07
N GLU B 140 17.26 -13.95 -13.22
CA GLU B 140 16.80 -15.16 -12.46
C GLU B 140 15.34 -14.99 -12.02
N VAL B 141 14.66 -14.00 -12.54
CA VAL B 141 13.24 -13.79 -12.15
C VAL B 141 12.49 -15.11 -12.31
N GLU B 142 12.73 -15.78 -13.40
CA GLU B 142 12.05 -17.08 -13.64
C GLU B 142 12.33 -18.03 -12.48
N THR B 143 13.53 -17.98 -11.96
CA THR B 143 13.86 -18.89 -10.82
C THR B 143 13.04 -18.52 -9.59
N MET B 144 12.93 -17.24 -9.30
CA MET B 144 12.14 -16.82 -8.12
C MET B 144 10.76 -17.45 -8.24
N LEU B 145 10.15 -17.32 -9.38
CA LEU B 145 8.81 -17.92 -9.58
C LEU B 145 8.95 -19.45 -9.66
N ASP B 146 10.06 -19.94 -10.15
CA ASP B 146 10.23 -21.41 -10.25
C ASP B 146 10.28 -22.03 -8.86
N ARG B 147 10.94 -21.39 -7.92
CA ARG B 147 11.00 -21.97 -6.55
C ARG B 147 9.63 -21.83 -5.89
N TYR B 148 9.09 -20.65 -5.91
CA TYR B 148 7.76 -20.44 -5.28
C TYR B 148 6.74 -21.40 -5.88
N PHE B 149 6.70 -21.50 -7.18
CA PHE B 149 5.70 -22.40 -7.80
C PHE B 149 6.15 -23.84 -7.71
N GLU B 150 7.43 -24.11 -7.72
CA GLU B 150 7.85 -25.51 -7.57
C GLU B 150 7.28 -25.98 -6.25
N ALA B 151 7.06 -25.04 -5.36
CA ALA B 151 6.46 -25.37 -4.04
C ALA B 151 4.99 -25.73 -4.25
N TYR B 152 4.42 -25.37 -5.38
CA TYR B 152 2.99 -25.69 -5.61
C TYR B 152 2.53 -25.22 -7.01
N LEU B 153 2.38 -26.15 -7.90
CA LEU B 153 1.89 -25.82 -9.27
C LEU B 153 1.89 -27.08 -10.13
N PRO B 154 3.02 -27.75 -10.25
CA PRO B 154 3.11 -29.00 -11.06
C PRO B 154 2.21 -30.10 -10.52
N GLN B 155 1.73 -29.93 -9.32
CA GLN B 155 0.83 -30.96 -8.72
C GLN B 155 -0.51 -30.98 -9.46
N LYS B 156 -1.07 -29.84 -9.73
CA LYS B 156 -2.38 -29.81 -10.45
C LYS B 156 -2.22 -30.45 -11.83
N THR B 157 -1.10 -30.25 -12.46
CA THR B 157 -0.89 -30.86 -13.81
C THR B 157 -0.97 -32.38 -13.70
N ALA B 158 -0.40 -32.95 -12.67
CA ALA B 158 -0.43 -34.43 -12.52
C ALA B 158 -1.85 -34.87 -12.12
N SER B 159 -2.62 -34.00 -11.55
CA SER B 159 -4.00 -34.37 -11.14
C SER B 159 -4.89 -34.51 -12.38
N SER B 160 -5.98 -35.22 -12.26
CA SER B 160 -6.89 -35.38 -13.43
C SER B 160 -8.35 -35.42 -12.95
N SER B 161 -9.28 -35.18 -13.82
CA SER B 161 -10.72 -35.19 -13.41
C SER B 161 -11.10 -36.60 -12.94
N HIS B 162 -10.49 -37.61 -13.51
CA HIS B 162 -10.81 -39.01 -13.12
C HIS B 162 -9.52 -39.78 -12.85
N PRO B 163 -8.94 -39.59 -11.70
CA PRO B 163 -7.67 -40.27 -11.31
C PRO B 163 -7.92 -41.69 -10.78
N SER B 164 -9.09 -41.96 -10.30
CA SER B 164 -9.39 -43.33 -9.78
C SER B 164 -8.27 -43.76 -8.83
N ALA B 165 -8.24 -45.02 -8.48
CA ALA B 165 -7.17 -45.51 -7.56
C ALA B 165 -5.85 -45.58 -8.33
N MET A 3 -5.39 15.34 41.09
CA MET A 3 -5.94 15.23 42.47
C MET A 3 -7.10 16.21 42.65
N ALA A 4 -7.96 15.97 43.61
CA ALA A 4 -9.10 16.89 43.83
C ALA A 4 -9.84 17.13 42.52
N ALA A 5 -9.81 16.17 41.62
CA ALA A 5 -10.51 16.35 40.32
C ALA A 5 -10.93 14.99 39.77
N SER A 6 -11.90 14.97 38.89
CA SER A 6 -12.36 13.67 38.31
C SER A 6 -12.83 13.91 36.88
N GLY A 7 -13.09 12.85 36.15
CA GLY A 7 -13.55 13.01 34.74
C GLY A 7 -12.35 13.17 33.81
N GLU A 8 -12.03 14.39 33.45
CA GLU A 8 -10.87 14.61 32.54
C GLU A 8 -10.95 13.63 31.37
N GLN A 9 -11.52 14.06 30.28
CA GLN A 9 -11.64 13.15 29.10
C GLN A 9 -10.39 13.27 28.23
N ALA A 10 -10.33 12.50 27.15
CA ALA A 10 -9.15 12.56 26.25
C ALA A 10 -9.63 12.73 24.81
N PRO A 11 -8.81 13.29 23.96
CA PRO A 11 -9.16 13.51 22.52
C PRO A 11 -9.05 12.22 21.72
N CYS A 12 -8.87 12.32 20.44
CA CYS A 12 -8.75 11.09 19.60
C CYS A 12 -7.27 10.85 19.34
N SER A 13 -6.92 9.79 18.67
CA SER A 13 -5.48 9.55 18.40
C SER A 13 -5.28 9.50 16.89
N VAL A 14 -4.44 10.35 16.39
CA VAL A 14 -4.19 10.39 14.94
C VAL A 14 -2.97 9.53 14.65
N TYR A 15 -3.07 8.66 13.69
CA TYR A 15 -1.89 7.81 13.35
C TYR A 15 -1.22 8.40 12.13
N PHE A 16 0.07 8.53 12.16
CA PHE A 16 0.77 9.12 11.00
C PHE A 16 1.09 8.03 9.99
N CYS A 17 0.53 8.12 8.82
CA CYS A 17 0.80 7.09 7.78
C CYS A 17 1.71 7.66 6.71
N GLY A 18 2.93 7.22 6.67
CA GLY A 18 3.89 7.75 5.65
C GLY A 18 5.20 6.96 5.77
N SER A 19 6.12 7.20 4.88
CA SER A 19 7.42 6.48 4.93
C SER A 19 8.52 7.49 5.26
N ILE A 20 9.65 7.04 5.74
CA ILE A 20 10.73 8.00 6.07
C ILE A 20 11.53 8.30 4.82
N ARG A 21 11.37 7.54 3.78
CA ARG A 21 12.12 7.84 2.53
C ARG A 21 11.91 9.32 2.22
N GLY A 22 10.85 9.65 1.55
CA GLY A 22 10.56 11.08 1.22
C GLY A 22 11.84 11.80 0.82
N GLY A 23 12.60 12.24 1.78
CA GLY A 23 13.88 12.96 1.50
C GLY A 23 14.28 13.68 2.77
N ARG A 24 14.05 13.06 3.90
CA ARG A 24 14.40 13.67 5.22
C ARG A 24 13.73 15.05 5.35
N GLU A 25 13.83 15.87 4.34
CA GLU A 25 13.16 17.20 4.42
C GLU A 25 11.69 16.94 4.68
N ASP A 26 11.14 15.93 4.06
CA ASP A 26 9.72 15.59 4.30
C ASP A 26 9.58 15.20 5.76
N GLN A 27 10.64 14.70 6.35
CA GLN A 27 10.58 14.33 7.78
C GLN A 27 10.34 15.60 8.57
N ALA A 28 11.03 16.66 8.21
CA ALA A 28 10.81 17.95 8.93
C ALA A 28 9.34 18.33 8.76
N LEU A 29 8.84 18.24 7.55
CA LEU A 29 7.41 18.57 7.31
C LEU A 29 6.55 17.62 8.17
N TYR A 30 6.97 16.39 8.30
CA TYR A 30 6.19 15.43 9.11
C TYR A 30 6.22 15.84 10.57
N ALA A 31 7.34 16.27 11.06
CA ALA A 31 7.40 16.66 12.48
C ALA A 31 6.46 17.86 12.70
N ARG A 32 6.42 18.77 11.78
CA ARG A 32 5.51 19.94 11.94
C ARG A 32 4.07 19.45 11.77
N ILE A 33 3.80 18.80 10.67
CA ILE A 33 2.43 18.27 10.44
C ILE A 33 2.06 17.41 11.64
N VAL A 34 2.97 16.58 12.05
CA VAL A 34 2.72 15.70 13.23
C VAL A 34 2.43 16.58 14.44
N SER A 35 2.99 17.75 14.47
CA SER A 35 2.74 18.66 15.62
C SER A 35 1.27 19.10 15.60
N ARG A 36 0.73 19.35 14.43
CA ARG A 36 -0.71 19.76 14.37
C ARG A 36 -1.58 18.56 14.75
N LEU A 37 -1.33 17.44 14.17
CA LEU A 37 -2.13 16.24 14.52
C LEU A 37 -1.98 16.03 16.02
N ARG A 38 -0.78 16.20 16.51
CA ARG A 38 -0.53 16.05 17.98
C ARG A 38 -1.37 17.06 18.75
N ARG A 39 -1.70 18.17 18.16
CA ARG A 39 -2.54 19.17 18.90
C ARG A 39 -3.99 18.70 18.92
N TYR A 40 -4.43 18.09 17.87
CA TYR A 40 -5.86 17.62 17.80
C TYR A 40 -6.08 16.42 18.73
N GLY A 41 -5.23 15.44 18.66
CA GLY A 41 -5.38 14.26 19.54
C GLY A 41 -4.00 13.69 19.84
N LYS A 42 -3.91 12.40 20.03
CA LYS A 42 -2.60 11.77 20.33
C LYS A 42 -1.98 11.23 19.04
N VAL A 43 -0.79 11.62 18.72
CA VAL A 43 -0.14 11.05 17.51
C VAL A 43 0.47 9.73 17.94
N LEU A 44 -0.17 8.64 17.65
CA LEU A 44 0.35 7.33 18.10
C LEU A 44 1.85 7.23 17.81
N THR A 45 2.57 6.49 18.63
CA THR A 45 4.04 6.35 18.41
C THR A 45 4.31 6.09 16.93
N GLU A 46 5.34 6.68 16.40
CA GLU A 46 5.65 6.48 14.97
C GLU A 46 7.10 6.87 14.70
N HIS A 47 7.81 6.07 13.98
CA HIS A 47 9.23 6.40 13.68
C HIS A 47 9.28 7.51 12.63
N VAL A 48 8.24 8.29 12.54
CA VAL A 48 8.22 9.39 11.54
C VAL A 48 8.94 10.59 12.16
N ALA A 49 8.26 11.40 12.91
CA ALA A 49 8.94 12.55 13.55
C ALA A 49 9.92 11.99 14.59
N ASP A 50 10.65 12.83 15.26
CA ASP A 50 11.61 12.29 16.26
C ASP A 50 12.41 11.17 15.60
N ALA A 51 12.43 11.15 14.30
CA ALA A 51 13.20 10.10 13.56
C ALA A 51 14.34 10.77 12.79
N GLU A 52 14.34 12.08 12.75
CA GLU A 52 15.43 12.79 12.04
C GLU A 52 16.76 12.49 12.73
N LEU A 53 16.72 12.31 14.02
CA LEU A 53 17.97 12.02 14.78
C LEU A 53 18.63 10.75 14.23
N GLU A 54 19.90 10.61 14.44
CA GLU A 54 20.62 9.40 13.93
C GLU A 54 20.40 9.27 12.42
N PRO A 55 21.30 8.60 11.73
CA PRO A 55 21.18 8.41 10.25
C PRO A 55 20.08 7.40 9.89
N LEU A 56 18.85 7.75 10.11
CA LEU A 56 17.74 6.80 9.78
C LEU A 56 17.85 6.39 8.31
N GLY A 57 17.16 5.35 7.93
CA GLY A 57 17.23 4.88 6.51
C GLY A 57 16.99 3.37 6.47
N GLU A 58 16.20 2.87 7.37
CA GLU A 58 15.92 1.41 7.40
C GLU A 58 17.23 0.65 7.58
N GLU A 59 18.03 0.57 6.55
CA GLU A 59 19.33 -0.15 6.66
C GLU A 59 20.09 0.38 7.88
N ALA A 60 19.88 1.62 8.23
CA ALA A 60 20.59 2.19 9.41
C ALA A 60 20.09 1.51 10.68
N ALA A 61 20.92 1.39 11.67
CA ALA A 61 20.48 0.73 12.94
C ALA A 61 19.16 1.34 13.39
N GLY A 62 18.29 0.54 13.94
CA GLY A 62 16.96 1.06 14.39
C GLY A 62 16.01 -0.09 14.68
N GLY A 63 15.75 -0.92 13.70
CA GLY A 63 14.83 -2.07 13.92
C GLY A 63 13.70 -1.99 12.90
N ASP A 64 13.94 -2.43 11.69
CA ASP A 64 12.89 -2.38 10.65
C ASP A 64 11.64 -3.08 11.20
N GLN A 65 11.83 -4.17 11.88
CA GLN A 65 10.66 -4.89 12.46
C GLN A 65 10.03 -4.02 13.55
N PHE A 66 10.83 -3.51 14.45
CA PHE A 66 10.28 -2.65 15.53
C PHE A 66 9.60 -1.43 14.92
N ILE A 67 10.17 -0.89 13.87
CA ILE A 67 9.55 0.29 13.21
C ILE A 67 8.18 -0.10 12.66
N HIS A 68 8.07 -1.28 12.10
CA HIS A 68 6.78 -1.73 11.53
C HIS A 68 5.84 -2.22 12.64
N GLU A 69 6.30 -3.09 13.49
CA GLU A 69 5.43 -3.61 14.57
C GLU A 69 4.77 -2.45 15.32
N GLN A 70 5.53 -1.46 15.69
CA GLN A 70 4.93 -0.30 16.43
C GLN A 70 4.12 0.57 15.48
N ASP A 71 4.68 0.94 14.36
CA ASP A 71 3.94 1.82 13.41
C ASP A 71 2.68 1.12 12.89
N LEU A 72 2.81 -0.07 12.39
CA LEU A 72 1.63 -0.80 11.85
C LEU A 72 0.64 -1.19 12.96
N ASN A 73 1.13 -1.63 14.09
CA ASN A 73 0.19 -2.01 15.18
C ASN A 73 -0.63 -0.80 15.61
N TRP A 74 0.04 0.26 15.95
CA TRP A 74 -0.69 1.48 16.38
C TRP A 74 -1.63 1.92 15.25
N LEU A 75 -1.21 1.80 14.02
CA LEU A 75 -2.10 2.20 12.90
C LEU A 75 -3.42 1.45 13.10
N GLN A 76 -3.33 0.19 13.40
CA GLN A 76 -4.56 -0.61 13.60
C GLN A 76 -5.30 -0.14 14.86
N GLN A 77 -4.60 0.36 15.86
CA GLN A 77 -5.32 0.81 17.09
C GLN A 77 -5.67 2.29 16.95
N ALA A 78 -5.38 2.87 15.82
CA ALA A 78 -5.65 4.34 15.65
C ALA A 78 -7.15 4.65 15.69
N ASP A 79 -7.47 5.78 16.29
CA ASP A 79 -8.90 6.23 16.37
C ASP A 79 -9.07 7.27 15.26
N VAL A 80 -7.99 7.83 14.82
CA VAL A 80 -8.00 8.84 13.73
C VAL A 80 -6.73 8.62 12.90
N VAL A 81 -6.76 8.81 11.60
CA VAL A 81 -5.53 8.56 10.79
C VAL A 81 -5.38 9.55 9.63
N VAL A 82 -4.17 10.02 9.43
CA VAL A 82 -3.90 10.96 8.31
C VAL A 82 -2.62 10.50 7.60
N ALA A 83 -2.68 10.29 6.31
CA ALA A 83 -1.48 9.82 5.56
C ALA A 83 -0.98 10.91 4.61
N GLU A 84 0.31 11.01 4.45
CA GLU A 84 0.88 12.04 3.53
C GLU A 84 1.44 11.35 2.29
N VAL A 85 0.95 11.71 1.13
CA VAL A 85 1.44 11.08 -0.12
C VAL A 85 1.39 12.12 -1.23
N THR A 86 2.52 12.53 -1.74
CA THR A 86 2.54 13.53 -2.84
C THR A 86 3.45 12.99 -3.95
N GLN A 87 4.20 11.97 -3.64
CA GLN A 87 5.11 11.37 -4.65
C GLN A 87 5.13 9.84 -4.44
N PRO A 88 5.45 9.09 -5.45
CA PRO A 88 5.49 7.60 -5.34
C PRO A 88 6.07 7.14 -3.99
N SER A 89 5.25 6.61 -3.12
CA SER A 89 5.76 6.18 -1.79
C SER A 89 5.39 4.72 -1.51
N LEU A 90 6.35 3.96 -1.03
CA LEU A 90 6.10 2.54 -0.69
C LEU A 90 6.02 2.43 0.83
N GLY A 91 5.32 1.47 1.34
CA GLY A 91 5.19 1.36 2.81
C GLY A 91 4.08 2.32 3.20
N VAL A 92 3.95 3.37 2.43
CA VAL A 92 2.87 4.36 2.67
C VAL A 92 1.64 3.86 1.96
N GLY A 93 1.79 3.51 0.71
CA GLY A 93 0.61 2.95 -0.03
C GLY A 93 0.16 1.71 0.75
N TYR A 94 1.09 1.08 1.42
CA TYR A 94 0.78 -0.14 2.23
C TYR A 94 -0.03 0.28 3.45
N GLU A 95 0.52 1.15 4.26
CA GLU A 95 -0.22 1.60 5.46
C GLU A 95 -1.61 2.07 5.02
N LEU A 96 -1.71 2.63 3.84
CA LEU A 96 -3.03 3.08 3.35
C LEU A 96 -3.82 1.86 2.90
N GLY A 97 -3.18 0.93 2.24
CA GLY A 97 -3.90 -0.29 1.78
C GLY A 97 -4.42 -1.03 3.01
N ARG A 98 -3.57 -1.24 3.98
CA ARG A 98 -4.02 -1.95 5.21
C ARG A 98 -5.11 -1.12 5.88
N ALA A 99 -4.98 0.17 5.88
CA ALA A 99 -6.02 1.03 6.51
C ALA A 99 -7.30 0.88 5.69
N VAL A 100 -7.18 0.84 4.41
CA VAL A 100 -8.38 0.69 3.56
C VAL A 100 -9.13 -0.56 4.02
N ALA A 101 -8.40 -1.62 4.25
CA ALA A 101 -9.02 -2.90 4.64
C ALA A 101 -9.49 -2.91 6.10
N LEU A 102 -8.65 -2.51 7.02
CA LEU A 102 -9.08 -2.51 8.48
C LEU A 102 -9.09 -1.10 9.02
N GLY A 103 -8.36 -0.23 8.43
CA GLY A 103 -8.40 1.16 8.93
C GLY A 103 -9.86 1.58 8.94
N LYS A 104 -10.14 2.70 9.52
CA LYS A 104 -11.55 3.20 9.55
C LYS A 104 -11.53 4.68 9.11
N PRO A 105 -11.11 5.61 9.95
CA PRO A 105 -11.01 7.04 9.55
C PRO A 105 -9.70 7.28 8.79
N ILE A 106 -9.75 7.51 7.51
CA ILE A 106 -8.48 7.69 6.76
C ILE A 106 -8.49 8.95 5.90
N LEU A 107 -7.51 9.78 6.06
CA LEU A 107 -7.40 11.02 5.24
C LEU A 107 -6.04 10.98 4.53
N CYS A 108 -6.01 10.99 3.22
CA CYS A 108 -4.70 10.96 2.51
C CYS A 108 -4.39 12.36 1.99
N LEU A 109 -3.14 12.71 1.82
CA LEU A 109 -2.81 14.09 1.34
C LEU A 109 -1.86 14.06 0.12
N PHE A 110 -2.18 14.83 -0.90
CA PHE A 110 -1.31 14.90 -2.13
C PHE A 110 -1.26 16.37 -2.58
N ARG A 111 -0.08 16.94 -2.65
CA ARG A 111 0.01 18.39 -3.04
C ARG A 111 0.04 18.56 -4.56
N PRO A 112 -0.71 19.50 -5.08
CA PRO A 112 -0.74 19.80 -6.53
C PRO A 112 0.48 20.64 -6.93
N GLN A 113 1.04 21.36 -5.99
CA GLN A 113 2.24 22.18 -6.29
C GLN A 113 3.23 21.31 -7.05
N SER A 114 3.32 20.06 -6.67
CA SER A 114 4.23 19.14 -7.37
C SER A 114 3.41 18.39 -8.42
N GLY A 115 2.10 18.40 -8.27
CA GLY A 115 1.21 17.70 -9.24
C GLY A 115 1.83 16.36 -9.62
N ARG A 116 2.18 15.55 -8.67
CA ARG A 116 2.82 14.25 -9.00
C ARG A 116 1.75 13.19 -9.25
N VAL A 117 0.49 13.58 -9.25
CA VAL A 117 -0.60 12.59 -9.47
C VAL A 117 -0.52 11.48 -8.42
N LEU A 118 -1.58 11.30 -7.69
CA LEU A 118 -1.59 10.24 -6.64
C LEU A 118 -1.72 8.88 -7.33
N SER A 119 -1.18 7.85 -6.73
CA SER A 119 -1.24 6.48 -7.34
C SER A 119 -2.61 6.24 -7.98
N ALA A 120 -2.62 5.61 -9.12
CA ALA A 120 -3.92 5.33 -9.80
C ALA A 120 -4.79 4.45 -8.91
N MET A 121 -4.22 3.44 -8.32
CA MET A 121 -5.02 2.54 -7.43
C MET A 121 -5.52 3.34 -6.23
N ILE A 122 -4.69 4.15 -5.65
CA ILE A 122 -5.14 4.96 -4.49
C ILE A 122 -6.27 5.89 -4.94
N ARG A 123 -6.13 6.48 -6.10
CA ARG A 123 -7.19 7.39 -6.61
C ARG A 123 -8.49 6.61 -6.80
N GLY A 124 -8.41 5.44 -7.38
CA GLY A 124 -9.64 4.63 -7.59
C GLY A 124 -10.21 4.19 -6.25
N ALA A 125 -9.36 3.82 -5.31
CA ALA A 125 -9.87 3.38 -3.99
C ALA A 125 -10.88 4.41 -3.50
N ALA A 126 -10.47 5.65 -3.43
CA ALA A 126 -11.37 6.75 -2.98
C ALA A 126 -12.82 6.27 -2.89
N ASP A 127 -13.37 6.32 -1.70
CA ASP A 127 -14.78 5.88 -1.51
C ASP A 127 -15.53 6.96 -0.73
N GLY A 128 -14.82 7.69 0.09
CA GLY A 128 -15.48 8.75 0.90
C GLY A 128 -16.15 8.10 2.13
N SER A 129 -16.13 6.78 2.18
CA SER A 129 -16.72 6.05 3.33
C SER A 129 -15.71 6.12 4.47
N ARG A 130 -15.12 7.26 4.57
CA ARG A 130 -14.07 7.55 5.61
C ARG A 130 -12.71 7.57 4.92
N PHE A 131 -12.60 6.89 3.81
CA PHE A 131 -11.32 6.91 3.07
C PHE A 131 -11.41 8.06 2.08
N GLN A 132 -10.60 9.05 2.23
CA GLN A 132 -10.70 10.23 1.31
C GLN A 132 -9.32 10.72 0.87
N VAL A 133 -9.21 11.04 -0.38
CA VAL A 133 -7.92 11.57 -0.91
C VAL A 133 -8.02 13.11 -0.96
N TRP A 134 -7.40 13.80 -0.04
CA TRP A 134 -7.49 15.29 -0.04
C TRP A 134 -6.17 15.88 -0.55
N ASP A 135 -6.23 16.96 -1.28
CA ASP A 135 -4.97 17.57 -1.80
C ASP A 135 -4.56 18.71 -0.86
N TYR A 136 -3.32 19.13 -0.88
CA TYR A 136 -2.91 20.23 0.03
C TYR A 136 -1.55 20.82 -0.35
N ALA A 137 -1.00 21.60 0.54
CA ALA A 137 0.33 22.21 0.30
C ALA A 137 0.81 22.77 1.64
N GLU A 138 2.09 22.76 1.90
CA GLU A 138 2.58 23.27 3.22
C GLU A 138 1.82 24.54 3.60
N GLY A 139 1.52 25.37 2.64
CA GLY A 139 0.80 26.65 2.95
C GLY A 139 -0.68 26.40 3.26
N GLU A 140 -1.11 25.17 3.32
CA GLU A 140 -2.56 24.92 3.64
C GLU A 140 -2.75 23.52 4.23
N VAL A 141 -1.70 22.84 4.55
CA VAL A 141 -1.85 21.48 5.13
C VAL A 141 -2.78 21.57 6.34
N GLU A 142 -2.57 22.54 7.17
CA GLU A 142 -3.43 22.71 8.36
C GLU A 142 -4.89 22.87 7.91
N THR A 143 -5.10 23.47 6.77
CA THR A 143 -6.50 23.63 6.28
C THR A 143 -7.09 22.27 5.93
N MET A 144 -6.35 21.47 5.22
CA MET A 144 -6.86 20.13 4.86
C MET A 144 -7.35 19.47 6.15
N LEU A 145 -6.56 19.56 7.18
CA LEU A 145 -6.96 18.96 8.47
C LEU A 145 -8.10 19.79 9.09
N ASP A 146 -8.07 21.08 8.90
CA ASP A 146 -9.13 21.95 9.49
C ASP A 146 -10.48 21.62 8.86
N ARG A 147 -10.53 21.40 7.58
CA ARG A 147 -11.84 21.08 6.95
C ARG A 147 -12.26 19.68 7.38
N TYR A 148 -11.39 18.72 7.25
CA TYR A 148 -11.74 17.34 7.65
C TYR A 148 -12.09 17.31 9.14
N PHE A 149 -11.30 17.92 9.95
CA PHE A 149 -11.60 17.90 11.41
C PHE A 149 -12.83 18.74 11.70
N GLU A 150 -13.06 19.78 10.97
CA GLU A 150 -14.28 20.58 11.23
C GLU A 150 -15.48 19.72 10.85
N ALA A 151 -15.25 18.74 9.99
CA ALA A 151 -16.37 17.85 9.58
C ALA A 151 -16.79 16.92 10.72
N TYR A 152 -15.95 16.74 11.73
CA TYR A 152 -16.36 15.82 12.84
C TYR A 152 -15.68 16.21 14.17
N LEU A 153 -14.92 17.27 14.20
CA LEU A 153 -14.26 17.67 15.49
C LEU A 153 -14.79 19.03 15.95
N PRO A 154 -15.91 19.05 16.63
CA PRO A 154 -16.53 20.31 17.14
C PRO A 154 -15.94 20.71 18.50
N GLN A 155 -16.63 20.42 19.57
CA GLN A 155 -16.11 20.78 20.92
C GLN A 155 -14.96 19.85 21.28
N LYS A 156 -15.03 18.61 20.88
CA LYS A 156 -13.94 17.65 21.20
C LYS A 156 -12.60 18.22 20.71
N THR A 157 -12.64 19.12 19.77
CA THR A 157 -11.38 19.72 19.26
C THR A 157 -10.50 20.14 20.44
N ALA A 158 -11.08 20.68 21.47
CA ALA A 158 -10.27 21.11 22.64
C ALA A 158 -11.13 21.05 23.91
N SER A 159 -10.55 20.67 25.02
CA SER A 159 -11.32 20.59 26.29
C SER A 159 -10.46 21.11 27.43
N SER A 160 -11.07 21.49 28.53
CA SER A 160 -10.29 22.01 29.68
C SER A 160 -10.87 21.46 30.99
N SER A 161 -10.09 21.43 32.03
CA SER A 161 -10.59 20.90 33.33
C SER A 161 -11.83 21.68 33.77
N HIS A 162 -11.81 22.97 33.61
CA HIS A 162 -12.98 23.79 34.01
C HIS A 162 -14.00 23.83 32.85
N PRO A 163 -15.26 23.99 33.17
CA PRO A 163 -16.34 24.03 32.13
C PRO A 163 -16.21 25.26 31.23
N SER A 164 -16.61 25.13 29.99
CA SER A 164 -16.51 26.29 29.06
C SER A 164 -17.34 27.46 29.61
N ALA A 165 -18.16 27.20 30.60
CA ALA A 165 -19.00 28.29 31.19
C ALA A 165 -18.14 29.53 31.40
N MET B 3 -15.28 -30.11 -28.51
CA MET B 3 -16.30 -31.11 -28.94
C MET B 3 -15.73 -32.52 -28.76
N ALA B 4 -16.59 -33.50 -28.66
CA ALA B 4 -16.10 -34.90 -28.49
C ALA B 4 -15.11 -34.96 -27.33
N ALA B 5 -15.25 -34.10 -26.36
CA ALA B 5 -14.31 -34.11 -25.20
C ALA B 5 -15.02 -33.56 -23.96
N SER B 6 -14.52 -33.87 -22.80
CA SER B 6 -15.16 -33.36 -21.54
C SER B 6 -14.07 -33.17 -20.48
N GLY B 7 -14.42 -32.54 -19.38
CA GLY B 7 -13.41 -32.32 -18.30
C GLY B 7 -12.63 -31.05 -18.60
N GLU B 8 -11.45 -31.19 -19.14
CA GLU B 8 -10.62 -29.98 -19.46
C GLU B 8 -10.61 -29.05 -18.24
N GLN B 9 -9.61 -29.18 -17.39
CA GLN B 9 -9.54 -28.32 -16.18
C GLN B 9 -8.81 -27.02 -16.52
N ALA B 10 -8.70 -26.14 -15.56
CA ALA B 10 -8.00 -24.83 -15.80
C ALA B 10 -6.96 -24.60 -14.71
N PRO B 11 -5.93 -23.84 -14.99
CA PRO B 11 -4.85 -23.54 -13.99
C PRO B 11 -5.32 -22.51 -12.97
N CYS B 12 -4.39 -21.82 -12.35
CA CYS B 12 -4.78 -20.79 -11.35
C CYS B 12 -4.71 -19.43 -12.04
N SER B 13 -5.06 -18.37 -11.37
CA SER B 13 -4.99 -17.05 -12.02
C SER B 13 -4.04 -16.16 -11.22
N VAL B 14 -3.01 -15.69 -11.85
CA VAL B 14 -2.03 -14.83 -11.15
C VAL B 14 -2.42 -13.38 -11.37
N TYR B 15 -2.46 -12.61 -10.32
CA TYR B 15 -2.82 -11.19 -10.48
C TYR B 15 -1.53 -10.38 -10.44
N PHE B 16 -1.38 -9.47 -11.36
CA PHE B 16 -0.14 -8.67 -11.40
C PHE B 16 -0.30 -7.46 -10.48
N CYS B 17 0.50 -7.37 -9.45
CA CYS B 17 0.40 -6.22 -8.52
C CYS B 17 1.59 -5.30 -8.72
N GLY B 18 1.36 -4.14 -9.28
CA GLY B 18 2.47 -3.18 -9.53
C GLY B 18 1.88 -1.89 -10.07
N SER B 19 2.70 -0.89 -10.25
CA SER B 19 2.19 0.42 -10.79
C SER B 19 2.81 0.64 -12.16
N ILE B 20 2.22 1.48 -12.96
CA ILE B 20 2.80 1.71 -14.31
C ILE B 20 3.90 2.77 -14.21
N ARG B 21 3.98 3.47 -13.12
CA ARG B 21 5.06 4.48 -12.99
C ARG B 21 6.38 3.79 -13.37
N GLY B 22 7.00 3.15 -12.41
CA GLY B 22 8.28 2.43 -12.69
C GLY B 22 9.17 3.27 -13.63
N GLY B 23 8.92 3.19 -14.91
CA GLY B 23 9.73 3.97 -15.88
C GLY B 23 9.47 3.35 -17.26
N ARG B 24 8.26 2.93 -17.50
CA ARG B 24 7.89 2.31 -18.81
C ARG B 24 8.82 1.13 -19.11
N GLU B 25 10.09 1.29 -18.94
CA GLU B 25 11.01 0.14 -19.18
C GLU B 25 10.56 -0.99 -18.26
N ASP B 26 10.16 -0.65 -17.06
CA ASP B 26 9.66 -1.70 -16.12
C ASP B 26 8.41 -2.30 -16.73
N GLN B 27 7.72 -1.54 -17.55
CA GLN B 27 6.49 -2.08 -18.21
C GLN B 27 6.93 -3.21 -19.13
N ALA B 28 8.01 -2.99 -19.84
CA ALA B 28 8.52 -4.07 -20.73
C ALA B 28 8.82 -5.29 -19.85
N LEU B 29 9.51 -5.07 -18.76
CA LEU B 29 9.82 -6.19 -17.83
C LEU B 29 8.51 -6.81 -17.36
N TYR B 30 7.52 -6.00 -17.13
CA TYR B 30 6.20 -6.54 -16.67
C TYR B 30 5.58 -7.37 -17.76
N ALA B 31 5.66 -6.93 -18.98
CA ALA B 31 5.04 -7.73 -20.06
C ALA B 31 5.75 -9.08 -20.16
N ARG B 32 7.04 -9.11 -20.00
CA ARG B 32 7.77 -10.41 -20.05
C ARG B 32 7.41 -11.20 -18.79
N ILE B 33 7.63 -10.60 -17.64
CA ILE B 33 7.29 -11.29 -16.37
C ILE B 33 5.83 -11.74 -16.46
N VAL B 34 4.98 -10.86 -16.91
CA VAL B 34 3.54 -11.20 -17.05
C VAL B 34 3.41 -12.38 -18.00
N SER B 35 4.31 -12.51 -18.93
CA SER B 35 4.24 -13.66 -19.88
C SER B 35 4.50 -14.95 -19.13
N ARG B 36 5.41 -14.94 -18.19
CA ARG B 36 5.68 -16.18 -17.41
C ARG B 36 4.47 -16.49 -16.53
N LEU B 37 4.00 -15.52 -15.80
CA LEU B 37 2.80 -15.75 -14.95
C LEU B 37 1.68 -16.23 -15.86
N ARG B 38 1.59 -15.63 -17.01
CA ARG B 38 0.54 -16.04 -17.98
C ARG B 38 0.74 -17.49 -18.39
N ARG B 39 1.96 -17.98 -18.33
CA ARG B 39 2.20 -19.41 -18.69
C ARG B 39 1.72 -20.31 -17.55
N TYR B 40 1.91 -19.88 -16.34
CA TYR B 40 1.52 -20.71 -15.16
C TYR B 40 -0.01 -20.77 -15.02
N GLY B 41 -0.66 -19.64 -15.07
CA GLY B 41 -2.13 -19.62 -14.96
C GLY B 41 -2.68 -18.45 -15.76
N LYS B 42 -3.78 -17.89 -15.34
CA LYS B 42 -4.36 -16.75 -16.07
C LYS B 42 -3.91 -15.43 -15.45
N VAL B 43 -3.33 -14.56 -16.21
CA VAL B 43 -2.93 -13.24 -15.64
C VAL B 43 -4.19 -12.38 -15.68
N LEU B 44 -4.86 -12.24 -14.58
CA LEU B 44 -6.12 -11.45 -14.59
C LEU B 44 -5.92 -10.13 -15.33
N THR B 45 -6.96 -9.63 -15.95
CA THR B 45 -6.84 -8.34 -16.70
C THR B 45 -6.06 -7.34 -15.86
N GLU B 46 -5.21 -6.57 -16.48
CA GLU B 46 -4.42 -5.58 -15.71
C GLU B 46 -3.85 -4.54 -16.67
N HIS B 47 -3.96 -3.29 -16.32
CA HIS B 47 -3.42 -2.22 -17.22
C HIS B 47 -1.90 -2.21 -17.13
N VAL B 48 -1.32 -3.30 -16.76
CA VAL B 48 0.16 -3.36 -16.67
C VAL B 48 0.72 -3.65 -18.06
N ALA B 49 0.81 -4.88 -18.44
CA ALA B 49 1.31 -5.18 -19.81
C ALA B 49 0.27 -4.66 -20.80
N ASP B 50 0.51 -4.80 -22.07
CA ASP B 50 -0.49 -4.29 -23.06
C ASP B 50 -0.86 -2.86 -22.65
N ALA B 51 -0.03 -2.23 -21.86
CA ALA B 51 -0.30 -0.83 -21.43
C ALA B 51 0.78 0.09 -22.02
N GLU B 52 1.80 -0.48 -22.60
CA GLU B 52 2.87 0.34 -23.20
C GLU B 52 2.26 1.17 -24.34
N LEU B 53 1.29 0.62 -25.02
CA LEU B 53 0.65 1.36 -26.14
C LEU B 53 0.09 2.69 -25.65
N GLU B 54 -0.09 3.64 -26.53
CA GLU B 54 -0.64 4.96 -26.12
C GLU B 54 0.23 5.55 -25.00
N PRO B 55 0.24 6.85 -24.86
CA PRO B 55 1.03 7.54 -23.81
C PRO B 55 0.44 7.33 -22.41
N LEU B 56 0.49 6.13 -21.91
CA LEU B 56 -0.08 5.88 -20.55
C LEU B 56 0.56 6.83 -19.54
N GLY B 57 -0.03 6.94 -18.37
CA GLY B 57 0.54 7.85 -17.33
C GLY B 57 -0.59 8.39 -16.46
N GLU B 58 -1.61 7.59 -16.26
CA GLU B 58 -2.76 8.04 -15.41
C GLU B 58 -3.37 9.31 -16.02
N GLU B 59 -2.70 10.41 -15.88
CA GLU B 59 -3.24 11.68 -16.45
C GLU B 59 -3.58 11.47 -17.93
N ALA B 60 -2.89 10.56 -18.57
CA ALA B 60 -3.18 10.29 -20.00
C ALA B 60 -4.55 9.63 -20.14
N ALA B 61 -5.23 9.87 -21.23
CA ALA B 61 -6.57 9.25 -21.42
C ALA B 61 -6.49 7.75 -21.10
N GLY B 62 -7.51 7.21 -20.48
CA GLY B 62 -7.48 5.76 -20.16
C GLY B 62 -8.61 5.43 -19.17
N GLY B 63 -8.62 6.07 -18.03
CA GLY B 63 -9.68 5.78 -17.03
C GLY B 63 -9.03 5.36 -15.71
N ASP B 64 -8.57 6.31 -14.95
CA ASP B 64 -7.92 5.96 -13.65
C ASP B 64 -8.87 5.07 -12.85
N GLN B 65 -10.14 5.39 -12.88
CA GLN B 65 -11.13 4.56 -12.14
C GLN B 65 -11.21 3.19 -12.80
N PHE B 66 -11.36 3.15 -14.10
CA PHE B 66 -11.44 1.84 -14.80
C PHE B 66 -10.15 1.05 -14.56
N ILE B 67 -9.04 1.73 -14.55
CA ILE B 67 -7.75 1.02 -14.31
C ILE B 67 -7.77 0.41 -12.90
N HIS B 68 -8.30 1.12 -11.94
CA HIS B 68 -8.35 0.60 -10.55
C HIS B 68 -9.50 -0.41 -10.39
N GLU B 69 -10.69 -0.04 -10.79
CA GLU B 69 -11.84 -0.98 -10.63
C GLU B 69 -11.48 -2.34 -11.20
N GLN B 70 -10.92 -2.39 -12.38
CA GLN B 70 -10.57 -3.71 -12.98
C GLN B 70 -9.32 -4.29 -12.30
N ASP B 71 -8.29 -3.51 -12.14
CA ASP B 71 -7.05 -4.03 -11.50
C ASP B 71 -7.32 -4.44 -10.05
N LEU B 72 -7.90 -3.57 -9.28
CA LEU B 72 -8.17 -3.90 -7.85
C LEU B 72 -9.24 -4.98 -7.71
N ASN B 73 -10.28 -4.93 -8.49
CA ASN B 73 -11.34 -5.97 -8.36
C ASN B 73 -10.74 -7.34 -8.67
N TRP B 74 -10.11 -7.48 -9.80
CA TRP B 74 -9.51 -8.78 -10.15
C TRP B 74 -8.50 -9.18 -9.07
N LEU B 75 -7.76 -8.24 -8.54
CA LEU B 75 -6.80 -8.58 -7.46
C LEU B 75 -7.57 -9.33 -6.39
N GLN B 76 -8.71 -8.83 -6.04
CA GLN B 76 -9.53 -9.50 -4.99
C GLN B 76 -10.04 -10.84 -5.50
N GLN B 77 -10.26 -11.00 -6.77
CA GLN B 77 -10.75 -12.34 -7.27
C GLN B 77 -9.56 -13.21 -7.65
N ALA B 78 -8.37 -12.73 -7.43
CA ALA B 78 -7.17 -13.52 -7.83
C ALA B 78 -7.03 -14.82 -7.03
N ASP B 79 -6.61 -15.87 -7.71
CA ASP B 79 -6.40 -17.19 -7.04
C ASP B 79 -4.90 -17.29 -6.74
N VAL B 80 -4.12 -16.51 -7.45
CA VAL B 80 -2.64 -16.46 -7.24
C VAL B 80 -2.20 -15.01 -7.46
N VAL B 81 -1.22 -14.53 -6.73
CA VAL B 81 -0.82 -13.11 -6.93
C VAL B 81 0.69 -12.90 -6.78
N VAL B 82 1.26 -12.11 -7.66
CA VAL B 82 2.72 -11.81 -7.60
C VAL B 82 2.89 -10.30 -7.78
N ALA B 83 3.57 -9.65 -6.86
CA ALA B 83 3.77 -8.18 -6.98
C ALA B 83 5.24 -7.85 -7.23
N GLU B 84 5.50 -6.83 -8.01
CA GLU B 84 6.92 -6.45 -8.30
C GLU B 84 7.23 -5.14 -7.57
N VAL B 85 8.22 -5.14 -6.73
CA VAL B 85 8.59 -3.90 -5.99
C VAL B 85 10.10 -3.89 -5.77
N THR B 86 10.80 -2.98 -6.38
CA THR B 86 12.28 -2.91 -6.21
C THR B 86 12.64 -1.47 -5.87
N GLN B 87 11.72 -0.58 -6.07
CA GLN B 87 11.97 0.87 -5.77
C GLN B 87 10.67 1.47 -5.19
N PRO B 88 10.77 2.53 -4.44
CA PRO B 88 9.58 3.20 -3.85
C PRO B 88 8.39 3.21 -4.82
N SER B 89 7.37 2.42 -4.58
CA SER B 89 6.21 2.38 -5.51
C SER B 89 4.90 2.64 -4.77
N LEU B 90 4.07 3.49 -5.32
CA LEU B 90 2.76 3.79 -4.70
C LEU B 90 1.68 3.08 -5.52
N GLY B 91 0.58 2.75 -4.92
CA GLY B 91 -0.47 2.01 -5.67
C GLY B 91 -0.05 0.56 -5.65
N VAL B 92 1.23 0.34 -5.58
CA VAL B 92 1.76 -1.05 -5.49
C VAL B 92 1.78 -1.42 -4.02
N GLY B 93 2.33 -0.56 -3.20
CA GLY B 93 2.31 -0.85 -1.74
C GLY B 93 0.84 -0.99 -1.34
N TYR B 94 -0.02 -0.31 -2.06
CA TYR B 94 -1.49 -0.37 -1.78
C TYR B 94 -2.01 -1.74 -2.19
N GLU B 95 -1.84 -2.09 -3.43
CA GLU B 95 -2.32 -3.42 -3.90
C GLU B 95 -1.76 -4.49 -2.95
N LEU B 96 -0.58 -4.28 -2.43
CA LEU B 96 0.01 -5.26 -1.49
C LEU B 96 -0.69 -5.10 -0.14
N GLY B 97 -0.92 -3.88 0.28
CA GLY B 97 -1.59 -3.66 1.59
C GLY B 97 -2.98 -4.28 1.53
N ARG B 98 -3.72 -4.00 0.49
CA ARG B 98 -5.08 -4.59 0.36
C ARG B 98 -4.95 -6.11 0.28
N ALA B 99 -3.96 -6.60 -0.42
CA ALA B 99 -3.78 -8.06 -0.52
C ALA B 99 -3.43 -8.60 0.88
N VAL B 100 -2.63 -7.88 1.59
CA VAL B 100 -2.27 -8.33 2.95
C VAL B 100 -3.56 -8.54 3.74
N ALA B 101 -4.47 -7.62 3.62
CA ALA B 101 -5.74 -7.69 4.38
C ALA B 101 -6.72 -8.72 3.80
N LEU B 102 -6.97 -8.69 2.52
CA LEU B 102 -7.93 -9.69 1.92
C LEU B 102 -7.22 -10.60 0.94
N GLY B 103 -6.12 -10.16 0.41
CA GLY B 103 -5.40 -11.05 -0.51
C GLY B 103 -5.17 -12.37 0.22
N LYS B 104 -4.71 -13.37 -0.46
CA LYS B 104 -4.44 -14.67 0.20
C LYS B 104 -3.03 -15.12 -0.23
N PRO B 105 -2.83 -15.62 -1.44
CA PRO B 105 -1.47 -16.00 -1.93
C PRO B 105 -0.74 -14.76 -2.42
N ILE B 106 0.28 -14.31 -1.73
CA ILE B 106 0.96 -13.08 -2.18
C ILE B 106 2.48 -13.26 -2.23
N LEU B 107 3.06 -12.97 -3.37
CA LEU B 107 4.54 -13.08 -3.51
C LEU B 107 5.05 -11.70 -3.94
N CYS B 108 5.91 -11.07 -3.17
CA CYS B 108 6.43 -9.72 -3.57
C CYS B 108 7.85 -9.89 -4.11
N LEU B 109 8.30 -9.01 -4.98
CA LEU B 109 9.67 -9.16 -5.55
C LEU B 109 10.50 -7.87 -5.40
N PHE B 110 11.73 -8.00 -4.93
CA PHE B 110 12.63 -6.80 -4.79
C PHE B 110 14.04 -7.22 -5.23
N ARG B 111 14.60 -6.54 -6.20
CA ARG B 111 15.94 -6.95 -6.70
C ARG B 111 17.07 -6.31 -5.88
N PRO B 112 18.07 -7.08 -5.52
CA PRO B 112 19.24 -6.56 -4.76
C PRO B 112 20.21 -5.83 -5.70
N GLN B 113 20.18 -6.17 -6.97
CA GLN B 113 21.07 -5.49 -7.94
C GLN B 113 20.97 -3.99 -7.72
N SER B 114 19.77 -3.54 -7.43
CA SER B 114 19.57 -2.10 -7.15
C SER B 114 19.63 -1.90 -5.64
N GLY B 115 19.46 -2.97 -4.91
CA GLY B 115 19.50 -2.88 -3.42
C GLY B 115 18.78 -1.62 -2.96
N ARG B 116 17.56 -1.42 -3.38
CA ARG B 116 16.84 -0.19 -2.98
C ARG B 116 16.13 -0.40 -1.65
N VAL B 117 16.34 -1.53 -1.03
CA VAL B 117 15.66 -1.81 0.28
C VAL B 117 14.15 -1.74 0.11
N LEU B 118 13.48 -2.80 0.43
CA LEU B 118 12.00 -2.80 0.31
C LEU B 118 11.39 -1.96 1.43
N SER B 119 10.25 -1.37 1.20
CA SER B 119 9.61 -0.51 2.24
C SER B 119 9.75 -1.13 3.62
N ALA B 120 10.02 -0.32 4.62
CA ALA B 120 10.18 -0.87 6.00
C ALA B 120 8.87 -1.54 6.43
N MET B 121 7.75 -0.92 6.17
CA MET B 121 6.46 -1.54 6.57
C MET B 121 6.26 -2.84 5.80
N ILE B 122 6.54 -2.85 4.53
CA ILE B 122 6.38 -4.10 3.74
C ILE B 122 7.32 -5.17 4.32
N ARG B 123 8.51 -4.79 4.66
CA ARG B 123 9.48 -5.77 5.23
C ARG B 123 8.93 -6.32 6.55
N GLY B 124 8.41 -5.47 7.38
CA GLY B 124 7.86 -5.93 8.68
C GLY B 124 6.62 -6.78 8.45
N ALA B 125 5.80 -6.40 7.51
CA ALA B 125 4.57 -7.20 7.22
C ALA B 125 4.97 -8.67 7.11
N ALA B 126 5.89 -8.94 6.23
CA ALA B 126 6.39 -10.34 6.03
C ALA B 126 5.86 -11.27 7.13
N ASP B 127 5.11 -12.26 6.75
CA ASP B 127 4.57 -13.23 7.74
C ASP B 127 4.84 -14.64 7.24
N GLY B 128 4.91 -14.82 5.96
CA GLY B 128 5.14 -16.18 5.40
C GLY B 128 3.81 -16.95 5.39
N SER B 129 2.79 -16.36 5.95
CA SER B 129 1.44 -17.01 5.98
C SER B 129 0.82 -16.81 4.62
N ARG B 130 1.66 -16.92 3.63
CA ARG B 130 1.26 -16.74 2.19
C ARG B 130 1.81 -15.40 1.73
N PHE B 131 2.00 -14.48 2.64
CA PHE B 131 2.59 -13.17 2.27
C PHE B 131 4.09 -13.32 2.39
N GLN B 132 4.80 -13.23 1.30
CA GLN B 132 6.28 -13.41 1.38
C GLN B 132 7.02 -12.39 0.53
N VAL B 133 8.08 -11.86 1.07
CA VAL B 133 8.91 -10.88 0.31
C VAL B 133 10.11 -11.63 -0.31
N TRP B 134 10.07 -11.90 -1.58
CA TRP B 134 11.20 -12.64 -2.24
C TRP B 134 12.05 -11.68 -3.05
N ASP B 135 13.33 -11.87 -3.07
CA ASP B 135 14.21 -10.95 -3.86
C ASP B 135 14.51 -11.59 -5.22
N TYR B 136 14.90 -10.83 -6.20
CA TYR B 136 15.17 -11.44 -7.53
C TYR B 136 15.96 -10.50 -8.45
N ALA B 137 16.02 -10.84 -9.71
CA ALA B 137 16.72 -10.00 -10.70
C ALA B 137 16.29 -10.51 -12.09
N GLU B 138 16.19 -9.65 -13.07
CA GLU B 138 15.76 -10.12 -14.42
C GLU B 138 16.44 -11.45 -14.75
N GLY B 139 17.67 -11.62 -14.37
CA GLY B 139 18.39 -12.89 -14.68
C GLY B 139 17.91 -14.05 -13.79
N GLU B 140 16.91 -13.84 -12.98
CA GLU B 140 16.43 -14.97 -12.12
C GLU B 140 14.96 -14.76 -11.70
N VAL B 141 14.31 -13.79 -12.26
CA VAL B 141 12.89 -13.55 -11.89
C VAL B 141 12.12 -14.87 -12.06
N GLU B 142 12.34 -15.54 -13.15
CA GLU B 142 11.65 -16.83 -13.39
C GLU B 142 11.97 -17.79 -12.26
N THR B 143 13.15 -17.70 -11.70
CA THR B 143 13.51 -18.61 -10.58
C THR B 143 12.67 -18.27 -9.35
N MET B 144 12.55 -17.01 -9.03
CA MET B 144 11.74 -16.62 -7.85
C MET B 144 10.37 -17.29 -8.01
N LEU B 145 9.83 -17.22 -9.18
CA LEU B 145 8.50 -17.86 -9.43
C LEU B 145 8.68 -19.38 -9.46
N ASP B 146 9.78 -19.85 -9.97
CA ASP B 146 10.00 -21.32 -10.04
C ASP B 146 10.07 -21.92 -8.63
N ARG B 147 10.72 -21.26 -7.72
CA ARG B 147 10.81 -21.82 -6.34
C ARG B 147 9.43 -21.70 -5.68
N TYR B 148 8.84 -20.53 -5.72
CA TYR B 148 7.51 -20.37 -5.09
C TYR B 148 6.51 -21.31 -5.74
N PHE B 149 6.49 -21.37 -7.04
CA PHE B 149 5.51 -22.25 -7.72
C PHE B 149 5.89 -23.71 -7.48
N GLU B 150 7.14 -24.01 -7.38
CA GLU B 150 7.50 -25.43 -7.12
C GLU B 150 7.01 -25.76 -5.71
N ALA B 151 6.85 -24.76 -4.89
CA ALA B 151 6.38 -25.01 -3.50
C ALA B 151 4.90 -25.43 -3.49
N TYR B 152 4.17 -25.19 -4.56
CA TYR B 152 2.73 -25.59 -4.55
C TYR B 152 2.20 -25.87 -5.97
N LEU B 153 3.03 -25.79 -6.97
CA LEU B 153 2.53 -26.06 -8.37
C LEU B 153 3.24 -27.30 -8.93
N PRO B 154 2.74 -28.47 -8.62
CA PRO B 154 3.32 -29.75 -9.11
C PRO B 154 2.79 -30.11 -10.51
N GLN B 155 1.85 -31.00 -10.58
CA GLN B 155 1.28 -31.40 -11.90
C GLN B 155 0.41 -30.26 -12.44
N LYS B 156 -0.29 -29.58 -11.56
CA LYS B 156 -1.15 -28.45 -12.03
C LYS B 156 -0.32 -27.48 -12.86
N THR B 157 0.97 -27.48 -12.68
CA THR B 157 1.83 -26.55 -13.46
C THR B 157 1.45 -26.62 -14.94
N ALA B 158 1.14 -27.79 -15.44
CA ALA B 158 0.76 -27.92 -16.87
C ALA B 158 -0.16 -29.12 -17.06
N SER B 159 -1.13 -29.01 -17.92
CA SER B 159 -2.07 -30.15 -18.15
C SER B 159 -2.36 -30.27 -19.64
N SER B 160 -2.82 -31.41 -20.08
CA SER B 160 -3.13 -31.60 -21.53
C SER B 160 -4.43 -32.38 -21.69
N SER B 161 -5.07 -32.26 -22.82
CA SER B 161 -6.35 -33.00 -23.04
C SER B 161 -6.11 -34.51 -22.86
N HIS B 162 -5.01 -35.00 -23.38
CA HIS B 162 -4.73 -36.46 -23.24
C HIS B 162 -4.02 -36.71 -21.90
N PRO B 163 -4.17 -37.89 -21.34
CA PRO B 163 -3.53 -38.25 -20.04
C PRO B 163 -2.00 -38.29 -20.15
N SER B 164 -1.33 -37.95 -19.09
CA SER B 164 0.17 -37.98 -19.12
C SER B 164 0.65 -39.39 -19.43
N ALA B 165 -0.17 -40.37 -19.18
CA ALA B 165 0.23 -41.78 -19.45
C ALA B 165 1.60 -42.04 -18.82
N MET A 3 -4.91 1.80 32.51
CA MET A 3 -4.07 2.61 31.58
C MET A 3 -4.86 3.86 31.15
N ALA A 4 -5.54 4.48 32.07
CA ALA A 4 -6.33 5.69 31.71
C ALA A 4 -5.38 6.80 31.25
N ALA A 5 -5.76 7.55 30.25
CA ALA A 5 -4.87 8.63 29.74
C ALA A 5 -4.69 9.68 30.85
N SER A 6 -3.55 10.30 30.90
CA SER A 6 -3.30 11.34 31.94
C SER A 6 -4.28 12.49 31.75
N GLY A 7 -4.55 13.25 32.80
CA GLY A 7 -5.49 14.39 32.67
C GLY A 7 -6.93 13.85 32.67
N GLU A 8 -7.89 14.69 32.34
CA GLU A 8 -9.30 14.23 32.31
C GLU A 8 -9.64 13.71 30.91
N GLN A 9 -10.18 12.52 30.82
CA GLN A 9 -10.53 11.96 29.48
C GLN A 9 -9.37 12.18 28.52
N ALA A 10 -9.58 11.93 27.25
CA ALA A 10 -8.49 12.13 26.26
C ALA A 10 -9.10 12.37 24.87
N PRO A 11 -8.31 12.88 23.96
CA PRO A 11 -8.75 13.16 22.57
C PRO A 11 -8.75 11.90 21.71
N CYS A 12 -8.62 12.04 20.42
CA CYS A 12 -8.59 10.83 19.54
C CYS A 12 -7.15 10.57 19.15
N SER A 13 -6.91 9.57 18.35
CA SER A 13 -5.52 9.28 17.92
C SER A 13 -5.46 9.39 16.39
N VAL A 14 -4.34 9.74 15.86
CA VAL A 14 -4.20 9.89 14.40
C VAL A 14 -3.04 9.03 13.92
N TYR A 15 -3.25 8.25 12.90
CA TYR A 15 -2.15 7.40 12.37
C TYR A 15 -1.57 8.13 11.16
N PHE A 16 -0.54 8.87 11.37
CA PHE A 16 0.07 9.67 10.27
C PHE A 16 1.11 8.85 9.51
N CYS A 17 0.99 8.81 8.20
CA CYS A 17 1.98 8.04 7.37
C CYS A 17 2.72 9.00 6.42
N GLY A 18 3.88 8.62 5.95
CA GLY A 18 4.64 9.51 5.02
C GLY A 18 5.82 8.75 4.40
N SER A 19 6.51 9.37 3.47
CA SER A 19 7.68 8.68 2.81
C SER A 19 8.91 8.82 3.70
N ILE A 20 9.62 7.74 3.93
CA ILE A 20 10.83 7.80 4.80
C ILE A 20 11.97 6.99 4.17
N ARG A 21 13.16 7.53 4.12
CA ARG A 21 14.30 6.75 3.53
C ARG A 21 15.61 7.54 3.66
N GLY A 22 15.58 8.72 4.24
CA GLY A 22 16.84 9.51 4.39
C GLY A 22 16.51 10.99 4.51
N GLY A 23 16.17 11.45 5.69
CA GLY A 23 15.80 12.88 5.85
C GLY A 23 14.65 13.17 4.89
N ARG A 24 14.66 14.32 4.26
CA ARG A 24 13.58 14.68 3.28
C ARG A 24 12.81 15.92 3.74
N GLU A 25 12.63 16.87 2.86
CA GLU A 25 11.84 18.07 3.25
C GLU A 25 10.52 17.54 3.81
N ASP A 26 10.13 16.38 3.35
CA ASP A 26 8.89 15.74 3.85
C ASP A 26 9.12 15.32 5.30
N GLN A 27 10.31 14.88 5.61
CA GLN A 27 10.62 14.47 7.01
C GLN A 27 10.39 15.69 7.91
N ALA A 28 10.85 16.83 7.49
CA ALA A 28 10.64 18.06 8.31
C ALA A 28 9.15 18.38 8.34
N LEU A 29 8.52 18.35 7.19
CA LEU A 29 7.06 18.63 7.11
C LEU A 29 6.32 17.58 7.96
N TYR A 30 6.88 16.40 8.08
CA TYR A 30 6.23 15.33 8.87
C TYR A 30 6.26 15.68 10.35
N ALA A 31 7.39 16.05 10.87
CA ALA A 31 7.42 16.38 12.31
C ALA A 31 6.52 17.59 12.55
N ARG A 32 6.43 18.50 11.61
CA ARG A 32 5.51 19.67 11.80
C ARG A 32 4.07 19.17 11.66
N ILE A 33 3.77 18.54 10.56
CA ILE A 33 2.39 17.99 10.36
C ILE A 33 2.05 17.11 11.54
N VAL A 34 2.96 16.25 11.90
CA VAL A 34 2.73 15.34 13.06
C VAL A 34 2.52 16.17 14.33
N SER A 35 3.11 17.34 14.37
CA SER A 35 2.94 18.20 15.59
C SER A 35 1.49 18.71 15.65
N ARG A 36 0.92 19.03 14.52
CA ARG A 36 -0.50 19.51 14.53
C ARG A 36 -1.42 18.34 14.88
N LEU A 37 -1.21 17.22 14.25
CA LEU A 37 -2.05 16.04 14.57
C LEU A 37 -1.83 15.69 16.03
N ARG A 38 -0.60 15.76 16.46
CA ARG A 38 -0.27 15.46 17.88
C ARG A 38 -1.01 16.46 18.78
N ARG A 39 -1.31 17.62 18.27
CA ARG A 39 -2.06 18.62 19.11
C ARG A 39 -3.55 18.25 19.14
N TYR A 40 -4.05 17.72 18.06
CA TYR A 40 -5.50 17.35 17.98
C TYR A 40 -5.74 16.07 18.79
N GLY A 41 -4.98 15.05 18.52
CA GLY A 41 -5.14 13.78 19.26
C GLY A 41 -3.75 13.19 19.48
N LYS A 42 -3.66 11.90 19.60
CA LYS A 42 -2.34 11.26 19.81
C LYS A 42 -1.82 10.75 18.47
N VAL A 43 -0.59 11.05 18.13
CA VAL A 43 -0.04 10.53 16.84
C VAL A 43 0.61 9.18 17.13
N LEU A 44 0.03 8.13 16.64
CA LEU A 44 0.62 6.80 16.91
C LEU A 44 1.81 6.56 15.96
N THR A 45 1.77 7.14 14.80
CA THR A 45 2.89 6.96 13.84
C THR A 45 4.03 7.92 14.18
N GLU A 46 4.09 8.36 15.40
CA GLU A 46 5.18 9.31 15.80
C GLU A 46 6.51 8.83 15.21
N HIS A 47 6.68 7.55 15.07
CA HIS A 47 7.95 7.02 14.51
C HIS A 47 8.23 7.68 13.14
N VAL A 48 7.21 7.93 12.38
CA VAL A 48 7.42 8.54 11.04
C VAL A 48 8.31 9.78 11.17
N ALA A 49 7.83 10.79 11.81
CA ALA A 49 8.65 12.03 11.97
C ALA A 49 9.90 11.71 12.78
N ASP A 50 9.76 10.90 13.78
CA ASP A 50 10.96 10.55 14.59
C ASP A 50 11.96 9.85 13.68
N ALA A 51 11.63 9.69 12.42
CA ALA A 51 12.58 9.04 11.47
C ALA A 51 13.85 9.88 11.40
N GLU A 52 13.71 11.17 11.41
CA GLU A 52 14.91 12.05 11.35
C GLU A 52 15.93 11.60 12.40
N LEU A 53 15.47 10.93 13.43
CA LEU A 53 16.41 10.48 14.50
C LEU A 53 17.37 9.43 13.93
N GLU A 54 18.65 9.65 14.02
CA GLU A 54 19.61 8.65 13.48
C GLU A 54 19.27 8.36 12.02
N PRO A 55 20.17 7.79 11.27
CA PRO A 55 19.92 7.45 9.85
C PRO A 55 18.52 6.85 9.66
N LEU A 56 17.82 7.27 8.65
CA LEU A 56 16.44 6.72 8.44
C LEU A 56 16.57 5.38 7.73
N GLY A 57 16.29 5.35 6.45
CA GLY A 57 16.40 4.08 5.67
C GLY A 57 15.90 2.90 6.52
N GLU A 58 14.82 2.29 6.14
CA GLU A 58 14.29 1.13 6.91
C GLU A 58 15.47 0.30 7.41
N GLU A 59 16.37 -0.03 6.55
CA GLU A 59 17.56 -0.84 6.98
C GLU A 59 18.51 0.08 7.75
N ALA A 60 18.55 1.34 7.41
CA ALA A 60 19.45 2.29 8.12
C ALA A 60 18.76 2.77 9.40
N ALA A 61 18.21 1.88 10.16
CA ALA A 61 17.50 2.29 11.42
C ALA A 61 17.80 1.28 12.52
N GLY A 62 17.05 1.32 13.58
CA GLY A 62 17.29 0.36 14.71
C GLY A 62 16.15 -0.66 14.78
N GLY A 63 16.06 -1.54 13.81
CA GLY A 63 14.97 -2.56 13.84
C GLY A 63 13.87 -2.17 12.87
N ASP A 64 14.11 -2.34 11.59
CA ASP A 64 13.04 -2.01 10.60
C ASP A 64 11.78 -2.74 11.05
N GLN A 65 11.95 -3.94 11.53
CA GLN A 65 10.79 -4.73 12.02
C GLN A 65 10.18 -4.01 13.22
N PHE A 66 10.99 -3.60 14.17
CA PHE A 66 10.43 -2.88 15.35
C PHE A 66 9.67 -1.64 14.88
N ILE A 67 10.16 -1.00 13.85
CA ILE A 67 9.47 0.20 13.32
C ILE A 67 8.09 -0.25 12.79
N HIS A 68 8.06 -1.42 12.19
CA HIS A 68 6.78 -1.96 11.64
C HIS A 68 5.92 -2.52 12.77
N GLU A 69 6.41 -3.47 13.51
CA GLU A 69 5.59 -4.07 14.60
C GLU A 69 4.91 -2.95 15.41
N GLN A 70 5.64 -1.93 15.75
CA GLN A 70 5.03 -0.82 16.53
C GLN A 70 4.03 -0.06 15.65
N ASP A 71 4.38 0.20 14.42
CA ASP A 71 3.46 0.95 13.53
C ASP A 71 2.20 0.12 13.22
N LEU A 72 2.34 -1.18 13.09
CA LEU A 72 1.15 -2.04 12.80
C LEU A 72 0.22 -2.08 14.01
N ASN A 73 0.77 -2.41 15.16
CA ASN A 73 -0.07 -2.47 16.38
C ASN A 73 -0.74 -1.12 16.58
N TRP A 74 -0.02 -0.06 16.35
CA TRP A 74 -0.61 1.28 16.52
C TRP A 74 -1.69 1.50 15.46
N LEU A 75 -1.44 1.16 14.23
CA LEU A 75 -2.50 1.34 13.19
C LEU A 75 -3.77 0.69 13.71
N GLN A 76 -3.62 -0.40 14.41
CA GLN A 76 -4.81 -1.08 14.96
C GLN A 76 -5.36 -0.25 16.13
N GLN A 77 -4.50 0.42 16.86
CA GLN A 77 -4.98 1.24 18.00
C GLN A 77 -5.42 2.62 17.48
N ALA A 78 -5.28 2.85 16.21
CA ALA A 78 -5.63 4.18 15.64
C ALA A 78 -7.14 4.44 15.65
N ASP A 79 -7.51 5.63 16.04
CA ASP A 79 -8.95 6.03 16.04
C ASP A 79 -9.19 6.85 14.77
N VAL A 80 -8.15 7.54 14.34
CA VAL A 80 -8.25 8.36 13.10
C VAL A 80 -6.95 8.14 12.30
N VAL A 81 -7.03 8.12 10.99
CA VAL A 81 -5.78 7.88 10.19
C VAL A 81 -5.66 8.88 9.05
N VAL A 82 -4.46 9.35 8.81
CA VAL A 82 -4.22 10.32 7.70
C VAL A 82 -2.87 10.00 7.05
N ALA A 83 -2.84 9.72 5.79
CA ALA A 83 -1.55 9.39 5.12
C ALA A 83 -1.17 10.48 4.12
N GLU A 84 -0.02 11.07 4.29
CA GLU A 84 0.42 12.12 3.33
C GLU A 84 1.12 11.43 2.17
N VAL A 85 0.55 11.47 1.01
CA VAL A 85 1.17 10.78 -0.15
C VAL A 85 2.19 11.70 -0.83
N THR A 86 1.85 12.35 -1.91
CA THR A 86 2.86 13.23 -2.59
C THR A 86 4.06 12.39 -3.00
N GLN A 87 5.11 12.38 -2.21
CA GLN A 87 6.30 11.56 -2.56
C GLN A 87 5.87 10.09 -2.64
N PRO A 88 6.26 9.38 -3.67
CA PRO A 88 5.90 7.93 -3.82
C PRO A 88 6.55 7.06 -2.76
N SER A 89 5.76 6.45 -1.91
CA SER A 89 6.34 5.60 -0.83
C SER A 89 5.50 4.33 -0.68
N LEU A 90 6.14 3.18 -0.69
CA LEU A 90 5.38 1.91 -0.54
C LEU A 90 4.83 1.83 0.88
N GLY A 91 5.61 2.24 1.85
CA GLY A 91 5.12 2.19 3.26
C GLY A 91 3.86 3.03 3.35
N VAL A 92 3.86 4.19 2.74
CA VAL A 92 2.64 5.05 2.78
C VAL A 92 1.51 4.35 2.04
N GLY A 93 1.79 3.85 0.86
CA GLY A 93 0.72 3.14 0.09
C GLY A 93 0.23 1.95 0.91
N TYR A 94 1.10 1.36 1.68
CA TYR A 94 0.70 0.20 2.51
C TYR A 94 -0.25 0.66 3.61
N GLU A 95 0.09 1.72 4.31
CA GLU A 95 -0.80 2.20 5.40
C GLU A 95 -2.14 2.62 4.82
N LEU A 96 -2.15 3.17 3.64
CA LEU A 96 -3.44 3.58 3.02
C LEU A 96 -4.23 2.33 2.67
N GLY A 97 -3.61 1.37 2.05
CA GLY A 97 -4.31 0.11 1.70
C GLY A 97 -4.72 -0.61 2.98
N ARG A 98 -3.91 -0.50 4.00
CA ARG A 98 -4.22 -1.17 5.29
C ARG A 98 -5.49 -0.59 5.88
N ALA A 99 -5.65 0.71 5.87
CA ALA A 99 -6.91 1.28 6.43
C ALA A 99 -8.03 0.94 5.46
N VAL A 100 -7.74 0.81 4.20
CA VAL A 100 -8.81 0.46 3.24
C VAL A 100 -9.47 -0.81 3.77
N ALA A 101 -8.68 -1.79 4.08
CA ALA A 101 -9.22 -3.07 4.60
C ALA A 101 -9.45 -3.01 6.11
N LEU A 102 -8.41 -2.68 6.84
CA LEU A 102 -8.53 -2.56 8.33
C LEU A 102 -9.52 -1.46 8.63
N GLY A 103 -9.77 -0.66 7.66
CA GLY A 103 -10.71 0.45 7.86
C GLY A 103 -10.03 1.55 8.66
N LYS A 104 -10.84 2.40 9.18
CA LYS A 104 -10.40 3.57 9.99
C LYS A 104 -10.35 4.80 9.08
N PRO A 105 -10.84 5.94 9.52
CA PRO A 105 -10.85 7.18 8.70
C PRO A 105 -9.59 7.29 7.84
N ILE A 106 -9.74 7.16 6.55
CA ILE A 106 -8.53 7.21 5.65
C ILE A 106 -8.46 8.54 4.90
N LEU A 107 -7.85 9.52 5.50
CA LEU A 107 -7.70 10.82 4.80
C LEU A 107 -6.37 10.77 4.05
N CYS A 108 -6.39 10.83 2.75
CA CYS A 108 -5.12 10.77 1.97
C CYS A 108 -4.83 12.16 1.41
N LEU A 109 -3.59 12.57 1.42
CA LEU A 109 -3.26 13.94 0.90
C LEU A 109 -2.21 13.87 -0.22
N PHE A 110 -2.39 14.65 -1.25
CA PHE A 110 -1.41 14.68 -2.38
C PHE A 110 -1.27 16.14 -2.83
N ARG A 111 -0.07 16.58 -3.12
CA ARG A 111 0.12 18.00 -3.51
C ARG A 111 0.04 18.16 -5.03
N PRO A 112 -0.68 19.16 -5.51
CA PRO A 112 -0.81 19.43 -6.97
C PRO A 112 0.44 20.14 -7.51
N GLN A 113 1.07 20.95 -6.70
CA GLN A 113 2.30 21.66 -7.15
C GLN A 113 3.25 20.64 -7.76
N SER A 114 3.25 19.44 -7.24
CA SER A 114 4.13 18.38 -7.78
C SER A 114 3.32 17.52 -8.76
N GLY A 115 2.02 17.55 -8.63
CA GLY A 115 1.16 16.75 -9.53
C GLY A 115 1.80 15.39 -9.79
N ARG A 116 2.29 14.75 -8.76
CA ARG A 116 2.93 13.43 -8.95
C ARG A 116 1.88 12.39 -9.30
N VAL A 117 0.67 12.83 -9.54
CA VAL A 117 -0.42 11.87 -9.89
C VAL A 117 -0.52 10.78 -8.84
N LEU A 118 -1.49 10.88 -7.99
CA LEU A 118 -1.67 9.85 -6.94
C LEU A 118 -1.84 8.48 -7.62
N SER A 119 -1.24 7.46 -7.06
CA SER A 119 -1.34 6.10 -7.66
C SER A 119 -2.78 5.80 -8.06
N ALA A 120 -2.96 5.09 -9.15
CA ALA A 120 -4.34 4.77 -9.62
C ALA A 120 -5.07 3.96 -8.54
N MET A 121 -4.38 3.10 -7.86
CA MET A 121 -5.06 2.29 -6.81
C MET A 121 -5.47 3.20 -5.65
N ILE A 122 -4.58 4.04 -5.22
CA ILE A 122 -4.92 4.96 -4.11
C ILE A 122 -6.04 5.89 -4.54
N ARG A 123 -5.92 6.48 -5.70
CA ARG A 123 -6.98 7.41 -6.16
C ARG A 123 -8.25 6.62 -6.44
N GLY A 124 -8.13 5.50 -7.10
CA GLY A 124 -9.34 4.69 -7.41
C GLY A 124 -9.99 4.20 -6.12
N ALA A 125 -9.23 4.07 -5.05
CA ALA A 125 -9.84 3.62 -3.77
C ALA A 125 -10.96 4.59 -3.43
N ALA A 126 -10.64 5.86 -3.43
CA ALA A 126 -11.63 6.94 -3.13
C ALA A 126 -12.96 6.40 -2.62
N ASP A 127 -12.96 5.67 -1.55
CA ASP A 127 -14.26 5.17 -1.03
C ASP A 127 -15.06 6.38 -0.51
N GLY A 128 -14.37 7.34 0.04
CA GLY A 128 -15.07 8.54 0.60
C GLY A 128 -15.68 8.14 1.96
N SER A 129 -16.29 9.07 2.65
CA SER A 129 -16.92 8.77 3.97
C SER A 129 -15.88 8.16 4.90
N ARG A 130 -14.92 7.55 4.30
CA ARG A 130 -13.83 6.89 5.06
C ARG A 130 -12.54 6.92 4.25
N PHE A 131 -12.60 7.42 3.04
CA PHE A 131 -11.37 7.50 2.21
C PHE A 131 -11.52 8.66 1.25
N GLN A 132 -10.75 9.69 1.41
CA GLN A 132 -10.89 10.85 0.48
C GLN A 132 -9.52 11.38 0.09
N VAL A 133 -9.31 11.60 -1.17
CA VAL A 133 -8.00 12.17 -1.62
C VAL A 133 -8.10 13.69 -1.54
N TRP A 134 -7.51 14.29 -0.54
CA TRP A 134 -7.58 15.78 -0.41
C TRP A 134 -6.30 16.39 -0.97
N ASP A 135 -6.41 17.48 -1.68
CA ASP A 135 -5.20 18.12 -2.26
C ASP A 135 -4.69 19.20 -1.31
N TYR A 136 -3.39 19.33 -1.17
CA TYR A 136 -2.86 20.35 -0.22
C TYR A 136 -1.43 20.75 -0.59
N ALA A 137 -0.82 21.55 0.25
CA ALA A 137 0.58 21.98 0.00
C ALA A 137 1.18 22.43 1.33
N GLU A 138 2.48 22.43 1.45
CA GLU A 138 3.13 22.84 2.73
C GLU A 138 2.74 24.29 3.08
N GLY A 139 1.57 24.73 2.69
CA GLY A 139 1.14 26.11 3.01
C GLY A 139 -0.31 26.11 3.50
N GLU A 140 -0.94 24.97 3.54
CA GLU A 140 -2.35 24.90 4.00
C GLU A 140 -2.67 23.51 4.56
N VAL A 141 -1.66 22.70 4.75
CA VAL A 141 -1.91 21.34 5.28
C VAL A 141 -2.77 21.44 6.55
N GLU A 142 -2.48 22.40 7.37
CA GLU A 142 -3.30 22.56 8.61
C GLU A 142 -4.73 22.86 8.21
N THR A 143 -4.93 23.48 7.08
CA THR A 143 -6.32 23.81 6.65
C THR A 143 -7.07 22.54 6.23
N MET A 144 -6.47 21.71 5.42
CA MET A 144 -7.18 20.47 5.01
C MET A 144 -7.57 19.75 6.28
N LEU A 145 -6.65 19.60 7.20
CA LEU A 145 -7.00 18.92 8.46
C LEU A 145 -8.07 19.75 9.16
N ASP A 146 -8.06 21.04 8.96
CA ASP A 146 -9.09 21.91 9.61
C ASP A 146 -10.47 21.63 9.02
N ARG A 147 -10.55 21.43 7.73
CA ARG A 147 -11.90 21.17 7.14
C ARG A 147 -12.37 19.78 7.58
N TYR A 148 -11.55 18.79 7.39
CA TYR A 148 -11.93 17.42 7.79
C TYR A 148 -12.26 17.38 9.27
N PHE A 149 -11.43 17.96 10.09
CA PHE A 149 -11.72 17.93 11.54
C PHE A 149 -12.84 18.88 11.89
N GLU A 150 -12.95 19.97 11.19
CA GLU A 150 -14.10 20.87 11.49
C GLU A 150 -15.34 20.02 11.29
N ALA A 151 -15.21 19.02 10.44
CA ALA A 151 -16.35 18.10 10.19
C ALA A 151 -16.57 17.25 11.44
N TYR A 152 -15.56 17.11 12.26
CA TYR A 152 -15.73 16.28 13.49
C TYR A 152 -14.50 16.39 14.41
N LEU A 153 -14.62 17.16 15.44
CA LEU A 153 -13.50 17.29 16.42
C LEU A 153 -13.86 18.36 17.46
N PRO A 154 -14.96 18.19 18.14
CA PRO A 154 -15.42 19.13 19.19
C PRO A 154 -14.75 18.86 20.53
N GLN A 155 -13.54 18.36 20.49
CA GLN A 155 -12.81 18.05 21.77
C GLN A 155 -13.54 16.91 22.48
N LYS A 156 -14.14 16.01 21.75
CA LYS A 156 -14.87 14.89 22.40
C LYS A 156 -15.84 15.45 23.44
N THR A 157 -16.49 16.54 23.13
CA THR A 157 -17.45 17.14 24.10
C THR A 157 -18.40 16.07 24.60
N ALA A 158 -19.19 16.38 25.61
CA ALA A 158 -20.14 15.37 26.13
C ALA A 158 -21.09 14.93 25.02
N SER A 159 -21.36 15.79 24.08
CA SER A 159 -22.28 15.42 22.96
C SER A 159 -23.56 14.80 23.54
N SER A 160 -24.36 14.19 22.72
CA SER A 160 -25.61 13.56 23.21
C SER A 160 -25.79 12.19 22.56
N SER A 161 -26.55 11.32 23.18
CA SER A 161 -26.75 9.95 22.60
C SER A 161 -28.25 9.68 22.45
N HIS A 162 -28.63 8.93 21.45
CA HIS A 162 -30.08 8.62 21.26
C HIS A 162 -30.47 7.50 22.23
N PRO A 163 -31.72 7.46 22.63
CA PRO A 163 -32.22 6.41 23.57
C PRO A 163 -31.61 5.04 23.29
N SER A 164 -31.18 4.80 22.08
CA SER A 164 -30.57 3.48 21.75
C SER A 164 -29.20 3.39 22.39
N ALA A 165 -28.69 2.18 22.55
CA ALA A 165 -27.36 2.02 23.18
C ALA A 165 -26.29 2.71 22.33
N MET B 3 -19.98 -19.58 -17.33
CA MET B 3 -18.70 -18.89 -17.68
C MET B 3 -17.53 -19.85 -17.50
N ALA B 4 -17.68 -21.08 -17.91
CA ALA B 4 -16.58 -22.07 -17.75
C ALA B 4 -15.38 -21.63 -18.60
N ALA B 5 -14.19 -21.81 -18.09
CA ALA B 5 -12.99 -21.40 -18.87
C ALA B 5 -12.89 -22.24 -20.15
N SER B 6 -12.38 -21.68 -21.21
CA SER B 6 -12.26 -22.44 -22.47
C SER B 6 -11.32 -23.64 -22.26
N GLY B 7 -11.46 -24.65 -23.07
CA GLY B 7 -10.57 -25.85 -22.92
C GLY B 7 -11.05 -26.69 -21.74
N GLU B 8 -10.27 -27.64 -21.32
CA GLU B 8 -10.68 -28.50 -20.17
C GLU B 8 -10.19 -27.88 -18.86
N GLN B 9 -11.06 -27.70 -17.91
CA GLN B 9 -10.64 -27.09 -16.61
C GLN B 9 -9.78 -25.86 -16.87
N ALA B 10 -9.16 -25.34 -15.85
CA ALA B 10 -8.30 -24.13 -16.04
C ALA B 10 -7.25 -24.07 -14.92
N PRO B 11 -6.22 -23.27 -15.12
CA PRO B 11 -5.13 -23.10 -14.11
C PRO B 11 -5.54 -22.13 -13.02
N CYS B 12 -4.58 -21.49 -12.38
CA CYS B 12 -4.93 -20.52 -11.31
C CYS B 12 -4.79 -19.12 -11.88
N SER B 13 -5.01 -18.12 -11.08
CA SER B 13 -4.87 -16.72 -11.58
C SER B 13 -3.80 -16.03 -10.75
N VAL B 14 -3.13 -15.08 -11.33
CA VAL B 14 -2.07 -14.36 -10.59
C VAL B 14 -2.34 -12.86 -10.66
N TYR B 15 -2.28 -12.20 -9.53
CA TYR B 15 -2.51 -10.74 -9.52
C TYR B 15 -1.15 -10.07 -9.50
N PHE B 16 -0.65 -9.72 -10.65
CA PHE B 16 0.71 -9.11 -10.74
C PHE B 16 0.65 -7.59 -10.58
N CYS B 17 1.45 -7.06 -9.70
CA CYS B 17 1.47 -5.57 -9.47
C CYS B 17 2.85 -5.01 -9.81
N GLY B 18 2.94 -3.73 -10.10
CA GLY B 18 4.27 -3.13 -10.43
C GLY B 18 4.16 -1.59 -10.47
N SER B 19 5.27 -0.92 -10.63
CA SER B 19 5.25 0.58 -10.67
C SER B 19 4.85 1.05 -12.07
N ILE B 20 3.93 1.97 -12.17
CA ILE B 20 3.49 2.46 -13.50
C ILE B 20 3.34 3.99 -13.48
N ARG B 21 3.86 4.67 -14.47
CA ARG B 21 3.72 6.16 -14.50
C ARG B 21 4.31 6.75 -15.79
N GLY B 22 4.82 5.93 -16.66
CA GLY B 22 5.41 6.46 -17.93
C GLY B 22 6.43 5.47 -18.49
N GLY B 23 6.00 4.46 -19.18
CA GLY B 23 6.96 3.46 -19.71
C GLY B 23 7.73 2.90 -18.53
N ARG B 24 9.01 2.66 -18.69
CA ARG B 24 9.86 2.14 -17.56
C ARG B 24 10.46 0.77 -17.92
N GLU B 25 11.74 0.60 -17.71
CA GLU B 25 12.35 -0.72 -17.99
C GLU B 25 11.51 -1.74 -17.22
N ASP B 26 10.89 -1.29 -16.17
CA ASP B 26 10.02 -2.18 -15.37
C ASP B 26 8.77 -2.48 -16.19
N GLN B 27 8.31 -1.52 -16.95
CA GLN B 27 7.10 -1.75 -17.80
C GLN B 27 7.43 -2.89 -18.77
N ALA B 28 8.60 -2.87 -19.34
CA ALA B 28 8.98 -3.97 -20.28
C ALA B 28 9.13 -5.26 -19.47
N LEU B 29 9.81 -5.19 -18.37
CA LEU B 29 9.98 -6.40 -17.51
C LEU B 29 8.60 -6.87 -17.06
N TYR B 30 7.66 -5.97 -16.95
CA TYR B 30 6.29 -6.34 -16.50
C TYR B 30 5.60 -7.16 -17.58
N ALA B 31 5.61 -6.71 -18.79
CA ALA B 31 4.93 -7.50 -19.85
C ALA B 31 5.63 -8.86 -19.97
N ARG B 32 6.93 -8.90 -19.78
CA ARG B 32 7.64 -10.21 -19.84
C ARG B 32 7.26 -11.03 -18.59
N ILE B 33 7.47 -10.46 -17.43
CA ILE B 33 7.12 -11.17 -16.17
C ILE B 33 5.66 -11.57 -16.26
N VAL B 34 4.82 -10.65 -16.66
CA VAL B 34 3.37 -10.95 -16.78
C VAL B 34 3.18 -12.07 -17.81
N SER B 35 4.06 -12.17 -18.77
CA SER B 35 3.91 -13.26 -19.79
C SER B 35 4.18 -14.62 -19.12
N ARG B 36 5.11 -14.67 -18.21
CA ARG B 36 5.39 -15.97 -17.54
C ARG B 36 4.22 -16.31 -16.61
N LEU B 37 3.79 -15.35 -15.84
CA LEU B 37 2.64 -15.60 -14.93
C LEU B 37 1.44 -15.94 -15.80
N ARG B 38 1.29 -15.23 -16.89
CA ARG B 38 0.16 -15.51 -17.82
C ARG B 38 0.28 -16.94 -18.36
N ARG B 39 1.47 -17.47 -18.40
CA ARG B 39 1.65 -18.88 -18.88
C ARG B 39 1.25 -19.85 -17.76
N TYR B 40 1.53 -19.50 -16.54
CA TYR B 40 1.21 -20.40 -15.40
C TYR B 40 -0.29 -20.38 -15.12
N GLY B 41 -0.85 -19.21 -14.99
CA GLY B 41 -2.31 -19.09 -14.74
C GLY B 41 -2.82 -17.88 -15.50
N LYS B 42 -3.87 -17.27 -15.04
CA LYS B 42 -4.41 -16.06 -15.72
C LYS B 42 -3.89 -14.82 -15.00
N VAL B 43 -3.37 -13.86 -15.73
CA VAL B 43 -2.89 -12.61 -15.06
C VAL B 43 -4.07 -11.64 -15.02
N LEU B 44 -4.60 -11.37 -13.86
CA LEU B 44 -5.74 -10.44 -13.79
C LEU B 44 -5.24 -9.00 -13.86
N THR B 45 -4.04 -8.76 -13.41
CA THR B 45 -3.50 -7.36 -13.46
C THR B 45 -2.91 -7.10 -14.85
N GLU B 46 -3.37 -7.82 -15.84
CA GLU B 46 -2.84 -7.60 -17.22
C GLU B 46 -2.74 -6.11 -17.50
N HIS B 47 -3.61 -5.32 -16.92
CA HIS B 47 -3.57 -3.85 -17.16
C HIS B 47 -2.18 -3.31 -16.82
N VAL B 48 -1.55 -3.85 -15.81
CA VAL B 48 -0.21 -3.34 -15.42
C VAL B 48 0.70 -3.29 -16.65
N ALA B 49 1.04 -4.42 -17.20
CA ALA B 49 1.92 -4.42 -18.40
C ALA B 49 1.23 -3.71 -19.54
N ASP B 50 -0.04 -3.90 -19.69
CA ASP B 50 -0.77 -3.21 -20.79
C ASP B 50 -0.64 -1.70 -20.57
N ALA B 51 0.03 -1.31 -19.52
CA ALA B 51 0.21 0.14 -19.25
C ALA B 51 0.96 0.76 -20.42
N GLU B 52 1.94 0.07 -20.93
CA GLU B 52 2.71 0.61 -22.08
C GLU B 52 1.75 1.11 -23.17
N LEU B 53 0.55 0.60 -23.19
CA LEU B 53 -0.43 1.02 -24.23
C LEU B 53 -0.80 2.49 -24.00
N GLU B 54 -0.61 3.32 -24.99
CA GLU B 54 -0.97 4.76 -24.83
C GLU B 54 -0.26 5.29 -23.58
N PRO B 55 -0.17 6.59 -23.45
CA PRO B 55 0.49 7.22 -22.27
C PRO B 55 0.08 6.51 -20.97
N LEU B 56 1.00 6.24 -20.11
CA LEU B 56 0.64 5.55 -18.83
C LEU B 56 0.09 6.58 -17.85
N GLY B 57 0.88 6.97 -16.89
CA GLY B 57 0.41 7.99 -15.89
C GLY B 57 -1.06 7.76 -15.54
N GLU B 58 -1.34 7.38 -14.32
CA GLU B 58 -2.75 7.15 -13.92
C GLU B 58 -3.65 8.20 -14.59
N GLU B 59 -3.27 9.44 -14.50
CA GLU B 59 -4.08 10.51 -15.15
C GLU B 59 -3.84 10.47 -16.66
N ALA B 60 -2.65 10.09 -17.06
CA ALA B 60 -2.34 10.01 -18.52
C ALA B 60 -2.84 8.67 -19.07
N ALA B 61 -4.05 8.31 -18.75
CA ALA B 61 -4.59 7.01 -19.25
C ALA B 61 -6.06 7.18 -19.65
N GLY B 62 -6.76 6.10 -19.82
CA GLY B 62 -8.20 6.18 -20.22
C GLY B 62 -9.09 5.76 -19.05
N GLY B 63 -9.14 6.53 -18.00
CA GLY B 63 -10.00 6.16 -16.84
C GLY B 63 -9.13 5.60 -15.72
N ASP B 64 -8.43 6.44 -15.01
CA ASP B 64 -7.60 5.93 -13.89
C ASP B 64 -8.52 5.10 -13.01
N GLN B 65 -9.73 5.55 -12.85
CA GLN B 65 -10.72 4.80 -12.03
C GLN B 65 -10.98 3.44 -12.69
N PHE B 66 -11.24 3.44 -13.97
CA PHE B 66 -11.49 2.14 -14.68
C PHE B 66 -10.29 1.22 -14.47
N ILE B 67 -9.11 1.78 -14.47
CA ILE B 67 -7.89 0.94 -14.25
C ILE B 67 -7.99 0.36 -12.83
N HIS B 68 -8.48 1.14 -11.91
CA HIS B 68 -8.61 0.66 -10.51
C HIS B 68 -9.82 -0.27 -10.36
N GLU B 69 -11.00 0.20 -10.69
CA GLU B 69 -12.21 -0.65 -10.55
C GLU B 69 -11.92 -2.05 -11.12
N GLN B 70 -11.33 -2.12 -12.27
CA GLN B 70 -11.02 -3.46 -12.86
C GLN B 70 -9.94 -4.15 -12.04
N ASP B 71 -8.93 -3.43 -11.64
CA ASP B 71 -7.83 -4.06 -10.85
C ASP B 71 -8.34 -4.50 -9.47
N LEU B 72 -9.23 -3.75 -8.88
CA LEU B 72 -9.76 -4.13 -7.52
C LEU B 72 -10.64 -5.38 -7.65
N ASN B 73 -11.59 -5.34 -8.54
CA ASN B 73 -12.48 -6.52 -8.71
C ASN B 73 -11.63 -7.74 -9.03
N TRP B 74 -10.63 -7.55 -9.84
CA TRP B 74 -9.75 -8.70 -10.19
C TRP B 74 -8.96 -9.14 -8.96
N LEU B 75 -8.41 -8.22 -8.21
CA LEU B 75 -7.66 -8.63 -6.99
C LEU B 75 -8.57 -9.53 -6.17
N GLN B 76 -9.85 -9.25 -6.19
CA GLN B 76 -10.79 -10.10 -5.45
C GLN B 76 -10.95 -11.44 -6.18
N GLN B 77 -10.86 -11.42 -7.48
CA GLN B 77 -11.00 -12.70 -8.25
C GLN B 77 -9.64 -13.41 -8.29
N ALA B 78 -8.64 -12.82 -7.71
CA ALA B 78 -7.28 -13.43 -7.76
C ALA B 78 -7.19 -14.71 -6.92
N ASP B 79 -6.54 -15.71 -7.46
CA ASP B 79 -6.34 -16.99 -6.73
C ASP B 79 -4.90 -16.95 -6.20
N VAL B 80 -4.04 -16.28 -6.91
CA VAL B 80 -2.61 -16.15 -6.49
C VAL B 80 -2.20 -14.69 -6.73
N VAL B 81 -1.37 -14.14 -5.88
CA VAL B 81 -0.96 -12.71 -6.09
C VAL B 81 0.56 -12.55 -5.94
N VAL B 82 1.14 -11.73 -6.79
CA VAL B 82 2.61 -11.48 -6.73
C VAL B 82 2.86 -10.00 -7.07
N ALA B 83 3.48 -9.27 -6.17
CA ALA B 83 3.73 -7.83 -6.45
C ALA B 83 5.23 -7.56 -6.60
N GLU B 84 5.65 -7.04 -7.72
CA GLU B 84 7.09 -6.74 -7.91
C GLU B 84 7.35 -5.36 -7.34
N VAL B 85 8.11 -5.27 -6.27
CA VAL B 85 8.36 -3.95 -5.65
C VAL B 85 9.57 -3.28 -6.33
N THR B 86 10.74 -3.32 -5.76
CA THR B 86 11.91 -2.66 -6.41
C THR B 86 11.61 -1.16 -6.56
N GLN B 87 11.14 -0.73 -7.69
CA GLN B 87 10.83 0.71 -7.87
C GLN B 87 9.73 1.10 -6.87
N PRO B 88 9.88 2.19 -6.17
CA PRO B 88 8.88 2.64 -5.17
C PRO B 88 7.55 3.04 -5.83
N SER B 89 6.50 2.32 -5.55
CA SER B 89 5.18 2.66 -6.16
C SER B 89 4.07 2.52 -5.12
N LEU B 90 3.25 3.52 -5.01
CA LEU B 90 2.14 3.46 -4.02
C LEU B 90 1.12 2.42 -4.48
N GLY B 91 0.84 2.38 -5.75
CA GLY B 91 -0.12 1.38 -6.27
C GLY B 91 0.37 -0.02 -5.90
N VAL B 92 1.64 -0.25 -6.07
CA VAL B 92 2.20 -1.59 -5.72
C VAL B 92 2.09 -1.78 -4.21
N GLY B 93 2.49 -0.80 -3.44
CA GLY B 93 2.39 -0.92 -1.97
C GLY B 93 0.93 -1.15 -1.59
N TYR B 94 0.03 -0.57 -2.34
CA TYR B 94 -1.42 -0.73 -2.05
C TYR B 94 -1.85 -2.18 -2.32
N GLU B 95 -1.48 -2.72 -3.44
CA GLU B 95 -1.86 -4.12 -3.76
C GLU B 95 -1.25 -5.08 -2.73
N LEU B 96 -0.07 -4.77 -2.27
CA LEU B 96 0.57 -5.66 -1.25
C LEU B 96 -0.20 -5.53 0.06
N GLY B 97 -0.50 -4.33 0.47
CA GLY B 97 -1.26 -4.14 1.73
C GLY B 97 -2.67 -4.71 1.54
N ARG B 98 -3.20 -4.60 0.35
CA ARG B 98 -4.56 -5.13 0.09
C ARG B 98 -4.58 -6.65 0.27
N ALA B 99 -3.59 -7.34 -0.23
CA ALA B 99 -3.61 -8.82 0.00
C ALA B 99 -3.30 -9.07 1.47
N VAL B 100 -2.57 -8.20 2.09
CA VAL B 100 -2.27 -8.41 3.52
C VAL B 100 -3.61 -8.60 4.23
N ALA B 101 -4.52 -7.69 3.98
CA ALA B 101 -5.86 -7.76 4.63
C ALA B 101 -6.79 -8.67 3.81
N LEU B 102 -6.97 -8.36 2.56
CA LEU B 102 -7.84 -9.21 1.67
C LEU B 102 -7.25 -10.59 1.61
N GLY B 103 -6.03 -10.70 2.00
CA GLY B 103 -5.37 -12.01 1.97
C GLY B 103 -5.02 -12.36 0.53
N LYS B 104 -4.77 -13.61 0.34
CA LYS B 104 -4.37 -14.18 -0.99
C LYS B 104 -2.84 -14.28 -1.03
N PRO B 105 -2.30 -15.37 -1.52
CA PRO B 105 -0.82 -15.56 -1.60
C PRO B 105 -0.11 -14.25 -1.93
N ILE B 106 0.61 -13.70 -0.99
CA ILE B 106 1.30 -12.41 -1.24
C ILE B 106 2.80 -12.61 -1.45
N LEU B 107 3.20 -12.86 -2.67
CA LEU B 107 4.65 -13.01 -2.94
C LEU B 107 5.17 -11.64 -3.33
N CYS B 108 6.07 -11.08 -2.55
CA CYS B 108 6.60 -9.72 -2.88
C CYS B 108 8.04 -9.87 -3.38
N LEU B 109 8.42 -9.12 -4.38
CA LEU B 109 9.82 -9.25 -4.90
C LEU B 109 10.55 -7.90 -4.87
N PHE B 110 11.80 -7.92 -4.49
CA PHE B 110 12.61 -6.67 -4.45
C PHE B 110 14.03 -7.01 -4.96
N ARG B 111 14.61 -6.16 -5.76
CA ARG B 111 15.96 -6.48 -6.30
C ARG B 111 17.06 -5.92 -5.40
N PRO B 112 18.09 -6.69 -5.12
CA PRO B 112 19.22 -6.25 -4.28
C PRO B 112 20.18 -5.36 -5.08
N GLN B 113 20.32 -5.63 -6.36
CA GLN B 113 21.21 -4.80 -7.22
C GLN B 113 20.90 -3.33 -6.98
N SER B 114 19.65 -3.03 -6.73
CA SER B 114 19.25 -1.62 -6.48
C SER B 114 19.18 -1.39 -4.98
N GLY B 115 19.05 -2.46 -4.22
CA GLY B 115 18.98 -2.34 -2.75
C GLY B 115 18.15 -1.11 -2.37
N ARG B 116 17.02 -0.93 -3.02
CA ARG B 116 16.17 0.26 -2.70
C ARG B 116 15.56 0.09 -1.32
N VAL B 117 15.97 -0.92 -0.60
CA VAL B 117 15.40 -1.15 0.75
C VAL B 117 13.89 -1.22 0.70
N LEU B 118 13.35 -2.40 0.76
CA LEU B 118 11.88 -2.55 0.72
C LEU B 118 11.27 -1.74 1.87
N SER B 119 10.17 -1.08 1.62
CA SER B 119 9.52 -0.26 2.69
C SER B 119 9.47 -1.04 4.01
N ALA B 120 9.63 -0.34 5.11
CA ALA B 120 9.60 -1.02 6.43
C ALA B 120 8.25 -1.71 6.63
N MET B 121 7.19 -1.12 6.17
CA MET B 121 5.86 -1.76 6.35
C MET B 121 5.77 -3.02 5.49
N ILE B 122 6.20 -2.93 4.26
CA ILE B 122 6.14 -4.12 3.38
C ILE B 122 7.07 -5.19 3.93
N ARG B 123 8.27 -4.83 4.28
CA ARG B 123 9.21 -5.85 4.83
C ARG B 123 8.71 -6.32 6.19
N GLY B 124 8.30 -5.42 7.02
CA GLY B 124 7.81 -5.82 8.37
C GLY B 124 6.56 -6.70 8.23
N ALA B 125 5.83 -6.55 7.15
CA ALA B 125 4.61 -7.41 6.97
C ALA B 125 5.06 -8.87 7.03
N ALA B 126 6.04 -9.20 6.24
CA ALA B 126 6.61 -10.58 6.19
C ALA B 126 5.79 -11.58 6.99
N ASP B 127 4.54 -11.74 6.69
CA ASP B 127 3.74 -12.75 7.44
C ASP B 127 4.28 -14.13 7.08
N GLY B 128 4.69 -14.31 5.85
CA GLY B 128 5.19 -15.65 5.41
C GLY B 128 3.98 -16.56 5.17
N SER B 129 4.20 -17.76 4.70
CA SER B 129 3.07 -18.72 4.46
C SER B 129 2.07 -18.09 3.51
N ARG B 130 2.06 -16.80 3.53
CA ARG B 130 1.13 -16.02 2.68
C ARG B 130 1.76 -14.68 2.33
N PHE B 131 2.92 -14.39 2.86
CA PHE B 131 3.59 -13.10 2.53
C PHE B 131 5.08 -13.30 2.68
N GLN B 132 5.80 -13.25 1.60
CA GLN B 132 7.27 -13.46 1.72
C GLN B 132 8.02 -12.47 0.82
N VAL B 133 9.03 -11.84 1.35
CA VAL B 133 9.83 -10.90 0.51
C VAL B 133 10.93 -11.70 -0.19
N TRP B 134 10.77 -11.97 -1.45
CA TRP B 134 11.81 -12.77 -2.18
C TRP B 134 12.72 -11.81 -2.94
N ASP B 135 13.99 -12.07 -2.95
CA ASP B 135 14.93 -11.16 -3.69
C ASP B 135 15.15 -11.70 -5.09
N TYR B 136 15.26 -10.84 -6.08
CA TYR B 136 15.45 -11.34 -7.46
C TYR B 136 16.08 -10.26 -8.35
N ALA B 137 16.17 -10.55 -9.62
CA ALA B 137 16.74 -9.56 -10.58
C ALA B 137 16.25 -9.93 -11.99
N GLU B 138 16.26 -8.99 -12.89
CA GLU B 138 15.79 -9.28 -14.28
C GLU B 138 16.62 -10.39 -14.91
N GLY B 139 17.14 -11.30 -14.14
CA GLY B 139 17.97 -12.41 -14.70
C GLY B 139 17.56 -13.75 -14.05
N GLU B 140 16.63 -13.72 -13.14
CA GLU B 140 16.20 -14.98 -12.48
C GLU B 140 14.75 -14.85 -11.97
N VAL B 141 14.08 -13.80 -12.35
CA VAL B 141 12.68 -13.61 -11.88
C VAL B 141 11.90 -14.89 -12.13
N GLU B 142 12.09 -15.49 -13.27
CA GLU B 142 11.37 -16.75 -13.57
C GLU B 142 11.76 -17.81 -12.53
N THR B 143 12.95 -17.71 -12.01
CA THR B 143 13.40 -18.72 -11.01
C THR B 143 12.66 -18.52 -9.68
N MET B 144 12.60 -17.31 -9.19
CA MET B 144 11.88 -17.10 -7.90
C MET B 144 10.48 -17.65 -8.08
N LEU B 145 9.83 -17.31 -9.17
CA LEU B 145 8.48 -17.85 -9.39
C LEU B 145 8.59 -19.37 -9.51
N ASP B 146 9.71 -19.86 -9.99
CA ASP B 146 9.88 -21.33 -10.14
C ASP B 146 9.97 -21.99 -8.75
N ARG B 147 10.64 -21.37 -7.81
CA ARG B 147 10.74 -21.99 -6.46
C ARG B 147 9.38 -21.93 -5.78
N TYR B 148 8.80 -20.77 -5.75
CA TYR B 148 7.47 -20.61 -5.10
C TYR B 148 6.45 -21.53 -5.77
N PHE B 149 6.42 -21.55 -7.07
CA PHE B 149 5.43 -22.42 -7.75
C PHE B 149 5.88 -23.87 -7.68
N GLU B 150 7.15 -24.13 -7.68
CA GLU B 150 7.57 -25.54 -7.54
C GLU B 150 6.99 -26.00 -6.22
N ALA B 151 6.78 -25.07 -5.33
CA ALA B 151 6.18 -25.40 -4.01
C ALA B 151 4.71 -25.74 -4.23
N TYR B 152 4.12 -25.31 -5.32
CA TYR B 152 2.69 -25.63 -5.56
C TYR B 152 2.25 -25.17 -6.97
N LEU B 153 2.17 -26.08 -7.89
CA LEU B 153 1.69 -25.75 -9.25
C LEU B 153 1.81 -26.98 -10.15
N PRO B 154 1.18 -28.06 -9.77
CA PRO B 154 1.19 -29.32 -10.55
C PRO B 154 0.15 -29.30 -11.67
N GLN B 155 -0.13 -28.15 -12.21
CA GLN B 155 -1.14 -28.05 -13.30
C GLN B 155 -2.52 -28.42 -12.73
N LYS B 156 -2.77 -28.11 -11.49
CA LYS B 156 -4.09 -28.46 -10.88
C LYS B 156 -4.39 -29.92 -11.15
N THR B 157 -3.40 -30.78 -11.04
CA THR B 157 -3.63 -32.22 -11.29
C THR B 157 -4.83 -32.70 -10.47
N ALA B 158 -5.29 -33.89 -10.72
CA ALA B 158 -6.46 -34.43 -9.96
C ALA B 158 -6.13 -34.43 -8.47
N SER B 159 -4.88 -34.59 -8.13
CA SER B 159 -4.50 -34.61 -6.69
C SER B 159 -5.42 -35.56 -5.92
N SER B 160 -5.40 -35.50 -4.62
CA SER B 160 -6.27 -36.41 -3.81
C SER B 160 -6.91 -35.61 -2.68
N SER B 161 -8.00 -36.09 -2.14
CA SER B 161 -8.68 -35.35 -1.02
C SER B 161 -8.89 -36.31 0.16
N HIS B 162 -8.83 -35.80 1.35
CA HIS B 162 -9.03 -36.67 2.54
C HIS B 162 -10.53 -36.91 2.73
N PRO B 163 -10.89 -38.02 3.32
CA PRO B 163 -12.33 -38.37 3.55
C PRO B 163 -13.15 -37.14 3.97
N SER B 164 -12.51 -36.15 4.53
CA SER B 164 -13.26 -34.93 4.95
C SER B 164 -13.64 -34.13 3.70
N ALA B 165 -14.62 -33.26 3.82
CA ALA B 165 -15.04 -32.45 2.64
C ALA B 165 -13.95 -31.43 2.31
N MET A 3 -4.80 24.14 40.15
CA MET A 3 -5.51 24.68 41.35
C MET A 3 -6.97 24.19 41.34
N ALA A 4 -7.74 24.59 40.37
CA ALA A 4 -9.16 24.15 40.31
C ALA A 4 -9.22 22.69 39.87
N ALA A 5 -10.26 21.99 40.25
CA ALA A 5 -10.38 20.56 39.84
C ALA A 5 -10.91 20.48 38.41
N SER A 6 -10.49 19.48 37.67
CA SER A 6 -10.98 19.32 36.27
C SER A 6 -11.24 17.85 35.97
N GLY A 7 -12.22 17.56 35.17
CA GLY A 7 -12.52 16.13 34.85
C GLY A 7 -11.43 15.58 33.95
N GLU A 8 -11.51 14.31 33.62
CA GLU A 8 -10.47 13.70 32.73
C GLU A 8 -11.03 13.53 31.32
N GLN A 9 -10.23 13.78 30.32
CA GLN A 9 -10.71 13.64 28.92
C GLN A 9 -9.56 13.22 28.02
N ALA A 10 -9.83 12.99 26.76
CA ALA A 10 -8.74 12.58 25.83
C ALA A 10 -9.27 12.60 24.38
N PRO A 11 -8.51 13.13 23.47
CA PRO A 11 -8.93 13.20 22.03
C PRO A 11 -8.82 11.84 21.33
N CYS A 12 -9.58 11.63 20.29
CA CYS A 12 -9.49 10.34 19.57
C CYS A 12 -8.04 10.09 19.20
N SER A 13 -7.77 9.03 18.48
CA SER A 13 -6.37 8.75 18.07
C SER A 13 -6.25 8.96 16.57
N VAL A 14 -5.08 9.30 16.12
CA VAL A 14 -4.87 9.53 14.68
C VAL A 14 -3.52 8.96 14.27
N TYR A 15 -3.51 8.30 13.14
CA TYR A 15 -2.24 7.69 12.64
C TYR A 15 -1.83 8.36 11.34
N PHE A 16 -0.77 9.11 11.36
CA PHE A 16 -0.31 9.80 10.12
C PHE A 16 0.80 8.97 9.47
N CYS A 17 0.65 8.59 8.23
CA CYS A 17 1.71 7.80 7.54
C CYS A 17 2.54 8.74 6.66
N GLY A 18 3.83 8.51 6.58
CA GLY A 18 4.69 9.40 5.75
C GLY A 18 5.80 8.58 5.09
N SER A 19 6.35 9.07 4.01
CA SER A 19 7.43 8.32 3.31
C SER A 19 8.76 8.59 4.01
N ILE A 20 9.40 7.55 4.51
CA ILE A 20 10.71 7.74 5.19
C ILE A 20 11.82 7.16 4.30
N ARG A 21 12.93 7.85 4.20
CA ARG A 21 14.06 7.37 3.33
C ARG A 21 13.80 7.78 1.88
N GLY A 22 12.82 8.62 1.66
CA GLY A 22 12.51 9.09 0.28
C GLY A 22 12.87 10.56 0.18
N GLY A 23 13.08 11.18 1.30
CA GLY A 23 13.42 12.63 1.33
C GLY A 23 13.25 13.14 2.76
N ARG A 24 14.33 13.32 3.47
CA ARG A 24 14.21 13.80 4.87
C ARG A 24 13.40 15.09 4.91
N GLU A 25 13.38 15.83 3.84
CA GLU A 25 12.57 17.08 3.82
C GLU A 25 11.15 16.71 4.25
N ASP A 26 10.67 15.58 3.80
CA ASP A 26 9.31 15.14 4.18
C ASP A 26 9.31 14.83 5.69
N GLN A 27 10.43 14.43 6.22
CA GLN A 27 10.48 14.15 7.68
C GLN A 27 10.22 15.45 8.43
N ALA A 28 10.78 16.53 7.96
CA ALA A 28 10.54 17.83 8.62
C ALA A 28 9.06 18.15 8.50
N LEU A 29 8.52 18.07 7.31
CA LEU A 29 7.07 18.34 7.11
C LEU A 29 6.27 17.37 8.00
N TYR A 30 6.79 16.19 8.19
CA TYR A 30 6.08 15.19 9.04
C TYR A 30 6.11 15.64 10.49
N ALA A 31 7.25 16.03 10.98
CA ALA A 31 7.30 16.44 12.39
C ALA A 31 6.36 17.64 12.60
N ARG A 32 6.29 18.54 11.65
CA ARG A 32 5.36 19.69 11.80
C ARG A 32 3.93 19.18 11.70
N ILE A 33 3.61 18.51 10.62
CA ILE A 33 2.24 17.97 10.46
C ILE A 33 1.92 17.13 11.69
N VAL A 34 2.83 16.29 12.06
CA VAL A 34 2.62 15.45 13.27
C VAL A 34 2.39 16.35 14.48
N SER A 35 3.00 17.51 14.50
CA SER A 35 2.81 18.42 15.66
C SER A 35 1.35 18.85 15.74
N ARG A 36 0.75 19.17 14.63
CA ARG A 36 -0.70 19.57 14.68
C ARG A 36 -1.51 18.36 15.14
N LEU A 37 -1.14 17.21 14.65
CA LEU A 37 -1.85 15.98 15.07
C LEU A 37 -1.63 15.81 16.57
N ARG A 38 -0.42 16.03 17.01
CA ARG A 38 -0.13 15.91 18.46
C ARG A 38 -1.07 16.85 19.22
N ARG A 39 -1.49 17.94 18.62
CA ARG A 39 -2.44 18.84 19.32
C ARG A 39 -3.77 18.08 19.42
N TYR A 40 -4.32 17.72 18.31
CA TYR A 40 -5.59 16.91 18.30
C TYR A 40 -5.30 15.68 17.45
N GLY A 41 -5.95 14.56 17.67
CA GLY A 41 -5.62 13.37 16.85
C GLY A 41 -4.40 12.69 17.48
N LYS A 42 -4.54 12.20 18.67
CA LYS A 42 -3.37 11.54 19.34
C LYS A 42 -2.52 10.84 18.28
N VAL A 43 -1.27 11.19 18.16
CA VAL A 43 -0.42 10.54 17.13
C VAL A 43 0.10 9.22 17.68
N LEU A 44 -0.38 8.12 17.19
CA LEU A 44 0.12 6.82 17.71
C LEU A 44 1.54 6.58 17.22
N THR A 45 1.84 6.97 16.00
CA THR A 45 3.21 6.74 15.46
C THR A 45 4.08 7.96 15.75
N GLU A 46 4.80 7.95 16.84
CA GLU A 46 5.69 9.10 17.17
C GLU A 46 7.09 8.84 16.61
N HIS A 47 7.43 7.59 16.41
CA HIS A 47 8.78 7.26 15.87
C HIS A 47 8.96 7.88 14.49
N VAL A 48 7.93 7.89 13.68
CA VAL A 48 8.06 8.48 12.31
C VAL A 48 8.76 9.83 12.40
N ALA A 49 8.09 10.83 12.87
CA ALA A 49 8.74 12.17 12.97
C ALA A 49 10.04 12.04 13.75
N ASP A 50 10.00 11.38 14.86
CA ASP A 50 11.24 11.21 15.65
C ASP A 50 12.14 10.21 14.91
N ALA A 51 12.26 10.38 13.62
CA ALA A 51 13.12 9.47 12.81
C ALA A 51 14.16 10.30 12.07
N GLU A 52 13.97 11.59 11.99
CA GLU A 52 14.97 12.46 11.30
C GLU A 52 16.27 12.44 12.09
N LEU A 53 16.27 11.85 13.25
CA LEU A 53 17.53 11.78 14.06
C LEU A 53 18.36 10.59 13.61
N GLU A 54 19.63 10.81 13.34
CA GLU A 54 20.50 9.69 12.88
C GLU A 54 19.87 9.06 11.62
N PRO A 55 20.65 8.39 10.83
CA PRO A 55 20.15 7.73 9.58
C PRO A 55 18.95 6.83 9.87
N LEU A 56 17.79 7.20 9.40
CA LEU A 56 16.57 6.36 9.66
C LEU A 56 16.36 5.36 8.51
N GLY A 57 17.17 5.42 7.50
CA GLY A 57 16.99 4.48 6.35
C GLY A 57 16.79 3.06 6.90
N GLU A 58 16.07 2.24 6.19
CA GLU A 58 15.84 0.85 6.68
C GLU A 58 17.19 0.19 6.97
N GLU A 59 18.19 0.50 6.19
CA GLU A 59 19.53 -0.10 6.44
C GLU A 59 20.07 0.44 7.77
N ALA A 60 19.42 1.43 8.32
CA ALA A 60 19.88 2.00 9.62
C ALA A 60 19.92 0.89 10.67
N ALA A 61 20.37 1.18 11.86
CA ALA A 61 20.42 0.14 12.93
C ALA A 61 19.08 -0.60 12.96
N GLY A 62 19.04 -1.74 13.61
CA GLY A 62 17.76 -2.52 13.68
C GLY A 62 16.61 -1.57 13.96
N GLY A 63 15.44 -1.89 13.50
CA GLY A 63 14.27 -1.00 13.75
C GLY A 63 13.22 -1.23 12.67
N ASP A 64 13.58 -1.83 11.57
CA ASP A 64 12.58 -2.05 10.48
C ASP A 64 11.43 -2.89 11.03
N GLN A 65 11.74 -3.92 11.77
CA GLN A 65 10.66 -4.75 12.35
C GLN A 65 10.00 -3.96 13.48
N PHE A 66 10.78 -3.51 14.41
CA PHE A 66 10.22 -2.71 15.54
C PHE A 66 9.48 -1.50 14.96
N ILE A 67 9.90 -1.01 13.81
CA ILE A 67 9.18 0.14 13.20
C ILE A 67 7.83 -0.36 12.72
N HIS A 68 7.82 -1.45 12.01
CA HIS A 68 6.54 -2.02 11.49
C HIS A 68 5.67 -2.47 12.67
N GLU A 69 6.18 -3.31 13.52
CA GLU A 69 5.36 -3.80 14.66
C GLU A 69 4.71 -2.62 15.38
N GLN A 70 5.48 -1.66 15.80
CA GLN A 70 4.88 -0.50 16.54
C GLN A 70 4.08 0.40 15.59
N ASP A 71 4.67 0.80 14.49
CA ASP A 71 3.97 1.71 13.54
C ASP A 71 2.69 1.06 12.99
N LEU A 72 2.79 -0.11 12.41
CA LEU A 72 1.58 -0.76 11.82
C LEU A 72 0.64 -1.27 12.91
N ASN A 73 1.13 -1.82 13.99
CA ASN A 73 0.19 -2.31 15.04
C ASN A 73 -0.66 -1.12 15.50
N TRP A 74 -0.02 -0.04 15.83
CA TRP A 74 -0.79 1.14 16.27
C TRP A 74 -1.73 1.56 15.14
N LEU A 75 -1.27 1.47 13.91
CA LEU A 75 -2.16 1.84 12.77
C LEU A 75 -3.47 1.10 12.96
N GLN A 76 -3.39 -0.13 13.40
CA GLN A 76 -4.63 -0.91 13.62
C GLN A 76 -5.35 -0.39 14.86
N GLN A 77 -4.63 0.12 15.83
CA GLN A 77 -5.31 0.64 17.06
C GLN A 77 -5.73 2.10 16.81
N ALA A 78 -5.46 2.61 15.65
CA ALA A 78 -5.81 4.03 15.36
C ALA A 78 -7.32 4.23 15.24
N ASP A 79 -7.87 5.10 16.05
CA ASP A 79 -9.32 5.39 15.97
C ASP A 79 -9.55 6.13 14.65
N VAL A 80 -8.61 6.98 14.30
CA VAL A 80 -8.70 7.74 13.02
C VAL A 80 -7.35 7.61 12.30
N VAL A 81 -7.35 7.67 10.99
CA VAL A 81 -6.05 7.52 10.27
C VAL A 81 -5.89 8.54 9.15
N VAL A 82 -4.68 8.99 8.98
CA VAL A 82 -4.35 9.97 7.90
C VAL A 82 -3.06 9.48 7.24
N ALA A 83 -2.80 9.84 6.03
CA ALA A 83 -1.55 9.35 5.38
C ALA A 83 -1.20 10.19 4.16
N GLU A 84 -0.03 10.76 4.14
CA GLU A 84 0.38 11.56 2.96
C GLU A 84 0.91 10.61 1.89
N VAL A 85 0.25 10.53 0.77
CA VAL A 85 0.74 9.61 -0.31
C VAL A 85 1.47 10.42 -1.36
N THR A 86 2.09 11.49 -0.95
CA THR A 86 2.86 12.35 -1.88
C THR A 86 4.01 11.56 -2.51
N GLN A 87 5.22 11.87 -2.12
CA GLN A 87 6.41 11.17 -2.69
C GLN A 87 6.11 9.66 -2.84
N PRO A 88 6.30 9.09 -4.00
CA PRO A 88 6.05 7.64 -4.23
C PRO A 88 6.66 6.79 -3.10
N SER A 89 5.85 6.13 -2.31
CA SER A 89 6.39 5.31 -1.20
C SER A 89 5.58 4.03 -1.04
N LEU A 90 6.23 2.91 -0.95
CA LEU A 90 5.49 1.62 -0.78
C LEU A 90 5.08 1.46 0.68
N GLY A 91 5.95 1.78 1.59
CA GLY A 91 5.61 1.65 3.04
C GLY A 91 4.39 2.51 3.34
N VAL A 92 4.29 3.66 2.73
CA VAL A 92 3.12 4.53 2.99
C VAL A 92 1.90 3.94 2.28
N GLY A 93 2.07 3.49 1.07
CA GLY A 93 0.92 2.88 0.34
C GLY A 93 0.48 1.63 1.11
N TYR A 94 1.39 1.05 1.85
CA TYR A 94 1.06 -0.16 2.65
C TYR A 94 0.14 0.22 3.80
N GLU A 95 0.57 1.14 4.62
CA GLU A 95 -0.29 1.56 5.76
C GLU A 95 -1.60 2.13 5.21
N LEU A 96 -1.53 2.76 4.07
CA LEU A 96 -2.77 3.32 3.46
C LEU A 96 -3.64 2.18 2.96
N GLY A 97 -3.08 1.26 2.21
CA GLY A 97 -3.87 0.11 1.71
C GLY A 97 -4.37 -0.71 2.90
N ARG A 98 -3.48 -1.06 3.78
CA ARG A 98 -3.89 -1.84 4.98
C ARG A 98 -4.97 -1.06 5.71
N ALA A 99 -4.86 0.24 5.72
CA ALA A 99 -5.89 1.05 6.41
C ALA A 99 -7.20 0.91 5.63
N VAL A 100 -7.12 0.88 4.33
CA VAL A 100 -8.34 0.72 3.52
C VAL A 100 -9.09 -0.53 3.99
N ALA A 101 -8.36 -1.58 4.23
CA ALA A 101 -8.99 -2.86 4.64
C ALA A 101 -9.47 -2.83 6.11
N LEU A 102 -8.64 -2.40 7.02
CA LEU A 102 -9.06 -2.37 8.47
C LEU A 102 -9.02 -0.96 9.00
N GLY A 103 -8.18 -0.14 8.47
CA GLY A 103 -8.10 1.26 8.96
C GLY A 103 -9.51 1.78 9.21
N LYS A 104 -9.58 2.84 9.96
CA LYS A 104 -10.89 3.48 10.27
C LYS A 104 -11.03 4.67 9.30
N PRO A 105 -11.87 5.66 9.53
CA PRO A 105 -11.98 6.80 8.58
C PRO A 105 -10.59 7.23 8.10
N ILE A 106 -10.32 7.07 6.83
CA ILE A 106 -8.95 7.40 6.31
C ILE A 106 -8.94 8.69 5.49
N LEU A 107 -7.92 9.48 5.70
CA LEU A 107 -7.76 10.75 4.92
C LEU A 107 -6.37 10.73 4.29
N CYS A 108 -6.28 10.76 2.99
CA CYS A 108 -4.94 10.73 2.32
C CYS A 108 -4.58 12.14 1.85
N LEU A 109 -3.31 12.41 1.67
CA LEU A 109 -2.90 13.78 1.23
C LEU A 109 -1.71 13.69 0.27
N PHE A 110 -1.82 14.30 -0.89
CA PHE A 110 -0.68 14.27 -1.86
C PHE A 110 -0.52 15.67 -2.49
N ARG A 111 0.68 16.07 -2.77
CA ARG A 111 0.90 17.42 -3.38
C ARG A 111 1.79 17.26 -4.62
N PRO A 112 1.59 18.11 -5.61
CA PRO A 112 2.38 18.05 -6.88
C PRO A 112 3.83 18.55 -6.69
N GLN A 113 4.38 18.38 -5.51
CA GLN A 113 5.77 18.85 -5.26
C GLN A 113 6.72 17.66 -5.23
N SER A 114 6.35 16.60 -4.56
CA SER A 114 7.24 15.40 -4.49
C SER A 114 6.43 14.17 -4.87
N GLY A 115 5.13 14.25 -4.73
CA GLY A 115 4.25 13.09 -5.05
C GLY A 115 3.89 13.11 -6.53
N ARG A 116 3.39 14.22 -7.01
CA ARG A 116 3.01 14.30 -8.46
C ARG A 116 2.38 12.98 -8.86
N VAL A 117 1.08 12.93 -8.94
CA VAL A 117 0.40 11.66 -9.26
C VAL A 117 0.73 10.67 -8.14
N LEU A 118 -0.13 10.60 -7.18
CA LEU A 118 0.10 9.69 -6.03
C LEU A 118 -0.06 8.22 -6.45
N SER A 119 -1.07 7.90 -7.23
CA SER A 119 -1.24 6.49 -7.67
C SER A 119 -2.66 6.27 -8.20
N ALA A 120 -2.78 5.61 -9.32
CA ALA A 120 -4.13 5.36 -9.91
C ALA A 120 -4.93 4.46 -8.97
N MET A 121 -4.34 3.41 -8.48
CA MET A 121 -5.07 2.49 -7.57
C MET A 121 -5.50 3.24 -6.32
N ILE A 122 -4.60 3.98 -5.72
CA ILE A 122 -4.96 4.75 -4.51
C ILE A 122 -6.08 5.73 -4.87
N ARG A 123 -5.96 6.36 -6.01
CA ARG A 123 -7.01 7.34 -6.43
C ARG A 123 -8.34 6.62 -6.62
N GLY A 124 -8.34 5.48 -7.25
CA GLY A 124 -9.62 4.75 -7.47
C GLY A 124 -10.21 4.34 -6.11
N ALA A 125 -9.37 4.05 -5.15
CA ALA A 125 -9.90 3.66 -3.81
C ALA A 125 -10.79 4.77 -3.29
N ALA A 126 -10.61 5.96 -3.81
CA ALA A 126 -11.43 7.12 -3.39
C ALA A 126 -12.87 6.68 -3.13
N ASP A 127 -13.27 6.67 -1.89
CA ASP A 127 -14.67 6.26 -1.56
C ASP A 127 -15.47 7.51 -1.19
N GLY A 128 -14.82 8.50 -0.66
CA GLY A 128 -15.55 9.75 -0.29
C GLY A 128 -16.33 9.52 1.00
N SER A 129 -16.18 8.36 1.60
CA SER A 129 -16.91 8.05 2.86
C SER A 129 -15.91 7.71 3.94
N ARG A 130 -15.40 6.50 3.93
CA ARG A 130 -14.41 6.09 4.96
C ARG A 130 -13.00 6.22 4.38
N PHE A 131 -12.92 6.55 3.11
CA PHE A 131 -11.59 6.70 2.45
C PHE A 131 -11.62 7.95 1.57
N GLN A 132 -10.71 8.87 1.75
CA GLN A 132 -10.73 10.11 0.92
C GLN A 132 -9.32 10.50 0.47
N VAL A 133 -9.22 11.12 -0.68
CA VAL A 133 -7.90 11.57 -1.21
C VAL A 133 -7.91 13.09 -1.35
N TRP A 134 -7.21 13.80 -0.48
CA TRP A 134 -7.21 15.30 -0.56
C TRP A 134 -5.87 15.79 -1.11
N ASP A 135 -5.88 16.84 -1.86
CA ASP A 135 -4.61 17.37 -2.44
C ASP A 135 -4.17 18.56 -1.59
N TYR A 136 -2.93 18.96 -1.65
CA TYR A 136 -2.49 20.10 -0.80
C TYR A 136 -1.06 20.51 -1.15
N ALA A 137 -0.47 21.35 -0.32
CA ALA A 137 0.92 21.81 -0.56
C ALA A 137 1.70 21.63 0.74
N GLU A 138 2.99 21.39 0.72
CA GLU A 138 3.70 21.26 2.01
C GLU A 138 2.98 22.20 2.96
N GLY A 139 2.51 23.30 2.42
CA GLY A 139 1.71 24.26 3.20
C GLY A 139 0.23 23.94 2.96
N GLU A 140 -0.65 24.72 3.50
CA GLU A 140 -2.11 24.50 3.34
C GLU A 140 -2.46 23.10 3.87
N VAL A 141 -1.47 22.30 4.11
CA VAL A 141 -1.74 20.92 4.63
C VAL A 141 -2.49 21.05 5.96
N GLU A 142 -2.01 21.90 6.83
CA GLU A 142 -2.70 22.06 8.14
C GLU A 142 -4.17 22.37 7.87
N THR A 143 -4.45 23.06 6.79
CA THR A 143 -5.86 23.38 6.47
C THR A 143 -6.58 22.09 6.10
N MET A 144 -5.94 21.23 5.34
CA MET A 144 -6.60 19.95 4.97
C MET A 144 -7.08 19.30 6.24
N LEU A 145 -6.24 19.23 7.22
CA LEU A 145 -6.65 18.62 8.50
C LEU A 145 -7.76 19.47 9.12
N ASP A 146 -7.66 20.76 9.01
CA ASP A 146 -8.70 21.65 9.59
C ASP A 146 -10.04 21.43 8.91
N ARG A 147 -10.08 21.26 7.61
CA ARG A 147 -11.40 21.07 6.96
C ARG A 147 -11.95 19.70 7.35
N TYR A 148 -11.15 18.68 7.21
CA TYR A 148 -11.60 17.34 7.58
C TYR A 148 -11.99 17.29 9.05
N PHE A 149 -11.14 17.80 9.90
CA PHE A 149 -11.44 17.77 11.35
C PHE A 149 -12.57 18.73 11.67
N GLU A 150 -12.68 19.82 10.98
CA GLU A 150 -13.80 20.75 11.26
C GLU A 150 -15.09 19.98 11.00
N ALA A 151 -15.05 19.05 10.07
CA ALA A 151 -16.25 18.22 9.81
C ALA A 151 -16.23 17.09 10.83
N TYR A 152 -15.39 17.21 11.82
CA TYR A 152 -15.26 16.13 12.82
C TYR A 152 -15.16 16.69 14.24
N LEU A 153 -13.98 16.68 14.80
CA LEU A 153 -13.77 17.17 16.20
C LEU A 153 -14.71 18.33 16.51
N PRO A 154 -15.88 18.04 17.04
CA PRO A 154 -16.88 19.05 17.41
C PRO A 154 -16.78 19.43 18.89
N GLN A 155 -17.39 18.66 19.75
CA GLN A 155 -17.33 18.96 21.20
C GLN A 155 -16.02 18.39 21.76
N LYS A 156 -15.46 17.42 21.09
CA LYS A 156 -14.18 16.81 21.58
C LYS A 156 -13.15 17.93 21.80
N THR A 157 -13.17 18.93 20.96
CA THR A 157 -12.19 20.04 21.13
C THR A 157 -12.36 20.68 22.51
N ALA A 158 -13.57 20.84 22.95
CA ALA A 158 -13.81 21.45 24.28
C ALA A 158 -13.72 20.37 25.36
N SER A 159 -14.40 19.28 25.18
CA SER A 159 -14.35 18.18 26.18
C SER A 159 -14.70 16.85 25.52
N SER A 160 -14.04 15.80 25.89
CA SER A 160 -14.33 14.47 25.28
C SER A 160 -15.65 13.94 25.85
N SER A 161 -16.23 12.96 25.21
CA SER A 161 -17.51 12.40 25.71
C SER A 161 -17.28 11.74 27.08
N HIS A 162 -18.30 11.67 27.89
CA HIS A 162 -18.14 11.04 29.23
C HIS A 162 -17.66 9.60 29.06
N PRO A 163 -16.95 9.07 30.02
CA PRO A 163 -16.44 7.67 29.98
C PRO A 163 -17.49 6.70 29.44
N SER A 164 -18.73 7.07 29.47
CA SER A 164 -19.80 6.16 28.96
C SER A 164 -19.47 5.75 27.52
N ALA A 165 -18.81 6.60 26.79
CA ALA A 165 -18.46 6.27 25.38
C ALA A 165 -17.42 5.15 25.38
N MET B 3 -7.90 -33.28 -32.39
CA MET B 3 -8.32 -34.60 -32.91
C MET B 3 -8.77 -35.49 -31.75
N ALA B 4 -7.89 -35.79 -30.83
CA ALA B 4 -8.27 -36.65 -29.68
C ALA B 4 -9.10 -35.83 -28.70
N ALA B 5 -9.93 -36.48 -27.92
CA ALA B 5 -10.77 -35.73 -26.94
C ALA B 5 -9.94 -35.43 -25.68
N SER B 6 -10.19 -34.32 -25.06
CA SER B 6 -9.42 -33.96 -23.82
C SER B 6 -10.37 -33.35 -22.78
N GLY B 7 -10.13 -33.59 -21.53
CA GLY B 7 -11.03 -33.02 -20.48
C GLY B 7 -10.80 -31.52 -20.37
N GLU B 8 -11.55 -30.85 -19.55
CA GLU B 8 -11.39 -29.37 -19.40
C GLU B 8 -10.63 -29.07 -18.11
N GLN B 9 -9.75 -28.12 -18.13
CA GLN B 9 -8.98 -27.77 -16.91
C GLN B 9 -8.65 -26.28 -16.91
N ALA B 10 -8.03 -25.80 -15.87
CA ALA B 10 -7.66 -24.36 -15.82
C ALA B 10 -6.76 -24.10 -14.61
N PRO B 11 -5.70 -23.34 -14.79
CA PRO B 11 -4.75 -23.01 -13.69
C PRO B 11 -5.33 -21.99 -12.71
N CYS B 12 -4.86 -21.98 -11.49
CA CYS B 12 -5.38 -20.99 -10.51
C CYS B 12 -5.24 -19.60 -11.11
N SER B 13 -5.55 -18.59 -10.35
CA SER B 13 -5.42 -17.20 -10.89
C SER B 13 -4.28 -16.51 -10.15
N VAL B 14 -3.66 -15.57 -10.79
CA VAL B 14 -2.53 -14.85 -10.15
C VAL B 14 -2.63 -13.36 -10.51
N TYR B 15 -2.40 -12.54 -9.54
CA TYR B 15 -2.46 -11.07 -9.77
C TYR B 15 -1.08 -10.46 -9.56
N PHE B 16 -0.46 -10.00 -10.61
CA PHE B 16 0.89 -9.39 -10.46
C PHE B 16 0.74 -7.87 -10.40
N CYS B 17 1.25 -7.24 -9.37
CA CYS B 17 1.15 -5.75 -9.28
C CYS B 17 2.48 -5.13 -9.72
N GLY B 18 2.44 -4.02 -10.41
CA GLY B 18 3.71 -3.39 -10.87
C GLY B 18 3.58 -1.86 -10.81
N SER B 19 4.68 -1.17 -10.74
CA SER B 19 4.64 0.32 -10.67
C SER B 19 4.46 0.89 -12.08
N ILE B 20 3.40 1.62 -12.31
CA ILE B 20 3.18 2.21 -13.66
C ILE B 20 3.37 3.73 -13.57
N ARG B 21 4.03 4.30 -14.54
CA ARG B 21 4.29 5.78 -14.52
C ARG B 21 5.53 6.08 -13.67
N GLY B 22 6.25 5.06 -13.29
CA GLY B 22 7.48 5.25 -12.47
C GLY B 22 8.68 4.89 -13.33
N GLY B 23 8.44 4.25 -14.43
CA GLY B 23 9.54 3.84 -15.35
C GLY B 23 8.99 2.82 -16.34
N ARG B 24 8.74 3.22 -17.55
CA ARG B 24 8.19 2.27 -18.54
C ARG B 24 9.10 1.04 -18.64
N GLU B 25 10.35 1.19 -18.31
CA GLU B 25 11.26 0.02 -18.37
C GLU B 25 10.63 -1.09 -17.53
N ASP B 26 10.03 -0.73 -16.42
CA ASP B 26 9.36 -1.75 -15.58
C ASP B 26 8.17 -2.31 -16.34
N GLN B 27 7.58 -1.52 -17.20
CA GLN B 27 6.42 -2.02 -17.99
C GLN B 27 6.91 -3.17 -18.87
N ALA B 28 8.07 -3.01 -19.46
CA ALA B 28 8.61 -4.10 -20.32
C ALA B 28 8.84 -5.32 -19.43
N LEU B 29 9.51 -5.12 -18.32
CA LEU B 29 9.76 -6.26 -17.39
C LEU B 29 8.40 -6.84 -16.96
N TYR B 30 7.41 -6.00 -16.85
CA TYR B 30 6.07 -6.48 -16.45
C TYR B 30 5.46 -7.33 -17.56
N ALA B 31 5.51 -6.88 -18.77
CA ALA B 31 4.91 -7.69 -19.86
C ALA B 31 5.63 -9.04 -19.92
N ARG B 32 6.93 -9.06 -19.72
CA ARG B 32 7.65 -10.36 -19.76
C ARG B 32 7.24 -11.18 -18.52
N ILE B 33 7.42 -10.60 -17.36
CA ILE B 33 7.02 -11.32 -16.11
C ILE B 33 5.58 -11.77 -16.27
N VAL B 34 4.74 -10.86 -16.68
CA VAL B 34 3.32 -11.19 -16.89
C VAL B 34 3.20 -12.33 -17.89
N SER B 35 4.10 -12.40 -18.84
CA SER B 35 4.04 -13.50 -19.84
C SER B 35 4.22 -14.85 -19.15
N ARG B 36 5.15 -14.94 -18.24
CA ARG B 36 5.34 -16.23 -17.52
C ARG B 36 4.07 -16.51 -16.71
N LEU B 37 3.53 -15.49 -16.11
CA LEU B 37 2.28 -15.67 -15.34
C LEU B 37 1.20 -16.12 -16.31
N ARG B 38 1.16 -15.50 -17.46
CA ARG B 38 0.15 -15.90 -18.47
C ARG B 38 0.31 -17.39 -18.77
N ARG B 39 1.50 -17.92 -18.62
CA ARG B 39 1.67 -19.39 -18.85
C ARG B 39 0.95 -20.09 -17.71
N TYR B 40 1.37 -19.84 -16.50
CA TYR B 40 0.67 -20.43 -15.30
C TYR B 40 0.31 -19.25 -14.40
N GLY B 41 -0.72 -19.34 -13.60
CA GLY B 41 -1.07 -18.16 -12.77
C GLY B 41 -1.92 -17.22 -13.62
N LYS B 42 -3.09 -17.66 -14.03
CA LYS B 42 -3.95 -16.79 -14.89
C LYS B 42 -3.74 -15.33 -14.48
N VAL B 43 -3.32 -14.48 -15.37
CA VAL B 43 -3.10 -13.07 -14.99
C VAL B 43 -4.42 -12.33 -15.05
N LEU B 44 -4.96 -11.96 -13.93
CA LEU B 44 -6.26 -11.22 -13.97
C LEU B 44 -6.04 -9.81 -14.48
N THR B 45 -4.95 -9.19 -14.10
CA THR B 45 -4.68 -7.79 -14.56
C THR B 45 -3.89 -7.82 -15.86
N GLU B 46 -4.57 -7.78 -16.98
CA GLU B 46 -3.85 -7.79 -18.29
C GLU B 46 -3.61 -6.35 -18.73
N HIS B 47 -4.39 -5.43 -18.26
CA HIS B 47 -4.21 -4.01 -18.65
C HIS B 47 -2.84 -3.50 -18.21
N VAL B 48 -2.38 -3.91 -17.06
CA VAL B 48 -1.04 -3.44 -16.59
C VAL B 48 -0.02 -3.57 -17.73
N ALA B 49 0.39 -4.75 -18.05
CA ALA B 49 1.38 -4.93 -19.15
C ALA B 49 0.86 -4.22 -20.40
N ASP B 50 -0.37 -4.47 -20.75
CA ASP B 50 -0.92 -3.80 -21.95
C ASP B 50 -1.15 -2.32 -21.62
N ALA B 51 -0.18 -1.72 -21.00
CA ALA B 51 -0.29 -0.27 -20.63
C ALA B 51 0.89 0.49 -21.26
N GLU B 52 1.90 -0.22 -21.67
CA GLU B 52 3.07 0.46 -22.31
C GLU B 52 2.62 1.11 -23.62
N LEU B 53 1.42 0.84 -24.05
CA LEU B 53 0.92 1.43 -25.32
C LEU B 53 0.37 2.83 -25.03
N GLU B 54 0.78 3.81 -25.80
CA GLU B 54 0.28 5.20 -25.55
C GLU B 54 0.58 5.59 -24.10
N PRO B 55 0.62 6.86 -23.81
CA PRO B 55 0.90 7.36 -22.42
C PRO B 55 -0.05 6.71 -21.41
N LEU B 56 0.47 5.89 -20.54
CA LEU B 56 -0.41 5.23 -19.52
C LEU B 56 -0.45 6.05 -18.24
N GLY B 57 0.31 7.11 -18.16
CA GLY B 57 0.31 7.94 -16.92
C GLY B 57 -1.13 8.17 -16.46
N GLU B 58 -1.35 8.32 -15.19
CA GLU B 58 -2.72 8.56 -14.68
C GLU B 58 -3.33 9.75 -15.43
N GLU B 59 -2.53 10.73 -15.75
CA GLU B 59 -3.06 11.90 -16.49
C GLU B 59 -3.48 11.45 -17.90
N ALA B 60 -3.12 10.25 -18.27
CA ALA B 60 -3.50 9.74 -19.61
C ALA B 60 -5.03 9.78 -19.76
N ALA B 61 -5.53 9.45 -20.90
CA ALA B 61 -7.02 9.47 -21.10
C ALA B 61 -7.69 8.78 -19.91
N GLY B 62 -8.98 8.95 -19.75
CA GLY B 62 -9.68 8.30 -18.62
C GLY B 62 -9.22 6.86 -18.47
N GLY B 63 -9.25 6.33 -17.28
CA GLY B 63 -8.80 4.93 -17.09
C GLY B 63 -8.33 4.73 -15.65
N ASP B 64 -8.06 5.79 -14.94
CA ASP B 64 -7.59 5.64 -13.54
C ASP B 64 -8.65 4.90 -12.74
N GLN B 65 -9.89 5.25 -12.90
CA GLN B 65 -10.97 4.54 -12.18
C GLN B 65 -11.13 3.15 -12.79
N PHE B 66 -11.35 3.11 -14.07
CA PHE B 66 -11.50 1.79 -14.76
C PHE B 66 -10.25 0.95 -14.49
N ILE B 67 -9.12 1.58 -14.30
CA ILE B 67 -7.88 0.80 -14.01
C ILE B 67 -8.03 0.22 -12.60
N HIS B 68 -8.40 1.04 -11.66
CA HIS B 68 -8.57 0.56 -10.27
C HIS B 68 -9.72 -0.45 -10.19
N GLU B 69 -10.88 -0.07 -10.64
CA GLU B 69 -12.05 -0.99 -10.58
C GLU B 69 -11.66 -2.37 -11.14
N GLN B 70 -11.15 -2.41 -12.34
CA GLN B 70 -10.78 -3.74 -12.93
C GLN B 70 -9.53 -4.30 -12.26
N ASP B 71 -8.48 -3.53 -12.16
CA ASP B 71 -7.22 -4.05 -11.55
C ASP B 71 -7.43 -4.47 -10.08
N LEU B 72 -7.93 -3.58 -9.26
CA LEU B 72 -8.12 -3.93 -7.83
C LEU B 72 -9.28 -4.93 -7.63
N ASN B 73 -10.36 -4.79 -8.35
CA ASN B 73 -11.47 -5.78 -8.15
C ASN B 73 -10.92 -7.17 -8.44
N TRP B 74 -10.28 -7.34 -9.55
CA TRP B 74 -9.69 -8.67 -9.87
C TRP B 74 -8.71 -9.04 -8.76
N LEU B 75 -7.95 -8.10 -8.28
CA LEU B 75 -6.99 -8.40 -7.18
C LEU B 75 -7.76 -9.14 -6.10
N GLN B 76 -8.96 -8.73 -5.86
CA GLN B 76 -9.78 -9.43 -4.83
C GLN B 76 -10.23 -10.79 -5.36
N GLN B 77 -10.42 -10.91 -6.64
CA GLN B 77 -10.86 -12.24 -7.19
C GLN B 77 -9.63 -13.11 -7.44
N ALA B 78 -8.47 -12.60 -7.16
CA ALA B 78 -7.21 -13.38 -7.41
C ALA B 78 -7.08 -14.57 -6.46
N ASP B 79 -6.97 -15.76 -7.00
CA ASP B 79 -6.78 -16.95 -6.14
C ASP B 79 -5.38 -16.84 -5.54
N VAL B 80 -4.46 -16.36 -6.33
CA VAL B 80 -3.06 -16.17 -5.85
C VAL B 80 -2.60 -14.75 -6.22
N VAL B 81 -1.72 -14.18 -5.47
CA VAL B 81 -1.29 -12.79 -5.79
C VAL B 81 0.23 -12.61 -5.69
N VAL B 82 0.76 -11.81 -6.58
CA VAL B 82 2.20 -11.51 -6.60
C VAL B 82 2.34 -10.00 -6.80
N ALA B 83 3.42 -9.40 -6.40
CA ALA B 83 3.54 -7.94 -6.59
C ALA B 83 4.99 -7.48 -6.47
N GLU B 84 5.51 -6.84 -7.48
CA GLU B 84 6.90 -6.35 -7.40
C GLU B 84 6.89 -5.02 -6.66
N VAL B 85 7.53 -4.95 -5.52
CA VAL B 85 7.54 -3.68 -4.74
C VAL B 85 8.89 -2.99 -4.96
N THR B 86 9.47 -3.21 -6.12
CA THR B 86 10.78 -2.58 -6.44
C THR B 86 10.65 -1.06 -6.44
N GLN B 87 10.72 -0.45 -7.60
CA GLN B 87 10.62 1.04 -7.69
C GLN B 87 9.55 1.56 -6.73
N PRO B 88 9.89 2.50 -5.88
CA PRO B 88 8.91 3.08 -4.91
C PRO B 88 7.58 3.42 -5.58
N SER B 89 6.51 2.73 -5.23
CA SER B 89 5.20 3.00 -5.87
C SER B 89 4.07 2.88 -4.85
N LEU B 90 3.19 3.85 -4.80
CA LEU B 90 2.07 3.80 -3.83
C LEU B 90 0.97 2.88 -4.37
N GLY B 91 0.69 2.98 -5.63
CA GLY B 91 -0.37 2.11 -6.23
C GLY B 91 0.01 0.64 -6.02
N VAL B 92 1.27 0.33 -6.13
CA VAL B 92 1.70 -1.08 -5.93
C VAL B 92 1.64 -1.40 -4.43
N GLY B 93 2.09 -0.50 -3.61
CA GLY B 93 2.03 -0.76 -2.14
C GLY B 93 0.56 -0.89 -1.73
N TYR B 94 -0.30 -0.28 -2.50
CA TYR B 94 -1.76 -0.35 -2.21
C TYR B 94 -2.27 -1.75 -2.49
N GLU B 95 -2.08 -2.23 -3.69
CA GLU B 95 -2.55 -3.60 -4.03
C GLU B 95 -1.85 -4.59 -3.10
N LEU B 96 -0.63 -4.31 -2.74
CA LEU B 96 0.12 -5.22 -1.83
C LEU B 96 -0.49 -5.13 -0.43
N GLY B 97 -0.67 -3.94 0.07
CA GLY B 97 -1.26 -3.79 1.43
C GLY B 97 -2.69 -4.35 1.40
N ARG B 98 -3.47 -3.91 0.46
CA ARG B 98 -4.86 -4.43 0.37
C ARG B 98 -4.80 -5.95 0.25
N ALA B 99 -3.82 -6.47 -0.43
CA ALA B 99 -3.71 -7.94 -0.55
C ALA B 99 -3.39 -8.50 0.83
N VAL B 100 -2.57 -7.82 1.58
CA VAL B 100 -2.23 -8.30 2.94
C VAL B 100 -3.53 -8.52 3.70
N ALA B 101 -4.44 -7.60 3.58
CA ALA B 101 -5.73 -7.69 4.33
C ALA B 101 -6.67 -8.74 3.74
N LEU B 102 -6.89 -8.73 2.46
CA LEU B 102 -7.82 -9.73 1.83
C LEU B 102 -7.10 -10.60 0.83
N GLY B 103 -6.07 -10.08 0.24
CA GLY B 103 -5.32 -10.88 -0.75
C GLY B 103 -5.18 -12.32 -0.25
N LYS B 104 -4.87 -13.20 -1.15
CA LYS B 104 -4.66 -14.63 -0.79
C LYS B 104 -3.14 -14.82 -0.66
N PRO B 105 -2.58 -16.02 -0.72
CA PRO B 105 -1.11 -16.18 -0.59
C PRO B 105 -0.38 -15.09 -1.40
N ILE B 106 0.33 -14.23 -0.74
CA ILE B 106 1.00 -13.11 -1.46
C ILE B 106 2.52 -13.31 -1.57
N LEU B 107 3.05 -12.98 -2.71
CA LEU B 107 4.51 -13.07 -2.94
C LEU B 107 5.00 -11.71 -3.44
N CYS B 108 5.87 -11.06 -2.72
CA CYS B 108 6.36 -9.71 -3.18
C CYS B 108 7.75 -9.86 -3.78
N LEU B 109 8.15 -8.93 -4.63
CA LEU B 109 9.49 -9.04 -5.25
C LEU B 109 10.13 -7.65 -5.39
N PHE B 110 11.33 -7.48 -4.92
CA PHE B 110 12.01 -6.14 -5.06
C PHE B 110 13.48 -6.38 -5.41
N ARG B 111 14.05 -5.51 -6.22
CA ARG B 111 15.48 -5.68 -6.61
C ARG B 111 16.22 -4.35 -6.36
N PRO B 112 17.49 -4.41 -6.02
CA PRO B 112 18.31 -3.20 -5.75
C PRO B 112 18.64 -2.43 -7.03
N GLN B 113 17.79 -2.48 -8.02
CA GLN B 113 18.07 -1.75 -9.30
C GLN B 113 17.20 -0.50 -9.38
N SER B 114 15.95 -0.60 -9.05
CA SER B 114 15.04 0.58 -9.11
C SER B 114 14.31 0.70 -7.77
N GLY B 115 14.19 -0.39 -7.06
CA GLY B 115 13.46 -0.37 -5.76
C GLY B 115 14.41 0.02 -4.64
N ARG B 116 15.54 -0.64 -4.54
CA ARG B 116 16.52 -0.29 -3.47
C ARG B 116 15.74 0.02 -2.19
N VAL B 117 15.68 -0.91 -1.29
CA VAL B 117 14.87 -0.70 -0.06
C VAL B 117 13.42 -0.52 -0.49
N LEU B 118 12.69 -1.59 -0.48
CA LEU B 118 11.26 -1.54 -0.90
C LEU B 118 10.42 -0.80 0.14
N SER B 119 10.62 -1.05 1.41
CA SER B 119 9.81 -0.34 2.44
C SER B 119 9.91 -1.07 3.78
N ALA B 120 10.13 -0.34 4.84
CA ALA B 120 10.22 -0.99 6.19
C ALA B 120 8.89 -1.63 6.56
N MET B 121 7.81 -0.92 6.36
CA MET B 121 6.49 -1.48 6.71
C MET B 121 6.22 -2.72 5.87
N ILE B 122 6.45 -2.65 4.59
CA ILE B 122 6.23 -3.85 3.73
C ILE B 122 7.15 -4.97 4.22
N ARG B 123 8.36 -4.65 4.54
CA ARG B 123 9.32 -5.68 5.03
C ARG B 123 8.82 -6.29 6.34
N GLY B 124 8.36 -5.48 7.24
CA GLY B 124 7.86 -6.01 8.55
C GLY B 124 6.65 -6.90 8.29
N ALA B 125 5.85 -6.58 7.31
CA ALA B 125 4.65 -7.42 7.01
C ALA B 125 5.11 -8.85 6.76
N ALA B 126 6.35 -9.01 6.40
CA ALA B 126 6.92 -10.35 6.14
C ALA B 126 6.33 -11.37 7.11
N ASP B 127 5.50 -12.25 6.63
CA ASP B 127 4.88 -13.28 7.52
C ASP B 127 5.55 -14.63 7.24
N GLY B 128 6.00 -14.83 6.03
CA GLY B 128 6.66 -16.12 5.69
C GLY B 128 5.59 -17.21 5.53
N SER B 129 4.34 -16.85 5.63
CA SER B 129 3.25 -17.84 5.48
C SER B 129 2.34 -17.42 4.33
N ARG B 130 1.46 -16.48 4.57
CA ARG B 130 0.54 -16.02 3.50
C ARG B 130 1.10 -14.74 2.88
N PHE B 131 2.18 -14.24 3.43
CA PHE B 131 2.81 -13.00 2.90
C PHE B 131 4.32 -13.18 2.89
N GLN B 132 4.96 -12.99 1.75
CA GLN B 132 6.44 -13.18 1.71
C GLN B 132 7.11 -12.08 0.88
N VAL B 133 8.33 -11.76 1.22
CA VAL B 133 9.09 -10.71 0.48
C VAL B 133 10.35 -11.35 -0.14
N TRP B 134 10.36 -11.53 -1.44
CA TRP B 134 11.55 -12.17 -2.09
C TRP B 134 12.36 -11.12 -2.85
N ASP B 135 13.65 -11.26 -2.88
CA ASP B 135 14.50 -10.27 -3.61
C ASP B 135 14.88 -10.88 -4.95
N TYR B 136 15.29 -10.08 -5.90
CA TYR B 136 15.64 -10.66 -7.22
C TYR B 136 16.27 -9.60 -8.13
N ALA B 137 16.40 -9.91 -9.40
CA ALA B 137 16.99 -8.96 -10.37
C ALA B 137 16.07 -8.89 -11.57
N GLU B 138 15.96 -7.79 -12.27
CA GLU B 138 15.08 -7.80 -13.47
C GLU B 138 15.14 -9.21 -14.01
N GLY B 139 16.30 -9.80 -13.89
CA GLY B 139 16.48 -11.22 -14.30
C GLY B 139 16.30 -12.08 -13.05
N GLU B 140 16.49 -13.35 -13.17
CA GLU B 140 16.34 -14.29 -12.02
C GLU B 140 14.91 -14.18 -11.47
N VAL B 141 14.20 -13.16 -11.89
CA VAL B 141 12.81 -12.98 -11.38
C VAL B 141 11.99 -14.22 -11.77
N GLU B 142 12.11 -14.65 -12.99
CA GLU B 142 11.35 -15.87 -13.42
C GLU B 142 11.67 -16.99 -12.44
N THR B 143 12.88 -17.02 -11.93
CA THR B 143 13.24 -18.08 -10.98
C THR B 143 12.46 -17.88 -9.67
N MET B 144 12.33 -16.64 -9.24
CA MET B 144 11.56 -16.39 -7.99
C MET B 144 10.21 -17.06 -8.15
N LEU B 145 9.57 -16.83 -9.26
CA LEU B 145 8.25 -17.47 -9.48
C LEU B 145 8.43 -18.99 -9.53
N ASP B 146 9.50 -19.44 -10.13
CA ASP B 146 9.73 -20.90 -10.23
C ASP B 146 9.93 -21.52 -8.84
N ARG B 147 10.64 -20.87 -7.96
CA ARG B 147 10.84 -21.48 -6.61
C ARG B 147 9.51 -21.45 -5.86
N TYR B 148 8.88 -20.33 -5.83
CA TYR B 148 7.57 -20.23 -5.13
C TYR B 148 6.57 -21.18 -5.76
N PHE B 149 6.46 -21.15 -7.05
CA PHE B 149 5.48 -22.04 -7.72
C PHE B 149 5.93 -23.49 -7.63
N GLU B 150 7.21 -23.74 -7.63
CA GLU B 150 7.66 -25.15 -7.50
C GLU B 150 7.16 -25.65 -6.16
N ALA B 151 7.07 -24.78 -5.19
CA ALA B 151 6.53 -25.18 -3.88
C ALA B 151 5.02 -25.13 -3.99
N TYR B 152 4.52 -25.00 -5.18
CA TYR B 152 3.05 -24.88 -5.36
C TYR B 152 2.57 -25.72 -6.56
N LEU B 153 2.27 -25.07 -7.66
CA LEU B 153 1.75 -25.79 -8.87
C LEU B 153 2.37 -27.18 -8.98
N PRO B 154 1.74 -28.18 -8.41
CA PRO B 154 2.22 -29.57 -8.45
C PRO B 154 1.54 -30.36 -9.59
N GLN B 155 0.37 -30.87 -9.35
CA GLN B 155 -0.35 -31.63 -10.41
C GLN B 155 -1.07 -30.63 -11.34
N LYS B 156 -1.34 -29.45 -10.85
CA LYS B 156 -2.03 -28.43 -11.68
C LYS B 156 -1.27 -28.26 -13.00
N THR B 157 0.03 -28.34 -12.95
CA THR B 157 0.83 -28.17 -14.19
C THR B 157 0.41 -29.22 -15.23
N ALA B 158 0.18 -30.44 -14.79
CA ALA B 158 -0.23 -31.51 -15.73
C ALA B 158 -1.75 -31.45 -15.94
N SER B 159 -2.50 -31.38 -14.88
CA SER B 159 -3.98 -31.32 -15.01
C SER B 159 -4.58 -30.67 -13.76
N SER B 160 -5.60 -29.86 -13.93
CA SER B 160 -6.23 -29.21 -12.75
C SER B 160 -7.08 -30.22 -12.00
N SER B 161 -7.43 -29.93 -10.77
CA SER B 161 -8.26 -30.89 -9.99
C SER B 161 -9.63 -31.04 -10.66
N HIS B 162 -10.27 -32.16 -10.47
CA HIS B 162 -11.61 -32.38 -11.10
C HIS B 162 -12.56 -31.27 -10.63
N PRO B 163 -13.55 -30.95 -11.44
CA PRO B 163 -14.55 -29.89 -11.09
C PRO B 163 -14.99 -29.98 -9.63
N SER B 164 -14.81 -31.11 -9.00
CA SER B 164 -15.22 -31.27 -7.58
C SER B 164 -14.58 -30.15 -6.76
N ALA B 165 -13.42 -29.69 -7.15
CA ALA B 165 -12.75 -28.60 -6.38
C ALA B 165 -13.47 -27.27 -6.66
N MET A 3 -11.35 7.99 37.01
CA MET A 3 -12.60 7.64 37.71
C MET A 3 -13.80 8.29 36.99
N ALA A 4 -14.85 7.55 36.80
CA ALA A 4 -16.03 8.12 36.08
C ALA A 4 -16.54 9.34 36.86
N ALA A 5 -16.45 9.31 38.16
CA ALA A 5 -16.94 10.47 38.96
C ALA A 5 -16.11 11.72 38.59
N SER A 6 -14.86 11.53 38.27
CA SER A 6 -14.02 12.71 37.90
C SER A 6 -14.31 13.10 36.45
N GLY A 7 -14.10 14.33 36.11
CA GLY A 7 -14.36 14.78 34.70
C GLY A 7 -13.09 14.64 33.86
N GLU A 8 -12.38 13.55 34.03
CA GLU A 8 -11.12 13.35 33.24
C GLU A 8 -11.42 12.49 32.01
N GLN A 9 -10.98 12.93 30.86
CA GLN A 9 -11.23 12.14 29.61
C GLN A 9 -10.03 12.25 28.69
N ALA A 10 -10.07 11.58 27.57
CA ALA A 10 -8.94 11.64 26.59
C ALA A 10 -9.48 11.89 25.20
N PRO A 11 -8.71 12.52 24.34
CA PRO A 11 -9.14 12.80 22.94
C PRO A 11 -9.08 11.54 22.07
N CYS A 12 -8.95 11.69 20.79
CA CYS A 12 -8.87 10.50 19.90
C CYS A 12 -7.42 10.29 19.53
N SER A 13 -7.14 9.35 18.69
CA SER A 13 -5.73 9.12 18.28
C SER A 13 -5.63 9.30 16.78
N VAL A 14 -4.48 9.66 16.30
CA VAL A 14 -4.31 9.87 14.85
C VAL A 14 -3.05 9.17 14.39
N TYR A 15 -3.14 8.47 13.29
CA TYR A 15 -1.94 7.79 12.75
C TYR A 15 -1.65 8.39 11.39
N PHE A 16 -0.78 9.34 11.33
CA PHE A 16 -0.48 9.95 10.02
C PHE A 16 0.55 9.04 9.33
N CYS A 17 0.11 8.29 8.36
CA CYS A 17 1.03 7.32 7.67
C CYS A 17 1.62 7.93 6.40
N GLY A 18 2.58 7.25 5.83
CA GLY A 18 3.22 7.76 4.59
C GLY A 18 4.31 8.76 4.95
N SER A 19 5.52 8.30 5.08
CA SER A 19 6.62 9.23 5.46
C SER A 19 7.97 8.54 5.27
N ILE A 20 9.04 9.21 5.61
CA ILE A 20 10.41 8.62 5.46
C ILE A 20 10.47 7.78 4.18
N ARG A 21 11.44 6.89 4.08
CA ARG A 21 11.57 6.07 2.84
C ARG A 21 11.84 7.01 1.67
N GLY A 22 11.58 8.27 1.86
CA GLY A 22 11.81 9.29 0.80
C GLY A 22 11.08 10.57 1.20
N GLY A 23 11.81 11.59 1.56
CA GLY A 23 11.14 12.86 1.97
C GLY A 23 12.10 13.71 2.81
N ARG A 24 12.58 13.19 3.91
CA ARG A 24 13.52 13.98 4.76
C ARG A 24 12.93 15.37 5.02
N GLU A 25 12.95 16.24 4.03
CA GLU A 25 12.33 17.56 4.24
C GLU A 25 10.90 17.29 4.71
N ASP A 26 10.32 16.23 4.18
CA ASP A 26 8.96 15.83 4.61
C ASP A 26 9.06 15.41 6.07
N GLN A 27 10.21 14.94 6.48
CA GLN A 27 10.41 14.53 7.89
C GLN A 27 10.11 15.74 8.76
N ALA A 28 10.63 16.87 8.38
CA ALA A 28 10.37 18.11 9.16
C ALA A 28 8.87 18.42 9.07
N LEU A 29 8.30 18.30 7.90
CA LEU A 29 6.84 18.57 7.73
C LEU A 29 6.06 17.55 8.55
N TYR A 30 6.60 16.36 8.72
CA TYR A 30 5.91 15.31 9.49
C TYR A 30 5.90 15.66 10.96
N ALA A 31 7.02 16.00 11.52
CA ALA A 31 7.02 16.35 12.96
C ALA A 31 6.13 17.56 13.17
N ARG A 32 6.06 18.44 12.21
CA ARG A 32 5.14 19.62 12.36
C ARG A 32 3.69 19.12 12.23
N ILE A 33 3.38 18.50 11.13
CA ILE A 33 2.01 17.96 10.93
C ILE A 33 1.66 17.08 12.13
N VAL A 34 2.59 16.26 12.52
CA VAL A 34 2.38 15.37 13.69
C VAL A 34 2.14 16.22 14.93
N SER A 35 2.69 17.40 14.94
CA SER A 35 2.48 18.29 16.12
C SER A 35 1.03 18.79 16.13
N ARG A 36 0.47 19.02 14.98
CA ARG A 36 -0.96 19.48 14.94
C ARG A 36 -1.86 18.29 15.27
N LEU A 37 -1.65 17.20 14.60
CA LEU A 37 -2.49 16.01 14.91
C LEU A 37 -2.27 15.66 16.37
N ARG A 38 -1.04 15.76 16.82
CA ARG A 38 -0.74 15.47 18.25
C ARG A 38 -1.45 16.48 19.14
N ARG A 39 -1.77 17.63 18.60
CA ARG A 39 -2.51 18.64 19.43
C ARG A 39 -3.99 18.25 19.51
N TYR A 40 -4.50 17.67 18.45
CA TYR A 40 -5.94 17.28 18.43
C TYR A 40 -6.16 16.04 19.32
N GLY A 41 -5.38 15.01 19.12
CA GLY A 41 -5.51 13.80 19.96
C GLY A 41 -4.12 13.21 20.17
N LYS A 42 -4.01 11.92 20.22
CA LYS A 42 -2.67 11.31 20.41
C LYS A 42 -2.15 10.85 19.05
N VAL A 43 -0.90 11.11 18.75
CA VAL A 43 -0.35 10.63 17.45
C VAL A 43 0.44 9.36 17.72
N LEU A 44 0.09 8.28 17.10
CA LEU A 44 0.84 7.03 17.36
C LEU A 44 2.04 6.95 16.43
N THR A 45 2.04 7.74 15.39
CA THR A 45 3.18 7.71 14.43
C THR A 45 4.29 8.67 14.93
N GLU A 46 4.58 8.64 16.20
CA GLU A 46 5.63 9.55 16.74
C GLU A 46 6.99 9.15 16.17
N HIS A 47 7.25 7.87 16.03
CA HIS A 47 8.58 7.44 15.50
C HIS A 47 8.84 8.12 14.15
N VAL A 48 7.89 8.13 13.28
CA VAL A 48 8.09 8.77 11.95
C VAL A 48 8.70 10.16 12.16
N ALA A 49 8.13 10.95 13.02
CA ALA A 49 8.69 12.30 13.27
C ALA A 49 9.96 12.16 14.10
N ASP A 50 9.93 11.28 15.06
CA ASP A 50 11.14 11.06 15.89
C ASP A 50 12.15 10.27 15.06
N ALA A 51 12.42 10.73 13.87
CA ALA A 51 13.40 10.04 12.98
C ALA A 51 14.43 11.07 12.54
N GLU A 52 14.05 12.31 12.43
CA GLU A 52 15.03 13.35 12.03
C GLU A 52 16.18 13.27 13.04
N LEU A 53 16.03 12.44 14.02
CA LEU A 53 17.08 12.24 15.05
C LEU A 53 18.41 12.01 14.36
N GLU A 54 18.48 11.02 13.51
CA GLU A 54 19.76 10.73 12.81
C GLU A 54 19.59 9.54 11.86
N PRO A 55 18.94 8.49 12.30
CA PRO A 55 18.74 7.27 11.48
C PRO A 55 17.77 7.50 10.31
N LEU A 56 18.29 7.85 9.16
CA LEU A 56 17.42 8.09 7.98
C LEU A 56 17.88 7.23 6.81
N GLY A 57 17.19 7.30 5.70
CA GLY A 57 17.59 6.49 4.52
C GLY A 57 17.33 5.01 4.81
N GLU A 58 16.29 4.72 5.53
CA GLU A 58 15.98 3.31 5.86
C GLU A 58 17.25 2.61 6.36
N GLU A 59 17.19 1.34 6.63
CA GLU A 59 18.41 0.64 7.13
C GLU A 59 19.03 1.46 8.26
N ALA A 60 18.29 2.42 8.76
CA ALA A 60 18.82 3.28 9.86
C ALA A 60 17.69 3.53 10.86
N ALA A 61 17.65 2.77 11.92
CA ALA A 61 16.58 2.96 12.94
C ALA A 61 16.88 2.08 14.15
N GLY A 62 17.50 0.95 13.92
CA GLY A 62 17.82 0.03 15.05
C GLY A 62 16.83 -1.13 15.06
N GLY A 63 16.15 -1.35 13.98
CA GLY A 63 15.17 -2.46 13.93
C GLY A 63 14.07 -2.12 12.94
N ASP A 64 14.34 -2.24 11.68
CA ASP A 64 13.28 -1.93 10.68
C ASP A 64 12.03 -2.69 11.11
N GLN A 65 12.20 -3.91 11.49
CA GLN A 65 11.04 -4.72 11.97
C GLN A 65 10.40 -3.98 13.14
N PHE A 66 11.21 -3.50 14.06
CA PHE A 66 10.66 -2.75 15.22
C PHE A 66 9.91 -1.51 14.70
N ILE A 67 10.46 -0.85 13.72
CA ILE A 67 9.79 0.34 13.15
C ILE A 67 8.40 -0.09 12.63
N HIS A 68 8.32 -1.25 12.05
CA HIS A 68 7.02 -1.75 11.52
C HIS A 68 6.13 -2.23 12.66
N GLU A 69 6.64 -3.07 13.52
CA GLU A 69 5.81 -3.59 14.63
C GLU A 69 5.07 -2.44 15.30
N GLN A 70 5.78 -1.43 15.72
CA GLN A 70 5.11 -0.28 16.40
C GLN A 70 4.31 0.55 15.39
N ASP A 71 4.85 0.80 14.24
CA ASP A 71 4.11 1.65 13.23
C ASP A 71 2.83 0.95 12.78
N LEU A 72 2.94 -0.24 12.24
CA LEU A 72 1.73 -0.96 11.74
C LEU A 72 0.81 -1.35 12.91
N ASN A 73 1.37 -1.78 14.01
CA ASN A 73 0.49 -2.18 15.15
C ASN A 73 -0.33 -0.98 15.59
N TRP A 74 0.32 0.12 15.86
CA TRP A 74 -0.44 1.32 16.28
C TRP A 74 -1.42 1.71 15.17
N LEU A 75 -1.00 1.62 13.94
CA LEU A 75 -1.92 1.95 12.82
C LEU A 75 -3.22 1.17 13.06
N GLN A 76 -3.09 -0.03 13.53
CA GLN A 76 -4.31 -0.85 13.80
C GLN A 76 -5.01 -0.33 15.06
N GLN A 77 -4.28 0.24 15.99
CA GLN A 77 -4.94 0.76 17.23
C GLN A 77 -5.33 2.23 17.01
N ALA A 78 -5.12 2.73 15.82
CA ALA A 78 -5.43 4.16 15.55
C ALA A 78 -6.94 4.42 15.48
N ASP A 79 -7.40 5.42 16.19
CA ASP A 79 -8.84 5.78 16.14
C ASP A 79 -9.06 6.56 14.85
N VAL A 80 -8.08 7.34 14.48
CA VAL A 80 -8.17 8.15 13.21
C VAL A 80 -6.86 7.98 12.43
N VAL A 81 -6.92 7.93 11.12
CA VAL A 81 -5.67 7.74 10.33
C VAL A 81 -5.62 8.69 9.13
N VAL A 82 -4.53 9.40 8.99
CA VAL A 82 -4.36 10.34 7.85
C VAL A 82 -3.02 10.03 7.18
N ALA A 83 -2.99 9.77 5.90
CA ALA A 83 -1.69 9.47 5.24
C ALA A 83 -1.41 10.47 4.11
N GLU A 84 -0.17 10.65 3.77
CA GLU A 84 0.17 11.62 2.69
C GLU A 84 0.41 10.86 1.38
N VAL A 85 -0.33 11.18 0.36
CA VAL A 85 -0.16 10.51 -0.96
C VAL A 85 0.62 11.43 -1.90
N THR A 86 1.54 12.19 -1.35
CA THR A 86 2.36 13.11 -2.17
C THR A 86 3.62 12.40 -2.66
N GLN A 87 4.57 12.15 -1.80
CA GLN A 87 5.82 11.46 -2.22
C GLN A 87 5.56 9.95 -2.35
N PRO A 88 5.76 9.39 -3.53
CA PRO A 88 5.54 7.93 -3.77
C PRO A 88 6.37 7.06 -2.81
N SER A 89 5.80 5.98 -2.36
CA SER A 89 6.56 5.08 -1.43
C SER A 89 5.70 3.88 -1.05
N LEU A 90 6.30 2.73 -0.97
CA LEU A 90 5.53 1.50 -0.61
C LEU A 90 4.96 1.68 0.80
N GLY A 91 5.74 2.19 1.71
CA GLY A 91 5.23 2.41 3.09
C GLY A 91 3.96 3.24 3.02
N VAL A 92 3.93 4.20 2.14
CA VAL A 92 2.72 5.05 1.99
C VAL A 92 1.59 4.19 1.42
N GLY A 93 1.84 3.53 0.31
CA GLY A 93 0.78 2.68 -0.29
C GLY A 93 0.47 1.51 0.64
N TYR A 94 1.43 1.08 1.41
CA TYR A 94 1.22 -0.06 2.34
C TYR A 94 0.29 0.37 3.48
N GLU A 95 0.65 1.41 4.17
CA GLU A 95 -0.20 1.88 5.28
C GLU A 95 -1.57 2.29 4.74
N LEU A 96 -1.61 2.84 3.55
CA LEU A 96 -2.91 3.25 2.96
C LEU A 96 -3.72 2.00 2.62
N GLY A 97 -3.12 1.05 1.95
CA GLY A 97 -3.87 -0.19 1.61
C GLY A 97 -4.34 -0.84 2.91
N ARG A 98 -3.50 -0.84 3.90
CA ARG A 98 -3.88 -1.44 5.21
C ARG A 98 -5.08 -0.69 5.78
N ALA A 99 -5.11 0.61 5.66
CA ALA A 99 -6.27 1.37 6.20
C ALA A 99 -7.50 1.09 5.34
N VAL A 100 -7.33 1.03 4.06
CA VAL A 100 -8.51 0.71 3.21
C VAL A 100 -9.13 -0.57 3.78
N ALA A 101 -8.28 -1.46 4.18
CA ALA A 101 -8.74 -2.75 4.75
C ALA A 101 -9.22 -2.57 6.20
N LEU A 102 -8.43 -1.96 7.04
CA LEU A 102 -8.84 -1.76 8.47
C LEU A 102 -10.04 -0.82 8.49
N GLY A 103 -10.38 -0.28 7.35
CA GLY A 103 -11.56 0.64 7.27
C GLY A 103 -11.47 1.76 8.29
N LYS A 104 -10.28 2.13 8.69
CA LYS A 104 -10.14 3.25 9.66
C LYS A 104 -10.15 4.55 8.86
N PRO A 105 -10.68 5.62 9.40
CA PRO A 105 -10.72 6.93 8.68
C PRO A 105 -9.42 7.15 7.88
N ILE A 106 -9.52 7.23 6.58
CA ILE A 106 -8.28 7.40 5.75
C ILE A 106 -8.29 8.73 5.01
N LEU A 107 -7.60 9.70 5.55
CA LEU A 107 -7.51 11.01 4.85
C LEU A 107 -6.21 10.97 4.03
N CYS A 108 -6.29 11.12 2.73
CA CYS A 108 -5.05 11.07 1.90
C CYS A 108 -4.76 12.47 1.36
N LEU A 109 -3.55 12.94 1.49
CA LEU A 109 -3.22 14.32 1.02
C LEU A 109 -2.07 14.32 0.00
N PHE A 110 -2.26 14.97 -1.12
CA PHE A 110 -1.18 15.05 -2.16
C PHE A 110 -1.04 16.52 -2.56
N ARG A 111 0.13 16.94 -2.98
CA ARG A 111 0.33 18.37 -3.35
C ARG A 111 0.63 18.48 -4.86
N PRO A 112 0.01 19.43 -5.53
CA PRO A 112 0.25 19.66 -6.98
C PRO A 112 1.56 20.41 -7.22
N GLN A 113 1.96 21.24 -6.29
CA GLN A 113 3.23 22.00 -6.45
C GLN A 113 4.39 21.02 -6.60
N SER A 114 4.44 20.02 -5.76
CA SER A 114 5.54 19.02 -5.85
C SER A 114 5.27 18.10 -7.02
N GLY A 115 4.03 18.01 -7.43
CA GLY A 115 3.69 17.11 -8.57
C GLY A 115 4.16 15.70 -8.26
N ARG A 116 3.24 14.79 -8.05
CA ARG A 116 3.65 13.39 -7.76
C ARG A 116 2.65 12.42 -8.37
N VAL A 117 1.56 12.90 -8.90
CA VAL A 117 0.54 11.97 -9.47
C VAL A 117 0.55 10.69 -8.65
N LEU A 118 -0.26 10.64 -7.64
CA LEU A 118 -0.28 9.42 -6.81
C LEU A 118 -0.71 8.23 -7.67
N SER A 119 -0.65 7.04 -7.16
CA SER A 119 -0.99 5.85 -7.97
C SER A 119 -2.46 5.85 -8.39
N ALA A 120 -2.72 5.43 -9.60
CA ALA A 120 -4.12 5.37 -10.09
C ALA A 120 -4.94 4.51 -9.12
N MET A 121 -4.31 3.52 -8.55
CA MET A 121 -5.03 2.63 -7.59
C MET A 121 -5.47 3.46 -6.37
N ILE A 122 -4.59 4.29 -5.89
CA ILE A 122 -4.95 5.13 -4.69
C ILE A 122 -6.12 6.04 -5.05
N ARG A 123 -6.07 6.67 -6.18
CA ARG A 123 -7.19 7.57 -6.58
C ARG A 123 -8.46 6.74 -6.75
N GLY A 124 -8.36 5.62 -7.41
CA GLY A 124 -9.57 4.77 -7.61
C GLY A 124 -10.16 4.38 -6.26
N ALA A 125 -9.33 4.23 -5.26
CA ALA A 125 -9.85 3.87 -3.92
C ALA A 125 -10.97 4.85 -3.55
N ALA A 126 -10.63 6.12 -3.56
CA ALA A 126 -11.62 7.20 -3.24
C ALA A 126 -12.94 6.65 -2.69
N ASP A 127 -12.89 5.90 -1.63
CA ASP A 127 -14.17 5.39 -1.07
C ASP A 127 -14.94 6.57 -0.50
N GLY A 128 -14.22 7.52 0.06
CA GLY A 128 -14.89 8.70 0.68
C GLY A 128 -15.46 8.30 2.04
N SER A 129 -15.98 9.23 2.79
CA SER A 129 -16.58 8.94 4.13
C SER A 129 -15.51 8.35 5.02
N ARG A 130 -14.62 7.66 4.41
CA ARG A 130 -13.51 6.99 5.15
C ARG A 130 -12.25 6.98 4.28
N PHE A 131 -12.32 7.54 3.11
CA PHE A 131 -11.12 7.58 2.24
C PHE A 131 -11.29 8.73 1.26
N GLN A 132 -10.48 9.74 1.38
CA GLN A 132 -10.63 10.89 0.44
C GLN A 132 -9.26 11.39 -0.01
N VAL A 133 -9.15 11.78 -1.23
CA VAL A 133 -7.86 12.34 -1.73
C VAL A 133 -7.95 13.86 -1.70
N TRP A 134 -7.42 14.48 -0.68
CA TRP A 134 -7.50 15.96 -0.58
C TRP A 134 -6.23 16.58 -1.16
N ASP A 135 -6.34 17.75 -1.74
CA ASP A 135 -5.14 18.41 -2.33
C ASP A 135 -4.66 19.48 -1.35
N TYR A 136 -3.39 19.78 -1.32
CA TYR A 136 -2.92 20.80 -0.33
C TYR A 136 -1.46 21.19 -0.57
N ALA A 137 -0.98 22.11 0.21
CA ALA A 137 0.43 22.56 0.11
C ALA A 137 0.92 22.81 1.54
N GLU A 138 2.18 22.57 1.82
CA GLU A 138 2.68 22.78 3.21
C GLU A 138 2.06 24.05 3.83
N GLY A 139 1.66 24.98 3.01
CA GLY A 139 1.07 26.25 3.55
C GLY A 139 -0.45 26.09 3.80
N GLU A 140 -1.01 24.96 3.47
CA GLU A 140 -2.49 24.78 3.69
C GLU A 140 -2.77 23.40 4.31
N VAL A 141 -1.75 22.62 4.55
CA VAL A 141 -1.99 21.29 5.14
C VAL A 141 -2.79 21.46 6.43
N GLU A 142 -2.39 22.37 7.26
CA GLU A 142 -3.12 22.60 8.53
C GLU A 142 -4.59 22.84 8.20
N THR A 143 -4.85 23.44 7.07
CA THR A 143 -6.27 23.70 6.69
C THR A 143 -6.94 22.37 6.34
N MET A 144 -6.25 21.49 5.66
CA MET A 144 -6.86 20.19 5.32
C MET A 144 -7.36 19.58 6.61
N LEU A 145 -6.51 19.51 7.59
CA LEU A 145 -6.91 18.94 8.89
C LEU A 145 -8.03 19.81 9.48
N ASP A 146 -8.00 21.08 9.21
CA ASP A 146 -9.05 21.98 9.75
C ASP A 146 -10.41 21.65 9.15
N ARG A 147 -10.49 21.42 7.87
CA ARG A 147 -11.82 21.10 7.28
C ARG A 147 -12.25 19.70 7.71
N TYR A 148 -11.37 18.76 7.59
CA TYR A 148 -11.69 17.37 7.99
C TYR A 148 -12.05 17.31 9.47
N PHE A 149 -11.25 17.89 10.31
CA PHE A 149 -11.54 17.83 11.76
C PHE A 149 -12.74 18.72 12.08
N GLU A 150 -12.96 19.76 11.33
CA GLU A 150 -14.15 20.59 11.62
C GLU A 150 -15.39 19.75 11.34
N ALA A 151 -15.29 18.86 10.41
CA ALA A 151 -16.44 17.96 10.12
C ALA A 151 -16.36 16.82 11.13
N TYR A 152 -15.49 16.96 12.10
CA TYR A 152 -15.31 15.88 13.09
C TYR A 152 -15.25 16.43 14.52
N LEU A 153 -14.08 16.49 15.09
CA LEU A 153 -13.91 16.99 16.49
C LEU A 153 -14.94 18.07 16.82
N PRO A 154 -16.08 17.67 17.33
CA PRO A 154 -17.16 18.60 17.71
C PRO A 154 -17.06 19.00 19.19
N GLN A 155 -17.38 18.11 20.07
CA GLN A 155 -17.28 18.42 21.53
C GLN A 155 -15.95 17.90 22.06
N LYS A 156 -15.33 16.99 21.35
CA LYS A 156 -14.02 16.45 21.83
C LYS A 156 -13.02 17.60 21.93
N THR A 157 -13.17 18.61 21.12
CA THR A 157 -12.23 19.76 21.18
C THR A 157 -12.37 20.46 22.54
N ALA A 158 -11.36 21.19 22.96
CA ALA A 158 -11.45 21.88 24.27
C ALA A 158 -12.83 22.51 24.44
N SER A 159 -13.68 21.91 25.23
CA SER A 159 -15.04 22.47 25.43
C SER A 159 -15.08 23.25 26.76
N SER A 160 -15.88 24.28 26.82
CA SER A 160 -15.96 25.07 28.08
C SER A 160 -14.56 25.45 28.55
N SER A 161 -13.58 25.28 27.70
CA SER A 161 -12.19 25.63 28.09
C SER A 161 -11.97 27.13 27.88
N HIS A 162 -10.96 27.68 28.49
CA HIS A 162 -10.68 29.14 28.33
C HIS A 162 -9.21 29.34 27.97
N PRO A 163 -8.87 29.13 26.73
CA PRO A 163 -7.47 29.28 26.24
C PRO A 163 -6.91 30.69 26.49
N SER A 164 -7.78 31.66 26.63
CA SER A 164 -7.30 33.05 26.88
C SER A 164 -7.38 33.36 28.37
N ALA A 165 -6.43 34.08 28.89
CA ALA A 165 -6.45 34.42 30.33
C ALA A 165 -7.32 35.67 30.56
N MET B 3 -18.61 -29.38 -18.78
CA MET B 3 -19.41 -30.51 -18.23
C MET B 3 -18.52 -31.36 -17.31
N ALA B 4 -19.01 -31.74 -16.17
CA ALA B 4 -18.19 -32.57 -15.25
C ALA B 4 -17.79 -33.87 -15.95
N ALA B 5 -18.66 -34.40 -16.77
CA ALA B 5 -18.32 -35.67 -17.48
C ALA B 5 -17.08 -35.43 -18.36
N SER B 6 -16.94 -34.26 -18.90
CA SER B 6 -15.77 -33.97 -19.77
C SER B 6 -14.54 -33.70 -18.89
N GLY B 7 -13.36 -33.95 -19.40
CA GLY B 7 -12.13 -33.70 -18.59
C GLY B 7 -11.62 -32.28 -18.83
N GLU B 8 -12.50 -31.32 -18.88
CA GLU B 8 -12.06 -29.92 -19.12
C GLU B 8 -11.92 -29.19 -17.79
N GLN B 9 -10.82 -28.51 -17.58
CA GLN B 9 -10.63 -27.77 -16.30
C GLN B 9 -9.87 -26.47 -16.56
N ALA B 10 -9.66 -25.68 -15.55
CA ALA B 10 -8.92 -24.40 -15.73
C ALA B 10 -7.85 -24.27 -14.63
N PRO B 11 -6.78 -23.59 -14.91
CA PRO B 11 -5.67 -23.39 -13.92
C PRO B 11 -6.07 -22.38 -12.84
N CYS B 12 -5.11 -21.75 -12.23
CA CYS B 12 -5.44 -20.74 -11.19
C CYS B 12 -5.27 -19.36 -11.79
N SER B 13 -5.43 -18.32 -11.03
CA SER B 13 -5.25 -16.96 -11.59
C SER B 13 -4.14 -16.28 -10.83
N VAL B 14 -3.48 -15.34 -11.44
CA VAL B 14 -2.36 -14.65 -10.77
C VAL B 14 -2.52 -13.14 -10.99
N TYR B 15 -2.34 -12.39 -9.94
CA TYR B 15 -2.45 -10.92 -10.08
C TYR B 15 -1.09 -10.35 -9.72
N PHE B 16 -0.28 -10.08 -10.69
CA PHE B 16 1.05 -9.53 -10.37
C PHE B 16 0.88 -8.02 -10.19
N CYS B 17 0.90 -7.55 -8.97
CA CYS B 17 0.68 -6.10 -8.70
C CYS B 17 2.00 -5.34 -8.59
N GLY B 18 1.92 -4.04 -8.55
CA GLY B 18 3.14 -3.20 -8.45
C GLY B 18 3.72 -3.00 -9.84
N SER B 19 3.36 -1.92 -10.49
CA SER B 19 3.89 -1.69 -11.85
C SER B 19 3.57 -0.25 -12.29
N ILE B 20 3.92 0.09 -13.50
CA ILE B 20 3.66 1.47 -14.02
C ILE B 20 3.86 2.50 -12.89
N ARG B 21 3.32 3.68 -13.05
CA ARG B 21 3.50 4.73 -12.00
C ARG B 21 4.99 5.05 -11.91
N GLY B 22 5.81 4.18 -12.44
CA GLY B 22 7.27 4.39 -12.41
C GLY B 22 7.95 3.07 -12.79
N GLY B 23 8.52 2.99 -13.95
CA GLY B 23 9.18 1.71 -14.36
C GLY B 23 9.34 1.66 -15.88
N ARG B 24 8.26 1.76 -16.62
CA ARG B 24 8.36 1.73 -18.11
C ARG B 24 9.22 0.52 -18.52
N GLU B 25 10.51 0.60 -18.34
CA GLU B 25 11.36 -0.59 -18.68
C GLU B 25 10.75 -1.75 -17.92
N ASP B 26 10.26 -1.47 -16.74
CA ASP B 26 9.60 -2.52 -15.93
C ASP B 26 8.33 -2.93 -16.68
N GLN B 27 7.78 -2.03 -17.45
CA GLN B 27 6.56 -2.35 -18.24
C GLN B 27 6.91 -3.53 -19.15
N ALA B 28 8.05 -3.47 -19.77
CA ALA B 28 8.47 -4.60 -20.66
C ALA B 28 8.67 -5.84 -19.78
N LEU B 29 9.30 -5.67 -18.65
CA LEU B 29 9.52 -6.83 -17.73
C LEU B 29 8.16 -7.33 -17.24
N TYR B 30 7.19 -6.46 -17.15
CA TYR B 30 5.85 -6.86 -16.68
C TYR B 30 5.16 -7.70 -17.73
N ALA B 31 5.13 -7.27 -18.94
CA ALA B 31 4.45 -8.08 -19.98
C ALA B 31 5.19 -9.43 -20.10
N ARG B 32 6.47 -9.43 -19.87
CA ARG B 32 7.21 -10.73 -19.92
C ARG B 32 6.83 -11.55 -18.68
N ILE B 33 7.05 -11.00 -17.52
CA ILE B 33 6.69 -11.71 -16.26
C ILE B 33 5.22 -12.11 -16.36
N VAL B 34 4.41 -11.21 -16.80
CA VAL B 34 2.95 -11.50 -16.95
C VAL B 34 2.79 -12.65 -17.95
N SER B 35 3.70 -12.77 -18.87
CA SER B 35 3.60 -13.89 -19.85
C SER B 35 3.88 -15.21 -19.16
N ARG B 36 4.77 -15.22 -18.20
CA ARG B 36 5.06 -16.50 -17.47
C ARG B 36 3.88 -16.79 -16.54
N LEU B 37 3.50 -15.84 -15.75
CA LEU B 37 2.35 -16.07 -14.84
C LEU B 37 1.15 -16.42 -15.72
N ARG B 38 1.00 -15.74 -16.82
CA ARG B 38 -0.13 -16.03 -17.75
C ARG B 38 0.04 -17.46 -18.30
N ARG B 39 1.23 -17.98 -18.31
CA ARG B 39 1.43 -19.37 -18.80
C ARG B 39 0.98 -20.36 -17.72
N TYR B 40 1.20 -20.01 -16.47
CA TYR B 40 0.83 -20.90 -15.34
C TYR B 40 -0.69 -20.92 -15.16
N GLY B 41 -1.30 -19.77 -15.07
CA GLY B 41 -2.77 -19.70 -14.93
C GLY B 41 -3.26 -18.47 -15.68
N LYS B 42 -4.28 -17.82 -15.18
CA LYS B 42 -4.79 -16.61 -15.87
C LYS B 42 -4.22 -15.37 -15.17
N VAL B 43 -3.75 -14.40 -15.92
CA VAL B 43 -3.23 -13.16 -15.26
C VAL B 43 -4.33 -12.11 -15.35
N LEU B 44 -4.76 -11.60 -14.24
CA LEU B 44 -5.85 -10.59 -14.30
C LEU B 44 -5.22 -9.20 -14.48
N THR B 45 -3.95 -9.08 -14.22
CA THR B 45 -3.27 -7.76 -14.37
C THR B 45 -2.81 -7.59 -15.82
N GLU B 46 -3.64 -7.94 -16.77
CA GLU B 46 -3.24 -7.79 -18.20
C GLU B 46 -3.09 -6.31 -18.55
N HIS B 47 -3.94 -5.47 -18.03
CA HIS B 47 -3.84 -4.02 -18.36
C HIS B 47 -2.44 -3.51 -18.04
N VAL B 48 -1.93 -3.84 -16.89
CA VAL B 48 -0.56 -3.36 -16.52
C VAL B 48 0.40 -3.62 -17.69
N ALA B 49 0.38 -4.81 -18.22
CA ALA B 49 1.28 -5.12 -19.36
C ALA B 49 0.72 -4.47 -20.61
N ASP B 50 -0.57 -4.53 -20.76
CA ASP B 50 -1.20 -3.90 -21.94
C ASP B 50 -1.21 -2.39 -21.73
N ALA B 51 -0.06 -1.84 -21.40
CA ALA B 51 0.05 -0.37 -21.17
C ALA B 51 1.18 0.15 -22.05
N GLU B 52 2.16 -0.66 -22.31
CA GLU B 52 3.26 -0.20 -23.20
C GLU B 52 2.64 0.25 -24.51
N LEU B 53 1.35 0.06 -24.61
CA LEU B 53 0.60 0.47 -25.83
C LEU B 53 0.94 1.90 -26.17
N GLU B 54 0.76 2.80 -25.23
CA GLU B 54 1.06 4.22 -25.50
C GLU B 54 0.78 5.08 -24.26
N PRO B 55 -0.35 4.86 -23.62
CA PRO B 55 -0.76 5.63 -22.42
C PRO B 55 0.12 5.33 -21.20
N LEU B 56 1.16 6.10 -21.00
CA LEU B 56 2.06 5.86 -19.83
C LEU B 56 2.19 7.15 -19.02
N GLY B 57 2.92 7.11 -17.94
CA GLY B 57 3.08 8.32 -17.09
C GLY B 57 1.76 8.67 -16.42
N GLU B 58 1.00 7.68 -16.05
CA GLU B 58 -0.31 7.94 -15.40
C GLU B 58 -1.07 9.00 -16.20
N GLU B 59 -2.22 9.40 -15.73
CA GLU B 59 -3.00 10.43 -16.49
C GLU B 59 -3.07 10.00 -17.96
N ALA B 60 -2.70 8.78 -18.23
CA ALA B 60 -2.73 8.27 -19.64
C ALA B 60 -3.26 6.84 -19.64
N ALA B 61 -4.52 6.67 -19.89
CA ALA B 61 -5.11 5.30 -19.90
C ALA B 61 -6.54 5.36 -20.41
N GLY B 62 -7.22 6.46 -20.16
CA GLY B 62 -8.63 6.59 -20.62
C GLY B 62 -9.58 6.37 -19.45
N GLY B 63 -9.07 6.43 -18.25
CA GLY B 63 -9.95 6.23 -17.07
C GLY B 63 -9.12 5.69 -15.93
N ASP B 64 -8.36 6.53 -15.28
CA ASP B 64 -7.54 6.04 -14.13
C ASP B 64 -8.47 5.24 -13.24
N GLN B 65 -9.65 5.75 -13.00
CA GLN B 65 -10.64 5.02 -12.17
C GLN B 65 -10.88 3.65 -12.81
N PHE B 66 -11.06 3.62 -14.10
CA PHE B 66 -11.28 2.32 -14.80
C PHE B 66 -10.05 1.43 -14.57
N ILE B 67 -8.88 2.00 -14.65
CA ILE B 67 -7.64 1.20 -14.42
C ILE B 67 -7.72 0.59 -13.02
N HIS B 68 -8.23 1.33 -12.07
CA HIS B 68 -8.34 0.81 -10.68
C HIS B 68 -9.51 -0.18 -10.57
N GLU B 69 -10.66 0.20 -11.02
CA GLU B 69 -11.83 -0.71 -10.91
C GLU B 69 -11.44 -2.11 -11.39
N GLN B 70 -10.90 -2.22 -12.57
CA GLN B 70 -10.50 -3.56 -13.08
C GLN B 70 -9.27 -4.09 -12.34
N ASP B 71 -8.29 -3.26 -12.11
CA ASP B 71 -7.05 -3.74 -11.41
C ASP B 71 -7.37 -4.18 -9.98
N LEU B 72 -7.91 -3.32 -9.18
CA LEU B 72 -8.21 -3.68 -7.76
C LEU B 72 -9.33 -4.73 -7.70
N ASN B 73 -10.33 -4.63 -8.52
CA ASN B 73 -11.42 -5.64 -8.45
C ASN B 73 -10.84 -7.01 -8.75
N TRP B 74 -10.14 -7.15 -9.84
CA TRP B 74 -9.56 -8.47 -10.17
C TRP B 74 -8.61 -8.88 -9.04
N LEU B 75 -7.85 -7.95 -8.53
CA LEU B 75 -6.93 -8.29 -7.41
C LEU B 75 -7.74 -9.02 -6.35
N GLN B 76 -8.96 -8.60 -6.16
CA GLN B 76 -9.82 -9.28 -5.17
C GLN B 76 -10.29 -10.63 -5.71
N GLN B 77 -10.42 -10.76 -7.00
CA GLN B 77 -10.87 -12.08 -7.57
C GLN B 77 -9.64 -12.94 -7.86
N ALA B 78 -8.47 -12.45 -7.53
CA ALA B 78 -7.23 -13.23 -7.82
C ALA B 78 -7.07 -14.45 -6.93
N ASP B 79 -6.81 -15.58 -7.52
CA ASP B 79 -6.58 -16.83 -6.73
C ASP B 79 -5.17 -16.76 -6.18
N VAL B 80 -4.28 -16.18 -6.94
CA VAL B 80 -2.85 -16.04 -6.49
C VAL B 80 -2.39 -14.61 -6.78
N VAL B 81 -1.58 -14.03 -5.93
CA VAL B 81 -1.14 -12.63 -6.17
C VAL B 81 0.36 -12.46 -5.92
N VAL B 82 1.05 -11.88 -6.87
CA VAL B 82 2.52 -11.67 -6.72
C VAL B 82 2.81 -10.20 -7.05
N ALA B 83 3.45 -9.47 -6.17
CA ALA B 83 3.72 -8.04 -6.47
C ALA B 83 5.23 -7.76 -6.44
N GLU B 84 5.67 -6.73 -7.12
CA GLU B 84 7.12 -6.40 -7.13
C GLU B 84 7.40 -5.27 -6.14
N VAL B 85 8.27 -5.51 -5.20
CA VAL B 85 8.62 -4.46 -4.19
C VAL B 85 9.98 -3.85 -4.56
N THR B 86 10.25 -3.76 -5.83
CA THR B 86 11.54 -3.18 -6.30
C THR B 86 11.38 -1.66 -6.48
N GLN B 87 10.69 -1.24 -7.50
CA GLN B 87 10.52 0.22 -7.73
C GLN B 87 9.45 0.78 -6.77
N PRO B 88 9.80 1.74 -5.94
CA PRO B 88 8.83 2.34 -4.98
C PRO B 88 7.60 2.93 -5.69
N SER B 89 6.44 2.78 -5.09
CA SER B 89 5.21 3.34 -5.72
C SER B 89 4.00 3.06 -4.84
N LEU B 90 3.10 3.99 -4.74
CA LEU B 90 1.89 3.79 -3.90
C LEU B 90 1.09 2.62 -4.45
N GLY B 91 0.95 2.57 -5.76
CA GLY B 91 0.17 1.44 -6.36
C GLY B 91 0.78 0.13 -5.88
N VAL B 92 2.08 0.08 -5.78
CA VAL B 92 2.74 -1.16 -5.29
C VAL B 92 2.40 -1.36 -3.82
N GLY B 93 2.62 -0.36 -3.01
CA GLY B 93 2.30 -0.50 -1.56
C GLY B 93 0.78 -0.62 -1.37
N TYR B 94 0.02 -0.07 -2.27
CA TYR B 94 -1.46 -0.14 -2.16
C TYR B 94 -1.93 -1.57 -2.45
N GLU B 95 -1.57 -2.08 -3.59
CA GLU B 95 -1.99 -3.47 -3.93
C GLU B 95 -1.39 -4.44 -2.92
N LEU B 96 -0.22 -4.15 -2.43
CA LEU B 96 0.40 -5.07 -1.41
C LEU B 96 -0.37 -4.95 -0.10
N GLY B 97 -0.63 -3.76 0.36
CA GLY B 97 -1.39 -3.61 1.63
C GLY B 97 -2.76 -4.26 1.45
N ARG B 98 -3.35 -4.10 0.29
CA ARG B 98 -4.67 -4.70 0.03
C ARG B 98 -4.55 -6.23 0.12
N ALA B 99 -3.50 -6.79 -0.40
CA ALA B 99 -3.33 -8.27 -0.33
C ALA B 99 -3.06 -8.67 1.12
N VAL B 100 -2.26 -7.93 1.82
CA VAL B 100 -2.03 -8.27 3.25
C VAL B 100 -3.40 -8.43 3.89
N ALA B 101 -4.30 -7.57 3.51
CA ALA B 101 -5.67 -7.60 4.07
C ALA B 101 -6.50 -8.72 3.42
N LEU B 102 -6.53 -8.77 2.11
CA LEU B 102 -7.33 -9.85 1.43
C LEU B 102 -6.70 -11.20 1.74
N GLY B 103 -5.57 -11.17 2.39
CA GLY B 103 -4.89 -12.44 2.79
C GLY B 103 -4.69 -13.36 1.57
N LYS B 104 -4.61 -12.81 0.40
CA LYS B 104 -4.37 -13.67 -0.79
C LYS B 104 -2.86 -13.90 -0.91
N PRO B 105 -2.44 -15.04 -1.39
CA PRO B 105 -0.98 -15.33 -1.54
C PRO B 105 -0.22 -14.08 -2.00
N ILE B 106 0.68 -13.58 -1.18
CA ILE B 106 1.41 -12.33 -1.55
C ILE B 106 2.91 -12.60 -1.73
N LEU B 107 3.34 -12.77 -2.94
CA LEU B 107 4.79 -12.97 -3.19
C LEU B 107 5.36 -11.59 -3.51
N CYS B 108 6.32 -11.12 -2.76
CA CYS B 108 6.89 -9.77 -3.03
C CYS B 108 8.32 -9.94 -3.54
N LEU B 109 8.66 -9.29 -4.62
CA LEU B 109 10.04 -9.45 -5.18
C LEU B 109 10.76 -8.09 -5.31
N PHE B 110 11.98 -8.03 -4.81
CA PHE B 110 12.78 -6.76 -4.92
C PHE B 110 14.17 -7.14 -5.45
N ARG B 111 14.82 -6.24 -6.14
CA ARG B 111 16.16 -6.57 -6.72
C ARG B 111 17.25 -5.71 -6.06
N PRO B 112 18.36 -6.30 -5.69
CA PRO B 112 19.49 -5.54 -5.06
C PRO B 112 20.29 -4.77 -6.11
N GLN B 113 20.33 -5.28 -7.33
CA GLN B 113 21.09 -4.59 -8.40
C GLN B 113 20.52 -3.19 -8.60
N SER B 114 19.22 -3.08 -8.67
CA SER B 114 18.60 -1.74 -8.86
C SER B 114 18.64 -0.99 -7.54
N GLY B 115 18.76 -1.70 -6.46
CA GLY B 115 18.80 -1.03 -5.12
C GLY B 115 17.55 -0.17 -4.96
N ARG B 116 16.67 -0.54 -4.09
CA ARG B 116 15.44 0.26 -3.87
C ARG B 116 15.03 0.23 -2.40
N VAL B 117 15.68 -0.58 -1.60
CA VAL B 117 15.28 -0.67 -0.16
C VAL B 117 13.78 -0.46 -0.06
N LEU B 118 13.04 -1.51 -0.14
CA LEU B 118 11.56 -1.37 -0.06
C LEU B 118 11.21 -0.74 1.30
N SER B 119 9.97 -0.39 1.49
CA SER B 119 9.57 0.27 2.76
C SER B 119 9.75 -0.66 3.97
N ALA B 120 10.20 -0.11 5.06
CA ALA B 120 10.39 -0.91 6.29
C ALA B 120 9.06 -1.60 6.63
N MET B 121 7.97 -0.94 6.33
CA MET B 121 6.64 -1.53 6.62
C MET B 121 6.46 -2.80 5.79
N ILE B 122 6.82 -2.74 4.54
CA ILE B 122 6.67 -3.93 3.66
C ILE B 122 7.51 -5.08 4.21
N ARG B 123 8.72 -4.80 4.58
CA ARG B 123 9.60 -5.88 5.12
C ARG B 123 8.99 -6.39 6.44
N GLY B 124 8.58 -5.49 7.29
CA GLY B 124 8.00 -5.92 8.59
C GLY B 124 6.79 -6.82 8.32
N ALA B 125 6.08 -6.59 7.25
CA ALA B 125 4.90 -7.45 6.94
C ALA B 125 5.35 -8.91 6.99
N ALA B 126 6.33 -9.23 6.18
CA ALA B 126 6.89 -10.61 6.12
C ALA B 126 6.04 -11.62 6.89
N ASP B 127 4.78 -11.75 6.58
CA ASP B 127 3.96 -12.75 7.31
C ASP B 127 4.45 -14.14 6.90
N GLY B 128 4.84 -14.28 5.67
CA GLY B 128 5.30 -15.61 5.16
C GLY B 128 4.08 -16.49 4.91
N SER B 129 4.26 -17.66 4.35
CA SER B 129 3.13 -18.60 4.06
C SER B 129 2.17 -17.93 3.11
N ARG B 130 2.11 -16.65 3.22
CA ARG B 130 1.18 -15.84 2.38
C ARG B 130 1.81 -14.49 2.10
N PHE B 131 2.99 -14.25 2.58
CA PHE B 131 3.66 -12.95 2.31
C PHE B 131 5.15 -13.16 2.48
N GLN B 132 5.90 -13.05 1.42
CA GLN B 132 7.37 -13.25 1.55
C GLN B 132 8.12 -12.24 0.69
N VAL B 133 9.23 -11.76 1.19
CA VAL B 133 10.04 -10.79 0.39
C VAL B 133 11.18 -11.58 -0.27
N TRP B 134 11.01 -11.94 -1.51
CA TRP B 134 12.07 -12.72 -2.22
C TRP B 134 12.99 -11.76 -2.98
N ASP B 135 14.24 -12.11 -3.09
CA ASP B 135 15.20 -11.22 -3.84
C ASP B 135 15.40 -11.79 -5.23
N TYR B 136 15.68 -10.97 -6.21
CA TYR B 136 15.86 -11.55 -7.58
C TYR B 136 16.39 -10.50 -8.55
N ALA B 137 16.62 -10.92 -9.77
CA ALA B 137 17.10 -10.00 -10.83
C ALA B 137 16.40 -10.40 -12.13
N GLU B 138 16.11 -9.48 -13.01
CA GLU B 138 15.40 -9.83 -14.27
C GLU B 138 15.93 -11.16 -14.82
N GLY B 139 17.15 -11.52 -14.51
CA GLY B 139 17.72 -12.80 -15.04
C GLY B 139 17.34 -13.99 -14.14
N GLU B 140 16.65 -13.76 -13.05
CA GLU B 140 16.28 -14.89 -12.14
C GLU B 140 14.83 -14.76 -11.70
N VAL B 141 14.14 -13.75 -12.14
CA VAL B 141 12.72 -13.60 -11.71
C VAL B 141 11.97 -14.88 -12.05
N GLU B 142 12.14 -15.36 -13.25
CA GLU B 142 11.45 -16.61 -13.65
C GLU B 142 11.75 -17.69 -12.61
N THR B 143 12.93 -17.65 -12.05
CA THR B 143 13.28 -18.66 -11.01
C THR B 143 12.46 -18.41 -9.76
N MET B 144 12.28 -17.17 -9.37
CA MET B 144 11.47 -16.89 -8.17
C MET B 144 10.14 -17.58 -8.35
N LEU B 145 9.51 -17.35 -9.46
CA LEU B 145 8.21 -18.00 -9.72
C LEU B 145 8.42 -19.51 -9.75
N ASP B 146 9.56 -19.95 -10.21
CA ASP B 146 9.84 -21.41 -10.28
C ASP B 146 9.89 -22.02 -8.87
N ARG B 147 10.54 -21.38 -7.94
CA ARG B 147 10.61 -21.98 -6.58
C ARG B 147 9.24 -21.86 -5.91
N TYR B 148 8.65 -20.70 -5.96
CA TYR B 148 7.32 -20.50 -5.35
C TYR B 148 6.29 -21.43 -5.98
N PHE B 149 6.24 -21.47 -7.28
CA PHE B 149 5.24 -22.35 -7.94
C PHE B 149 5.62 -23.81 -7.77
N GLU B 150 6.88 -24.11 -7.67
CA GLU B 150 7.26 -25.53 -7.47
C GLU B 150 6.73 -25.96 -6.11
N ALA B 151 6.67 -25.04 -5.19
CA ALA B 151 6.10 -25.37 -3.85
C ALA B 151 4.59 -25.26 -3.98
N TYR B 152 4.11 -25.10 -5.19
CA TYR B 152 2.66 -24.92 -5.41
C TYR B 152 2.16 -25.79 -6.56
N LEU B 153 1.91 -25.19 -7.69
CA LEU B 153 1.39 -25.94 -8.88
C LEU B 153 1.93 -27.37 -8.91
N PRO B 154 1.22 -28.29 -8.31
CA PRO B 154 1.62 -29.72 -8.27
C PRO B 154 0.99 -30.51 -9.42
N GLN B 155 -0.30 -30.74 -9.33
CA GLN B 155 -1.00 -31.48 -10.42
C GLN B 155 -1.66 -30.48 -11.37
N LYS B 156 -1.87 -29.28 -10.91
CA LYS B 156 -2.50 -28.25 -11.79
C LYS B 156 -1.64 -28.06 -13.04
N THR B 157 -0.36 -28.26 -12.92
CA THR B 157 0.54 -28.10 -14.11
C THR B 157 0.18 -29.15 -15.16
N ALA B 158 0.52 -28.91 -16.39
CA ALA B 158 0.20 -29.89 -17.46
C ALA B 158 0.48 -31.31 -16.98
N SER B 159 -0.53 -32.03 -16.61
CA SER B 159 -0.32 -33.43 -16.12
C SER B 159 -0.60 -34.42 -17.25
N SER B 160 0.09 -35.53 -17.25
CA SER B 160 -0.13 -36.55 -18.33
C SER B 160 -0.05 -35.86 -19.69
N SER B 161 0.43 -34.65 -19.74
CA SER B 161 0.53 -33.93 -21.03
C SER B 161 1.82 -34.35 -21.75
N HIS B 162 1.90 -34.13 -23.03
CA HIS B 162 3.13 -34.50 -23.80
C HIS B 162 3.60 -33.30 -24.63
N PRO B 163 4.27 -32.37 -24.00
CA PRO B 163 4.78 -31.15 -24.68
C PRO B 163 5.71 -31.48 -25.86
N SER B 164 6.31 -32.64 -25.83
CA SER B 164 7.23 -33.03 -26.94
C SER B 164 6.48 -33.95 -27.93
N ALA B 165 6.78 -33.83 -29.19
CA ALA B 165 6.10 -34.68 -30.20
C ALA B 165 6.98 -34.81 -31.44
N MET A 3 -25.11 22.22 30.47
CA MET A 3 -25.14 21.20 31.56
C MET A 3 -25.37 19.81 30.96
N ALA A 4 -24.69 19.50 29.89
CA ALA A 4 -24.87 18.17 29.25
C ALA A 4 -23.58 17.76 28.55
N ALA A 5 -23.40 16.48 28.32
CA ALA A 5 -22.16 16.02 27.65
C ALA A 5 -20.94 16.59 28.37
N SER A 6 -21.12 17.07 29.57
CA SER A 6 -19.97 17.65 30.32
C SER A 6 -18.95 16.55 30.63
N GLY A 7 -17.71 16.92 30.78
CA GLY A 7 -16.66 15.89 31.08
C GLY A 7 -16.32 15.12 29.80
N GLU A 8 -16.00 15.83 28.74
CA GLU A 8 -15.66 15.14 27.47
C GLU A 8 -14.62 14.05 27.75
N GLN A 9 -14.75 12.92 27.11
CA GLN A 9 -13.77 11.81 27.34
C GLN A 9 -12.44 12.15 26.65
N ALA A 10 -11.46 11.30 26.79
CA ALA A 10 -10.15 11.57 26.14
C ALA A 10 -10.37 11.91 24.67
N PRO A 11 -9.51 12.72 24.09
CA PRO A 11 -9.62 13.10 22.66
C PRO A 11 -9.65 11.86 21.77
N CYS A 12 -9.32 12.02 20.53
CA CYS A 12 -9.28 10.85 19.62
C CYS A 12 -7.83 10.60 19.26
N SER A 13 -7.54 9.56 18.55
CA SER A 13 -6.12 9.32 18.18
C SER A 13 -6.00 9.47 16.68
N VAL A 14 -4.83 9.74 16.20
CA VAL A 14 -4.66 9.91 14.74
C VAL A 14 -3.39 9.20 14.30
N TYR A 15 -3.47 8.46 13.24
CA TYR A 15 -2.27 7.75 12.73
C TYR A 15 -1.89 8.40 11.42
N PHE A 16 -0.99 9.32 11.44
CA PHE A 16 -0.59 9.98 10.18
C PHE A 16 0.44 9.10 9.47
N CYS A 17 0.13 8.63 8.30
CA CYS A 17 1.10 7.74 7.58
C CYS A 17 2.06 8.59 6.76
N GLY A 18 3.34 8.45 7.01
CA GLY A 18 4.35 9.23 6.25
C GLY A 18 5.36 8.28 5.62
N SER A 19 6.63 8.53 5.80
CA SER A 19 7.67 7.64 5.21
C SER A 19 8.98 8.42 5.05
N ILE A 20 9.98 8.09 5.82
CA ILE A 20 11.28 8.81 5.70
C ILE A 20 11.73 8.76 4.24
N ARG A 21 11.73 7.60 3.64
CA ARG A 21 12.14 7.52 2.22
C ARG A 21 11.32 8.57 1.45
N GLY A 22 11.96 9.61 1.00
CA GLY A 22 11.22 10.67 0.24
C GLY A 22 12.17 11.86 0.03
N GLY A 23 12.94 12.16 1.03
CA GLY A 23 13.91 13.31 0.91
C GLY A 23 14.18 13.94 2.28
N ARG A 24 13.82 13.28 3.34
CA ARG A 24 14.08 13.85 4.70
C ARG A 24 13.21 15.11 4.90
N GLU A 25 13.10 15.93 3.89
CA GLU A 25 12.25 17.15 4.02
C GLU A 25 10.88 16.71 4.53
N ASP A 26 10.42 15.58 4.07
CA ASP A 26 9.11 15.07 4.53
C ASP A 26 9.22 14.68 5.99
N GLN A 27 10.38 14.24 6.41
CA GLN A 27 10.57 13.85 7.83
C GLN A 27 10.31 15.08 8.71
N ALA A 28 10.81 16.22 8.30
CA ALA A 28 10.58 17.45 9.10
C ALA A 28 9.09 17.80 9.03
N LEU A 29 8.53 17.79 7.85
CA LEU A 29 7.09 18.09 7.68
C LEU A 29 6.28 17.07 8.49
N TYR A 30 6.82 15.90 8.68
CA TYR A 30 6.08 14.87 9.46
C TYR A 30 6.05 15.24 10.93
N ALA A 31 7.17 15.50 11.52
CA ALA A 31 7.16 15.86 12.95
C ALA A 31 6.27 17.10 13.13
N ARG A 32 6.28 18.00 12.19
CA ARG A 32 5.40 19.20 12.31
C ARG A 32 3.95 18.76 12.14
N ILE A 33 3.63 18.16 11.03
CA ILE A 33 2.23 17.69 10.81
C ILE A 33 1.82 16.86 12.01
N VAL A 34 2.72 16.02 12.46
CA VAL A 34 2.44 15.16 13.63
C VAL A 34 2.20 16.06 14.85
N SER A 35 2.81 17.20 14.89
CA SER A 35 2.62 18.12 16.05
C SER A 35 1.18 18.67 16.03
N ARG A 36 0.68 19.01 14.87
CA ARG A 36 -0.71 19.53 14.80
C ARG A 36 -1.68 18.40 15.07
N LEU A 37 -1.50 17.29 14.42
CA LEU A 37 -2.39 16.13 14.68
C LEU A 37 -2.27 15.78 16.15
N ARG A 38 -1.06 15.85 16.66
CA ARG A 38 -0.84 15.55 18.11
C ARG A 38 -1.60 16.57 18.96
N ARG A 39 -1.87 17.74 18.43
CA ARG A 39 -2.63 18.76 19.22
C ARG A 39 -4.11 18.38 19.24
N TYR A 40 -4.61 17.87 18.15
CA TYR A 40 -6.05 17.51 18.06
C TYR A 40 -6.37 16.31 18.97
N GLY A 41 -5.58 15.28 18.90
CA GLY A 41 -5.81 14.11 19.77
C GLY A 41 -4.48 13.42 20.02
N LYS A 42 -4.49 12.13 20.22
CA LYS A 42 -3.23 11.41 20.46
C LYS A 42 -2.66 10.96 19.11
N VAL A 43 -1.52 11.45 18.71
CA VAL A 43 -0.94 10.96 17.43
C VAL A 43 -0.31 9.62 17.74
N LEU A 44 -0.96 8.56 17.37
CA LEU A 44 -0.38 7.24 17.68
C LEU A 44 1.09 7.23 17.29
N THR A 45 1.94 6.86 18.22
CA THR A 45 3.41 6.84 17.98
C THR A 45 3.72 6.35 16.56
N GLU A 46 4.66 6.98 15.91
CA GLU A 46 5.06 6.57 14.54
C GLU A 46 6.54 6.89 14.36
N HIS A 47 7.39 5.90 14.45
CA HIS A 47 8.85 6.15 14.30
C HIS A 47 9.08 7.09 13.11
N VAL A 48 8.13 7.21 12.23
CA VAL A 48 8.31 8.12 11.06
C VAL A 48 8.86 9.47 11.53
N ALA A 49 8.02 10.36 11.97
CA ALA A 49 8.53 11.68 12.44
C ALA A 49 9.60 11.45 13.49
N ASP A 50 9.40 10.51 14.34
CA ASP A 50 10.43 10.23 15.37
C ASP A 50 11.59 9.50 14.70
N ALA A 51 11.70 9.61 13.40
CA ALA A 51 12.82 8.94 12.69
C ALA A 51 14.03 9.85 12.69
N GLU A 52 13.83 11.12 12.93
CA GLU A 52 14.97 12.06 12.97
C GLU A 52 15.90 11.64 14.11
N LEU A 53 15.60 10.51 14.71
CA LEU A 53 16.40 10.00 15.84
C LEU A 53 17.55 9.14 15.29
N GLU A 54 18.74 9.32 15.79
CA GLU A 54 19.89 8.50 15.30
C GLU A 54 20.00 8.64 13.77
N PRO A 55 21.15 8.35 13.21
CA PRO A 55 21.37 8.43 11.75
C PRO A 55 20.15 7.98 10.94
N LEU A 56 19.99 8.48 9.74
CA LEU A 56 18.82 8.08 8.90
C LEU A 56 19.30 7.29 7.68
N GLY A 57 18.46 6.45 7.14
CA GLY A 57 18.84 5.63 5.95
C GLY A 57 18.33 4.21 6.11
N GLU A 58 17.13 4.05 6.59
CA GLU A 58 16.57 2.68 6.78
C GLU A 58 17.58 1.82 7.53
N GLU A 59 18.54 1.26 6.83
CA GLU A 59 19.56 0.44 7.51
C GLU A 59 20.10 1.20 8.72
N ALA A 60 20.02 2.51 8.67
CA ALA A 60 20.50 3.34 9.81
C ALA A 60 19.42 3.36 10.89
N ALA A 61 18.85 2.23 11.18
CA ALA A 61 17.78 2.17 12.21
C ALA A 61 18.10 1.05 13.21
N GLY A 62 17.26 0.87 14.20
CA GLY A 62 17.51 -0.21 15.21
C GLY A 62 16.35 -1.18 15.22
N GLY A 63 16.12 -1.86 14.12
CA GLY A 63 14.99 -2.83 14.06
C GLY A 63 13.95 -2.34 13.07
N ASP A 64 14.18 -2.52 11.81
CA ASP A 64 13.18 -2.07 10.80
C ASP A 64 11.82 -2.59 11.23
N GLN A 65 11.79 -3.78 11.75
CA GLN A 65 10.51 -4.36 12.21
C GLN A 65 9.92 -3.46 13.30
N PHE A 66 10.73 -2.97 14.19
CA PHE A 66 10.18 -2.09 15.26
C PHE A 66 9.39 -0.94 14.61
N ILE A 67 9.90 -0.44 13.53
CA ILE A 67 9.19 0.67 12.81
C ILE A 67 7.86 0.11 12.27
N HIS A 68 7.91 -1.03 11.65
CA HIS A 68 6.68 -1.64 11.07
C HIS A 68 5.78 -2.17 12.20
N GLU A 69 6.24 -3.11 12.97
CA GLU A 69 5.41 -3.68 14.07
C GLU A 69 4.69 -2.55 14.82
N GLN A 70 5.41 -1.55 15.26
CA GLN A 70 4.76 -0.44 15.99
C GLN A 70 3.77 0.28 15.08
N ASP A 71 4.15 0.50 13.85
CA ASP A 71 3.26 1.21 12.90
C ASP A 71 2.00 0.38 12.57
N LEU A 72 2.15 -0.90 12.38
CA LEU A 72 0.96 -1.75 12.04
C LEU A 72 0.00 -1.82 13.23
N ASN A 73 0.50 -2.17 14.38
CA ASN A 73 -0.40 -2.28 15.57
C ASN A 73 -1.06 -0.93 15.83
N TRP A 74 -0.30 0.13 15.82
CA TRP A 74 -0.89 1.46 16.10
C TRP A 74 -1.88 1.80 14.98
N LEU A 75 -1.50 1.59 13.75
CA LEU A 75 -2.44 1.88 12.63
C LEU A 75 -3.75 1.16 12.91
N GLN A 76 -3.68 0.01 13.51
CA GLN A 76 -4.92 -0.75 13.80
C GLN A 76 -5.62 -0.17 15.03
N GLN A 77 -4.90 0.37 15.96
CA GLN A 77 -5.56 0.97 17.16
C GLN A 77 -5.91 2.43 16.88
N ALA A 78 -5.59 2.90 15.71
CA ALA A 78 -5.87 4.33 15.39
C ALA A 78 -7.37 4.65 15.40
N ASP A 79 -7.76 5.63 16.17
CA ASP A 79 -9.19 6.04 16.19
C ASP A 79 -9.45 6.82 14.91
N VAL A 80 -8.47 7.57 14.49
CA VAL A 80 -8.58 8.35 13.22
C VAL A 80 -7.31 8.12 12.41
N VAL A 81 -7.36 8.28 11.12
CA VAL A 81 -6.12 8.02 10.31
C VAL A 81 -5.98 9.02 9.16
N VAL A 82 -4.77 9.46 8.94
CA VAL A 82 -4.47 10.42 7.83
C VAL A 82 -3.18 9.97 7.16
N ALA A 83 -2.94 10.37 5.93
CA ALA A 83 -1.68 9.93 5.26
C ALA A 83 -1.27 10.95 4.19
N GLU A 84 0.02 11.08 3.97
CA GLU A 84 0.51 12.05 2.94
C GLU A 84 1.14 11.28 1.79
N VAL A 85 0.68 11.49 0.57
CA VAL A 85 1.26 10.75 -0.59
C VAL A 85 1.79 11.75 -1.63
N THR A 86 2.19 12.91 -1.22
CA THR A 86 2.72 13.90 -2.20
C THR A 86 3.68 13.18 -3.16
N GLN A 87 4.81 12.77 -2.68
CA GLN A 87 5.77 12.04 -3.56
C GLN A 87 5.50 10.53 -3.45
N PRO A 88 5.74 9.79 -4.50
CA PRO A 88 5.51 8.32 -4.50
C PRO A 88 6.19 7.64 -3.31
N SER A 89 5.49 7.51 -2.21
CA SER A 89 6.09 6.89 -1.01
C SER A 89 5.68 5.42 -0.89
N LEU A 90 6.61 4.56 -0.60
CA LEU A 90 6.27 3.12 -0.45
C LEU A 90 5.58 2.89 0.89
N GLY A 91 6.04 3.54 1.92
CA GLY A 91 5.42 3.37 3.27
C GLY A 91 4.00 3.93 3.25
N VAL A 92 3.78 5.04 2.62
CA VAL A 92 2.41 5.64 2.60
C VAL A 92 1.49 4.79 1.71
N GLY A 93 1.99 4.30 0.60
CA GLY A 93 1.13 3.47 -0.29
C GLY A 93 0.67 2.23 0.47
N TYR A 94 1.60 1.57 1.10
CA TYR A 94 1.25 0.34 1.87
C TYR A 94 0.40 0.72 3.09
N GLU A 95 0.77 1.75 3.80
CA GLU A 95 -0.03 2.16 4.99
C GLU A 95 -1.44 2.55 4.54
N LEU A 96 -1.57 3.06 3.34
CA LEU A 96 -2.92 3.43 2.84
C LEU A 96 -3.70 2.17 2.52
N GLY A 97 -3.05 1.19 1.96
CA GLY A 97 -3.76 -0.08 1.65
C GLY A 97 -4.21 -0.71 2.96
N ARG A 98 -3.37 -0.69 3.96
CA ARG A 98 -3.76 -1.29 5.27
C ARG A 98 -4.96 -0.52 5.82
N ALA A 99 -4.95 0.79 5.71
CA ALA A 99 -6.10 1.56 6.24
C ALA A 99 -7.33 1.27 5.38
N VAL A 100 -7.16 1.14 4.10
CA VAL A 100 -8.31 0.84 3.22
C VAL A 100 -8.99 -0.44 3.73
N ALA A 101 -8.19 -1.41 4.09
CA ALA A 101 -8.74 -2.72 4.54
C ALA A 101 -9.32 -2.64 5.97
N LEU A 102 -8.57 -2.12 6.90
CA LEU A 102 -9.09 -2.05 8.32
C LEU A 102 -9.20 -0.61 8.78
N GLY A 103 -8.43 0.25 8.19
CA GLY A 103 -8.53 1.67 8.59
C GLY A 103 -10.00 2.04 8.62
N LYS A 104 -10.31 3.16 9.20
CA LYS A 104 -11.73 3.62 9.25
C LYS A 104 -11.79 4.96 8.48
N PRO A 105 -11.53 6.12 9.08
CA PRO A 105 -11.53 7.40 8.32
C PRO A 105 -10.15 7.61 7.67
N ILE A 106 -10.02 7.35 6.40
CA ILE A 106 -8.68 7.49 5.76
C ILE A 106 -8.58 8.79 4.98
N LEU A 107 -7.98 9.78 5.56
CA LEU A 107 -7.81 11.08 4.85
C LEU A 107 -6.43 11.08 4.18
N CYS A 108 -6.38 11.18 2.88
CA CYS A 108 -5.05 11.17 2.18
C CYS A 108 -4.74 12.59 1.69
N LEU A 109 -3.48 12.91 1.54
CA LEU A 109 -3.12 14.29 1.08
C LEU A 109 -2.23 14.21 -0.17
N PHE A 110 -2.48 15.05 -1.14
CA PHE A 110 -1.66 15.06 -2.39
C PHE A 110 -1.37 16.51 -2.78
N ARG A 111 -0.12 16.88 -2.79
CA ARG A 111 0.24 18.28 -3.13
C ARG A 111 0.10 18.54 -4.64
N PRO A 112 -0.69 19.51 -5.04
CA PRO A 112 -0.88 19.86 -6.47
C PRO A 112 0.25 20.77 -6.95
N GLN A 113 0.78 21.58 -6.07
CA GLN A 113 1.90 22.48 -6.46
C GLN A 113 2.96 21.65 -7.16
N SER A 114 3.13 20.43 -6.73
CA SER A 114 4.13 19.53 -7.37
C SER A 114 3.38 18.63 -8.36
N GLY A 115 2.08 18.59 -8.26
CA GLY A 115 1.27 17.76 -9.18
C GLY A 115 1.95 16.41 -9.40
N ARG A 116 2.31 15.73 -8.34
CA ARG A 116 3.02 14.42 -8.51
C ARG A 116 2.00 13.31 -8.74
N VAL A 117 0.77 13.64 -9.02
CA VAL A 117 -0.26 12.58 -9.26
C VAL A 117 -0.30 11.63 -8.08
N LEU A 118 -1.33 11.71 -7.29
CA LEU A 118 -1.48 10.81 -6.12
C LEU A 118 -1.17 9.37 -6.55
N SER A 119 -2.05 8.78 -7.31
CA SER A 119 -1.84 7.39 -7.77
C SER A 119 -3.17 6.83 -8.27
N ALA A 120 -3.14 5.96 -9.25
CA ALA A 120 -4.41 5.39 -9.78
C ALA A 120 -5.07 4.52 -8.71
N MET A 121 -4.31 3.71 -8.04
CA MET A 121 -4.91 2.84 -7.00
C MET A 121 -5.44 3.70 -5.85
N ILE A 122 -4.63 4.58 -5.36
CA ILE A 122 -5.10 5.46 -4.25
C ILE A 122 -6.24 6.33 -4.75
N ARG A 123 -6.14 6.84 -5.95
CA ARG A 123 -7.22 7.71 -6.50
C ARG A 123 -8.51 6.89 -6.61
N GLY A 124 -8.43 5.69 -7.11
CA GLY A 124 -9.66 4.86 -7.25
C GLY A 124 -10.25 4.55 -5.88
N ALA A 125 -9.43 4.34 -4.89
CA ALA A 125 -9.97 4.05 -3.52
C ALA A 125 -10.95 5.16 -3.15
N ALA A 126 -10.78 6.29 -3.78
CA ALA A 126 -11.65 7.47 -3.53
C ALA A 126 -13.09 7.03 -3.20
N ASP A 127 -13.46 7.05 -1.95
CA ASP A 127 -14.84 6.66 -1.58
C ASP A 127 -15.66 7.92 -1.33
N GLY A 128 -15.02 8.96 -0.88
CA GLY A 128 -15.75 10.24 -0.60
C GLY A 128 -16.55 10.09 0.70
N SER A 129 -16.48 8.94 1.31
CA SER A 129 -17.22 8.70 2.58
C SER A 129 -16.22 8.55 3.71
N ARG A 130 -15.48 7.47 3.72
CA ARG A 130 -14.44 7.25 4.77
C ARG A 130 -13.07 7.43 4.13
N PHE A 131 -12.91 6.95 2.93
CA PHE A 131 -11.60 7.09 2.24
C PHE A 131 -11.68 8.28 1.27
N GLN A 132 -10.74 9.18 1.33
CA GLN A 132 -10.80 10.36 0.41
C GLN A 132 -9.39 10.92 0.17
N VAL A 133 -9.26 11.73 -0.85
CA VAL A 133 -7.94 12.34 -1.17
C VAL A 133 -8.10 13.87 -1.25
N TRP A 134 -7.52 14.58 -0.32
CA TRP A 134 -7.64 16.08 -0.35
C TRP A 134 -6.33 16.67 -0.83
N ASP A 135 -6.36 17.74 -1.56
CA ASP A 135 -5.09 18.34 -2.06
C ASP A 135 -4.58 19.36 -1.02
N TYR A 136 -3.30 19.61 -0.99
CA TYR A 136 -2.79 20.59 0.03
C TYR A 136 -1.38 21.07 -0.31
N ALA A 137 -0.81 21.83 0.58
CA ALA A 137 0.56 22.35 0.42
C ALA A 137 1.13 22.58 1.82
N GLU A 138 2.41 22.41 2.02
CA GLU A 138 2.97 22.61 3.38
C GLU A 138 2.26 23.76 4.10
N GLY A 139 1.92 24.81 3.38
CA GLY A 139 1.23 25.96 4.03
C GLY A 139 -0.30 25.75 4.02
N GLU A 140 -0.74 24.54 3.84
CA GLU A 140 -2.22 24.27 3.82
C GLU A 140 -2.53 22.94 4.49
N VAL A 141 -1.54 22.15 4.79
CA VAL A 141 -1.82 20.84 5.44
C VAL A 141 -2.73 21.07 6.64
N GLU A 142 -2.41 22.05 7.44
CA GLU A 142 -3.25 22.34 8.63
C GLU A 142 -4.68 22.66 8.17
N THR A 143 -4.82 23.34 7.07
CA THR A 143 -6.19 23.68 6.58
C THR A 143 -6.92 22.41 6.20
N MET A 144 -6.29 21.52 5.47
CA MET A 144 -6.93 20.25 5.10
C MET A 144 -7.48 19.61 6.37
N LEU A 145 -6.66 19.55 7.37
CA LEU A 145 -7.09 18.96 8.65
C LEU A 145 -8.15 19.86 9.31
N ASP A 146 -8.07 21.14 9.11
CA ASP A 146 -9.06 22.06 9.73
C ASP A 146 -10.45 21.83 9.15
N ARG A 147 -10.56 21.66 7.86
CA ARG A 147 -11.90 21.43 7.27
C ARG A 147 -12.38 20.04 7.70
N TYR A 148 -11.56 19.06 7.49
CA TYR A 148 -11.94 17.68 7.89
C TYR A 148 -12.28 17.65 9.38
N PHE A 149 -11.46 18.25 10.19
CA PHE A 149 -11.74 18.23 11.64
C PHE A 149 -12.92 19.15 11.96
N GLU A 150 -13.08 20.21 11.23
CA GLU A 150 -14.23 21.09 11.50
C GLU A 150 -15.50 20.26 11.31
N ALA A 151 -15.42 19.24 10.50
CA ALA A 151 -16.59 18.35 10.27
C ALA A 151 -16.40 17.08 11.10
N TYR A 152 -15.69 17.15 12.19
CA TYR A 152 -15.44 15.89 12.98
C TYR A 152 -15.46 16.13 14.50
N LEU A 153 -14.40 16.65 15.04
CA LEU A 153 -14.31 16.84 16.52
C LEU A 153 -15.41 17.76 17.06
N PRO A 154 -15.72 18.82 16.38
CA PRO A 154 -16.77 19.78 16.84
C PRO A 154 -18.10 19.08 17.11
N GLN A 155 -18.34 17.99 16.44
CA GLN A 155 -19.62 17.24 16.66
C GLN A 155 -19.33 16.00 17.52
N LYS A 156 -18.11 15.56 17.54
CA LYS A 156 -17.77 14.35 18.37
C LYS A 156 -18.12 14.62 19.83
N THR A 157 -17.92 15.81 20.30
CA THR A 157 -18.24 16.12 21.72
C THR A 157 -19.71 15.79 22.00
N ALA A 158 -20.58 16.09 21.07
CA ALA A 158 -22.02 15.79 21.28
C ALA A 158 -22.33 14.39 20.73
N SER A 159 -22.81 13.51 21.57
CA SER A 159 -23.14 12.14 21.09
C SER A 159 -23.77 11.33 22.23
N SER A 160 -23.43 11.66 23.45
CA SER A 160 -24.01 10.91 24.60
C SER A 160 -25.54 11.01 24.56
N SER A 161 -26.05 12.08 24.01
CA SER A 161 -27.53 12.24 23.93
C SER A 161 -28.11 11.25 22.91
N HIS A 162 -27.33 10.88 21.93
CA HIS A 162 -27.83 9.92 20.90
C HIS A 162 -27.67 8.49 21.43
N PRO A 163 -28.54 7.60 21.04
CA PRO A 163 -28.49 6.17 21.48
C PRO A 163 -27.26 5.43 20.92
N SER A 164 -26.72 5.90 19.82
CA SER A 164 -25.53 5.22 19.24
C SER A 164 -24.71 6.24 18.45
N ALA A 165 -23.41 6.08 18.41
CA ALA A 165 -22.55 7.04 17.66
C ALA A 165 -21.23 6.35 17.31
N MET B 3 -4.38 -43.30 -12.60
CA MET B 3 -5.86 -43.37 -12.76
C MET B 3 -6.53 -42.64 -11.59
N ALA B 4 -6.04 -41.48 -11.25
CA ALA B 4 -6.65 -40.71 -10.12
C ALA B 4 -6.43 -39.21 -10.34
N ALA B 5 -7.24 -38.39 -9.73
CA ALA B 5 -7.08 -36.92 -9.91
C ALA B 5 -7.03 -36.60 -11.40
N SER B 6 -7.46 -37.51 -12.22
CA SER B 6 -7.45 -37.25 -13.69
C SER B 6 -8.41 -36.11 -14.03
N GLY B 7 -8.16 -35.39 -15.09
CA GLY B 7 -9.08 -34.27 -15.46
C GLY B 7 -8.80 -33.07 -14.55
N GLU B 8 -7.57 -32.67 -14.44
CA GLU B 8 -7.24 -31.50 -13.58
C GLU B 8 -8.19 -30.34 -13.91
N GLN B 9 -8.64 -29.63 -12.91
CA GLN B 9 -9.57 -28.50 -13.17
C GLN B 9 -8.79 -27.32 -13.76
N ALA B 10 -9.46 -26.25 -14.07
CA ALA B 10 -8.76 -25.07 -14.66
C ALA B 10 -7.55 -24.72 -13.78
N PRO B 11 -6.53 -24.16 -14.36
CA PRO B 11 -5.32 -23.76 -13.60
C PRO B 11 -5.67 -22.81 -12.46
N CYS B 12 -4.72 -22.05 -12.01
CA CYS B 12 -5.01 -21.07 -10.91
C CYS B 12 -4.88 -19.70 -11.53
N SER B 13 -5.20 -18.67 -10.80
CA SER B 13 -5.07 -17.30 -11.37
C SER B 13 -3.98 -16.59 -10.60
N VAL B 14 -3.38 -15.60 -11.19
CA VAL B 14 -2.29 -14.88 -10.51
C VAL B 14 -2.47 -13.38 -10.73
N TYR B 15 -2.36 -12.62 -9.69
CA TYR B 15 -2.50 -11.15 -9.83
C TYR B 15 -1.13 -10.54 -9.57
N PHE B 16 -0.39 -10.28 -10.61
CA PHE B 16 0.95 -9.70 -10.40
C PHE B 16 0.81 -8.19 -10.23
N CYS B 17 1.20 -7.66 -9.11
CA CYS B 17 1.05 -6.20 -8.88
C CYS B 17 2.29 -5.48 -9.41
N GLY B 18 2.10 -4.54 -10.30
CA GLY B 18 3.25 -3.78 -10.87
C GLY B 18 2.99 -2.28 -10.69
N SER B 19 3.15 -1.52 -11.73
CA SER B 19 2.91 -0.04 -11.64
C SER B 19 3.68 0.67 -12.75
N ILE B 20 2.99 1.23 -13.70
CA ILE B 20 3.69 1.95 -14.80
C ILE B 20 4.62 2.99 -14.19
N ARG B 21 4.13 3.79 -13.29
CA ARG B 21 5.02 4.79 -12.66
C ARG B 21 6.26 4.05 -12.15
N GLY B 22 7.38 4.28 -12.77
CA GLY B 22 8.63 3.58 -12.32
C GLY B 22 9.73 3.85 -13.36
N GLY B 23 9.37 3.84 -14.62
CA GLY B 23 10.37 4.10 -15.69
C GLY B 23 9.99 3.39 -17.00
N ARG B 24 8.76 2.94 -17.11
CA ARG B 24 8.34 2.24 -18.36
C ARG B 24 9.11 0.92 -18.50
N GLU B 25 10.38 0.93 -18.19
CA GLU B 25 11.16 -0.33 -18.29
C GLU B 25 10.43 -1.41 -17.52
N ASP B 26 9.83 -1.03 -16.41
CA ASP B 26 9.07 -2.01 -15.60
C ASP B 26 7.83 -2.43 -16.40
N GLN B 27 7.30 -1.53 -17.18
CA GLN B 27 6.10 -1.87 -17.99
C GLN B 27 6.45 -3.03 -18.92
N ALA B 28 7.60 -2.97 -19.54
CA ALA B 28 8.01 -4.09 -20.44
C ALA B 28 8.22 -5.35 -19.60
N LEU B 29 8.94 -5.23 -18.52
CA LEU B 29 9.19 -6.39 -17.62
C LEU B 29 7.85 -6.92 -17.12
N TYR B 30 6.87 -6.06 -17.03
CA TYR B 30 5.53 -6.50 -16.55
C TYR B 30 4.86 -7.37 -17.60
N ALA B 31 4.75 -6.91 -18.81
CA ALA B 31 4.10 -7.76 -19.82
C ALA B 31 4.87 -9.08 -19.94
N ARG B 32 6.16 -9.04 -19.79
CA ARG B 32 6.95 -10.31 -19.85
C ARG B 32 6.62 -11.15 -18.61
N ILE B 33 6.87 -10.60 -17.46
CA ILE B 33 6.58 -11.35 -16.20
C ILE B 33 5.14 -11.83 -16.28
N VAL B 34 4.27 -10.97 -16.73
CA VAL B 34 2.84 -11.35 -16.87
C VAL B 34 2.71 -12.50 -17.87
N SER B 35 3.60 -12.57 -18.82
CA SER B 35 3.53 -13.68 -19.81
C SER B 35 3.88 -15.00 -19.14
N ARG B 36 4.86 -15.00 -18.28
CA ARG B 36 5.22 -16.27 -17.57
C ARG B 36 4.10 -16.62 -16.58
N LEU B 37 3.71 -15.68 -15.79
CA LEU B 37 2.61 -15.95 -14.84
C LEU B 37 1.40 -16.37 -15.64
N ARG B 38 1.19 -15.73 -16.76
CA ARG B 38 0.04 -16.08 -17.64
C ARG B 38 0.22 -17.53 -18.15
N ARG B 39 1.43 -18.01 -18.20
CA ARG B 39 1.64 -19.42 -18.66
C ARG B 39 1.25 -20.38 -17.55
N TYR B 40 1.55 -20.03 -16.33
CA TYR B 40 1.24 -20.92 -15.17
C TYR B 40 -0.27 -21.04 -14.95
N GLY B 41 -0.97 -19.93 -14.94
CA GLY B 41 -2.43 -19.98 -14.76
C GLY B 41 -3.04 -18.77 -15.46
N LYS B 42 -4.15 -18.29 -14.97
CA LYS B 42 -4.77 -17.11 -15.59
C LYS B 42 -4.21 -15.84 -14.94
N VAL B 43 -3.50 -15.02 -15.67
CA VAL B 43 -3.01 -13.77 -15.03
C VAL B 43 -4.20 -12.81 -15.01
N LEU B 44 -4.79 -12.65 -13.87
CA LEU B 44 -5.97 -11.76 -13.81
C LEU B 44 -5.64 -10.44 -14.52
N THR B 45 -6.46 -10.06 -15.45
CA THR B 45 -6.23 -8.83 -16.24
C THR B 45 -5.68 -7.71 -15.36
N GLU B 46 -4.72 -6.99 -15.86
CA GLU B 46 -4.12 -5.86 -15.10
C GLU B 46 -3.66 -4.80 -16.09
N HIS B 47 -4.43 -3.74 -16.24
CA HIS B 47 -4.04 -2.67 -17.21
C HIS B 47 -2.55 -2.37 -17.08
N VAL B 48 -1.94 -2.75 -15.98
CA VAL B 48 -0.48 -2.49 -15.81
C VAL B 48 0.27 -2.88 -17.09
N ALA B 49 0.61 -4.13 -17.23
CA ALA B 49 1.35 -4.56 -18.46
C ALA B 49 0.55 -4.13 -19.68
N ASP B 50 -0.73 -4.25 -19.62
CA ASP B 50 -1.53 -3.82 -20.79
C ASP B 50 -1.60 -2.30 -20.78
N ALA B 51 -0.66 -1.67 -20.12
CA ALA B 51 -0.64 -0.17 -20.09
C ALA B 51 0.11 0.33 -21.31
N GLU B 52 0.92 -0.50 -21.90
CA GLU B 52 1.68 -0.08 -23.11
C GLU B 52 0.67 0.28 -24.20
N LEU B 53 -0.59 0.30 -23.84
CA LEU B 53 -1.67 0.62 -24.80
C LEU B 53 -1.90 2.14 -24.81
N GLU B 54 -2.01 2.74 -25.97
CA GLU B 54 -2.24 4.21 -26.03
C GLU B 54 -1.15 4.94 -25.24
N PRO B 55 -0.93 6.20 -25.50
CA PRO B 55 0.09 7.01 -24.79
C PRO B 55 0.19 6.66 -23.31
N LEU B 56 1.35 6.86 -22.71
CA LEU B 56 1.53 6.54 -21.27
C LEU B 56 1.74 7.83 -20.47
N GLY B 57 1.40 7.81 -19.21
CA GLY B 57 1.59 9.03 -18.36
C GLY B 57 0.36 9.21 -17.46
N GLU B 58 -0.14 8.14 -16.90
CA GLU B 58 -1.33 8.26 -16.01
C GLU B 58 -2.41 9.07 -16.72
N GLU B 59 -2.32 10.37 -16.66
CA GLU B 59 -3.33 11.22 -17.35
C GLU B 59 -3.51 10.71 -18.78
N ALA B 60 -2.48 10.10 -19.32
CA ALA B 60 -2.58 9.56 -20.70
C ALA B 60 -3.31 8.22 -20.67
N ALA B 61 -4.40 8.16 -19.94
CA ALA B 61 -5.18 6.90 -19.84
C ALA B 61 -6.65 7.19 -20.15
N GLY B 62 -7.49 6.19 -20.10
CA GLY B 62 -8.94 6.39 -20.38
C GLY B 62 -9.76 5.94 -19.18
N GLY B 63 -9.59 6.58 -18.05
CA GLY B 63 -10.35 6.18 -16.84
C GLY B 63 -9.39 5.62 -15.80
N ASP B 64 -8.69 6.48 -15.10
CA ASP B 64 -7.75 5.97 -14.05
C ASP B 64 -8.51 4.98 -13.19
N GLN B 65 -9.76 5.26 -12.93
CA GLN B 65 -10.58 4.33 -12.11
C GLN B 65 -10.64 2.96 -12.80
N PHE B 66 -10.79 2.94 -14.10
CA PHE B 66 -10.85 1.63 -14.81
C PHE B 66 -9.61 0.82 -14.44
N ILE B 67 -8.48 1.47 -14.35
CA ILE B 67 -7.23 0.76 -13.97
C ILE B 67 -7.37 0.26 -12.53
N HIS B 68 -7.83 1.10 -11.65
CA HIS B 68 -8.00 0.70 -10.23
C HIS B 68 -9.18 -0.27 -10.08
N GLU B 69 -10.37 0.16 -10.40
CA GLU B 69 -11.56 -0.72 -10.27
C GLU B 69 -11.24 -2.13 -10.79
N GLN B 70 -10.72 -2.24 -11.99
CA GLN B 70 -10.40 -3.58 -12.53
C GLN B 70 -9.32 -4.23 -11.66
N ASP B 71 -8.33 -3.47 -11.27
CA ASP B 71 -7.23 -4.05 -10.44
C ASP B 71 -7.72 -4.48 -9.05
N LEU B 72 -8.56 -3.70 -8.43
CA LEU B 72 -9.06 -4.06 -7.07
C LEU B 72 -9.94 -5.30 -7.13
N ASN B 73 -10.92 -5.30 -8.00
CA ASN B 73 -11.83 -6.48 -8.08
C ASN B 73 -11.02 -7.71 -8.44
N TRP B 74 -10.16 -7.61 -9.43
CA TRP B 74 -9.36 -8.79 -9.83
C TRP B 74 -8.44 -9.19 -8.66
N LEU B 75 -7.77 -8.24 -8.07
CA LEU B 75 -6.88 -8.56 -6.93
C LEU B 75 -7.69 -9.36 -5.91
N GLN B 76 -8.95 -9.06 -5.80
CA GLN B 76 -9.79 -9.80 -4.82
C GLN B 76 -10.18 -11.16 -5.37
N GLN B 77 -10.35 -11.29 -6.67
CA GLN B 77 -10.72 -12.61 -7.24
C GLN B 77 -9.45 -13.41 -7.52
N ALA B 78 -8.30 -12.84 -7.24
CA ALA B 78 -7.02 -13.56 -7.52
C ALA B 78 -6.88 -14.85 -6.71
N ASP B 79 -6.65 -15.95 -7.38
CA ASP B 79 -6.43 -17.24 -6.67
C ASP B 79 -5.02 -17.20 -6.08
N VAL B 80 -4.13 -16.59 -6.81
CA VAL B 80 -2.72 -16.45 -6.35
C VAL B 80 -2.30 -15.00 -6.57
N VAL B 81 -1.34 -14.51 -5.82
CA VAL B 81 -0.94 -13.09 -6.00
C VAL B 81 0.57 -12.89 -5.86
N VAL B 82 1.12 -12.07 -6.71
CA VAL B 82 2.58 -11.78 -6.68
C VAL B 82 2.77 -10.28 -6.91
N ALA B 83 3.86 -9.71 -6.51
CA ALA B 83 4.05 -8.25 -6.71
C ALA B 83 5.54 -7.90 -6.81
N GLU B 84 5.86 -6.87 -7.55
CA GLU B 84 7.30 -6.47 -7.70
C GLU B 84 7.49 -5.09 -7.05
N VAL B 85 8.40 -4.98 -6.11
CA VAL B 85 8.63 -3.68 -5.44
C VAL B 85 10.09 -3.23 -5.60
N THR B 86 10.74 -3.66 -6.66
CA THR B 86 12.16 -3.24 -6.87
C THR B 86 12.30 -1.76 -6.56
N GLN B 87 11.73 -0.93 -7.39
CA GLN B 87 11.81 0.54 -7.15
C GLN B 87 10.58 0.97 -6.33
N PRO B 88 10.71 1.98 -5.51
CA PRO B 88 9.59 2.47 -4.67
C PRO B 88 8.35 2.76 -5.52
N SER B 89 7.49 1.77 -5.67
CA SER B 89 6.26 1.96 -6.50
C SER B 89 5.05 2.25 -5.62
N LEU B 90 4.26 3.22 -5.99
CA LEU B 90 3.06 3.56 -5.19
C LEU B 90 1.96 2.51 -5.45
N GLY B 91 1.83 2.09 -6.68
CA GLY B 91 0.78 1.07 -7.00
C GLY B 91 1.13 -0.26 -6.34
N VAL B 92 2.39 -0.64 -6.34
CA VAL B 92 2.77 -1.94 -5.72
C VAL B 92 2.65 -1.84 -4.19
N GLY B 93 3.02 -0.74 -3.62
CA GLY B 93 2.92 -0.61 -2.13
C GLY B 93 1.45 -0.74 -1.72
N TYR B 94 0.58 -0.03 -2.40
CA TYR B 94 -0.86 -0.09 -2.07
C TYR B 94 -1.41 -1.47 -2.43
N GLU B 95 -1.08 -1.98 -3.58
CA GLU B 95 -1.58 -3.32 -3.98
C GLU B 95 -1.08 -4.36 -2.99
N LEU B 96 0.08 -4.15 -2.41
CA LEU B 96 0.61 -5.11 -1.41
C LEU B 96 -0.20 -4.98 -0.12
N GLY B 97 -0.53 -3.78 0.25
CA GLY B 97 -1.34 -3.60 1.49
C GLY B 97 -2.70 -4.27 1.29
N ARG B 98 -3.27 -4.11 0.12
CA ARG B 98 -4.60 -4.73 -0.15
C ARG B 98 -4.45 -6.25 -0.07
N ALA B 99 -3.39 -6.79 -0.61
CA ALA B 99 -3.21 -8.27 -0.55
C ALA B 99 -2.95 -8.67 0.91
N VAL B 100 -2.21 -7.88 1.63
CA VAL B 100 -1.94 -8.22 3.05
C VAL B 100 -3.28 -8.38 3.77
N ALA B 101 -4.20 -7.50 3.49
CA ALA B 101 -5.52 -7.53 4.17
C ALA B 101 -6.43 -8.66 3.65
N LEU B 102 -6.58 -8.78 2.36
CA LEU B 102 -7.48 -9.85 1.81
C LEU B 102 -6.69 -10.79 0.93
N GLY B 103 -5.62 -10.34 0.38
CA GLY B 103 -4.80 -11.24 -0.45
C GLY B 103 -4.62 -12.55 0.31
N LYS B 104 -4.17 -13.56 -0.36
CA LYS B 104 -3.93 -14.87 0.31
C LYS B 104 -2.42 -15.17 0.19
N PRO B 105 -1.92 -15.77 -0.88
CA PRO B 105 -0.45 -16.00 -1.02
C PRO B 105 0.20 -14.75 -1.61
N ILE B 106 0.84 -13.95 -0.81
CA ILE B 106 1.45 -12.69 -1.35
C ILE B 106 2.95 -12.85 -1.55
N LEU B 107 3.36 -13.11 -2.76
CA LEU B 107 4.82 -13.25 -3.04
C LEU B 107 5.33 -11.89 -3.51
N CYS B 108 6.25 -11.29 -2.81
CA CYS B 108 6.78 -9.96 -3.23
C CYS B 108 8.19 -10.14 -3.80
N LEU B 109 8.62 -9.27 -4.67
CA LEU B 109 9.98 -9.40 -5.26
C LEU B 109 10.78 -8.11 -5.05
N PHE B 110 12.03 -8.24 -4.70
CA PHE B 110 12.90 -7.03 -4.47
C PHE B 110 14.27 -7.29 -5.10
N ARG B 111 14.63 -6.51 -6.07
CA ARG B 111 15.94 -6.70 -6.75
C ARG B 111 17.10 -6.23 -5.86
N PRO B 112 18.05 -7.10 -5.57
CA PRO B 112 19.23 -6.73 -4.75
C PRO B 112 20.30 -6.06 -5.60
N GLN B 113 20.39 -6.44 -6.84
CA GLN B 113 21.39 -5.81 -7.75
C GLN B 113 21.28 -4.30 -7.62
N SER B 114 20.08 -3.82 -7.42
CA SER B 114 19.87 -2.36 -7.26
C SER B 114 19.79 -2.06 -5.78
N GLY B 115 19.61 -3.08 -4.97
CA GLY B 115 19.53 -2.89 -3.49
C GLY B 115 18.69 -1.66 -3.18
N ARG B 116 17.51 -1.56 -3.74
CA ARG B 116 16.67 -0.36 -3.49
C ARG B 116 15.91 -0.51 -2.17
N VAL B 117 16.27 -1.47 -1.36
CA VAL B 117 15.56 -1.66 -0.07
C VAL B 117 14.06 -1.81 -0.30
N LEU B 118 13.56 -3.00 -0.16
CA LEU B 118 12.11 -3.23 -0.35
C LEU B 118 11.31 -2.15 0.38
N SER B 119 11.30 -2.22 1.69
CA SER B 119 10.55 -1.20 2.49
C SER B 119 10.38 -1.72 3.91
N ALA B 120 10.34 -0.85 4.88
CA ALA B 120 10.19 -1.31 6.29
C ALA B 120 8.80 -1.91 6.48
N MET B 121 7.79 -1.28 5.96
CA MET B 121 6.41 -1.82 6.13
C MET B 121 6.30 -3.14 5.37
N ILE B 122 6.69 -3.16 4.13
CA ILE B 122 6.61 -4.42 3.36
C ILE B 122 7.53 -5.46 4.00
N ARG B 123 8.70 -5.06 4.41
CA ARG B 123 9.65 -6.03 5.05
C ARG B 123 9.02 -6.59 6.33
N GLY B 124 8.43 -5.74 7.12
CA GLY B 124 7.82 -6.23 8.40
C GLY B 124 6.66 -7.18 8.09
N ALA B 125 5.91 -6.92 7.06
CA ALA B 125 4.77 -7.82 6.71
C ALA B 125 5.31 -9.25 6.61
N ALA B 126 6.59 -9.34 6.35
CA ALA B 126 7.27 -10.66 6.23
C ALA B 126 6.64 -11.70 7.15
N ASP B 127 5.83 -12.58 6.62
CA ASP B 127 5.20 -13.63 7.47
C ASP B 127 5.95 -14.95 7.24
N GLY B 128 6.50 -15.13 6.07
CA GLY B 128 7.23 -16.41 5.78
C GLY B 128 6.24 -17.54 5.58
N SER B 129 4.96 -17.24 5.70
CA SER B 129 3.92 -18.29 5.51
C SER B 129 3.13 -17.98 4.25
N ARG B 130 2.34 -16.93 4.29
CA ARG B 130 1.56 -16.53 3.08
C ARG B 130 2.19 -15.27 2.50
N PHE B 131 2.61 -14.36 3.35
CA PHE B 131 3.26 -13.11 2.86
C PHE B 131 4.78 -13.27 2.95
N GLN B 132 5.47 -13.00 1.88
CA GLN B 132 6.96 -13.15 1.93
C GLN B 132 7.63 -12.22 0.91
N VAL B 133 8.91 -12.02 1.06
CA VAL B 133 9.67 -11.14 0.11
C VAL B 133 10.87 -11.93 -0.44
N TRP B 134 10.85 -12.24 -1.71
CA TRP B 134 11.98 -13.00 -2.32
C TRP B 134 12.83 -12.04 -3.16
N ASP B 135 14.12 -12.23 -3.19
CA ASP B 135 14.96 -11.29 -3.99
C ASP B 135 15.09 -11.84 -5.42
N TYR B 136 15.35 -10.99 -6.39
CA TYR B 136 15.46 -11.51 -7.78
C TYR B 136 16.14 -10.51 -8.71
N ALA B 137 16.16 -10.84 -9.98
CA ALA B 137 16.75 -9.93 -11.00
C ALA B 137 16.05 -10.26 -12.32
N GLU B 138 15.87 -9.31 -13.19
CA GLU B 138 15.16 -9.60 -14.47
C GLU B 138 15.53 -10.99 -14.99
N GLY B 139 16.77 -11.40 -14.82
CA GLY B 139 17.19 -12.75 -15.30
C GLY B 139 16.95 -13.80 -14.21
N GLU B 140 16.11 -13.52 -13.25
CA GLU B 140 15.84 -14.51 -12.16
C GLU B 140 14.37 -14.46 -11.75
N VAL B 141 13.63 -13.48 -12.19
CA VAL B 141 12.20 -13.39 -11.79
C VAL B 141 11.54 -14.74 -12.05
N GLU B 142 11.80 -15.31 -13.19
CA GLU B 142 11.19 -16.63 -13.50
C GLU B 142 11.65 -17.65 -12.47
N THR B 143 12.87 -17.56 -12.02
CA THR B 143 13.36 -18.53 -11.00
C THR B 143 12.58 -18.34 -9.70
N MET B 144 12.43 -17.12 -9.27
CA MET B 144 11.67 -16.86 -8.02
C MET B 144 10.33 -17.57 -8.14
N LEU B 145 9.68 -17.38 -9.25
CA LEU B 145 8.37 -18.03 -9.47
C LEU B 145 8.57 -19.55 -9.60
N ASP B 146 9.68 -19.98 -10.14
CA ASP B 146 9.90 -21.44 -10.31
C ASP B 146 10.03 -22.12 -8.94
N ARG B 147 10.73 -21.53 -8.02
CA ARG B 147 10.85 -22.19 -6.69
C ARG B 147 9.49 -22.11 -5.99
N TYR B 148 8.92 -20.95 -5.93
CA TYR B 148 7.60 -20.79 -5.29
C TYR B 148 6.60 -21.72 -5.96
N PHE B 149 6.57 -21.74 -7.26
CA PHE B 149 5.59 -22.62 -7.95
C PHE B 149 6.01 -24.08 -7.80
N GLU B 150 7.29 -24.35 -7.75
CA GLU B 150 7.72 -25.76 -7.58
C GLU B 150 7.13 -26.25 -6.27
N ALA B 151 6.89 -25.35 -5.36
CA ALA B 151 6.28 -25.73 -4.05
C ALA B 151 4.80 -25.39 -4.08
N TYR B 152 4.18 -25.39 -5.23
CA TYR B 152 2.74 -25.00 -5.28
C TYR B 152 1.93 -25.82 -6.30
N LEU B 153 2.04 -25.50 -7.56
CA LEU B 153 1.22 -26.20 -8.60
C LEU B 153 1.51 -27.71 -8.66
N PRO B 154 2.74 -28.11 -8.53
CA PRO B 154 3.11 -29.56 -8.58
C PRO B 154 2.32 -30.37 -7.56
N GLN B 155 1.90 -29.76 -6.48
CA GLN B 155 1.12 -30.49 -5.45
C GLN B 155 -0.36 -30.11 -5.58
N LYS B 156 -0.64 -28.98 -6.17
CA LYS B 156 -2.07 -28.55 -6.34
C LYS B 156 -2.83 -29.62 -7.11
N THR B 157 -2.21 -30.22 -8.09
CA THR B 157 -2.92 -31.26 -8.89
C THR B 157 -3.44 -32.36 -7.95
N ALA B 158 -2.67 -32.73 -6.96
CA ALA B 158 -3.12 -33.79 -6.01
C ALA B 158 -3.85 -33.14 -4.84
N SER B 159 -5.08 -33.49 -4.62
CA SER B 159 -5.83 -32.88 -3.47
C SER B 159 -7.22 -33.53 -3.39
N SER B 160 -7.75 -33.98 -4.49
CA SER B 160 -9.10 -34.61 -4.47
C SER B 160 -9.08 -35.79 -3.49
N SER B 161 -7.95 -36.44 -3.34
CA SER B 161 -7.87 -37.60 -2.41
C SER B 161 -7.99 -37.10 -0.97
N HIS B 162 -7.59 -35.90 -0.70
CA HIS B 162 -7.68 -35.37 0.69
C HIS B 162 -9.10 -34.83 0.93
N PRO B 163 -9.57 -34.92 2.15
CA PRO B 163 -10.93 -34.42 2.52
C PRO B 163 -11.06 -32.91 2.41
N SER B 164 -9.97 -32.20 2.52
CA SER B 164 -10.02 -30.71 2.42
C SER B 164 -8.68 -30.16 1.94
N ALA B 165 -8.69 -28.99 1.36
CA ALA B 165 -7.41 -28.41 0.86
C ALA B 165 -6.36 -28.46 1.97
N MET A 3 -12.17 -2.50 27.49
CA MET A 3 -10.87 -1.78 27.51
C MET A 3 -11.02 -0.44 28.22
N ALA A 4 -9.95 0.12 28.71
CA ALA A 4 -10.03 1.43 29.41
C ALA A 4 -11.17 1.38 30.44
N ALA A 5 -11.48 2.50 31.04
CA ALA A 5 -12.58 2.52 32.04
C ALA A 5 -13.06 3.96 32.23
N SER A 6 -12.52 4.66 33.20
CA SER A 6 -12.94 6.07 33.43
C SER A 6 -11.75 7.00 33.14
N GLY A 7 -12.02 8.14 32.56
CA GLY A 7 -10.91 9.09 32.25
C GLY A 7 -11.48 10.36 31.64
N GLU A 8 -10.66 11.15 31.01
CA GLU A 8 -11.15 12.42 30.39
C GLU A 8 -11.63 12.15 28.97
N GLN A 9 -12.30 13.10 28.36
CA GLN A 9 -12.80 12.89 26.97
C GLN A 9 -11.61 12.62 26.05
N ALA A 10 -10.65 13.51 26.06
CA ALA A 10 -9.45 13.32 25.20
C ALA A 10 -9.87 13.34 23.72
N PRO A 11 -9.04 13.88 22.87
CA PRO A 11 -9.33 13.94 21.41
C PRO A 11 -9.25 12.56 20.76
N CYS A 12 -9.91 12.34 19.67
CA CYS A 12 -9.85 11.01 19.02
C CYS A 12 -8.39 10.63 18.81
N SER A 13 -8.15 9.53 18.16
CA SER A 13 -6.74 9.13 17.90
C SER A 13 -6.48 9.29 16.42
N VAL A 14 -5.28 9.59 16.06
CA VAL A 14 -4.95 9.81 14.65
C VAL A 14 -3.59 9.18 14.36
N TYR A 15 -3.50 8.41 13.32
CA TYR A 15 -2.20 7.78 12.99
C TYR A 15 -1.55 8.59 11.88
N PHE A 16 -0.35 9.03 12.10
CA PHE A 16 0.33 9.83 11.05
C PHE A 16 1.25 8.92 10.23
N CYS A 17 1.05 8.86 8.94
CA CYS A 17 1.91 7.98 8.10
C CYS A 17 2.39 8.75 6.85
N GLY A 18 3.50 8.36 6.28
CA GLY A 18 4.01 9.05 5.07
C GLY A 18 5.26 8.32 4.55
N SER A 19 6.08 8.99 3.77
CA SER A 19 7.31 8.34 3.24
C SER A 19 8.49 8.72 4.15
N ILE A 20 9.36 7.79 4.44
CA ILE A 20 10.52 8.13 5.34
C ILE A 20 11.81 7.53 4.79
N ARG A 21 11.78 6.92 3.64
CA ARG A 21 13.03 6.31 3.10
C ARG A 21 14.15 7.36 3.20
N GLY A 22 14.98 7.26 4.20
CA GLY A 22 16.10 8.24 4.35
C GLY A 22 15.54 9.57 4.87
N GLY A 23 16.40 10.50 5.18
CA GLY A 23 15.93 11.83 5.67
C GLY A 23 15.26 12.54 4.50
N ARG A 24 14.06 13.04 4.69
CA ARG A 24 13.35 13.71 3.56
C ARG A 24 12.71 15.02 4.01
N GLU A 25 12.61 15.98 3.11
CA GLU A 25 11.95 17.24 3.48
C GLU A 25 10.58 16.84 4.04
N ASP A 26 10.13 15.70 3.63
CA ASP A 26 8.82 15.19 4.14
C ASP A 26 9.01 14.81 5.60
N GLN A 27 10.19 14.37 5.96
CA GLN A 27 10.43 14.02 7.39
C GLN A 27 10.31 15.31 8.21
N ALA A 28 10.83 16.39 7.68
CA ALA A 28 10.73 17.69 8.40
C ALA A 28 9.26 18.12 8.42
N LEU A 29 8.64 18.16 7.27
CA LEU A 29 7.21 18.54 7.19
C LEU A 29 6.41 17.58 8.07
N TYR A 30 6.88 16.38 8.21
CA TYR A 30 6.17 15.37 9.05
C TYR A 30 6.25 15.76 10.52
N ALA A 31 7.39 16.15 11.00
CA ALA A 31 7.46 16.52 12.42
C ALA A 31 6.58 17.76 12.66
N ARG A 32 6.54 18.66 11.71
CA ARG A 32 5.65 19.85 11.89
C ARG A 32 4.19 19.38 11.76
N ILE A 33 3.87 18.77 10.66
CA ILE A 33 2.49 18.26 10.47
C ILE A 33 2.13 17.41 11.67
N VAL A 34 3.03 16.55 12.06
CA VAL A 34 2.79 15.68 13.25
C VAL A 34 2.59 16.57 14.47
N SER A 35 3.16 17.75 14.47
CA SER A 35 2.99 18.67 15.63
C SER A 35 1.53 19.16 15.68
N ARG A 36 0.93 19.38 14.54
CA ARG A 36 -0.49 19.82 14.55
C ARG A 36 -1.35 18.64 15.02
N LEU A 37 -1.09 17.50 14.45
CA LEU A 37 -1.83 16.29 14.89
C LEU A 37 -1.48 16.07 16.36
N ARG A 38 -0.30 16.49 16.74
CA ARG A 38 0.12 16.34 18.16
C ARG A 38 -0.79 17.23 19.00
N ARG A 39 -1.29 18.29 18.44
CA ARG A 39 -2.23 19.16 19.22
C ARG A 39 -3.53 18.37 19.36
N TYR A 40 -4.17 18.07 18.26
CA TYR A 40 -5.43 17.25 18.33
C TYR A 40 -5.21 16.03 17.44
N GLY A 41 -5.91 14.95 17.63
CA GLY A 41 -5.64 13.76 16.79
C GLY A 41 -4.44 13.05 17.38
N LYS A 42 -4.59 12.45 18.53
CA LYS A 42 -3.41 11.77 19.16
C LYS A 42 -2.57 11.16 18.04
N VAL A 43 -1.28 11.37 18.04
CA VAL A 43 -0.43 10.79 16.97
C VAL A 43 0.15 9.48 17.47
N LEU A 44 -0.32 8.37 16.98
CA LEU A 44 0.25 7.08 17.45
C LEU A 44 1.59 6.83 16.74
N THR A 45 2.47 6.09 17.37
CA THR A 45 3.80 5.81 16.73
C THR A 45 4.43 7.13 16.28
N GLU A 46 4.56 8.08 17.16
CA GLU A 46 5.18 9.38 16.80
C GLU A 46 6.56 9.11 16.19
N HIS A 47 7.01 7.89 16.23
CA HIS A 47 8.34 7.55 15.67
C HIS A 47 8.52 8.21 14.29
N VAL A 48 7.46 8.38 13.56
CA VAL A 48 7.57 9.00 12.21
C VAL A 48 8.28 10.36 12.32
N ALA A 49 7.80 11.21 13.16
CA ALA A 49 8.45 12.54 13.33
C ALA A 49 9.84 12.34 13.91
N ASP A 50 9.95 11.49 14.89
CA ASP A 50 11.28 11.24 15.49
C ASP A 50 12.09 10.39 14.50
N ALA A 51 11.93 10.66 13.23
CA ALA A 51 12.68 9.91 12.19
C ALA A 51 13.72 10.83 11.57
N GLU A 52 13.91 11.98 12.16
CA GLU A 52 14.91 12.95 11.61
C GLU A 52 16.17 12.94 12.49
N LEU A 53 16.21 12.09 13.48
CA LEU A 53 17.41 12.03 14.37
C LEU A 53 18.13 10.70 14.18
N GLU A 54 19.37 10.61 14.61
CA GLU A 54 20.13 9.34 14.47
C GLU A 54 20.12 8.91 12.99
N PRO A 55 21.08 8.12 12.57
CA PRO A 55 21.15 7.65 11.17
C PRO A 55 19.77 7.28 10.61
N LEU A 56 19.36 7.89 9.53
CA LEU A 56 18.03 7.58 8.95
C LEU A 56 18.16 6.45 7.93
N GLY A 57 17.17 6.26 7.11
CA GLY A 57 17.21 5.18 6.10
C GLY A 57 16.62 3.92 6.72
N GLU A 58 15.72 3.27 6.04
CA GLU A 58 15.11 2.05 6.62
C GLU A 58 16.22 1.12 7.13
N GLU A 59 17.36 1.15 6.49
CA GLU A 59 18.48 0.28 6.96
C GLU A 59 18.99 0.82 8.29
N ALA A 60 18.42 1.88 8.78
CA ALA A 60 18.87 2.46 10.08
C ALA A 60 18.56 1.45 11.20
N ALA A 61 19.35 1.44 12.23
CA ALA A 61 19.11 0.48 13.35
C ALA A 61 17.83 0.87 14.09
N GLY A 62 17.18 1.91 13.65
CA GLY A 62 15.92 2.34 14.33
C GLY A 62 15.01 1.13 14.54
N GLY A 63 15.07 0.16 13.65
CA GLY A 63 14.21 -1.04 13.80
C GLY A 63 13.09 -0.99 12.76
N ASP A 64 13.39 -1.27 11.53
CA ASP A 64 12.33 -1.26 10.49
C ASP A 64 11.19 -2.14 11.01
N GLN A 65 11.53 -3.21 11.65
CA GLN A 65 10.51 -4.12 12.21
C GLN A 65 9.77 -3.39 13.34
N PHE A 66 10.51 -2.85 14.29
CA PHE A 66 9.85 -2.12 15.41
C PHE A 66 9.01 -0.97 14.84
N ILE A 67 9.45 -0.40 13.75
CA ILE A 67 8.67 0.72 13.15
C ILE A 67 7.34 0.14 12.64
N HIS A 68 7.40 -0.91 11.86
CA HIS A 68 6.15 -1.54 11.34
C HIS A 68 5.34 -2.14 12.48
N GLU A 69 5.95 -2.98 13.27
CA GLU A 69 5.22 -3.61 14.39
C GLU A 69 4.44 -2.55 15.18
N GLN A 70 5.12 -1.55 15.67
CA GLN A 70 4.42 -0.49 16.45
C GLN A 70 3.50 0.33 15.53
N ASP A 71 3.93 0.58 14.32
CA ASP A 71 3.09 1.40 13.39
C ASP A 71 1.82 0.64 12.99
N LEU A 72 1.98 -0.53 12.45
CA LEU A 72 0.82 -1.33 12.00
C LEU A 72 -0.12 -1.60 13.18
N ASN A 73 0.42 -1.91 14.32
CA ASN A 73 -0.46 -2.19 15.49
C ASN A 73 -1.22 -0.92 15.87
N TRP A 74 -0.52 0.12 16.17
CA TRP A 74 -1.21 1.39 16.54
C TRP A 74 -2.12 1.80 15.39
N LEU A 75 -1.66 1.64 14.18
CA LEU A 75 -2.50 2.00 13.00
C LEU A 75 -3.85 1.30 13.18
N GLN A 76 -3.81 0.08 13.63
CA GLN A 76 -5.07 -0.67 13.85
C GLN A 76 -5.81 -0.12 15.07
N GLN A 77 -5.10 0.48 16.00
CA GLN A 77 -5.80 1.05 17.20
C GLN A 77 -6.14 2.51 16.91
N ALA A 78 -5.82 2.98 15.73
CA ALA A 78 -6.10 4.41 15.38
C ALA A 78 -7.59 4.65 15.14
N ASP A 79 -8.18 5.56 15.87
CA ASP A 79 -9.61 5.89 15.64
C ASP A 79 -9.69 6.62 14.29
N VAL A 80 -8.69 7.41 14.01
CA VAL A 80 -8.63 8.15 12.72
C VAL A 80 -7.23 8.03 12.14
N VAL A 81 -7.10 7.88 10.85
CA VAL A 81 -5.74 7.72 10.25
C VAL A 81 -5.47 8.72 9.13
N VAL A 82 -4.45 9.53 9.31
CA VAL A 82 -4.11 10.55 8.26
C VAL A 82 -2.73 10.24 7.68
N ALA A 83 -2.66 10.00 6.39
CA ALA A 83 -1.34 9.68 5.75
C ALA A 83 -1.09 10.63 4.57
N GLU A 84 0.15 10.78 4.19
CA GLU A 84 0.47 11.68 3.05
C GLU A 84 0.61 10.85 1.77
N VAL A 85 -0.09 11.22 0.73
CA VAL A 85 0.00 10.45 -0.55
C VAL A 85 0.79 11.24 -1.59
N THR A 86 1.70 12.06 -1.17
CA THR A 86 2.52 12.84 -2.14
C THR A 86 3.63 11.92 -2.68
N GLN A 87 4.66 11.70 -1.90
CA GLN A 87 5.77 10.82 -2.35
C GLN A 87 5.25 9.39 -2.54
N PRO A 88 5.62 8.73 -3.60
CA PRO A 88 5.18 7.33 -3.88
C PRO A 88 5.96 6.33 -3.03
N SER A 89 5.50 6.04 -1.84
CA SER A 89 6.23 5.07 -0.97
C SER A 89 5.30 3.90 -0.61
N LEU A 90 5.82 2.71 -0.60
CA LEU A 90 4.98 1.54 -0.24
C LEU A 90 4.43 1.74 1.17
N GLY A 91 5.24 2.21 2.07
CA GLY A 91 4.76 2.44 3.45
C GLY A 91 3.54 3.37 3.38
N VAL A 92 3.52 4.23 2.40
CA VAL A 92 2.38 5.17 2.25
C VAL A 92 1.19 4.40 1.67
N GLY A 93 1.37 3.79 0.53
CA GLY A 93 0.25 3.01 -0.08
C GLY A 93 -0.08 1.79 0.77
N TYR A 94 0.92 1.18 1.35
CA TYR A 94 0.68 -0.02 2.20
C TYR A 94 -0.12 0.39 3.43
N GLU A 95 0.34 1.38 4.13
CA GLU A 95 -0.39 1.84 5.35
C GLU A 95 -1.81 2.27 4.95
N LEU A 96 -1.96 2.84 3.79
CA LEU A 96 -3.34 3.26 3.36
C LEU A 96 -4.13 2.01 2.97
N GLY A 97 -3.49 1.10 2.28
CA GLY A 97 -4.21 -0.15 1.91
C GLY A 97 -4.61 -0.87 3.19
N ARG A 98 -3.79 -0.78 4.19
CA ARG A 98 -4.12 -1.44 5.48
C ARG A 98 -5.32 -0.74 6.11
N ALA A 99 -5.37 0.57 6.10
CA ALA A 99 -6.55 1.23 6.70
C ALA A 99 -7.76 0.96 5.81
N VAL A 100 -7.60 1.05 4.53
CA VAL A 100 -8.74 0.76 3.62
C VAL A 100 -9.30 -0.60 4.04
N ALA A 101 -8.41 -1.49 4.40
CA ALA A 101 -8.80 -2.86 4.80
C ALA A 101 -9.49 -2.86 6.18
N LEU A 102 -8.89 -2.22 7.16
CA LEU A 102 -9.51 -2.18 8.54
C LEU A 102 -9.62 -0.74 9.02
N GLY A 103 -8.69 0.09 8.65
CA GLY A 103 -8.76 1.52 9.07
C GLY A 103 -9.84 2.17 8.20
N LYS A 104 -10.99 2.37 8.76
CA LYS A 104 -12.12 2.94 7.99
C LYS A 104 -11.89 4.43 7.70
N PRO A 105 -11.96 5.29 8.68
CA PRO A 105 -11.73 6.75 8.47
C PRO A 105 -10.28 7.02 8.03
N ILE A 106 -10.07 7.38 6.80
CA ILE A 106 -8.67 7.63 6.33
C ILE A 106 -8.59 8.91 5.50
N LEU A 107 -7.82 9.86 5.95
CA LEU A 107 -7.66 11.12 5.18
C LEU A 107 -6.27 11.08 4.52
N CYS A 108 -6.22 11.14 3.22
CA CYS A 108 -4.90 11.09 2.53
C CYS A 108 -4.59 12.48 1.98
N LEU A 109 -3.36 12.92 2.08
CA LEU A 109 -3.01 14.30 1.59
C LEU A 109 -1.82 14.25 0.61
N PHE A 110 -2.00 14.78 -0.57
CA PHE A 110 -0.89 14.81 -1.58
C PHE A 110 -0.69 16.27 -2.00
N ARG A 111 0.48 16.62 -2.45
CA ARG A 111 0.72 18.05 -2.83
C ARG A 111 0.87 18.20 -4.35
N PRO A 112 0.33 19.26 -4.92
CA PRO A 112 0.41 19.53 -6.38
C PRO A 112 1.77 20.13 -6.75
N GLN A 113 2.38 20.84 -5.84
CA GLN A 113 3.72 21.45 -6.14
C GLN A 113 4.60 20.39 -6.79
N SER A 114 4.52 19.19 -6.30
CA SER A 114 5.33 18.09 -6.87
C SER A 114 4.42 17.30 -7.82
N GLY A 115 3.13 17.39 -7.62
CA GLY A 115 2.17 16.68 -8.50
C GLY A 115 2.56 15.21 -8.66
N ARG A 116 2.99 14.57 -7.61
CA ARG A 116 3.38 13.14 -7.73
C ARG A 116 2.25 12.36 -8.42
N VAL A 117 1.12 12.99 -8.61
CA VAL A 117 -0.03 12.31 -9.25
C VAL A 117 -0.51 11.15 -8.37
N LEU A 118 -1.56 11.38 -7.60
CA LEU A 118 -2.09 10.30 -6.74
C LEU A 118 -2.01 8.97 -7.49
N SER A 119 -1.43 7.97 -6.88
CA SER A 119 -1.33 6.66 -7.58
C SER A 119 -2.71 6.26 -8.09
N ALA A 120 -2.76 5.57 -9.20
CA ALA A 120 -4.08 5.16 -9.76
C ALA A 120 -4.82 4.29 -8.75
N MET A 121 -4.13 3.45 -8.03
CA MET A 121 -4.82 2.58 -7.04
C MET A 121 -5.40 3.45 -5.92
N ILE A 122 -4.65 4.41 -5.45
CA ILE A 122 -5.18 5.28 -4.37
C ILE A 122 -6.35 6.09 -4.92
N ARG A 123 -6.18 6.67 -6.07
CA ARG A 123 -7.30 7.45 -6.67
C ARG A 123 -8.48 6.52 -6.90
N GLY A 124 -8.21 5.39 -7.49
CA GLY A 124 -9.30 4.42 -7.72
C GLY A 124 -9.91 4.06 -6.36
N ALA A 125 -9.09 3.98 -5.36
CA ALA A 125 -9.60 3.66 -4.00
C ALA A 125 -10.77 4.62 -3.72
N ALA A 126 -10.49 5.90 -3.70
CA ALA A 126 -11.59 6.88 -3.46
C ALA A 126 -11.07 8.18 -2.88
N ASP A 127 -11.80 9.23 -3.09
CA ASP A 127 -11.43 10.55 -2.53
C ASP A 127 -12.65 11.07 -1.75
N GLY A 128 -13.45 10.15 -1.26
CA GLY A 128 -14.69 10.53 -0.50
C GLY A 128 -15.37 9.23 -0.03
N SER A 129 -16.06 9.27 1.09
CA SER A 129 -16.75 8.05 1.63
C SER A 129 -15.86 7.39 2.68
N ARG A 130 -15.73 8.01 3.82
CA ARG A 130 -14.87 7.47 4.91
C ARG A 130 -13.43 7.42 4.40
N PHE A 131 -13.27 7.44 3.12
CA PHE A 131 -11.91 7.45 2.50
C PHE A 131 -11.82 8.72 1.68
N GLN A 132 -10.89 9.57 1.96
CA GLN A 132 -10.84 10.82 1.18
C GLN A 132 -9.41 11.21 0.83
N VAL A 133 -9.20 11.53 -0.41
CA VAL A 133 -7.87 11.94 -0.91
C VAL A 133 -7.87 13.46 -1.11
N TRP A 134 -7.30 14.20 -0.19
CA TRP A 134 -7.30 15.71 -0.29
C TRP A 134 -5.98 16.21 -0.88
N ASP A 135 -6.01 17.37 -1.47
CA ASP A 135 -4.75 17.96 -2.05
C ASP A 135 -4.31 19.12 -1.15
N TYR A 136 -3.04 19.36 -1.03
CA TYR A 136 -2.59 20.46 -0.15
C TYR A 136 -1.13 20.84 -0.44
N ALA A 137 -0.60 21.75 0.34
CA ALA A 137 0.82 22.16 0.15
C ALA A 137 1.36 22.69 1.49
N GLU A 138 2.65 22.70 1.67
CA GLU A 138 3.22 23.20 2.96
C GLU A 138 2.80 24.65 3.21
N GLY A 139 1.71 25.08 2.63
CA GLY A 139 1.24 26.48 2.85
C GLY A 139 -0.15 26.49 3.49
N GLU A 140 -0.81 25.36 3.53
CA GLU A 140 -2.18 25.32 4.14
C GLU A 140 -2.48 23.91 4.68
N VAL A 141 -1.47 23.10 4.85
CA VAL A 141 -1.71 21.71 5.35
C VAL A 141 -2.55 21.80 6.62
N GLU A 142 -2.25 22.73 7.47
CA GLU A 142 -3.03 22.86 8.74
C GLU A 142 -4.48 23.16 8.39
N THR A 143 -4.72 23.79 7.26
CA THR A 143 -6.12 24.12 6.88
C THR A 143 -6.85 22.87 6.43
N MET A 144 -6.29 22.08 5.55
CA MET A 144 -7.01 20.85 5.12
C MET A 144 -7.36 20.10 6.38
N LEU A 145 -6.41 19.91 7.25
CA LEU A 145 -6.72 19.20 8.52
C LEU A 145 -7.84 19.97 9.23
N ASP A 146 -7.79 21.26 9.17
CA ASP A 146 -8.84 22.09 9.83
C ASP A 146 -10.21 21.82 9.20
N ARG A 147 -10.26 21.65 7.90
CA ARG A 147 -11.59 21.39 7.27
C ARG A 147 -12.07 20.00 7.68
N TYR A 148 -11.25 19.01 7.46
CA TYR A 148 -11.65 17.64 7.82
C TYR A 148 -11.95 17.58 9.30
N PHE A 149 -11.09 18.11 10.11
CA PHE A 149 -11.32 18.05 11.57
C PHE A 149 -12.49 18.97 11.95
N GLU A 150 -12.68 20.04 11.23
CA GLU A 150 -13.83 20.91 11.56
C GLU A 150 -15.08 20.06 11.43
N ALA A 151 -15.03 19.10 10.54
CA ALA A 151 -16.20 18.18 10.37
C ALA A 151 -15.99 16.97 11.27
N TYR A 152 -15.10 17.06 12.23
CA TYR A 152 -14.84 15.86 13.07
C TYR A 152 -14.47 16.21 14.51
N LEU A 153 -14.01 17.41 14.78
CA LEU A 153 -13.62 17.73 16.18
C LEU A 153 -14.42 18.91 16.73
N PRO A 154 -15.70 18.98 16.44
CA PRO A 154 -16.57 20.07 16.97
C PRO A 154 -16.99 19.75 18.41
N GLN A 155 -16.60 20.58 19.34
CA GLN A 155 -16.95 20.32 20.77
C GLN A 155 -16.20 19.07 21.25
N LYS A 156 -16.06 18.09 20.40
CA LYS A 156 -15.33 16.85 20.81
C LYS A 156 -13.90 17.24 21.21
N THR A 157 -13.40 18.31 20.68
CA THR A 157 -12.02 18.75 21.03
C THR A 157 -11.89 18.86 22.56
N ALA A 158 -12.90 19.34 23.22
CA ALA A 158 -12.82 19.48 24.70
C ALA A 158 -14.20 19.84 25.25
N SER A 159 -15.12 20.21 24.41
CA SER A 159 -16.47 20.58 24.89
C SER A 159 -16.36 21.56 26.07
N SER A 160 -17.46 21.90 26.67
CA SER A 160 -17.44 22.86 27.83
C SER A 160 -17.97 22.15 29.08
N SER A 161 -17.57 22.59 30.23
CA SER A 161 -18.06 21.95 31.49
C SER A 161 -18.11 22.99 32.61
N HIS A 162 -18.58 22.61 33.76
CA HIS A 162 -18.66 23.56 34.90
C HIS A 162 -19.45 24.80 34.48
N PRO A 163 -20.73 24.64 34.28
CA PRO A 163 -21.63 25.75 33.86
C PRO A 163 -21.46 26.99 34.75
N SER A 164 -21.00 26.81 35.95
CA SER A 164 -20.81 27.98 36.86
C SER A 164 -19.74 28.91 36.29
N ALA A 165 -19.70 30.13 36.75
CA ALA A 165 -18.69 31.09 36.24
C ALA A 165 -17.28 30.56 36.53
N MET B 3 -20.43 -20.85 -7.63
CA MET B 3 -19.84 -20.18 -8.82
C MET B 3 -19.28 -21.25 -9.78
N ALA B 4 -19.11 -20.91 -11.03
CA ALA B 4 -18.58 -21.90 -12.00
C ALA B 4 -19.35 -23.21 -11.87
N ALA B 5 -18.91 -24.24 -12.54
CA ALA B 5 -19.61 -25.55 -12.46
C ALA B 5 -18.66 -26.66 -12.93
N SER B 6 -18.72 -27.00 -14.19
CA SER B 6 -17.82 -28.07 -14.71
C SER B 6 -16.86 -27.46 -15.73
N GLY B 7 -15.63 -27.90 -15.74
CA GLY B 7 -14.64 -27.35 -16.71
C GLY B 7 -13.31 -28.08 -16.57
N GLU B 8 -12.26 -27.52 -17.09
CA GLU B 8 -10.92 -28.19 -16.99
C GLU B 8 -10.24 -27.78 -15.68
N GLN B 9 -9.16 -28.42 -15.34
CA GLN B 9 -8.45 -28.07 -14.08
C GLN B 9 -7.99 -26.62 -14.15
N ALA B 10 -7.27 -26.29 -15.19
CA ALA B 10 -6.78 -24.90 -15.36
C ALA B 10 -5.83 -24.55 -14.20
N PRO B 11 -4.80 -23.78 -14.46
CA PRO B 11 -3.83 -23.37 -13.42
C PRO B 11 -4.46 -22.36 -12.44
N CYS B 12 -3.95 -22.28 -11.25
CA CYS B 12 -4.54 -21.31 -10.28
C CYS B 12 -4.60 -19.93 -10.92
N SER B 13 -5.02 -18.95 -10.17
CA SER B 13 -5.07 -17.58 -10.71
C SER B 13 -3.96 -16.77 -10.06
N VAL B 14 -3.44 -15.83 -10.76
CA VAL B 14 -2.33 -15.02 -10.22
C VAL B 14 -2.54 -13.56 -10.62
N TYR B 15 -2.45 -12.66 -9.69
CA TYR B 15 -2.64 -11.23 -10.04
C TYR B 15 -1.26 -10.58 -10.16
N PHE B 16 -0.98 -9.99 -11.28
CA PHE B 16 0.34 -9.34 -11.46
C PHE B 16 0.24 -7.85 -11.13
N CYS B 17 1.02 -7.38 -10.20
CA CYS B 17 0.95 -5.93 -9.83
C CYS B 17 2.36 -5.34 -9.73
N GLY B 18 2.49 -4.05 -9.93
CA GLY B 18 3.85 -3.42 -9.84
C GLY B 18 3.70 -1.90 -10.00
N SER B 19 4.76 -1.22 -10.36
CA SER B 19 4.69 0.26 -10.53
C SER B 19 4.46 0.57 -12.02
N ILE B 20 3.62 1.52 -12.33
CA ILE B 20 3.36 1.84 -13.77
C ILE B 20 3.33 3.36 -13.99
N ARG B 21 3.62 4.13 -12.99
CA ARG B 21 3.59 5.61 -13.19
C ARG B 21 4.38 5.95 -14.46
N GLY B 22 3.70 6.16 -15.56
CA GLY B 22 4.41 6.49 -16.82
C GLY B 22 5.06 5.22 -17.40
N GLY B 23 5.61 5.32 -18.58
CA GLY B 23 6.27 4.13 -19.18
C GLY B 23 7.53 3.83 -18.38
N ARG B 24 7.72 2.60 -17.95
CA ARG B 24 8.93 2.28 -17.13
C ARG B 24 9.59 1.00 -17.61
N GLU B 25 10.89 0.90 -17.43
CA GLU B 25 11.57 -0.35 -17.82
C GLU B 25 10.83 -1.47 -17.09
N ASP B 26 10.20 -1.12 -16.01
CA ASP B 26 9.40 -2.11 -15.24
C ASP B 26 8.18 -2.47 -16.07
N GLN B 27 7.68 -1.54 -16.85
CA GLN B 27 6.51 -1.86 -17.71
C GLN B 27 6.95 -2.90 -18.73
N ALA B 28 8.14 -2.75 -19.24
CA ALA B 28 8.64 -3.76 -20.22
C ALA B 28 8.88 -5.08 -19.48
N LEU B 29 9.61 -5.03 -18.41
CA LEU B 29 9.87 -6.26 -17.61
C LEU B 29 8.52 -6.85 -17.18
N TYR B 30 7.54 -6.01 -17.02
CA TYR B 30 6.19 -6.48 -16.59
C TYR B 30 5.54 -7.27 -17.71
N ALA B 31 5.60 -6.80 -18.92
CA ALA B 31 4.96 -7.58 -20.01
C ALA B 31 5.69 -8.92 -20.15
N ARG B 32 6.98 -8.93 -19.97
CA ARG B 32 7.72 -10.22 -20.06
C ARG B 32 7.37 -11.06 -18.83
N ILE B 33 7.59 -10.52 -17.66
CA ILE B 33 7.25 -11.25 -16.42
C ILE B 33 5.79 -11.68 -16.53
N VAL B 34 4.95 -10.79 -16.95
CA VAL B 34 3.51 -11.12 -17.10
C VAL B 34 3.38 -12.25 -18.13
N SER B 35 4.30 -12.35 -19.04
CA SER B 35 4.23 -13.45 -20.06
C SER B 35 4.48 -14.79 -19.37
N ARG B 36 5.37 -14.82 -18.40
CA ARG B 36 5.61 -16.11 -17.69
C ARG B 36 4.35 -16.44 -16.88
N LEU B 37 3.86 -15.48 -16.17
CA LEU B 37 2.62 -15.69 -15.39
C LEU B 37 1.53 -16.00 -16.41
N ARG B 38 1.67 -15.47 -17.60
CA ARG B 38 0.68 -15.74 -18.67
C ARG B 38 0.74 -17.22 -19.00
N ARG B 39 1.88 -17.84 -18.83
CA ARG B 39 1.98 -19.30 -19.10
C ARG B 39 1.20 -20.00 -17.99
N TYR B 40 1.64 -19.85 -16.76
CA TYR B 40 0.91 -20.46 -15.60
C TYR B 40 0.58 -19.32 -14.65
N GLY B 41 -0.42 -19.46 -13.81
CA GLY B 41 -0.75 -18.32 -12.92
C GLY B 41 -1.61 -17.35 -13.72
N LYS B 42 -2.82 -17.73 -14.03
CA LYS B 42 -3.66 -16.81 -14.85
C LYS B 42 -3.37 -15.37 -14.43
N VAL B 43 -3.13 -14.49 -15.36
CA VAL B 43 -2.82 -13.09 -14.99
C VAL B 43 -4.10 -12.27 -15.07
N LEU B 44 -4.65 -11.90 -13.95
CA LEU B 44 -5.90 -11.09 -14.01
C LEU B 44 -5.55 -9.64 -14.33
N THR B 45 -6.47 -8.92 -14.92
CA THR B 45 -6.19 -7.49 -15.26
C THR B 45 -4.86 -7.39 -16.01
N GLU B 46 -4.70 -8.13 -17.07
CA GLU B 46 -3.43 -8.09 -17.84
C GLU B 46 -3.15 -6.64 -18.25
N HIS B 47 -4.09 -5.76 -17.99
CA HIS B 47 -3.89 -4.32 -18.37
C HIS B 47 -2.49 -3.86 -17.95
N VAL B 48 -1.95 -4.40 -16.89
CA VAL B 48 -0.60 -3.97 -16.44
C VAL B 48 0.39 -4.10 -17.59
N ALA B 49 0.46 -5.24 -18.20
CA ALA B 49 1.41 -5.43 -19.33
C ALA B 49 0.96 -4.55 -20.49
N ASP B 50 -0.31 -4.54 -20.76
CA ASP B 50 -0.80 -3.68 -21.87
C ASP B 50 -0.75 -2.23 -21.40
N ALA B 51 0.27 -1.89 -20.65
CA ALA B 51 0.40 -0.49 -20.15
C ALA B 51 1.57 0.17 -20.87
N GLU B 52 2.08 -0.47 -21.89
CA GLU B 52 3.23 0.10 -22.66
C GLU B 52 2.74 0.66 -23.99
N LEU B 53 1.45 0.62 -24.22
CA LEU B 53 0.89 1.15 -25.52
C LEU B 53 0.04 2.40 -25.24
N GLU B 54 -0.23 3.17 -26.25
CA GLU B 54 -1.05 4.41 -26.05
C GLU B 54 -0.42 5.28 -24.96
N PRO B 55 -0.70 6.55 -24.96
CA PRO B 55 -0.13 7.48 -23.93
C PRO B 55 -0.14 6.85 -22.53
N LEU B 56 1.00 6.75 -21.91
CA LEU B 56 1.05 6.14 -20.55
C LEU B 56 0.88 7.22 -19.49
N GLY B 57 1.21 6.92 -18.26
CA GLY B 57 1.05 7.93 -17.19
C GLY B 57 -0.35 7.76 -16.59
N GLU B 58 -0.45 7.68 -15.29
CA GLU B 58 -1.80 7.50 -14.68
C GLU B 58 -2.76 8.53 -15.27
N GLU B 59 -2.26 9.69 -15.63
CA GLU B 59 -3.16 10.72 -16.22
C GLU B 59 -3.59 10.25 -17.61
N ALA B 60 -3.14 9.11 -18.02
CA ALA B 60 -3.51 8.58 -19.37
C ALA B 60 -5.02 8.30 -19.38
N ALA B 61 -5.65 8.43 -20.52
CA ALA B 61 -7.11 8.17 -20.60
C ALA B 61 -7.38 6.67 -20.39
N GLY B 62 -6.34 5.90 -20.20
CA GLY B 62 -6.53 4.44 -20.00
C GLY B 62 -7.64 4.20 -18.97
N GLY B 63 -7.80 5.10 -18.03
CA GLY B 63 -8.86 4.91 -17.00
C GLY B 63 -8.21 4.52 -15.68
N ASP B 64 -7.62 5.45 -14.99
CA ASP B 64 -6.99 5.10 -13.68
C ASP B 64 -8.06 4.39 -12.85
N GLN B 65 -9.27 4.85 -12.97
CA GLN B 65 -10.39 4.21 -12.22
C GLN B 65 -10.62 2.81 -12.77
N PHE B 66 -10.77 2.69 -14.07
CA PHE B 66 -10.99 1.34 -14.66
C PHE B 66 -9.80 0.44 -14.31
N ILE B 67 -8.63 1.01 -14.20
CA ILE B 67 -7.44 0.19 -13.85
C ILE B 67 -7.62 -0.33 -12.43
N HIS B 68 -7.92 0.54 -11.51
CA HIS B 68 -8.12 0.13 -10.09
C HIS B 68 -9.39 -0.74 -9.99
N GLU B 69 -10.48 -0.25 -10.46
CA GLU B 69 -11.75 -1.04 -10.37
C GLU B 69 -11.49 -2.48 -10.84
N GLN B 70 -11.02 -2.65 -12.04
CA GLN B 70 -10.75 -4.02 -12.56
C GLN B 70 -9.59 -4.66 -11.79
N ASP B 71 -8.59 -3.91 -11.46
CA ASP B 71 -7.41 -4.48 -10.73
C ASP B 71 -7.81 -4.91 -9.32
N LEU B 72 -8.33 -4.01 -8.54
CA LEU B 72 -8.72 -4.34 -7.14
C LEU B 72 -9.75 -5.46 -7.12
N ASN B 73 -10.69 -5.45 -8.02
CA ASN B 73 -11.72 -6.52 -8.03
C ASN B 73 -11.04 -7.86 -8.35
N TRP B 74 -10.41 -7.94 -9.49
CA TRP B 74 -9.72 -9.22 -9.85
C TRP B 74 -8.72 -9.56 -8.75
N LEU B 75 -8.02 -8.58 -8.26
CA LEU B 75 -7.04 -8.84 -7.17
C LEU B 75 -7.77 -9.64 -6.08
N GLN B 76 -8.99 -9.25 -5.80
CA GLN B 76 -9.76 -9.97 -4.77
C GLN B 76 -10.19 -11.35 -5.29
N GLN B 77 -10.31 -11.51 -6.60
CA GLN B 77 -10.69 -12.84 -7.14
C GLN B 77 -9.41 -13.65 -7.42
N ALA B 78 -8.28 -13.07 -7.14
CA ALA B 78 -6.99 -13.76 -7.41
C ALA B 78 -6.73 -14.90 -6.42
N ASP B 79 -6.54 -16.10 -6.91
CA ASP B 79 -6.22 -17.24 -6.01
C ASP B 79 -4.82 -17.01 -5.47
N VAL B 80 -3.97 -16.47 -6.32
CA VAL B 80 -2.57 -16.18 -5.91
C VAL B 80 -2.20 -14.78 -6.41
N VAL B 81 -1.46 -14.02 -5.64
CA VAL B 81 -1.12 -12.63 -6.08
C VAL B 81 0.38 -12.38 -6.04
N VAL B 82 0.95 -12.05 -7.18
CA VAL B 82 2.42 -11.76 -7.24
C VAL B 82 2.65 -10.30 -7.64
N ALA B 83 3.30 -9.54 -6.79
CA ALA B 83 3.55 -8.10 -7.10
C ALA B 83 5.05 -7.79 -6.99
N GLU B 84 5.48 -6.74 -7.62
CA GLU B 84 6.94 -6.37 -7.55
C GLU B 84 7.14 -5.30 -6.48
N VAL B 85 8.07 -5.52 -5.58
CA VAL B 85 8.31 -4.51 -4.50
C VAL B 85 9.63 -3.78 -4.74
N THR B 86 10.04 -3.67 -5.98
CA THR B 86 11.30 -2.95 -6.28
C THR B 86 11.02 -1.45 -6.24
N GLN B 87 10.41 -0.93 -7.27
CA GLN B 87 10.10 0.53 -7.30
C GLN B 87 9.09 0.86 -6.18
N PRO B 88 9.31 1.95 -5.47
CA PRO B 88 8.41 2.37 -4.37
C PRO B 88 7.13 3.05 -4.91
N SER B 89 6.12 2.27 -5.20
CA SER B 89 4.86 2.87 -5.75
C SER B 89 3.69 2.53 -4.84
N LEU B 90 2.80 3.46 -4.62
CA LEU B 90 1.64 3.19 -3.74
C LEU B 90 0.85 2.02 -4.33
N GLY B 91 0.66 2.00 -5.63
CA GLY B 91 -0.08 0.88 -6.26
C GLY B 91 0.60 -0.42 -5.86
N VAL B 92 1.89 -0.37 -5.67
CA VAL B 92 2.63 -1.59 -5.27
C VAL B 92 2.35 -1.88 -3.80
N GLY B 93 2.63 -0.94 -2.94
CA GLY B 93 2.39 -1.15 -1.49
C GLY B 93 0.89 -1.25 -1.22
N TYR B 94 0.10 -0.48 -1.94
CA TYR B 94 -1.38 -0.53 -1.73
C TYR B 94 -1.90 -1.89 -2.16
N GLU B 95 -1.59 -2.30 -3.35
CA GLU B 95 -2.07 -3.63 -3.83
C GLU B 95 -1.58 -4.73 -2.87
N LEU B 96 -0.40 -4.57 -2.33
CA LEU B 96 0.11 -5.59 -1.38
C LEU B 96 -0.62 -5.45 -0.06
N GLY B 97 -0.84 -4.24 0.38
CA GLY B 97 -1.57 -4.04 1.66
C GLY B 97 -2.98 -4.61 1.48
N ARG B 98 -3.51 -4.49 0.29
CA ARG B 98 -4.87 -5.02 0.03
C ARG B 98 -4.82 -6.55 0.11
N ALA B 99 -3.82 -7.18 -0.46
CA ALA B 99 -3.80 -8.67 -0.37
C ALA B 99 -3.49 -9.05 1.07
N VAL B 100 -2.58 -8.38 1.70
CA VAL B 100 -2.27 -8.70 3.12
C VAL B 100 -3.62 -8.69 3.86
N ALA B 101 -4.47 -7.78 3.49
CA ALA B 101 -5.81 -7.65 4.13
C ALA B 101 -6.73 -8.81 3.73
N LEU B 102 -6.85 -9.09 2.45
CA LEU B 102 -7.75 -10.22 2.00
C LEU B 102 -6.96 -11.17 1.12
N GLY B 103 -6.05 -10.68 0.34
CA GLY B 103 -5.23 -11.57 -0.52
C GLY B 103 -4.24 -12.29 0.40
N LYS B 104 -4.53 -13.51 0.70
CA LYS B 104 -3.66 -14.28 1.63
C LYS B 104 -2.33 -14.66 0.97
N PRO B 105 -2.32 -15.54 0.01
CA PRO B 105 -1.06 -15.93 -0.69
C PRO B 105 -0.48 -14.76 -1.48
N ILE B 106 0.61 -14.19 -1.03
CA ILE B 106 1.19 -13.02 -1.76
C ILE B 106 2.70 -13.16 -1.91
N LEU B 107 3.17 -13.21 -3.12
CA LEU B 107 4.64 -13.32 -3.36
C LEU B 107 5.11 -11.94 -3.83
N CYS B 108 6.01 -11.32 -3.10
CA CYS B 108 6.50 -9.98 -3.51
C CYS B 108 7.93 -10.11 -4.04
N LEU B 109 8.28 -9.41 -5.08
CA LEU B 109 9.66 -9.54 -5.66
C LEU B 109 10.33 -8.16 -5.80
N PHE B 110 11.49 -8.00 -5.22
CA PHE B 110 12.23 -6.71 -5.33
C PHE B 110 13.62 -7.02 -5.89
N ARG B 111 14.26 -6.08 -6.55
CA ARG B 111 15.60 -6.36 -7.13
C ARG B 111 16.71 -5.62 -6.37
N PRO B 112 17.84 -6.25 -6.18
CA PRO B 112 19.00 -5.64 -5.47
C PRO B 112 19.78 -4.70 -6.40
N GLN B 113 19.77 -4.99 -7.68
CA GLN B 113 20.51 -4.11 -8.64
C GLN B 113 20.18 -2.65 -8.32
N SER B 114 18.94 -2.39 -8.01
CA SER B 114 18.54 -1.01 -7.66
C SER B 114 18.50 -0.90 -6.13
N GLY B 115 18.35 -2.01 -5.47
CA GLY B 115 18.33 -2.02 -3.98
C GLY B 115 17.34 -0.98 -3.46
N ARG B 116 16.20 -0.85 -4.07
CA ARG B 116 15.22 0.16 -3.58
C ARG B 116 14.99 -0.04 -2.08
N VAL B 117 15.53 -1.10 -1.53
CA VAL B 117 15.34 -1.38 -0.07
C VAL B 117 13.88 -1.63 0.24
N LEU B 118 13.50 -2.87 0.35
CA LEU B 118 12.08 -3.20 0.67
C LEU B 118 11.56 -2.17 1.68
N SER B 119 10.45 -1.57 1.42
CA SER B 119 9.90 -0.58 2.39
C SER B 119 9.86 -1.20 3.78
N ALA B 120 10.04 -0.40 4.79
CA ALA B 120 10.01 -0.96 6.17
C ALA B 120 8.65 -1.59 6.46
N MET B 121 7.59 -1.02 5.95
CA MET B 121 6.25 -1.61 6.21
C MET B 121 6.15 -2.96 5.50
N ILE B 122 6.62 -3.04 4.28
CA ILE B 122 6.55 -4.34 3.57
C ILE B 122 7.45 -5.35 4.27
N ARG B 123 8.65 -4.96 4.61
CA ARG B 123 9.55 -5.89 5.32
C ARG B 123 8.92 -6.24 6.66
N GLY B 124 8.46 -5.25 7.37
CA GLY B 124 7.80 -5.54 8.67
C GLY B 124 6.62 -6.46 8.40
N ALA B 125 5.96 -6.28 7.29
CA ALA B 125 4.81 -7.16 6.95
C ALA B 125 5.29 -8.59 7.09
N ALA B 126 6.26 -8.99 6.30
CA ALA B 126 6.78 -10.37 6.41
C ALA B 126 7.43 -10.85 5.11
N ASP B 127 8.31 -11.78 5.22
CA ASP B 127 8.98 -12.36 4.03
C ASP B 127 8.80 -13.87 4.10
N GLY B 128 7.73 -14.31 4.74
CA GLY B 128 7.45 -15.76 4.90
C GLY B 128 6.12 -15.91 5.65
N SER B 129 5.38 -16.97 5.40
CA SER B 129 4.07 -17.20 6.08
C SER B 129 2.94 -16.70 5.18
N ARG B 130 2.68 -17.41 4.12
CA ARG B 130 1.62 -17.01 3.15
C ARG B 130 1.99 -15.65 2.56
N PHE B 131 2.85 -14.95 3.24
CA PHE B 131 3.33 -13.63 2.72
C PHE B 131 4.82 -13.77 2.58
N GLN B 132 5.35 -13.57 1.41
CA GLN B 132 6.81 -13.73 1.25
C GLN B 132 7.41 -12.66 0.36
N VAL B 133 8.47 -12.09 0.83
CA VAL B 133 9.18 -11.02 0.08
C VAL B 133 10.47 -11.63 -0.49
N TRP B 134 10.47 -11.94 -1.77
CA TRP B 134 11.67 -12.58 -2.40
C TRP B 134 12.52 -11.54 -3.14
N ASP B 135 13.79 -11.81 -3.30
CA ASP B 135 14.68 -10.86 -4.03
C ASP B 135 15.01 -11.46 -5.39
N TYR B 136 15.21 -10.65 -6.40
CA TYR B 136 15.49 -11.22 -7.75
C TYR B 136 16.05 -10.15 -8.68
N ALA B 137 16.26 -10.52 -9.92
CA ALA B 137 16.79 -9.53 -10.91
C ALA B 137 16.36 -10.00 -12.31
N GLU B 138 16.33 -9.10 -13.26
CA GLU B 138 15.90 -9.47 -14.64
C GLU B 138 16.82 -10.58 -15.20
N GLY B 139 17.46 -11.33 -14.35
CA GLY B 139 18.36 -12.43 -14.83
C GLY B 139 17.85 -13.79 -14.32
N GLU B 140 16.91 -13.79 -13.41
CA GLU B 140 16.41 -15.10 -12.88
C GLU B 140 14.97 -14.94 -12.35
N VAL B 141 14.32 -13.87 -12.72
CA VAL B 141 12.93 -13.66 -12.23
C VAL B 141 12.11 -14.93 -12.50
N GLU B 142 12.28 -15.51 -13.65
CA GLU B 142 11.52 -16.75 -13.96
C GLU B 142 11.89 -17.84 -12.96
N THR B 143 13.08 -17.78 -12.42
CA THR B 143 13.50 -18.82 -11.44
C THR B 143 12.80 -18.61 -10.10
N MET B 144 12.79 -17.41 -9.57
CA MET B 144 12.11 -17.20 -8.28
C MET B 144 10.70 -17.70 -8.45
N LEU B 145 10.03 -17.30 -9.50
CA LEU B 145 8.67 -17.80 -9.74
C LEU B 145 8.72 -19.32 -9.80
N ASP B 146 9.74 -19.85 -10.41
CA ASP B 146 9.88 -21.32 -10.52
C ASP B 146 10.01 -21.95 -9.13
N ARG B 147 10.71 -21.32 -8.23
CA ARG B 147 10.85 -21.93 -6.87
C ARG B 147 9.51 -21.85 -6.16
N TYR B 148 8.94 -20.68 -6.09
CA TYR B 148 7.64 -20.52 -5.41
C TYR B 148 6.61 -21.40 -6.08
N PHE B 149 6.54 -21.37 -7.38
CA PHE B 149 5.54 -22.19 -8.08
C PHE B 149 5.92 -23.66 -8.00
N GLU B 150 7.18 -23.97 -7.95
CA GLU B 150 7.56 -25.40 -7.81
C GLU B 150 6.93 -25.91 -6.52
N ALA B 151 6.77 -25.03 -5.57
CA ALA B 151 6.11 -25.41 -4.29
C ALA B 151 4.63 -25.10 -4.40
N TYR B 152 4.12 -24.93 -5.60
CA TYR B 152 2.69 -24.57 -5.71
C TYR B 152 2.04 -25.11 -6.99
N LEU B 153 2.81 -25.42 -8.00
CA LEU B 153 2.18 -25.91 -9.26
C LEU B 153 2.67 -27.31 -9.63
N PRO B 154 2.83 -28.19 -8.67
CA PRO B 154 3.26 -29.59 -8.92
C PRO B 154 2.05 -30.43 -9.38
N GLN B 155 2.11 -30.95 -10.58
CA GLN B 155 0.96 -31.76 -11.09
C GLN B 155 -0.25 -30.84 -11.28
N LYS B 156 -0.44 -29.89 -10.41
CA LYS B 156 -1.60 -28.95 -10.55
C LYS B 156 -1.49 -28.23 -11.89
N THR B 157 -0.29 -28.11 -12.40
CA THR B 157 -0.10 -27.42 -13.70
C THR B 157 -0.99 -28.06 -14.78
N ALA B 158 -1.12 -29.36 -14.75
CA ALA B 158 -1.97 -30.05 -15.75
C ALA B 158 -2.14 -31.52 -15.37
N SER B 159 -1.36 -31.99 -14.44
CA SER B 159 -1.47 -33.42 -14.02
C SER B 159 -1.49 -34.32 -15.25
N SER B 160 -1.68 -35.60 -15.07
CA SER B 160 -1.71 -36.55 -16.23
C SER B 160 -3.08 -37.21 -16.31
N SER B 161 -3.48 -37.64 -17.49
CA SER B 161 -4.81 -38.29 -17.63
C SER B 161 -4.76 -39.31 -18.77
N HIS B 162 -5.82 -40.03 -18.99
CA HIS B 162 -5.84 -41.04 -20.07
C HIS B 162 -4.68 -42.02 -19.88
N PRO B 163 -4.75 -42.84 -18.86
CA PRO B 163 -3.69 -43.84 -18.55
C PRO B 163 -3.31 -44.67 -19.78
N SER B 164 -4.19 -44.77 -20.74
CA SER B 164 -3.89 -45.56 -21.96
C SER B 164 -2.78 -44.85 -22.76
N ALA B 165 -2.21 -45.52 -23.72
CA ALA B 165 -1.14 -44.88 -24.53
C ALA B 165 -0.64 -45.88 -25.59
N MET A 3 -24.11 7.52 25.60
CA MET A 3 -24.90 7.86 26.83
C MET A 3 -24.59 6.84 27.92
N ALA A 4 -23.40 6.89 28.48
CA ALA A 4 -23.04 5.92 29.56
C ALA A 4 -21.86 6.48 30.37
N ALA A 5 -20.87 7.01 29.72
CA ALA A 5 -19.70 7.55 30.45
C ALA A 5 -20.08 8.88 31.12
N SER A 6 -19.32 9.31 32.08
CA SER A 6 -19.64 10.60 32.77
C SER A 6 -19.54 11.74 31.76
N GLY A 7 -18.79 11.56 30.70
CA GLY A 7 -18.66 12.64 29.68
C GLY A 7 -17.73 12.18 28.56
N GLU A 8 -17.36 13.06 27.67
CA GLU A 8 -16.45 12.67 26.56
C GLU A 8 -15.14 12.14 27.14
N GLN A 9 -14.60 11.11 26.55
CA GLN A 9 -13.32 10.54 27.06
C GLN A 9 -12.13 11.22 26.38
N ALA A 10 -10.95 10.67 26.55
CA ALA A 10 -9.76 11.28 25.91
C ALA A 10 -10.05 11.58 24.43
N PRO A 11 -9.31 12.49 23.85
CA PRO A 11 -9.48 12.87 22.42
C PRO A 11 -9.46 11.65 21.50
N CYS A 12 -9.12 11.85 20.26
CA CYS A 12 -9.03 10.71 19.32
C CYS A 12 -7.55 10.47 19.04
N SER A 13 -7.21 9.49 18.26
CA SER A 13 -5.78 9.25 17.98
C SER A 13 -5.55 9.35 16.48
N VAL A 14 -4.56 10.09 16.09
CA VAL A 14 -4.26 10.24 14.64
C VAL A 14 -3.06 9.36 14.33
N TYR A 15 -3.18 8.51 13.36
CA TYR A 15 -2.03 7.66 13.00
C TYR A 15 -1.27 8.35 11.89
N PHE A 16 -0.04 8.68 12.11
CA PHE A 16 0.72 9.38 11.06
C PHE A 16 1.31 8.36 10.11
N CYS A 17 1.02 8.48 8.85
CA CYS A 17 1.58 7.51 7.86
C CYS A 17 2.47 8.26 6.87
N GLY A 18 3.75 7.97 6.91
CA GLY A 18 4.70 8.66 5.97
C GLY A 18 6.00 7.84 5.91
N SER A 19 5.98 6.74 5.21
CA SER A 19 7.20 5.88 5.11
C SER A 19 8.47 6.73 5.17
N ILE A 20 9.17 6.69 6.28
CA ILE A 20 10.42 7.49 6.41
C ILE A 20 11.42 7.04 5.34
N ARG A 21 12.64 7.49 5.41
CA ARG A 21 13.64 7.09 4.38
C ARG A 21 13.06 7.34 2.99
N GLY A 22 13.37 8.47 2.41
CA GLY A 22 12.85 8.79 1.05
C GLY A 22 13.34 10.20 0.68
N GLY A 23 13.65 10.98 1.68
CA GLY A 23 14.12 12.38 1.45
C GLY A 23 14.37 13.03 2.81
N ARG A 24 13.62 12.60 3.80
CA ARG A 24 13.77 13.16 5.18
C ARG A 24 13.18 14.57 5.22
N GLU A 25 13.27 15.31 4.15
CA GLU A 25 12.69 16.68 4.16
C GLU A 25 11.21 16.55 4.54
N ASP A 26 10.53 15.62 3.93
CA ASP A 26 9.10 15.40 4.26
C ASP A 26 9.03 14.97 5.73
N GLN A 27 10.12 14.48 6.25
CA GLN A 27 10.12 14.07 7.69
C GLN A 27 9.97 15.33 8.52
N ALA A 28 10.73 16.35 8.21
CA ALA A 28 10.58 17.62 8.97
C ALA A 28 9.13 18.07 8.83
N LEU A 29 8.62 18.03 7.62
CA LEU A 29 7.20 18.43 7.41
C LEU A 29 6.33 17.52 8.28
N TYR A 30 6.69 16.27 8.41
CA TYR A 30 5.88 15.34 9.24
C TYR A 30 5.98 15.75 10.70
N ALA A 31 7.14 16.11 11.16
CA ALA A 31 7.23 16.50 12.58
C ALA A 31 6.31 17.70 12.82
N ARG A 32 6.22 18.60 11.86
CA ARG A 32 5.30 19.76 12.03
C ARG A 32 3.85 19.27 11.90
N ILE A 33 3.54 18.65 10.79
CA ILE A 33 2.17 18.13 10.59
C ILE A 33 1.82 17.26 11.80
N VAL A 34 2.78 16.49 12.25
CA VAL A 34 2.56 15.63 13.44
C VAL A 34 2.32 16.51 14.66
N SER A 35 2.87 17.69 14.65
CA SER A 35 2.66 18.61 15.81
C SER A 35 1.19 19.06 15.84
N ARG A 36 0.61 19.29 14.69
CA ARG A 36 -0.82 19.70 14.68
C ARG A 36 -1.69 18.52 15.11
N LEU A 37 -1.49 17.40 14.46
CA LEU A 37 -2.28 16.20 14.84
C LEU A 37 -2.01 15.93 16.32
N ARG A 38 -0.79 16.10 16.73
CA ARG A 38 -0.43 15.87 18.15
C ARG A 38 -1.22 16.85 19.03
N ARG A 39 -1.62 17.97 18.49
CA ARG A 39 -2.41 18.94 19.31
C ARG A 39 -3.90 18.51 19.33
N TYR A 40 -4.35 17.89 18.29
CA TYR A 40 -5.79 17.48 18.22
C TYR A 40 -6.06 16.26 19.12
N GLY A 41 -5.30 15.21 18.96
CA GLY A 41 -5.51 14.02 19.82
C GLY A 41 -4.16 13.33 20.05
N LYS A 42 -4.16 12.04 20.16
CA LYS A 42 -2.87 11.32 20.37
C LYS A 42 -2.29 10.95 19.02
N VAL A 43 -1.03 11.26 18.78
CA VAL A 43 -0.42 10.88 17.49
C VAL A 43 0.29 9.55 17.67
N LEU A 44 -0.27 8.50 17.14
CA LEU A 44 0.37 7.18 17.28
C LEU A 44 1.62 7.14 16.40
N THR A 45 2.28 6.01 16.33
CA THR A 45 3.50 5.93 15.49
C THR A 45 4.47 7.04 15.93
N GLU A 46 4.58 7.27 17.21
CA GLU A 46 5.50 8.33 17.70
C GLU A 46 6.85 8.22 16.99
N HIS A 47 7.19 7.05 16.52
CA HIS A 47 8.49 6.88 15.82
C HIS A 47 8.64 7.98 14.78
N VAL A 48 7.57 8.32 14.11
CA VAL A 48 7.65 9.39 13.09
C VAL A 48 8.07 10.70 13.76
N ALA A 49 8.37 11.71 13.01
CA ALA A 49 8.82 13.00 13.61
C ALA A 49 10.10 12.76 14.38
N ASP A 50 10.02 12.09 15.50
CA ASP A 50 11.24 11.78 16.28
C ASP A 50 12.08 10.80 15.45
N ALA A 51 11.95 10.86 14.16
CA ALA A 51 12.72 9.94 13.26
C ALA A 51 13.83 10.75 12.58
N GLU A 52 14.09 11.94 13.05
CA GLU A 52 15.16 12.78 12.42
C GLU A 52 16.37 12.88 13.36
N LEU A 53 16.40 12.06 14.38
CA LEU A 53 17.55 12.12 15.35
C LEU A 53 18.70 11.24 14.85
N GLU A 54 18.76 10.00 15.29
CA GLU A 54 19.85 9.09 14.86
C GLU A 54 20.12 9.25 13.35
N PRO A 55 21.29 8.86 12.91
CA PRO A 55 21.67 8.94 11.47
C PRO A 55 20.53 8.54 10.54
N LEU A 56 19.59 7.78 11.05
CA LEU A 56 18.44 7.34 10.20
C LEU A 56 18.95 6.55 9.00
N GLY A 57 18.07 6.22 8.08
CA GLY A 57 18.49 5.44 6.88
C GLY A 57 18.13 3.97 7.09
N GLU A 58 17.16 3.71 7.91
CA GLU A 58 16.75 2.30 8.18
C GLU A 58 17.97 1.48 8.61
N GLU A 59 18.83 1.16 7.68
CA GLU A 59 20.04 0.37 8.03
C GLU A 59 20.66 0.93 9.31
N ALA A 60 20.46 2.19 9.58
CA ALA A 60 21.03 2.80 10.81
C ALA A 60 20.34 2.19 12.04
N ALA A 61 20.89 2.39 13.21
CA ALA A 61 20.25 1.81 14.43
C ALA A 61 18.77 2.22 14.46
N GLY A 62 17.90 1.30 14.74
CA GLY A 62 16.44 1.63 14.78
C GLY A 62 15.62 0.36 14.96
N GLY A 63 15.37 -0.36 13.89
CA GLY A 63 14.56 -1.59 13.99
C GLY A 63 13.40 -1.52 13.00
N ASP A 64 13.66 -1.81 11.75
CA ASP A 64 12.57 -1.76 10.74
C ASP A 64 11.40 -2.60 11.25
N GLN A 65 11.70 -3.76 11.77
CA GLN A 65 10.64 -4.64 12.30
C GLN A 65 9.95 -3.92 13.47
N PHE A 66 10.72 -3.41 14.39
CA PHE A 66 10.11 -2.70 15.55
C PHE A 66 9.30 -1.50 15.03
N ILE A 67 9.77 -0.88 13.98
CA ILE A 67 9.03 0.28 13.41
C ILE A 67 7.67 -0.23 12.92
N HIS A 68 7.68 -1.23 12.10
CA HIS A 68 6.40 -1.80 11.58
C HIS A 68 5.60 -2.42 12.74
N GLU A 69 6.28 -2.97 13.70
CA GLU A 69 5.57 -3.60 14.85
C GLU A 69 4.66 -2.57 15.50
N GLN A 70 5.21 -1.54 16.06
CA GLN A 70 4.37 -0.50 16.72
C GLN A 70 3.60 0.30 15.68
N ASP A 71 4.22 0.61 14.57
CA ASP A 71 3.51 1.41 13.52
C ASP A 71 2.30 0.64 12.98
N LEU A 72 2.51 -0.52 12.44
CA LEU A 72 1.36 -1.31 11.90
C LEU A 72 0.38 -1.62 13.04
N ASN A 73 0.87 -1.88 14.21
CA ASN A 73 -0.05 -2.19 15.35
C ASN A 73 -0.87 -0.95 15.70
N TRP A 74 -0.22 0.16 15.92
CA TRP A 74 -0.97 1.39 16.27
C TRP A 74 -1.96 1.70 15.15
N LEU A 75 -1.54 1.58 13.92
CA LEU A 75 -2.46 1.85 12.79
C LEU A 75 -3.71 1.01 12.98
N GLN A 76 -3.53 -0.22 13.34
CA GLN A 76 -4.70 -1.12 13.52
C GLN A 76 -5.56 -0.67 14.69
N GLN A 77 -4.99 -0.06 15.70
CA GLN A 77 -5.85 0.41 16.84
C GLN A 77 -6.07 1.92 16.73
N ALA A 78 -5.72 2.50 15.61
CA ALA A 78 -5.88 3.98 15.45
C ALA A 78 -7.35 4.37 15.30
N ASP A 79 -7.74 5.45 15.94
CA ASP A 79 -9.14 5.94 15.83
C ASP A 79 -9.23 6.87 14.62
N VAL A 80 -8.12 7.47 14.27
CA VAL A 80 -8.10 8.39 13.10
C VAL A 80 -6.75 8.25 12.41
N VAL A 81 -6.70 8.18 11.10
CA VAL A 81 -5.39 8.00 10.42
C VAL A 81 -5.21 8.97 9.25
N VAL A 82 -4.13 9.71 9.27
CA VAL A 82 -3.86 10.69 8.17
C VAL A 82 -2.52 10.32 7.49
N ALA A 83 -2.54 10.12 6.20
CA ALA A 83 -1.28 9.73 5.48
C ALA A 83 -0.91 10.75 4.42
N GLU A 84 0.36 10.94 4.22
CA GLU A 84 0.83 11.88 3.18
C GLU A 84 1.23 11.05 1.96
N VAL A 85 1.06 11.56 0.77
CA VAL A 85 1.43 10.76 -0.43
C VAL A 85 2.45 11.54 -1.28
N THR A 86 2.04 12.35 -2.23
CA THR A 86 3.03 13.10 -3.05
C THR A 86 3.88 12.11 -3.87
N GLN A 87 5.15 12.36 -3.99
CA GLN A 87 6.02 11.45 -4.78
C GLN A 87 5.69 10.00 -4.45
N PRO A 88 5.84 9.10 -5.39
CA PRO A 88 5.55 7.66 -5.18
C PRO A 88 6.14 7.16 -3.85
N SER A 89 5.34 6.53 -3.04
CA SER A 89 5.84 6.02 -1.74
C SER A 89 6.07 4.52 -1.84
N LEU A 90 5.40 3.76 -1.00
CA LEU A 90 5.53 2.29 -1.00
C LEU A 90 5.05 1.82 0.36
N GLY A 91 5.67 2.30 1.40
CA GLY A 91 5.21 1.94 2.76
C GLY A 91 3.91 2.70 3.00
N VAL A 92 3.82 3.91 2.48
CA VAL A 92 2.58 4.69 2.64
C VAL A 92 1.48 3.98 1.88
N GLY A 93 1.78 3.54 0.68
CA GLY A 93 0.74 2.81 -0.11
C GLY A 93 0.28 1.61 0.73
N TYR A 94 1.17 1.01 1.45
CA TYR A 94 0.80 -0.17 2.29
C TYR A 94 -0.11 0.28 3.42
N GLU A 95 0.32 1.22 4.21
CA GLU A 95 -0.53 1.68 5.35
C GLU A 95 -1.87 2.18 4.80
N LEU A 96 -1.87 2.80 3.66
CA LEU A 96 -3.17 3.27 3.09
C LEU A 96 -4.04 2.03 2.88
N GLY A 97 -3.51 1.03 2.27
CA GLY A 97 -4.29 -0.21 2.03
C GLY A 97 -4.67 -0.83 3.38
N ARG A 98 -3.92 -0.53 4.42
CA ARG A 98 -4.24 -1.12 5.75
C ARG A 98 -5.51 -0.47 6.31
N ALA A 99 -5.63 0.83 6.29
CA ALA A 99 -6.90 1.44 6.82
C ALA A 99 -8.01 1.12 5.85
N VAL A 100 -7.74 1.06 4.59
CA VAL A 100 -8.81 0.71 3.64
C VAL A 100 -9.36 -0.66 4.06
N ALA A 101 -8.47 -1.53 4.43
CA ALA A 101 -8.84 -2.90 4.85
C ALA A 101 -9.39 -2.93 6.29
N LEU A 102 -8.64 -2.44 7.22
CA LEU A 102 -9.11 -2.44 8.65
C LEU A 102 -10.00 -1.23 8.86
N GLY A 103 -10.20 -0.50 7.83
CA GLY A 103 -11.02 0.72 7.96
C GLY A 103 -10.22 1.77 8.73
N LYS A 104 -10.94 2.67 9.30
CA LYS A 104 -10.36 3.81 10.09
C LYS A 104 -10.25 5.04 9.19
N PRO A 105 -10.69 6.19 9.64
CA PRO A 105 -10.63 7.43 8.83
C PRO A 105 -9.32 7.51 8.04
N ILE A 106 -9.39 7.44 6.74
CA ILE A 106 -8.14 7.47 5.92
C ILE A 106 -8.06 8.75 5.09
N LEU A 107 -7.24 9.67 5.51
CA LEU A 107 -7.08 10.92 4.72
C LEU A 107 -5.79 10.77 3.90
N CYS A 108 -5.89 10.86 2.60
CA CYS A 108 -4.68 10.73 1.75
C CYS A 108 -4.38 12.10 1.15
N LEU A 109 -3.17 12.61 1.34
CA LEU A 109 -2.87 13.98 0.82
C LEU A 109 -1.67 13.98 -0.16
N PHE A 110 -1.84 14.61 -1.30
CA PHE A 110 -0.71 14.71 -2.29
C PHE A 110 -0.53 16.20 -2.59
N ARG A 111 0.64 16.63 -2.97
CA ARG A 111 0.84 18.10 -3.21
C ARG A 111 0.93 18.42 -4.71
N PRO A 112 0.41 19.57 -5.09
CA PRO A 112 0.45 20.03 -6.50
C PRO A 112 1.79 20.70 -6.85
N GLN A 113 2.49 21.20 -5.85
CA GLN A 113 3.81 21.86 -6.13
C GLN A 113 4.59 20.98 -7.09
N SER A 114 4.57 19.69 -6.87
CA SER A 114 5.29 18.77 -7.78
C SER A 114 4.29 18.36 -8.86
N GLY A 115 3.03 18.62 -8.62
CA GLY A 115 1.97 18.29 -9.60
C GLY A 115 2.15 16.87 -10.12
N ARG A 116 2.40 15.93 -9.25
CA ARG A 116 2.57 14.54 -9.72
C ARG A 116 1.19 13.91 -9.82
N VAL A 117 1.09 12.71 -10.26
CA VAL A 117 -0.25 12.08 -10.37
C VAL A 117 -0.35 10.92 -9.40
N LEU A 118 -1.11 11.12 -8.36
CA LEU A 118 -1.29 10.04 -7.36
C LEU A 118 -1.47 8.70 -8.09
N SER A 119 -0.83 7.66 -7.61
CA SER A 119 -0.96 6.34 -8.30
C SER A 119 -2.42 6.05 -8.63
N ALA A 120 -2.66 5.41 -9.74
CA ALA A 120 -4.06 5.09 -10.14
C ALA A 120 -4.71 4.22 -9.07
N MET A 121 -3.93 3.52 -8.30
CA MET A 121 -4.50 2.64 -7.25
C MET A 121 -5.06 3.49 -6.11
N ILE A 122 -4.28 4.38 -5.58
CA ILE A 122 -4.78 5.24 -4.48
C ILE A 122 -5.95 6.08 -5.00
N ARG A 123 -5.82 6.63 -6.16
CA ARG A 123 -6.95 7.43 -6.72
C ARG A 123 -8.18 6.54 -6.81
N GLY A 124 -8.01 5.37 -7.36
CA GLY A 124 -9.16 4.44 -7.51
C GLY A 124 -9.80 4.17 -6.14
N ALA A 125 -9.01 4.15 -5.10
CA ALA A 125 -9.59 3.91 -3.75
C ALA A 125 -10.61 5.01 -3.47
N ALA A 126 -10.22 6.22 -3.72
CA ALA A 126 -11.11 7.40 -3.52
C ALA A 126 -12.58 7.00 -3.50
N ASP A 127 -13.12 6.73 -2.35
CA ASP A 127 -14.56 6.36 -2.26
C ASP A 127 -15.33 7.49 -1.58
N GLY A 128 -14.62 8.38 -0.91
CA GLY A 128 -15.30 9.50 -0.20
C GLY A 128 -16.16 8.89 0.92
N SER A 129 -15.63 7.90 1.58
CA SER A 129 -16.35 7.23 2.70
C SER A 129 -15.30 6.86 3.73
N ARG A 130 -14.68 7.87 4.28
CA ARG A 130 -13.58 7.70 5.28
C ARG A 130 -12.27 7.76 4.50
N PHE A 131 -12.29 7.31 3.27
CA PHE A 131 -11.07 7.37 2.42
C PHE A 131 -11.22 8.54 1.46
N GLN A 132 -10.32 9.47 1.48
CA GLN A 132 -10.45 10.64 0.57
C GLN A 132 -9.08 11.11 0.10
N VAL A 133 -9.00 11.57 -1.11
CA VAL A 133 -7.71 12.08 -1.65
C VAL A 133 -7.73 13.60 -1.66
N TRP A 134 -7.10 14.23 -0.70
CA TRP A 134 -7.12 15.72 -0.64
C TRP A 134 -5.84 16.29 -1.25
N ASP A 135 -5.95 17.45 -1.85
CA ASP A 135 -4.75 18.10 -2.46
C ASP A 135 -4.25 19.15 -1.47
N TYR A 136 -2.97 19.36 -1.37
CA TYR A 136 -2.50 20.35 -0.37
C TYR A 136 -1.03 20.71 -0.59
N ALA A 137 -0.51 21.60 0.21
CA ALA A 137 0.91 21.99 0.10
C ALA A 137 1.41 22.41 1.48
N GLU A 138 2.69 22.34 1.72
CA GLU A 138 3.25 22.72 3.06
C GLU A 138 2.88 24.18 3.39
N GLY A 139 1.80 24.68 2.86
CA GLY A 139 1.39 26.09 3.14
C GLY A 139 -0.07 26.11 3.66
N GLU A 140 -0.77 25.02 3.52
CA GLU A 140 -2.18 24.99 4.01
C GLU A 140 -2.51 23.59 4.55
N VAL A 141 -1.51 22.76 4.70
CA VAL A 141 -1.77 21.40 5.22
C VAL A 141 -2.63 21.51 6.48
N GLU A 142 -2.30 22.45 7.33
CA GLU A 142 -3.12 22.65 8.55
C GLU A 142 -4.57 22.87 8.13
N THR A 143 -4.76 23.51 7.01
CA THR A 143 -6.15 23.75 6.54
C THR A 143 -6.81 22.41 6.22
N MET A 144 -6.09 21.51 5.60
CA MET A 144 -6.70 20.20 5.29
C MET A 144 -7.21 19.62 6.60
N LEU A 145 -6.38 19.59 7.60
CA LEU A 145 -6.83 19.06 8.90
C LEU A 145 -8.00 19.91 9.40
N ASP A 146 -8.03 21.16 9.07
CA ASP A 146 -9.13 22.03 9.53
C ASP A 146 -10.45 21.67 8.84
N ARG A 147 -10.44 21.44 7.55
CA ARG A 147 -11.73 21.10 6.87
C ARG A 147 -12.16 19.70 7.30
N TYR A 148 -11.24 18.78 7.25
CA TYR A 148 -11.57 17.39 7.65
C TYR A 148 -12.02 17.34 9.09
N PHE A 149 -11.33 17.99 9.98
CA PHE A 149 -11.75 17.92 11.40
C PHE A 149 -12.90 18.88 11.67
N GLU A 150 -13.01 19.94 10.93
CA GLU A 150 -14.18 20.82 11.16
C GLU A 150 -15.39 19.97 10.87
N ALA A 151 -15.22 19.03 9.98
CA ALA A 151 -16.33 18.10 9.65
C ALA A 151 -16.62 17.20 10.86
N TYR A 152 -15.68 17.08 11.77
CA TYR A 152 -15.92 16.21 12.96
C TYR A 152 -14.76 16.31 13.96
N LEU A 153 -14.98 17.06 15.01
CA LEU A 153 -13.95 17.20 16.08
C LEU A 153 -14.38 18.31 17.05
N PRO A 154 -14.78 19.44 16.55
CA PRO A 154 -15.23 20.59 17.39
C PRO A 154 -16.25 20.15 18.46
N GLN A 155 -17.14 19.28 18.10
CA GLN A 155 -18.16 18.81 19.08
C GLN A 155 -17.46 17.98 20.17
N LYS A 156 -16.43 17.26 19.81
CA LYS A 156 -15.70 16.43 20.81
C LYS A 156 -15.01 17.34 21.82
N THR A 157 -15.20 18.63 21.70
CA THR A 157 -14.55 19.58 22.65
C THR A 157 -15.18 19.42 24.03
N ALA A 158 -15.56 18.21 24.39
CA ALA A 158 -16.18 17.99 25.72
C ALA A 158 -17.47 18.82 25.83
N SER A 159 -18.23 18.88 24.78
CA SER A 159 -19.49 19.67 24.82
C SER A 159 -20.53 18.91 25.65
N SER A 160 -21.36 19.62 26.36
CA SER A 160 -22.39 18.95 27.19
C SER A 160 -23.40 18.24 26.29
N SER A 161 -23.99 17.17 26.76
CA SER A 161 -24.98 16.44 25.93
C SER A 161 -26.22 17.32 25.73
N HIS A 162 -26.32 18.37 26.49
CA HIS A 162 -27.49 19.29 26.34
C HIS A 162 -28.79 18.47 26.41
N PRO A 163 -29.08 17.94 27.57
CA PRO A 163 -30.32 17.13 27.79
C PRO A 163 -31.59 17.89 27.40
N SER A 164 -31.54 19.19 27.43
CA SER A 164 -32.73 20.00 27.07
C SER A 164 -32.96 19.93 25.55
N ALA A 165 -34.17 20.14 25.13
CA ALA A 165 -34.46 20.09 23.66
C ALA A 165 -35.90 20.51 23.40
N MET B 3 -12.35 -33.62 -3.45
CA MET B 3 -12.94 -34.93 -3.84
C MET B 3 -14.40 -34.74 -4.24
N ALA B 4 -14.65 -34.12 -5.36
CA ALA B 4 -16.06 -33.89 -5.79
C ALA B 4 -16.10 -33.63 -7.30
N ALA B 5 -15.21 -32.81 -7.79
CA ALA B 5 -15.20 -32.51 -9.24
C ALA B 5 -14.64 -33.71 -10.01
N SER B 6 -14.88 -33.76 -11.29
CA SER B 6 -14.37 -34.91 -12.11
C SER B 6 -12.84 -34.89 -12.09
N GLY B 7 -12.25 -33.76 -11.85
CA GLY B 7 -10.77 -33.68 -11.81
C GLY B 7 -10.33 -32.24 -11.51
N GLU B 8 -9.07 -31.94 -11.65
CA GLU B 8 -8.60 -30.56 -11.37
C GLU B 8 -9.29 -29.58 -12.31
N GLN B 9 -9.64 -28.43 -11.83
CA GLN B 9 -10.34 -27.43 -12.69
C GLN B 9 -9.31 -26.53 -13.37
N ALA B 10 -9.76 -25.45 -13.96
CA ALA B 10 -8.81 -24.51 -14.63
C ALA B 10 -7.65 -24.21 -13.69
N PRO B 11 -6.53 -23.77 -14.23
CA PRO B 11 -5.33 -23.43 -13.43
C PRO B 11 -5.65 -22.43 -12.32
N CYS B 12 -4.67 -21.69 -11.89
CA CYS B 12 -4.92 -20.66 -10.84
C CYS B 12 -4.83 -19.31 -11.52
N SER B 13 -5.05 -18.25 -10.81
CA SER B 13 -4.96 -16.91 -11.45
C SER B 13 -3.91 -16.09 -10.73
N VAL B 14 -3.03 -15.50 -11.47
CA VAL B 14 -1.96 -14.67 -10.86
C VAL B 14 -2.34 -13.21 -11.04
N TYR B 15 -2.37 -12.47 -9.98
CA TYR B 15 -2.72 -11.03 -10.09
C TYR B 15 -1.42 -10.27 -10.24
N PHE B 16 -1.25 -9.58 -11.33
CA PHE B 16 0.01 -8.83 -11.50
C PHE B 16 -0.10 -7.47 -10.84
N CYS B 17 0.78 -7.17 -9.93
CA CYS B 17 0.72 -5.86 -9.25
C CYS B 17 1.99 -5.05 -9.57
N GLY B 18 1.82 -3.97 -10.28
CA GLY B 18 3.00 -3.11 -10.65
C GLY B 18 2.50 -1.73 -11.07
N SER B 19 2.12 -0.91 -10.11
CA SER B 19 1.62 0.46 -10.45
C SER B 19 2.29 1.00 -11.70
N ILE B 20 1.59 1.03 -12.80
CA ILE B 20 2.19 1.56 -14.06
C ILE B 20 2.60 3.02 -13.84
N ARG B 21 2.97 3.70 -14.88
CA ARG B 21 3.40 5.13 -14.72
C ARG B 21 4.45 5.21 -13.63
N GLY B 22 5.70 5.21 -13.99
CA GLY B 22 6.79 5.29 -12.99
C GLY B 22 8.13 5.19 -13.72
N GLY B 23 8.10 4.61 -14.90
CA GLY B 23 9.34 4.45 -15.71
C GLY B 23 8.96 3.71 -17.00
N ARG B 24 7.96 2.89 -16.93
CA ARG B 24 7.49 2.10 -18.11
C ARG B 24 8.49 0.99 -18.43
N GLU B 25 9.76 1.21 -18.19
CA GLU B 25 10.75 0.14 -18.45
C GLU B 25 10.31 -1.10 -17.67
N ASP B 26 9.95 -0.90 -16.43
CA ASP B 26 9.49 -2.04 -15.61
C ASP B 26 8.21 -2.59 -16.24
N GLN B 27 7.56 -1.78 -17.03
CA GLN B 27 6.32 -2.24 -17.72
C GLN B 27 6.73 -3.32 -18.72
N ALA B 28 7.75 -3.07 -19.48
CA ALA B 28 8.22 -4.10 -20.44
C ALA B 28 8.57 -5.34 -19.63
N LEU B 29 9.29 -5.17 -18.55
CA LEU B 29 9.63 -6.33 -17.70
C LEU B 29 8.33 -6.98 -17.23
N TYR B 30 7.33 -6.20 -16.96
CA TYR B 30 6.03 -6.77 -16.51
C TYR B 30 5.39 -7.54 -17.66
N ALA B 31 5.45 -7.06 -18.84
CA ALA B 31 4.81 -7.82 -19.95
C ALA B 31 5.52 -9.17 -20.06
N ARG B 32 6.81 -9.21 -19.83
CA ARG B 32 7.53 -10.52 -19.89
C ARG B 32 7.16 -11.32 -18.65
N ILE B 33 7.39 -10.78 -17.49
CA ILE B 33 7.04 -11.49 -16.23
C ILE B 33 5.57 -11.91 -16.34
N VAL B 34 4.76 -11.05 -16.86
CA VAL B 34 3.32 -11.37 -17.04
C VAL B 34 3.18 -12.52 -18.04
N SER B 35 4.10 -12.63 -18.96
CA SER B 35 4.04 -13.74 -19.94
C SER B 35 4.29 -15.07 -19.23
N ARG B 36 5.15 -15.09 -18.26
CA ARG B 36 5.40 -16.37 -17.52
C ARG B 36 4.18 -16.68 -16.67
N LEU B 37 3.75 -15.74 -15.88
CA LEU B 37 2.55 -15.96 -15.04
C LEU B 37 1.40 -16.31 -15.98
N ARG B 38 1.34 -15.65 -17.10
CA ARG B 38 0.27 -15.93 -18.09
C ARG B 38 0.38 -17.38 -18.57
N ARG B 39 1.57 -17.95 -18.50
CA ARG B 39 1.72 -19.37 -18.94
C ARG B 39 1.29 -20.31 -17.81
N TYR B 40 1.47 -19.90 -16.57
CA TYR B 40 1.13 -20.78 -15.42
C TYR B 40 -0.39 -20.84 -15.21
N GLY B 41 -1.05 -19.71 -15.12
CA GLY B 41 -2.52 -19.72 -14.94
C GLY B 41 -3.10 -18.49 -15.64
N LYS B 42 -4.17 -17.96 -15.11
CA LYS B 42 -4.78 -16.75 -15.73
C LYS B 42 -4.14 -15.51 -15.13
N VAL B 43 -3.67 -14.59 -15.94
CA VAL B 43 -3.07 -13.35 -15.37
C VAL B 43 -4.17 -12.29 -15.31
N LEU B 44 -4.64 -12.00 -14.14
CA LEU B 44 -5.71 -10.97 -14.02
C LEU B 44 -5.10 -9.60 -14.26
N THR B 45 -5.88 -8.55 -14.14
CA THR B 45 -5.31 -7.20 -14.37
C THR B 45 -4.70 -7.14 -15.78
N GLU B 46 -5.33 -7.77 -16.72
CA GLU B 46 -4.79 -7.77 -18.12
C GLU B 46 -4.34 -6.36 -18.50
N HIS B 47 -4.91 -5.36 -17.89
CA HIS B 47 -4.51 -3.97 -18.24
C HIS B 47 -2.98 -3.87 -18.21
N VAL B 48 -2.36 -4.54 -17.28
CA VAL B 48 -0.87 -4.51 -17.20
C VAL B 48 -0.30 -5.08 -18.51
N ALA B 49 0.99 -4.96 -18.71
CA ALA B 49 1.60 -5.49 -19.97
C ALA B 49 0.99 -4.75 -21.14
N ASP B 50 -0.24 -5.02 -21.46
CA ASP B 50 -0.90 -4.30 -22.58
C ASP B 50 -1.07 -2.84 -22.15
N ALA B 51 -0.19 -2.37 -21.32
CA ALA B 51 -0.26 -0.95 -20.85
C ALA B 51 0.87 -0.15 -21.51
N GLU B 52 1.48 -0.71 -22.53
CA GLU B 52 2.59 0.00 -23.22
C GLU B 52 2.12 0.45 -24.62
N LEU B 53 0.85 0.37 -24.89
CA LEU B 53 0.33 0.77 -26.23
C LEU B 53 0.05 2.29 -26.25
N GLU B 54 -1.17 2.68 -25.98
CA GLU B 54 -1.52 4.14 -26.00
C GLU B 54 -0.41 4.96 -25.33
N PRO B 55 -0.35 6.24 -25.64
CA PRO B 55 0.67 7.16 -25.05
C PRO B 55 0.90 6.90 -23.56
N LEU B 56 -0.06 6.29 -22.90
CA LEU B 56 0.09 6.01 -21.45
C LEU B 56 0.30 7.31 -20.68
N GLY B 57 0.61 7.20 -19.41
CA GLY B 57 0.83 8.43 -18.58
C GLY B 57 -0.45 8.73 -17.80
N GLU B 58 -1.25 7.73 -17.55
CA GLU B 58 -2.52 7.94 -16.80
C GLU B 58 -3.34 9.04 -17.46
N GLU B 59 -2.93 10.27 -17.30
CA GLU B 59 -3.68 11.39 -17.92
C GLU B 59 -4.05 11.03 -19.37
N ALA B 60 -3.29 10.16 -19.97
CA ALA B 60 -3.60 9.75 -21.38
C ALA B 60 -4.89 8.92 -21.38
N ALA B 61 -5.48 8.73 -22.54
CA ALA B 61 -6.74 7.93 -22.60
C ALA B 61 -6.54 6.61 -21.85
N GLY B 62 -7.47 6.23 -21.03
CA GLY B 62 -7.34 4.95 -20.28
C GLY B 62 -8.47 4.82 -19.25
N GLY B 63 -8.33 5.45 -18.12
CA GLY B 63 -9.38 5.35 -17.07
C GLY B 63 -8.74 4.90 -15.77
N ASP B 64 -8.14 5.80 -15.04
CA ASP B 64 -7.52 5.41 -13.75
C ASP B 64 -8.55 4.68 -12.92
N GLN B 65 -9.75 5.19 -12.89
CA GLN B 65 -10.83 4.52 -12.10
C GLN B 65 -11.08 3.14 -12.70
N PHE B 66 -11.25 3.07 -13.99
CA PHE B 66 -11.49 1.74 -14.63
C PHE B 66 -10.30 0.82 -14.36
N ILE B 67 -9.11 1.39 -14.31
CA ILE B 67 -7.91 0.55 -14.04
C ILE B 67 -8.06 -0.04 -12.63
N HIS B 68 -8.30 0.80 -11.67
CA HIS B 68 -8.46 0.32 -10.27
C HIS B 68 -9.73 -0.53 -10.18
N GLU B 69 -10.73 -0.20 -10.93
CA GLU B 69 -12.00 -0.97 -10.87
C GLU B 69 -11.70 -2.45 -11.15
N GLN B 70 -11.24 -2.75 -12.34
CA GLN B 70 -10.94 -4.17 -12.67
C GLN B 70 -9.69 -4.64 -11.93
N ASP B 71 -8.70 -3.79 -11.80
CA ASP B 71 -7.45 -4.22 -11.09
C ASP B 71 -7.77 -4.55 -9.62
N LEU B 72 -8.29 -3.61 -8.88
CA LEU B 72 -8.60 -3.87 -7.45
C LEU B 72 -9.62 -5.00 -7.35
N ASN B 73 -10.56 -5.05 -8.26
CA ASN B 73 -11.59 -6.13 -8.20
C ASN B 73 -10.93 -7.49 -8.47
N TRP B 74 -10.20 -7.60 -9.54
CA TRP B 74 -9.54 -8.89 -9.84
C TRP B 74 -8.64 -9.28 -8.67
N LEU B 75 -7.89 -8.34 -8.16
CA LEU B 75 -7.01 -8.65 -7.00
C LEU B 75 -7.84 -9.29 -5.91
N GLN B 76 -9.00 -8.75 -5.67
CA GLN B 76 -9.88 -9.32 -4.60
C GLN B 76 -10.34 -10.73 -4.97
N GLN B 77 -10.49 -11.05 -6.24
CA GLN B 77 -10.94 -12.43 -6.59
C GLN B 77 -9.73 -13.22 -7.09
N ALA B 78 -8.55 -12.70 -6.91
CA ALA B 78 -7.33 -13.43 -7.39
C ALA B 78 -7.02 -14.66 -6.53
N ASP B 79 -6.64 -15.73 -7.17
CA ASP B 79 -6.30 -16.98 -6.42
C ASP B 79 -4.81 -16.92 -6.07
N VAL B 80 -4.06 -16.19 -6.86
CA VAL B 80 -2.59 -16.05 -6.60
C VAL B 80 -2.17 -14.62 -6.98
N VAL B 81 -1.38 -13.96 -6.19
CA VAL B 81 -0.99 -12.56 -6.54
C VAL B 81 0.52 -12.32 -6.38
N VAL B 82 1.14 -11.85 -7.44
CA VAL B 82 2.60 -11.58 -7.41
C VAL B 82 2.84 -10.08 -7.68
N ALA B 83 3.52 -9.41 -6.80
CA ALA B 83 3.77 -7.95 -6.99
C ALA B 83 5.26 -7.64 -7.05
N GLU B 84 5.60 -6.67 -7.84
CA GLU B 84 7.02 -6.25 -7.96
C GLU B 84 7.21 -5.00 -7.09
N VAL B 85 8.36 -4.83 -6.50
CA VAL B 85 8.56 -3.62 -5.64
C VAL B 85 9.76 -2.81 -6.15
N THR B 86 10.97 -3.06 -5.69
CA THR B 86 12.13 -2.27 -6.19
C THR B 86 11.96 -0.81 -5.77
N GLN B 87 12.31 0.11 -6.64
CA GLN B 87 12.19 1.56 -6.30
C GLN B 87 10.85 1.81 -5.60
N PRO B 88 10.80 2.77 -4.71
CA PRO B 88 9.55 3.10 -3.97
C PRO B 88 8.34 3.16 -4.92
N SER B 89 7.28 2.47 -4.61
CA SER B 89 6.08 2.50 -5.49
C SER B 89 5.02 3.39 -4.86
N LEU B 90 3.87 2.85 -4.59
CA LEU B 90 2.76 3.62 -3.98
C LEU B 90 1.49 2.83 -4.28
N GLY B 91 1.22 2.61 -5.54
CA GLY B 91 0.03 1.80 -5.90
C GLY B 91 0.37 0.35 -5.56
N VAL B 92 1.61 -0.02 -5.75
CA VAL B 92 2.04 -1.40 -5.40
C VAL B 92 1.92 -1.55 -3.90
N GLY B 93 2.38 -0.58 -3.17
CA GLY B 93 2.27 -0.67 -1.69
C GLY B 93 0.80 -0.87 -1.33
N TYR B 94 -0.08 -0.25 -2.07
CA TYR B 94 -1.53 -0.38 -1.80
C TYR B 94 -1.99 -1.81 -2.10
N GLU B 95 -1.76 -2.27 -3.30
CA GLU B 95 -2.19 -3.65 -3.66
C GLU B 95 -1.55 -4.65 -2.69
N LEU B 96 -0.33 -4.40 -2.29
CA LEU B 96 0.31 -5.34 -1.32
C LEU B 96 -0.54 -5.36 -0.05
N GLY B 97 -0.87 -4.20 0.45
CA GLY B 97 -1.71 -4.13 1.67
C GLY B 97 -3.08 -4.77 1.38
N ARG B 98 -3.47 -4.81 0.14
CA ARG B 98 -4.81 -5.40 -0.19
C ARG B 98 -4.74 -6.93 -0.02
N ALA B 99 -3.75 -7.60 -0.54
CA ALA B 99 -3.71 -9.07 -0.33
C ALA B 99 -3.40 -9.33 1.14
N VAL B 100 -2.60 -8.52 1.74
CA VAL B 100 -2.32 -8.73 3.18
C VAL B 100 -3.66 -8.72 3.91
N ALA B 101 -4.51 -7.81 3.50
CA ALA B 101 -5.84 -7.68 4.15
C ALA B 101 -6.83 -8.74 3.64
N LEU B 102 -7.04 -8.81 2.36
CA LEU B 102 -7.98 -9.84 1.79
C LEU B 102 -7.25 -11.16 1.68
N GLY B 103 -6.04 -11.17 2.07
CA GLY B 103 -5.24 -12.40 1.97
C GLY B 103 -4.90 -12.64 0.51
N LYS B 104 -4.64 -13.86 0.19
CA LYS B 104 -4.26 -14.31 -1.18
C LYS B 104 -2.74 -14.37 -1.28
N PRO B 105 -2.19 -15.44 -1.80
CA PRO B 105 -0.70 -15.57 -1.94
C PRO B 105 -0.06 -14.25 -2.34
N ILE B 106 0.74 -13.67 -1.47
CA ILE B 106 1.36 -12.36 -1.79
C ILE B 106 2.87 -12.50 -1.94
N LEU B 107 3.35 -12.47 -3.14
CA LEU B 107 4.82 -12.56 -3.35
C LEU B 107 5.31 -11.13 -3.62
N CYS B 108 6.22 -10.65 -2.82
CA CYS B 108 6.76 -9.27 -3.01
C CYS B 108 8.20 -9.39 -3.49
N LEU B 109 8.53 -8.80 -4.61
CA LEU B 109 9.93 -8.94 -5.14
C LEU B 109 10.63 -7.59 -5.31
N PHE B 110 11.84 -7.47 -4.81
CA PHE B 110 12.63 -6.20 -4.98
C PHE B 110 13.96 -6.60 -5.61
N ARG B 111 14.61 -5.72 -6.34
CA ARG B 111 15.88 -6.13 -7.01
C ARG B 111 17.10 -5.52 -6.32
N PRO B 112 18.20 -6.25 -6.28
CA PRO B 112 19.46 -5.79 -5.67
C PRO B 112 20.28 -4.92 -6.63
N GLN B 113 20.06 -5.06 -7.91
CA GLN B 113 20.82 -4.24 -8.90
C GLN B 113 20.82 -2.79 -8.41
N SER B 114 19.69 -2.33 -7.94
CA SER B 114 19.62 -0.94 -7.40
C SER B 114 19.95 -1.02 -5.92
N GLY B 115 19.92 -2.21 -5.37
CA GLY B 115 20.25 -2.41 -3.94
C GLY B 115 19.51 -1.39 -3.09
N ARG B 116 18.25 -1.18 -3.33
CA ARG B 116 17.51 -0.20 -2.52
C ARG B 116 17.02 -0.91 -1.27
N VAL B 117 16.38 -0.24 -0.37
CA VAL B 117 15.90 -0.93 0.84
C VAL B 117 14.39 -0.93 0.86
N LEU B 118 13.81 -2.07 0.63
CA LEU B 118 12.33 -2.18 0.65
C LEU B 118 11.79 -1.36 1.83
N SER B 119 10.73 -0.63 1.62
CA SER B 119 10.16 0.19 2.73
C SER B 119 10.08 -0.64 4.01
N ALA B 120 10.28 -0.02 5.13
CA ALA B 120 10.23 -0.75 6.42
C ALA B 120 8.82 -1.34 6.62
N MET B 121 7.85 -0.78 5.96
CA MET B 121 6.46 -1.31 6.10
C MET B 121 6.35 -2.65 5.38
N ILE B 122 6.71 -2.70 4.14
CA ILE B 122 6.61 -3.98 3.39
C ILE B 122 7.51 -5.02 4.07
N ARG B 123 8.70 -4.64 4.45
CA ARG B 123 9.59 -5.60 5.13
C ARG B 123 8.91 -6.09 6.41
N GLY B 124 8.39 -5.18 7.17
CA GLY B 124 7.71 -5.56 8.45
C GLY B 124 6.58 -6.54 8.15
N ALA B 125 5.93 -6.41 7.02
CA ALA B 125 4.84 -7.37 6.69
C ALA B 125 5.43 -8.77 6.65
N ALA B 126 6.54 -8.92 5.98
CA ALA B 126 7.25 -10.23 5.88
C ALA B 126 6.84 -11.18 7.01
N ASP B 127 5.86 -12.01 6.77
CA ASP B 127 5.43 -12.98 7.82
C ASP B 127 5.81 -14.39 7.36
N GLY B 128 6.08 -14.56 6.09
CA GLY B 128 6.43 -15.92 5.58
C GLY B 128 5.20 -16.81 5.73
N SER B 129 4.04 -16.26 5.46
CA SER B 129 2.76 -17.02 5.57
C SER B 129 1.88 -16.53 4.43
N ARG B 130 2.34 -16.75 3.24
CA ARG B 130 1.63 -16.30 2.00
C ARG B 130 2.26 -14.97 1.59
N PHE B 131 2.71 -14.22 2.56
CA PHE B 131 3.37 -12.93 2.27
C PHE B 131 4.88 -13.13 2.41
N GLN B 132 5.61 -12.88 1.37
CA GLN B 132 7.09 -13.10 1.46
C GLN B 132 7.83 -12.05 0.63
N VAL B 133 8.98 -11.64 1.11
CA VAL B 133 9.79 -10.64 0.36
C VAL B 133 10.96 -11.34 -0.32
N TRP B 134 10.84 -11.59 -1.60
CA TRP B 134 11.94 -12.31 -2.33
C TRP B 134 12.85 -11.32 -3.05
N ASP B 135 14.11 -11.64 -3.15
CA ASP B 135 15.06 -10.74 -3.87
C ASP B 135 15.25 -11.30 -5.27
N TYR B 136 15.42 -10.46 -6.26
CA TYR B 136 15.56 -11.01 -7.63
C TYR B 136 16.06 -9.95 -8.62
N ALA B 137 16.24 -10.34 -9.84
CA ALA B 137 16.70 -9.37 -10.88
C ALA B 137 16.15 -9.83 -12.24
N GLU B 138 16.02 -8.93 -13.17
CA GLU B 138 15.49 -9.30 -14.51
C GLU B 138 16.35 -10.39 -15.16
N GLY B 139 17.00 -11.21 -14.37
CA GLY B 139 17.86 -12.30 -14.94
C GLY B 139 17.46 -13.65 -14.33
N GLU B 140 16.67 -13.63 -13.29
CA GLU B 140 16.25 -14.92 -12.65
C GLU B 140 14.82 -14.78 -12.11
N VAL B 141 14.15 -13.70 -12.47
CA VAL B 141 12.76 -13.51 -11.97
C VAL B 141 11.99 -14.80 -12.24
N GLU B 142 12.16 -15.38 -13.39
CA GLU B 142 11.46 -16.65 -13.70
C GLU B 142 11.82 -17.66 -12.62
N THR B 143 13.03 -17.58 -12.11
CA THR B 143 13.43 -18.54 -11.05
C THR B 143 12.59 -18.27 -9.80
N MET B 144 12.35 -17.04 -9.48
CA MET B 144 11.50 -16.75 -8.28
C MET B 144 10.19 -17.49 -8.46
N LEU B 145 9.57 -17.30 -9.58
CA LEU B 145 8.30 -18.00 -9.84
C LEU B 145 8.54 -19.51 -9.79
N ASP B 146 9.72 -19.94 -10.16
CA ASP B 146 10.01 -21.40 -10.14
C ASP B 146 10.11 -21.91 -8.69
N ARG B 147 10.77 -21.21 -7.81
CA ARG B 147 10.87 -21.71 -6.42
C ARG B 147 9.51 -21.60 -5.75
N TYR B 148 8.89 -20.47 -5.87
CA TYR B 148 7.56 -20.26 -5.27
C TYR B 148 6.56 -21.26 -5.81
N PHE B 149 6.51 -21.44 -7.10
CA PHE B 149 5.53 -22.39 -7.67
C PHE B 149 6.00 -23.82 -7.53
N GLU B 150 7.28 -24.05 -7.51
CA GLU B 150 7.73 -25.45 -7.31
C GLU B 150 7.19 -25.84 -5.95
N ALA B 151 7.06 -24.87 -5.09
CA ALA B 151 6.51 -25.14 -3.73
C ALA B 151 5.03 -25.49 -3.86
N TYR B 152 4.40 -25.16 -4.97
CA TYR B 152 2.97 -25.49 -5.12
C TYR B 152 2.46 -25.12 -6.53
N LEU B 153 2.33 -26.11 -7.37
CA LEU B 153 1.80 -25.89 -8.74
C LEU B 153 1.98 -27.17 -9.56
N PRO B 154 3.15 -27.76 -9.53
CA PRO B 154 3.44 -29.01 -10.28
C PRO B 154 2.36 -30.07 -10.08
N GLN B 155 1.87 -30.20 -8.87
CA GLN B 155 0.82 -31.20 -8.59
C GLN B 155 -0.47 -30.80 -9.32
N LYS B 156 -0.72 -29.52 -9.42
CA LYS B 156 -1.96 -29.05 -10.12
C LYS B 156 -1.88 -29.40 -11.60
N THR B 157 -0.83 -30.07 -12.00
CA THR B 157 -0.69 -30.45 -13.44
C THR B 157 -1.76 -31.50 -13.80
N ALA B 158 -2.92 -31.40 -13.21
CA ALA B 158 -4.00 -32.39 -13.52
C ALA B 158 -3.53 -33.79 -13.14
N SER B 159 -2.82 -33.92 -12.05
CA SER B 159 -2.34 -35.26 -11.62
C SER B 159 -3.51 -36.09 -11.10
N SER B 160 -3.48 -37.37 -11.32
CA SER B 160 -4.60 -38.24 -10.85
C SER B 160 -4.61 -38.27 -9.32
N SER B 161 -5.76 -38.44 -8.73
CA SER B 161 -5.83 -38.49 -7.24
C SER B 161 -5.10 -39.73 -6.74
N HIS B 162 -4.81 -40.65 -7.62
CA HIS B 162 -4.09 -41.90 -7.20
C HIS B 162 -4.83 -42.54 -6.02
N PRO B 163 -6.00 -43.06 -6.28
CA PRO B 163 -6.83 -43.72 -5.23
C PRO B 163 -6.07 -44.87 -4.53
N SER B 164 -5.07 -45.41 -5.17
CA SER B 164 -4.30 -46.52 -4.55
C SER B 164 -3.35 -45.98 -3.49
N ALA B 165 -3.01 -46.77 -2.52
CA ALA B 165 -2.08 -46.30 -1.45
C ALA B 165 -1.57 -47.50 -0.66
N MET A 3 -5.86 3.30 38.48
CA MET A 3 -6.17 4.75 38.62
C MET A 3 -7.69 4.92 38.76
N ALA A 4 -8.23 4.62 39.90
CA ALA A 4 -9.70 4.77 40.10
C ALA A 4 -10.09 6.25 40.02
N ALA A 5 -9.13 7.13 40.20
CA ALA A 5 -9.44 8.58 40.14
C ALA A 5 -9.99 8.93 38.75
N SER A 6 -10.90 9.87 38.68
CA SER A 6 -11.48 10.25 37.36
C SER A 6 -10.51 11.18 36.62
N GLY A 7 -10.78 11.45 35.38
CA GLY A 7 -9.88 12.35 34.60
C GLY A 7 -10.65 12.93 33.41
N GLU A 8 -10.07 13.88 32.73
CA GLU A 8 -10.77 14.49 31.55
C GLU A 8 -10.73 13.51 30.38
N GLN A 9 -11.70 13.58 29.51
CA GLN A 9 -11.72 12.64 28.35
C GLN A 9 -10.50 12.92 27.46
N ALA A 10 -10.38 12.19 26.37
CA ALA A 10 -9.22 12.40 25.46
C ALA A 10 -9.73 12.50 24.01
N PRO A 11 -9.00 13.18 23.16
CA PRO A 11 -9.38 13.34 21.73
C PRO A 11 -9.19 12.04 20.94
N CYS A 12 -9.86 11.90 19.83
CA CYS A 12 -9.69 10.66 19.02
C CYS A 12 -8.21 10.43 18.78
N SER A 13 -7.88 9.39 18.07
CA SER A 13 -6.45 9.12 17.79
C SER A 13 -6.21 9.30 16.31
N VAL A 14 -5.05 9.77 15.96
CA VAL A 14 -4.72 10.00 14.54
C VAL A 14 -3.40 9.29 14.25
N TYR A 15 -3.39 8.46 13.24
CA TYR A 15 -2.15 7.70 12.90
C TYR A 15 -1.47 8.39 11.73
N PHE A 16 -0.16 8.39 11.72
CA PHE A 16 0.57 9.05 10.61
C PHE A 16 1.13 8.02 9.64
N CYS A 17 0.86 8.17 8.38
CA CYS A 17 1.41 7.21 7.38
C CYS A 17 2.31 7.98 6.40
N GLY A 18 3.61 7.85 6.54
CA GLY A 18 4.54 8.59 5.64
C GLY A 18 5.56 7.62 5.04
N SER A 19 6.22 8.02 3.98
CA SER A 19 7.23 7.14 3.34
C SER A 19 8.42 6.96 4.29
N ILE A 20 9.02 8.04 4.71
CA ILE A 20 10.18 7.95 5.65
C ILE A 20 11.28 7.11 5.01
N ARG A 21 11.70 6.06 5.67
CA ARG A 21 12.79 5.21 5.11
C ARG A 21 13.98 6.09 4.75
N GLY A 22 14.79 6.42 5.72
CA GLY A 22 15.98 7.29 5.47
C GLY A 22 15.77 8.62 6.19
N GLY A 23 14.53 9.06 6.26
CA GLY A 23 14.24 10.34 6.95
C GLY A 23 14.77 11.49 6.10
N ARG A 24 13.90 12.31 5.58
CA ARG A 24 14.36 13.42 4.70
C ARG A 24 13.50 14.67 4.96
N GLU A 25 13.30 15.47 3.95
CA GLU A 25 12.47 16.69 4.12
C GLU A 25 11.07 16.26 4.52
N ASP A 26 10.58 15.20 3.93
CA ASP A 26 9.23 14.70 4.30
C ASP A 26 9.22 14.39 5.79
N GLN A 27 10.36 13.99 6.31
CA GLN A 27 10.43 13.69 7.77
C GLN A 27 10.25 15.00 8.53
N ALA A 28 11.00 16.01 8.16
CA ALA A 28 10.85 17.32 8.86
C ALA A 28 9.40 17.76 8.73
N LEU A 29 8.87 17.69 7.53
CA LEU A 29 7.45 18.08 7.33
C LEU A 29 6.57 17.19 8.21
N TYR A 30 6.96 15.97 8.40
CA TYR A 30 6.15 15.05 9.25
C TYR A 30 6.22 15.51 10.70
N ALA A 31 7.37 15.86 11.19
CA ALA A 31 7.43 16.29 12.61
C ALA A 31 6.56 17.53 12.79
N ARG A 32 6.52 18.41 11.81
CA ARG A 32 5.65 19.61 11.93
C ARG A 32 4.19 19.16 11.80
N ILE A 33 3.86 18.56 10.70
CA ILE A 33 2.46 18.07 10.51
C ILE A 33 2.08 17.24 11.73
N VAL A 34 2.99 16.44 12.19
CA VAL A 34 2.72 15.61 13.39
C VAL A 34 2.56 16.54 14.58
N SER A 35 3.19 17.68 14.55
CA SER A 35 3.05 18.63 15.70
C SER A 35 1.60 19.11 15.77
N ARG A 36 1.00 19.41 14.65
CA ARG A 36 -0.42 19.83 14.68
C ARG A 36 -1.25 18.66 15.18
N LEU A 37 -0.92 17.49 14.70
CA LEU A 37 -1.64 16.28 15.17
C LEU A 37 -1.44 16.19 16.68
N ARG A 38 -0.24 16.43 17.12
CA ARG A 38 0.03 16.38 18.59
C ARG A 38 -0.88 17.39 19.27
N ARG A 39 -1.32 18.41 18.57
CA ARG A 39 -2.27 19.36 19.21
C ARG A 39 -3.59 18.60 19.38
N TYR A 40 -4.17 18.19 18.28
CA TYR A 40 -5.42 17.36 18.32
C TYR A 40 -5.16 16.15 17.42
N GLY A 41 -5.80 15.04 17.64
CA GLY A 41 -5.51 13.86 16.78
C GLY A 41 -4.34 13.13 17.42
N LYS A 42 -4.57 12.47 18.52
CA LYS A 42 -3.46 11.75 19.21
C LYS A 42 -2.50 11.19 18.16
N VAL A 43 -1.23 11.48 18.25
CA VAL A 43 -0.29 10.92 17.23
C VAL A 43 0.10 9.52 17.69
N LEU A 44 -0.64 8.53 17.27
CA LEU A 44 -0.33 7.15 17.68
C LEU A 44 1.14 6.85 17.37
N THR A 45 1.54 6.99 16.14
CA THR A 45 2.96 6.70 15.78
C THR A 45 3.81 7.95 16.00
N GLU A 46 4.38 8.10 17.17
CA GLU A 46 5.23 9.29 17.45
C GLU A 46 6.59 9.10 16.80
N HIS A 47 6.98 7.88 16.56
CA HIS A 47 8.30 7.62 15.92
C HIS A 47 8.31 8.16 14.50
N VAL A 48 7.16 8.19 13.86
CA VAL A 48 7.11 8.70 12.46
C VAL A 48 7.75 10.09 12.40
N ALA A 49 7.85 10.76 13.51
CA ALA A 49 8.48 12.12 13.51
C ALA A 49 9.84 12.05 14.13
N ASP A 50 9.92 11.75 15.38
CA ASP A 50 11.27 11.65 15.95
C ASP A 50 12.08 10.84 14.92
N ALA A 51 11.38 10.05 14.12
CA ALA A 51 12.03 9.24 13.04
C ALA A 51 13.37 9.86 12.63
N GLU A 52 13.49 11.14 12.75
CA GLU A 52 14.78 11.78 12.39
C GLU A 52 15.89 11.26 13.33
N LEU A 53 15.53 10.71 14.46
CA LEU A 53 16.57 10.16 15.40
C LEU A 53 17.39 9.12 14.64
N GLU A 54 18.69 9.16 14.79
CA GLU A 54 19.55 8.17 14.09
C GLU A 54 19.27 8.22 12.58
N PRO A 55 20.22 7.87 11.77
CA PRO A 55 20.06 7.87 10.29
C PRO A 55 19.10 6.77 9.85
N LEU A 56 17.83 7.09 9.73
CA LEU A 56 16.83 6.05 9.33
C LEU A 56 17.26 5.36 8.03
N GLY A 57 16.31 4.82 7.32
CA GLY A 57 16.63 4.10 6.05
C GLY A 57 16.72 2.62 6.36
N GLU A 58 16.04 2.20 7.38
CA GLU A 58 16.06 0.76 7.79
C GLU A 58 17.48 0.38 8.21
N GLU A 59 18.47 1.10 7.74
CA GLU A 59 19.87 0.79 8.12
C GLU A 59 20.10 1.26 9.56
N ALA A 60 19.25 2.12 10.06
CA ALA A 60 19.41 2.63 11.45
C ALA A 60 19.37 1.44 12.42
N ALA A 61 19.12 1.70 13.67
CA ALA A 61 19.06 0.59 14.68
C ALA A 61 18.42 -0.65 14.04
N GLY A 62 17.56 -0.46 13.08
CA GLY A 62 16.93 -1.62 12.40
C GLY A 62 15.62 -1.99 13.09
N GLY A 63 15.16 -3.17 12.83
CA GLY A 63 13.89 -3.61 13.44
C GLY A 63 12.74 -3.30 12.48
N ASP A 64 12.91 -3.53 11.21
CA ASP A 64 11.80 -3.25 10.26
C ASP A 64 10.54 -3.85 10.86
N GLN A 65 10.65 -5.06 11.32
CA GLN A 65 9.49 -5.71 11.97
C GLN A 65 9.08 -4.84 13.15
N PHE A 66 10.05 -4.39 13.90
CA PHE A 66 9.77 -3.52 15.08
C PHE A 66 9.07 -2.24 14.64
N ILE A 67 9.58 -1.59 13.63
CA ILE A 67 8.96 -0.32 13.15
C ILE A 67 7.63 -0.62 12.45
N HIS A 68 7.53 -1.73 11.77
CA HIS A 68 6.26 -2.07 11.06
C HIS A 68 5.25 -2.60 12.07
N GLU A 69 5.70 -3.25 13.10
CA GLU A 69 4.76 -3.79 14.12
C GLU A 69 4.14 -2.63 14.88
N GLN A 70 4.95 -1.74 15.39
CA GLN A 70 4.40 -0.57 16.13
C GLN A 70 3.62 0.32 15.16
N ASP A 71 4.12 0.49 13.97
CA ASP A 71 3.43 1.36 12.97
C ASP A 71 2.13 0.69 12.50
N LEU A 72 2.22 -0.53 12.04
CA LEU A 72 1.00 -1.24 11.55
C LEU A 72 0.04 -1.55 12.70
N ASN A 73 0.57 -1.91 13.84
CA ASN A 73 -0.31 -2.23 14.98
C ASN A 73 -1.08 -0.99 15.41
N TRP A 74 -0.39 0.09 15.66
CA TRP A 74 -1.08 1.33 16.07
C TRP A 74 -2.05 1.74 14.96
N LEU A 75 -1.62 1.64 13.73
CA LEU A 75 -2.52 1.99 12.61
C LEU A 75 -3.82 1.22 12.79
N GLN A 76 -3.72 0.01 13.24
CA GLN A 76 -4.94 -0.81 13.45
C GLN A 76 -5.68 -0.33 14.71
N GLN A 77 -4.97 0.19 15.67
CA GLN A 77 -5.64 0.68 16.91
C GLN A 77 -5.97 2.17 16.75
N ALA A 78 -5.73 2.71 15.59
CA ALA A 78 -6.01 4.18 15.39
C ALA A 78 -7.48 4.44 15.09
N ASP A 79 -8.05 5.39 15.78
CA ASP A 79 -9.48 5.74 15.53
C ASP A 79 -9.54 6.53 14.22
N VAL A 80 -8.49 7.26 13.93
CA VAL A 80 -8.44 8.06 12.66
C VAL A 80 -7.04 7.95 12.06
N VAL A 81 -6.94 7.83 10.75
CA VAL A 81 -5.58 7.68 10.14
C VAL A 81 -5.41 8.59 8.91
N VAL A 82 -4.34 9.36 8.90
CA VAL A 82 -4.06 10.28 7.76
C VAL A 82 -2.74 9.88 7.10
N ALA A 83 -2.75 9.60 5.82
CA ALA A 83 -1.50 9.21 5.13
C ALA A 83 -1.04 10.37 4.23
N GLU A 84 0.16 10.84 4.43
CA GLU A 84 0.68 11.97 3.61
C GLU A 84 1.27 11.42 2.31
N VAL A 85 0.67 11.74 1.20
CA VAL A 85 1.18 11.25 -0.11
C VAL A 85 1.56 12.44 -1.00
N THR A 86 2.54 12.26 -1.84
CA THR A 86 2.99 13.35 -2.74
C THR A 86 3.91 12.72 -3.78
N GLN A 87 4.59 11.67 -3.38
CA GLN A 87 5.51 10.97 -4.32
C GLN A 87 5.45 9.46 -4.02
N PRO A 88 5.67 8.63 -5.00
CA PRO A 88 5.63 7.16 -4.82
C PRO A 88 6.17 6.70 -3.46
N SER A 89 5.45 5.85 -2.77
CA SER A 89 5.92 5.39 -1.43
C SER A 89 5.09 4.17 -0.99
N LEU A 90 5.71 3.03 -0.84
CA LEU A 90 4.94 1.82 -0.42
C LEU A 90 4.48 1.99 1.02
N GLY A 91 5.30 2.52 1.88
CA GLY A 91 4.89 2.70 3.30
C GLY A 91 3.61 3.53 3.36
N VAL A 92 3.49 4.49 2.47
CA VAL A 92 2.27 5.34 2.48
C VAL A 92 1.12 4.60 1.79
N GLY A 93 1.37 4.05 0.63
CA GLY A 93 0.29 3.31 -0.09
C GLY A 93 -0.04 2.04 0.68
N TYR A 94 0.95 1.36 1.20
CA TYR A 94 0.68 0.11 1.95
C TYR A 94 -0.20 0.42 3.17
N GLU A 95 0.11 1.46 3.88
CA GLU A 95 -0.71 1.82 5.07
C GLU A 95 -2.10 2.27 4.61
N LEU A 96 -2.18 2.87 3.45
CA LEU A 96 -3.52 3.28 2.95
C LEU A 96 -4.33 2.02 2.64
N GLY A 97 -3.70 1.05 2.02
CA GLY A 97 -4.42 -0.22 1.71
C GLY A 97 -4.87 -0.86 3.02
N ARG A 98 -4.04 -0.81 4.03
CA ARG A 98 -4.42 -1.41 5.34
C ARG A 98 -5.68 -0.73 5.85
N ALA A 99 -5.77 0.56 5.70
CA ALA A 99 -6.98 1.28 6.17
C ALA A 99 -8.16 0.92 5.27
N VAL A 100 -7.94 0.82 3.99
CA VAL A 100 -9.06 0.42 3.10
C VAL A 100 -9.64 -0.87 3.69
N ALA A 101 -8.75 -1.69 4.18
CA ALA A 101 -9.17 -2.99 4.79
C ALA A 101 -9.78 -2.75 6.17
N LEU A 102 -9.11 -2.02 7.02
CA LEU A 102 -9.65 -1.75 8.39
C LEU A 102 -10.87 -0.84 8.26
N GLY A 103 -11.14 -0.40 7.06
CA GLY A 103 -12.34 0.46 6.81
C GLY A 103 -12.43 1.60 7.82
N LYS A 104 -11.32 2.06 8.34
CA LYS A 104 -11.36 3.19 9.31
C LYS A 104 -11.11 4.49 8.53
N PRO A 105 -11.61 5.61 8.98
CA PRO A 105 -11.42 6.90 8.27
C PRO A 105 -10.05 6.98 7.60
N ILE A 106 -10.03 7.13 6.29
CA ILE A 106 -8.72 7.17 5.57
C ILE A 106 -8.56 8.50 4.82
N LEU A 107 -7.74 9.37 5.34
CA LEU A 107 -7.50 10.66 4.64
C LEU A 107 -6.18 10.55 3.87
N CYS A 108 -6.22 10.62 2.57
CA CYS A 108 -4.97 10.51 1.75
C CYS A 108 -4.64 11.90 1.20
N LEU A 109 -3.39 12.28 1.19
CA LEU A 109 -3.04 13.64 0.68
C LEU A 109 -2.01 13.58 -0.45
N PHE A 110 -2.14 14.48 -1.40
CA PHE A 110 -1.17 14.55 -2.55
C PHE A 110 -1.01 16.04 -2.88
N ARG A 111 0.19 16.49 -3.19
CA ARG A 111 0.38 17.95 -3.45
C ARG A 111 0.36 18.25 -4.95
N PRO A 112 -0.26 19.34 -5.34
CA PRO A 112 -0.31 19.78 -6.77
C PRO A 112 1.00 20.42 -7.20
N GLN A 113 1.65 21.11 -6.29
CA GLN A 113 2.94 21.76 -6.62
C GLN A 113 3.83 20.73 -7.31
N SER A 114 3.76 19.51 -6.85
CA SER A 114 4.56 18.43 -7.48
C SER A 114 3.71 17.78 -8.57
N GLY A 115 2.41 17.95 -8.47
CA GLY A 115 1.49 17.35 -9.49
C GLY A 115 2.02 15.98 -9.89
N ARG A 116 2.53 15.24 -8.94
CA ARG A 116 3.09 13.90 -9.26
C ARG A 116 1.95 12.92 -9.53
N VAL A 117 0.76 13.41 -9.71
CA VAL A 117 -0.39 12.51 -9.98
C VAL A 117 -0.42 11.38 -8.97
N LEU A 118 -1.26 11.50 -7.97
CA LEU A 118 -1.35 10.42 -6.95
C LEU A 118 -1.46 9.07 -7.66
N SER A 119 -0.86 8.05 -7.12
CA SER A 119 -0.89 6.70 -7.75
C SER A 119 -2.28 6.40 -8.34
N ALA A 120 -2.31 5.77 -9.47
CA ALA A 120 -3.61 5.45 -10.12
C ALA A 120 -4.51 4.67 -9.18
N MET A 121 -4.03 3.58 -8.68
CA MET A 121 -4.88 2.75 -7.79
C MET A 121 -5.31 3.57 -6.58
N ILE A 122 -4.44 4.36 -6.03
CA ILE A 122 -4.82 5.16 -4.84
C ILE A 122 -5.95 6.12 -5.22
N ARG A 123 -5.86 6.74 -6.36
CA ARG A 123 -6.93 7.70 -6.76
C ARG A 123 -8.19 6.93 -7.15
N GLY A 124 -8.07 5.90 -7.93
CA GLY A 124 -9.27 5.14 -8.33
C GLY A 124 -9.88 4.47 -7.10
N ALA A 125 -9.13 4.34 -6.04
CA ALA A 125 -9.69 3.71 -4.83
C ALA A 125 -11.00 4.39 -4.45
N ALA A 126 -10.99 5.68 -4.23
CA ALA A 126 -12.24 6.36 -3.82
C ALA A 126 -12.24 7.84 -4.22
N ASP A 127 -11.74 8.68 -3.35
CA ASP A 127 -11.73 10.15 -3.59
C ASP A 127 -12.97 10.75 -2.93
N GLY A 128 -13.80 9.92 -2.32
CA GLY A 128 -15.03 10.44 -1.67
C GLY A 128 -15.84 9.28 -1.08
N SER A 129 -15.47 8.83 0.10
CA SER A 129 -16.22 7.69 0.74
C SER A 129 -15.39 7.14 1.91
N ARG A 130 -15.32 7.86 2.99
CA ARG A 130 -14.51 7.39 4.15
C ARG A 130 -13.06 7.42 3.72
N PHE A 131 -12.86 7.30 2.45
CA PHE A 131 -11.50 7.36 1.85
C PHE A 131 -11.51 8.57 0.95
N GLN A 132 -10.73 9.57 1.24
CA GLN A 132 -10.76 10.79 0.38
C GLN A 132 -9.36 11.25 0.03
N VAL A 133 -9.15 11.53 -1.22
CA VAL A 133 -7.84 12.03 -1.68
C VAL A 133 -7.86 13.56 -1.65
N TRP A 134 -7.24 14.15 -0.66
CA TRP A 134 -7.24 15.64 -0.54
C TRP A 134 -5.97 16.23 -1.13
N ASP A 135 -6.06 17.39 -1.74
CA ASP A 135 -4.84 18.03 -2.31
C ASP A 135 -4.31 19.04 -1.31
N TYR A 136 -3.04 19.31 -1.30
CA TYR A 136 -2.52 20.28 -0.29
C TYR A 136 -1.07 20.68 -0.56
N ALA A 137 -0.59 21.61 0.20
CA ALA A 137 0.83 22.06 0.06
C ALA A 137 1.30 22.47 1.46
N GLU A 138 2.57 22.35 1.74
CA GLU A 138 3.06 22.73 3.10
C GLU A 138 2.36 24.00 3.59
N GLY A 139 1.94 24.86 2.69
CA GLY A 139 1.27 26.12 3.11
C GLY A 139 -0.23 25.91 3.35
N GLU A 140 -0.74 24.73 3.08
CA GLU A 140 -2.21 24.49 3.29
C GLU A 140 -2.43 23.14 3.99
N VAL A 141 -1.37 22.47 4.36
CA VAL A 141 -1.54 21.15 5.02
C VAL A 141 -2.39 21.34 6.28
N GLU A 142 -2.04 22.30 7.09
CA GLU A 142 -2.84 22.54 8.32
C GLU A 142 -4.30 22.73 7.93
N THR A 143 -4.53 23.32 6.78
CA THR A 143 -5.93 23.52 6.34
C THR A 143 -6.58 22.17 6.07
N MET A 144 -5.85 21.25 5.49
CA MET A 144 -6.43 19.91 5.24
C MET A 144 -6.95 19.39 6.56
N LEU A 145 -6.09 19.39 7.55
CA LEU A 145 -6.52 18.90 8.88
C LEU A 145 -7.61 19.83 9.42
N ASP A 146 -7.57 21.07 9.07
CA ASP A 146 -8.59 22.03 9.58
C ASP A 146 -9.96 21.74 8.96
N ARG A 147 -10.05 21.53 7.67
CA ARG A 147 -11.39 21.27 7.08
C ARG A 147 -11.90 19.90 7.52
N TYR A 148 -11.10 18.90 7.37
CA TYR A 148 -11.52 17.53 7.76
C TYR A 148 -11.91 17.52 9.23
N PHE A 149 -11.08 18.04 10.07
CA PHE A 149 -11.41 18.02 11.51
C PHE A 149 -12.46 19.07 11.83
N GLU A 150 -12.50 20.17 11.14
CA GLU A 150 -13.56 21.16 11.44
C GLU A 150 -14.89 20.42 11.35
N ALA A 151 -14.97 19.50 10.44
CA ALA A 151 -16.21 18.69 10.30
C ALA A 151 -16.12 17.50 11.25
N TYR A 152 -15.25 17.56 12.23
CA TYR A 152 -15.09 16.40 13.15
C TYR A 152 -14.73 16.86 14.57
N LEU A 153 -13.97 17.91 14.72
CA LEU A 153 -13.58 18.37 16.09
C LEU A 153 -14.11 19.78 16.38
N PRO A 154 -15.32 20.08 15.99
CA PRO A 154 -15.93 21.42 16.25
C PRO A 154 -16.32 21.57 17.72
N GLN A 155 -16.73 20.49 18.33
CA GLN A 155 -17.12 20.52 19.77
C GLN A 155 -16.38 19.41 20.52
N LYS A 156 -16.02 18.36 19.84
CA LYS A 156 -15.29 17.24 20.51
C LYS A 156 -14.01 17.79 21.13
N THR A 157 -13.40 18.77 20.50
CA THR A 157 -12.15 19.35 21.05
C THR A 157 -12.39 19.86 22.47
N ALA A 158 -13.55 20.42 22.71
CA ALA A 158 -13.85 20.95 24.07
C ALA A 158 -14.62 19.89 24.87
N SER A 159 -14.31 19.74 26.13
CA SER A 159 -15.02 18.73 26.96
C SER A 159 -15.11 19.22 28.40
N SER A 160 -15.97 18.65 29.19
CA SER A 160 -16.10 19.09 30.60
C SER A 160 -16.38 20.59 30.64
N SER A 161 -17.34 21.05 29.90
CA SER A 161 -17.65 22.51 29.90
C SER A 161 -18.08 22.94 31.30
N HIS A 162 -18.75 22.08 32.01
CA HIS A 162 -19.22 22.43 33.39
C HIS A 162 -20.05 23.71 33.35
N PRO A 163 -20.98 23.85 34.26
CA PRO A 163 -21.86 25.06 34.33
C PRO A 163 -21.08 26.32 34.71
N SER A 164 -21.50 27.46 34.23
CA SER A 164 -20.78 28.72 34.56
C SER A 164 -20.80 28.91 36.08
N ALA A 165 -21.82 28.44 36.74
CA ALA A 165 -21.89 28.60 38.22
C ALA A 165 -21.06 27.51 38.89
N MET B 3 -22.70 -23.89 -21.00
CA MET B 3 -21.71 -24.85 -21.55
C MET B 3 -21.75 -26.14 -20.73
N ALA B 4 -22.76 -26.95 -20.93
CA ALA B 4 -22.85 -28.22 -20.17
C ALA B 4 -21.70 -29.15 -20.57
N ALA B 5 -21.08 -28.91 -21.69
CA ALA B 5 -19.95 -29.77 -22.12
C ALA B 5 -18.83 -29.71 -21.08
N SER B 6 -18.13 -30.80 -20.88
CA SER B 6 -17.03 -30.79 -19.89
C SER B 6 -15.78 -30.14 -20.49
N GLY B 7 -14.79 -29.86 -19.69
CA GLY B 7 -13.55 -29.23 -20.21
C GLY B 7 -12.39 -29.52 -19.27
N GLU B 8 -11.19 -29.20 -19.68
CA GLU B 8 -10.01 -29.46 -18.80
C GLU B 8 -9.99 -28.44 -17.66
N GLN B 9 -9.44 -28.80 -16.53
CA GLN B 9 -9.41 -27.84 -15.39
C GLN B 9 -8.55 -26.63 -15.77
N ALA B 10 -8.39 -25.71 -14.86
CA ALA B 10 -7.57 -24.49 -15.15
C ALA B 10 -6.59 -24.25 -14.00
N PRO B 11 -5.49 -23.61 -14.28
CA PRO B 11 -4.46 -23.30 -13.24
C PRO B 11 -4.92 -22.21 -12.28
N CYS B 12 -4.34 -22.13 -11.12
CA CYS B 12 -4.76 -21.06 -10.16
C CYS B 12 -4.69 -19.71 -10.88
N SER B 13 -5.02 -18.65 -10.18
CA SER B 13 -4.95 -17.32 -10.82
C SER B 13 -3.84 -16.53 -10.15
N VAL B 14 -3.18 -15.70 -10.91
CA VAL B 14 -2.07 -14.89 -10.37
C VAL B 14 -2.34 -13.43 -10.72
N TYR B 15 -2.31 -12.58 -9.75
CA TYR B 15 -2.59 -11.13 -9.99
C TYR B 15 -1.28 -10.37 -10.05
N PHE B 16 -1.19 -9.38 -10.89
CA PHE B 16 0.08 -8.61 -11.01
C PHE B 16 -0.06 -7.27 -10.32
N CYS B 17 0.86 -6.95 -9.44
CA CYS B 17 0.80 -5.63 -8.75
C CYS B 17 2.07 -4.84 -9.09
N GLY B 18 1.96 -3.86 -9.96
CA GLY B 18 3.17 -3.07 -10.36
C GLY B 18 2.88 -1.57 -10.21
N SER B 19 3.91 -0.77 -10.18
CA SER B 19 3.70 0.71 -10.03
C SER B 19 3.02 1.25 -11.29
N ILE B 20 3.61 1.00 -12.44
CA ILE B 20 3.00 1.49 -13.71
C ILE B 20 2.85 3.01 -13.67
N ARG B 21 1.65 3.50 -13.85
CA ARG B 21 1.44 4.97 -13.83
C ARG B 21 2.41 5.63 -14.80
N GLY B 22 2.07 5.64 -16.06
CA GLY B 22 2.96 6.26 -17.08
C GLY B 22 3.49 5.15 -18.00
N GLY B 23 3.71 3.98 -17.45
CA GLY B 23 4.23 2.86 -18.28
C GLY B 23 5.68 3.14 -18.62
N ARG B 24 6.59 2.35 -18.12
CA ARG B 24 8.02 2.59 -18.40
C ARG B 24 8.77 1.26 -18.58
N GLU B 25 10.01 1.21 -18.20
CA GLU B 25 10.78 -0.06 -18.33
C GLU B 25 10.10 -1.11 -17.46
N ASP B 26 9.66 -0.72 -16.30
CA ASP B 26 8.97 -1.68 -15.41
C ASP B 26 7.76 -2.24 -16.17
N GLN B 27 7.20 -1.46 -17.04
CA GLN B 27 6.03 -1.94 -17.82
C GLN B 27 6.52 -3.02 -18.79
N ALA B 28 7.58 -2.75 -19.50
CA ALA B 28 8.11 -3.78 -20.44
C ALA B 28 8.44 -5.03 -19.61
N LEU B 29 9.13 -4.84 -18.52
CA LEU B 29 9.47 -5.99 -17.66
C LEU B 29 8.18 -6.67 -17.20
N TYR B 30 7.14 -5.90 -17.00
CA TYR B 30 5.85 -6.49 -16.57
C TYR B 30 5.26 -7.33 -17.70
N ALA B 31 5.27 -6.83 -18.90
CA ALA B 31 4.70 -7.64 -20.00
C ALA B 31 5.48 -8.96 -20.11
N ARG B 32 6.76 -8.93 -19.90
CA ARG B 32 7.56 -10.19 -19.97
C ARG B 32 7.20 -11.05 -18.74
N ILE B 33 7.44 -10.51 -17.57
CA ILE B 33 7.11 -11.25 -16.33
C ILE B 33 5.67 -11.74 -16.43
N VAL B 34 4.82 -10.89 -16.93
CA VAL B 34 3.39 -11.27 -17.10
C VAL B 34 3.30 -12.38 -18.15
N SER B 35 4.23 -12.40 -19.06
CA SER B 35 4.21 -13.48 -20.10
C SER B 35 4.45 -14.83 -19.44
N ARG B 36 5.36 -14.90 -18.50
CA ARG B 36 5.58 -16.18 -17.79
C ARG B 36 4.31 -16.51 -17.01
N LEU B 37 3.76 -15.51 -16.41
CA LEU B 37 2.49 -15.71 -15.66
C LEU B 37 1.45 -16.22 -16.66
N ARG B 38 1.43 -15.62 -17.82
CA ARG B 38 0.47 -16.08 -18.86
C ARG B 38 0.73 -17.55 -19.15
N ARG B 39 1.94 -18.03 -18.91
CA ARG B 39 2.18 -19.48 -19.12
C ARG B 39 1.42 -20.20 -18.00
N TYR B 40 1.79 -19.96 -16.77
CA TYR B 40 1.05 -20.55 -15.61
C TYR B 40 0.73 -19.37 -14.67
N GLY B 41 -0.29 -19.45 -13.86
CA GLY B 41 -0.62 -18.29 -13.00
C GLY B 41 -1.52 -17.37 -13.81
N LYS B 42 -2.75 -17.76 -14.02
CA LYS B 42 -3.68 -16.91 -14.83
C LYS B 42 -3.37 -15.44 -14.55
N VAL B 43 -3.13 -14.64 -15.57
CA VAL B 43 -2.85 -13.22 -15.30
C VAL B 43 -4.18 -12.48 -15.18
N LEU B 44 -4.70 -12.41 -13.99
CA LEU B 44 -6.00 -11.73 -13.80
C LEU B 44 -5.94 -10.33 -14.43
N THR B 45 -5.01 -9.52 -14.02
CA THR B 45 -4.92 -8.15 -14.59
C THR B 45 -4.05 -8.17 -15.86
N GLU B 46 -4.66 -8.36 -17.00
CA GLU B 46 -3.89 -8.39 -18.27
C GLU B 46 -3.52 -6.96 -18.67
N HIS B 47 -4.28 -6.00 -18.22
CA HIS B 47 -3.99 -4.58 -18.58
C HIS B 47 -2.65 -4.16 -17.97
N VAL B 48 -2.29 -4.73 -16.85
CA VAL B 48 -1.01 -4.36 -16.20
C VAL B 48 0.13 -4.49 -17.22
N ALA B 49 -0.06 -5.23 -18.27
CA ALA B 49 1.01 -5.38 -19.30
C ALA B 49 0.63 -4.61 -20.52
N ASP B 50 -0.40 -4.99 -21.19
CA ASP B 50 -0.77 -4.18 -22.37
C ASP B 50 -0.66 -2.73 -21.90
N ALA B 51 -0.80 -2.51 -20.61
CA ALA B 51 -0.68 -1.15 -19.99
C ALA B 51 0.14 -0.23 -20.90
N GLU B 52 1.05 -0.78 -21.65
CA GLU B 52 1.85 0.07 -22.56
C GLU B 52 0.91 0.71 -23.60
N LEU B 53 -0.27 0.17 -23.80
CA LEU B 53 -1.21 0.77 -24.79
C LEU B 53 -1.48 2.22 -24.40
N GLU B 54 -1.46 3.12 -25.34
CA GLU B 54 -1.71 4.55 -25.02
C GLU B 54 -0.72 5.01 -23.94
N PRO B 55 -0.40 6.29 -23.92
CA PRO B 55 0.55 6.84 -22.91
C PRO B 55 -0.06 6.82 -21.51
N LEU B 56 0.17 5.77 -20.76
CA LEU B 56 -0.43 5.68 -19.41
C LEU B 56 -0.07 6.91 -18.58
N GLY B 57 -0.08 6.77 -17.28
CA GLY B 57 0.21 7.93 -16.39
C GLY B 57 -1.12 8.54 -15.95
N GLU B 58 -2.14 7.73 -15.92
CA GLU B 58 -3.48 8.22 -15.53
C GLU B 58 -3.96 9.28 -16.53
N GLU B 59 -3.05 9.92 -17.21
CA GLU B 59 -3.46 10.94 -18.20
C GLU B 59 -4.02 10.24 -19.45
N ALA B 60 -3.73 8.97 -19.59
CA ALA B 60 -4.25 8.21 -20.77
C ALA B 60 -5.78 8.27 -20.77
N ALA B 61 -6.40 7.38 -21.50
CA ALA B 61 -7.89 7.36 -21.56
C ALA B 61 -8.46 7.74 -20.19
N GLY B 62 -7.75 7.45 -19.14
CA GLY B 62 -8.24 7.81 -17.78
C GLY B 62 -9.03 6.67 -17.17
N GLY B 63 -9.78 6.98 -16.16
CA GLY B 63 -10.60 5.93 -15.50
C GLY B 63 -9.81 5.35 -14.32
N ASP B 64 -9.15 6.19 -13.55
CA ASP B 64 -8.39 5.65 -12.39
C ASP B 64 -9.33 4.71 -11.66
N GLN B 65 -10.54 5.13 -11.46
CA GLN B 65 -11.52 4.23 -10.79
C GLN B 65 -11.64 2.99 -11.65
N PHE B 66 -11.73 3.16 -12.94
CA PHE B 66 -11.84 2.00 -13.87
C PHE B 66 -10.62 1.09 -13.74
N ILE B 67 -9.45 1.66 -13.76
CA ILE B 67 -8.20 0.83 -13.66
C ILE B 67 -8.06 0.29 -12.23
N HIS B 68 -8.48 1.04 -11.24
CA HIS B 68 -8.36 0.56 -9.83
C HIS B 68 -9.48 -0.44 -9.54
N GLU B 69 -10.61 -0.29 -10.17
CA GLU B 69 -11.74 -1.23 -9.92
C GLU B 69 -11.36 -2.58 -10.51
N GLN B 70 -10.98 -2.61 -11.76
CA GLN B 70 -10.60 -3.91 -12.38
C GLN B 70 -9.34 -4.45 -11.69
N ASP B 71 -8.41 -3.58 -11.38
CA ASP B 71 -7.15 -4.04 -10.72
C ASP B 71 -7.44 -4.50 -9.28
N LEU B 72 -8.06 -3.66 -8.50
CA LEU B 72 -8.35 -4.04 -7.09
C LEU B 72 -9.39 -5.16 -7.02
N ASN B 73 -10.37 -5.12 -7.89
CA ASN B 73 -11.41 -6.19 -7.86
C ASN B 73 -10.77 -7.53 -8.19
N TRP B 74 -10.08 -7.61 -9.29
CA TRP B 74 -9.44 -8.90 -9.66
C TRP B 74 -8.46 -9.30 -8.55
N LEU B 75 -7.73 -8.36 -8.04
CA LEU B 75 -6.78 -8.68 -6.94
C LEU B 75 -7.57 -9.39 -5.84
N GLN B 76 -8.78 -8.97 -5.63
CA GLN B 76 -9.62 -9.63 -4.59
C GLN B 76 -10.10 -10.99 -5.09
N GLN B 77 -10.28 -11.14 -6.38
CA GLN B 77 -10.75 -12.45 -6.92
C GLN B 77 -9.54 -13.31 -7.29
N ALA B 78 -8.36 -12.84 -7.00
CA ALA B 78 -7.13 -13.61 -7.36
C ALA B 78 -6.83 -14.71 -6.35
N ASP B 79 -6.58 -15.91 -6.83
CA ASP B 79 -6.24 -17.02 -5.93
C ASP B 79 -4.79 -16.81 -5.46
N VAL B 80 -3.99 -16.22 -6.30
CA VAL B 80 -2.56 -15.95 -5.92
C VAL B 80 -2.17 -14.57 -6.42
N VAL B 81 -1.42 -13.82 -5.65
CA VAL B 81 -1.04 -12.44 -6.10
C VAL B 81 0.45 -12.16 -5.89
N VAL B 82 1.11 -11.68 -6.92
CA VAL B 82 2.55 -11.36 -6.83
C VAL B 82 2.76 -9.86 -7.12
N ALA B 83 3.37 -9.15 -6.21
CA ALA B 83 3.60 -7.69 -6.42
C ALA B 83 5.09 -7.44 -6.71
N GLU B 84 5.38 -6.86 -7.84
CA GLU B 84 6.80 -6.60 -8.19
C GLU B 84 7.26 -5.30 -7.53
N VAL B 85 8.19 -5.38 -6.61
CA VAL B 85 8.69 -4.16 -5.93
C VAL B 85 10.20 -4.00 -6.18
N THR B 86 10.66 -2.78 -6.23
CA THR B 86 12.09 -2.51 -6.48
C THR B 86 12.33 -1.04 -6.16
N GLN B 87 11.33 -0.24 -6.37
CA GLN B 87 11.44 1.22 -6.08
C GLN B 87 10.10 1.72 -5.52
N PRO B 88 10.11 2.73 -4.68
CA PRO B 88 8.88 3.29 -4.08
C PRO B 88 7.69 3.26 -5.05
N SER B 89 6.55 2.77 -4.60
CA SER B 89 5.37 2.72 -5.50
C SER B 89 4.11 2.43 -4.66
N LEU B 90 3.18 3.36 -4.63
CA LEU B 90 1.94 3.14 -3.84
C LEU B 90 1.10 2.03 -4.47
N GLY B 91 1.01 2.03 -5.78
CA GLY B 91 0.20 0.97 -6.46
C GLY B 91 0.72 -0.41 -6.05
N VAL B 92 2.01 -0.53 -5.88
CA VAL B 92 2.58 -1.84 -5.48
C VAL B 92 2.38 -2.05 -3.98
N GLY B 93 2.74 -1.08 -3.18
CA GLY B 93 2.57 -1.23 -1.71
C GLY B 93 1.08 -1.26 -1.35
N TYR B 94 0.30 -0.44 -2.00
CA TYR B 94 -1.15 -0.42 -1.71
C TYR B 94 -1.76 -1.79 -2.02
N GLU B 95 -1.41 -2.37 -3.13
CA GLU B 95 -1.94 -3.71 -3.48
C GLU B 95 -1.39 -4.74 -2.50
N LEU B 96 -0.19 -4.54 -2.03
CA LEU B 96 0.37 -5.51 -1.05
C LEU B 96 -0.44 -5.41 0.24
N GLY B 97 -0.74 -4.21 0.66
CA GLY B 97 -1.55 -4.03 1.89
C GLY B 97 -2.92 -4.69 1.70
N ARG B 98 -3.47 -4.54 0.52
CA ARG B 98 -4.80 -5.16 0.26
C ARG B 98 -4.69 -6.67 0.45
N ALA B 99 -3.61 -7.26 0.00
CA ALA B 99 -3.44 -8.73 0.17
C ALA B 99 -3.21 -9.03 1.64
N VAL B 100 -2.44 -8.23 2.32
CA VAL B 100 -2.25 -8.49 3.76
C VAL B 100 -3.64 -8.60 4.38
N ALA B 101 -4.53 -7.79 3.90
CA ALA B 101 -5.93 -7.80 4.41
C ALA B 101 -6.68 -9.02 3.84
N LEU B 102 -6.62 -9.23 2.56
CA LEU B 102 -7.34 -10.40 1.96
C LEU B 102 -6.64 -11.69 2.42
N GLY B 103 -5.55 -11.54 3.11
CA GLY B 103 -4.81 -12.71 3.63
C GLY B 103 -4.59 -13.77 2.55
N LYS B 104 -4.51 -13.39 1.31
CA LYS B 104 -4.28 -14.39 0.23
C LYS B 104 -2.78 -14.41 -0.05
N PRO B 105 -2.25 -15.52 -0.52
CA PRO B 105 -0.80 -15.64 -0.82
C PRO B 105 -0.21 -14.32 -1.33
N ILE B 106 0.75 -13.76 -0.63
CA ILE B 106 1.32 -12.46 -1.05
C ILE B 106 2.83 -12.58 -1.32
N LEU B 107 3.21 -12.59 -2.57
CA LEU B 107 4.66 -12.68 -2.89
C LEU B 107 5.15 -11.28 -3.23
N CYS B 108 6.04 -10.73 -2.45
CA CYS B 108 6.56 -9.35 -2.73
C CYS B 108 7.98 -9.47 -3.24
N LEU B 109 8.35 -8.69 -4.22
CA LEU B 109 9.74 -8.80 -4.78
C LEU B 109 10.50 -7.47 -4.73
N PHE B 110 11.78 -7.53 -4.48
CA PHE B 110 12.64 -6.31 -4.46
C PHE B 110 13.99 -6.70 -5.05
N ARG B 111 14.59 -5.85 -5.84
CA ARG B 111 15.90 -6.26 -6.48
C ARG B 111 17.10 -5.70 -5.70
N PRO B 112 18.14 -6.50 -5.57
CA PRO B 112 19.38 -6.07 -4.87
C PRO B 112 20.24 -5.18 -5.76
N GLN B 113 20.21 -5.43 -7.05
CA GLN B 113 21.00 -4.58 -8.00
C GLN B 113 20.72 -3.12 -7.66
N SER B 114 19.49 -2.82 -7.35
CA SER B 114 19.13 -1.43 -6.99
C SER B 114 19.26 -1.28 -5.48
N GLY B 115 19.26 -2.38 -4.77
CA GLY B 115 19.40 -2.33 -3.29
C GLY B 115 18.65 -1.12 -2.76
N ARG B 116 17.50 -0.83 -3.31
CA ARG B 116 16.74 0.35 -2.85
C ARG B 116 16.09 0.07 -1.50
N VAL B 117 16.51 -0.99 -0.85
CA VAL B 117 15.93 -1.33 0.48
C VAL B 117 14.41 -1.30 0.40
N LEU B 118 13.81 -2.44 0.30
CA LEU B 118 12.33 -2.50 0.24
C LEU B 118 11.74 -1.64 1.36
N SER B 119 10.64 -0.97 1.11
CA SER B 119 10.04 -0.09 2.14
C SER B 119 10.11 -0.74 3.53
N ALA B 120 10.36 0.05 4.54
CA ALA B 120 10.46 -0.48 5.92
C ALA B 120 9.20 -1.24 6.30
N MET B 121 8.06 -0.62 6.18
CA MET B 121 6.82 -1.30 6.58
C MET B 121 6.63 -2.57 5.74
N ILE B 122 6.93 -2.51 4.48
CA ILE B 122 6.75 -3.72 3.64
C ILE B 122 7.66 -4.83 4.14
N ARG B 123 8.88 -4.51 4.49
CA ARG B 123 9.79 -5.57 4.99
C ARG B 123 9.39 -6.01 6.39
N GLY B 124 9.11 -5.08 7.26
CA GLY B 124 8.72 -5.46 8.64
C GLY B 124 7.39 -6.20 8.59
N ALA B 125 6.65 -6.06 7.53
CA ALA B 125 5.35 -6.77 7.44
C ALA B 125 5.54 -8.25 7.76
N ALA B 126 6.40 -8.92 7.02
CA ALA B 126 6.56 -10.38 7.28
C ALA B 126 7.95 -10.87 6.84
N ASP B 127 8.06 -11.27 5.60
CA ASP B 127 9.34 -11.82 5.06
C ASP B 127 9.30 -13.35 5.19
N GLY B 128 8.22 -13.87 5.73
CA GLY B 128 8.11 -15.36 5.91
C GLY B 128 6.78 -15.70 6.62
N SER B 129 5.71 -15.77 5.88
CA SER B 129 4.38 -16.11 6.50
C SER B 129 3.26 -15.79 5.51
N ARG B 130 3.12 -16.56 4.48
CA ARG B 130 2.05 -16.29 3.47
C ARG B 130 2.44 -14.99 2.77
N PHE B 131 3.20 -14.19 3.46
CA PHE B 131 3.71 -12.91 2.92
C PHE B 131 5.21 -13.05 2.90
N GLN B 132 5.83 -13.04 1.75
CA GLN B 132 7.30 -13.22 1.73
C GLN B 132 7.96 -12.20 0.82
N VAL B 133 9.00 -11.59 1.32
CA VAL B 133 9.76 -10.61 0.52
C VAL B 133 10.89 -11.33 -0.20
N TRP B 134 10.74 -11.60 -1.48
CA TRP B 134 11.81 -12.35 -2.23
C TRP B 134 12.71 -11.37 -2.98
N ASP B 135 13.98 -11.68 -3.08
CA ASP B 135 14.92 -10.78 -3.81
C ASP B 135 15.06 -11.31 -5.24
N TYR B 136 15.35 -10.47 -6.19
CA TYR B 136 15.46 -10.99 -7.58
C TYR B 136 16.02 -9.94 -8.54
N ALA B 137 16.28 -10.36 -9.75
CA ALA B 137 16.79 -9.44 -10.79
C ALA B 137 16.23 -9.91 -12.14
N GLU B 138 16.03 -9.03 -13.08
CA GLU B 138 15.47 -9.47 -14.39
C GLU B 138 16.09 -10.80 -14.82
N GLY B 139 17.29 -11.09 -14.39
CA GLY B 139 17.95 -12.37 -14.78
C GLY B 139 17.53 -13.53 -13.86
N GLU B 140 16.78 -13.26 -12.83
CA GLU B 140 16.37 -14.35 -11.89
C GLU B 140 14.89 -14.22 -11.55
N VAL B 141 14.20 -13.29 -12.15
CA VAL B 141 12.76 -13.11 -11.83
C VAL B 141 12.03 -14.43 -12.13
N GLU B 142 12.27 -14.99 -13.28
CA GLU B 142 11.61 -16.27 -13.61
C GLU B 142 11.92 -17.28 -12.53
N THR B 143 13.09 -17.19 -11.96
CA THR B 143 13.46 -18.15 -10.88
C THR B 143 12.54 -17.90 -9.67
N MET B 144 12.26 -16.66 -9.36
CA MET B 144 11.37 -16.38 -8.22
C MET B 144 10.10 -17.15 -8.45
N LEU B 145 9.50 -16.95 -9.58
CA LEU B 145 8.25 -17.67 -9.89
C LEU B 145 8.53 -19.17 -9.94
N ASP B 146 9.73 -19.55 -10.33
CA ASP B 146 10.06 -20.98 -10.41
C ASP B 146 10.15 -21.61 -9.02
N ARG B 147 10.81 -20.98 -8.09
CA ARG B 147 10.92 -21.62 -6.74
C ARG B 147 9.56 -21.57 -6.04
N TYR B 148 8.95 -20.44 -6.00
CA TYR B 148 7.64 -20.32 -5.33
C TYR B 148 6.65 -21.29 -5.95
N PHE B 149 6.55 -21.29 -7.25
CA PHE B 149 5.59 -22.20 -7.90
C PHE B 149 6.12 -23.63 -7.89
N GLU B 150 7.40 -23.83 -7.95
CA GLU B 150 7.89 -25.23 -7.90
C GLU B 150 7.31 -25.86 -6.64
N ALA B 151 7.18 -25.07 -5.61
CA ALA B 151 6.58 -25.59 -4.35
C ALA B 151 5.06 -25.41 -4.43
N TYR B 152 4.54 -25.25 -5.62
CA TYR B 152 3.07 -25.02 -5.75
C TYR B 152 2.52 -25.62 -7.05
N LEU B 153 3.28 -25.59 -8.12
CA LEU B 153 2.76 -26.15 -9.42
C LEU B 153 3.62 -27.33 -9.90
N PRO B 154 4.03 -28.20 -9.01
CA PRO B 154 4.84 -29.40 -9.40
C PRO B 154 3.97 -30.45 -10.09
N GLN B 155 2.72 -30.54 -9.69
CA GLN B 155 1.80 -31.54 -10.32
C GLN B 155 0.52 -30.81 -10.74
N LYS B 156 0.19 -29.73 -10.09
CA LYS B 156 -1.05 -28.98 -10.45
C LYS B 156 -0.95 -28.55 -11.92
N THR B 157 0.23 -28.24 -12.38
CA THR B 157 0.39 -27.81 -13.80
C THR B 157 -0.15 -28.90 -14.73
N ALA B 158 0.06 -30.14 -14.39
CA ALA B 158 -0.44 -31.25 -15.25
C ALA B 158 -1.81 -31.72 -14.75
N SER B 159 -2.72 -32.00 -15.64
CA SER B 159 -4.07 -32.47 -15.22
C SER B 159 -4.64 -33.43 -16.26
N SER B 160 -5.62 -34.20 -15.90
CA SER B 160 -6.21 -35.16 -16.88
C SER B 160 -5.11 -36.06 -17.43
N SER B 161 -4.33 -36.66 -16.57
CA SER B 161 -3.24 -37.56 -17.04
C SER B 161 -3.85 -38.74 -17.81
N HIS B 162 -5.00 -39.19 -17.39
CA HIS B 162 -5.65 -40.33 -18.09
C HIS B 162 -4.70 -41.55 -18.11
N PRO B 163 -5.24 -42.73 -18.12
CA PRO B 163 -4.43 -43.98 -18.13
C PRO B 163 -3.67 -44.15 -19.46
N SER B 164 -2.51 -44.75 -19.41
CA SER B 164 -1.73 -44.96 -20.67
C SER B 164 -2.56 -45.79 -21.66
N ALA B 165 -3.37 -46.69 -21.14
CA ALA B 165 -4.20 -47.53 -22.05
C ALA B 165 -5.25 -48.26 -21.22
N MET A 3 -22.28 4.87 34.73
CA MET A 3 -21.26 4.66 33.67
C MET A 3 -20.96 5.99 32.98
N ALA A 4 -20.02 6.01 32.08
CA ALA A 4 -19.68 7.28 31.38
C ALA A 4 -19.46 8.40 32.41
N ALA A 5 -19.40 8.05 33.66
CA ALA A 5 -19.19 9.09 34.72
C ALA A 5 -17.88 9.83 34.45
N SER A 6 -16.96 9.19 33.77
CA SER A 6 -15.66 9.85 33.48
C SER A 6 -15.92 11.17 32.74
N GLY A 7 -17.08 11.31 32.16
CA GLY A 7 -17.40 12.57 31.42
C GLY A 7 -16.88 12.46 29.99
N GLU A 8 -16.68 13.57 29.34
CA GLU A 8 -16.16 13.54 27.94
C GLU A 8 -14.98 12.58 27.86
N GLN A 9 -14.84 11.88 26.77
CA GLN A 9 -13.70 10.93 26.63
C GLN A 9 -12.51 11.64 26.00
N ALA A 10 -11.48 10.91 25.67
CA ALA A 10 -10.27 11.52 25.05
C ALA A 10 -10.56 11.81 23.57
N PRO A 11 -9.90 12.79 23.00
CA PRO A 11 -10.08 13.14 21.57
C PRO A 11 -9.81 11.93 20.67
N CYS A 12 -10.38 11.90 19.50
CA CYS A 12 -10.13 10.76 18.59
C CYS A 12 -8.62 10.66 18.33
N SER A 13 -8.20 9.65 17.62
CA SER A 13 -6.75 9.51 17.34
C SER A 13 -6.52 9.56 15.84
N VAL A 14 -5.35 9.98 15.44
CA VAL A 14 -5.03 10.06 14.00
C VAL A 14 -3.77 9.24 13.73
N TYR A 15 -3.84 8.34 12.80
CA TYR A 15 -2.67 7.51 12.47
C TYR A 15 -1.85 8.25 11.41
N PHE A 16 -0.57 8.39 11.63
CA PHE A 16 0.27 9.13 10.64
C PHE A 16 0.96 8.15 9.70
N CYS A 17 0.89 8.40 8.42
CA CYS A 17 1.58 7.50 7.44
C CYS A 17 2.17 8.34 6.30
N GLY A 18 3.46 8.60 6.35
CA GLY A 18 4.11 9.41 5.27
C GLY A 18 5.34 8.69 4.74
N SER A 19 6.06 9.31 3.84
CA SER A 19 7.27 8.66 3.25
C SER A 19 8.50 8.95 4.12
N ILE A 20 9.12 7.91 4.63
CA ILE A 20 10.33 8.11 5.49
C ILE A 20 11.57 7.61 4.73
N ARG A 21 12.12 6.50 5.13
CA ARG A 21 13.31 5.95 4.42
C ARG A 21 14.56 6.76 4.78
N GLY A 22 14.40 7.88 5.43
CA GLY A 22 15.58 8.70 5.80
C GLY A 22 15.12 10.03 6.42
N GLY A 23 16.03 10.87 6.85
CA GLY A 23 15.62 12.17 7.43
C GLY A 23 14.61 12.81 6.49
N ARG A 24 15.08 13.53 5.51
CA ARG A 24 14.16 14.14 4.51
C ARG A 24 13.36 15.31 5.09
N GLU A 25 13.16 16.32 4.28
CA GLU A 25 12.34 17.46 4.72
C GLU A 25 10.99 16.88 5.05
N ASP A 26 10.75 15.69 4.56
CA ASP A 26 9.46 15.00 4.85
C ASP A 26 9.42 14.74 6.35
N GLN A 27 10.53 14.39 6.93
CA GLN A 27 10.55 14.17 8.41
C GLN A 27 10.35 15.52 9.07
N ALA A 28 10.99 16.53 8.56
CA ALA A 28 10.81 17.89 9.17
C ALA A 28 9.32 18.26 9.06
N LEU A 29 8.79 18.14 7.87
CA LEU A 29 7.35 18.46 7.66
C LEU A 29 6.50 17.52 8.52
N TYR A 30 6.93 16.30 8.69
CA TYR A 30 6.15 15.35 9.54
C TYR A 30 6.21 15.78 10.98
N ALA A 31 7.36 16.18 11.45
CA ALA A 31 7.44 16.58 12.88
C ALA A 31 6.54 17.80 13.10
N ARG A 32 6.48 18.71 12.17
CA ARG A 32 5.59 19.89 12.34
C ARG A 32 4.14 19.41 12.20
N ILE A 33 3.84 18.79 11.09
CA ILE A 33 2.46 18.27 10.87
C ILE A 33 2.09 17.40 12.06
N VAL A 34 2.99 16.56 12.47
CA VAL A 34 2.73 15.68 13.64
C VAL A 34 2.54 16.55 14.88
N SER A 35 3.14 17.71 14.91
CA SER A 35 2.98 18.60 16.09
C SER A 35 1.53 19.10 16.16
N ARG A 36 0.93 19.41 15.05
CA ARG A 36 -0.49 19.87 15.07
C ARG A 36 -1.38 18.70 15.46
N LEU A 37 -1.17 17.57 14.84
CA LEU A 37 -1.98 16.38 15.19
C LEU A 37 -1.69 16.06 16.65
N ARG A 38 -0.47 16.30 17.07
CA ARG A 38 -0.10 16.03 18.48
C ARG A 38 -0.90 16.98 19.38
N ARG A 39 -1.27 18.13 18.88
CA ARG A 39 -2.10 19.06 19.71
C ARG A 39 -3.49 18.45 19.81
N TYR A 40 -4.15 18.27 18.69
CA TYR A 40 -5.49 17.62 18.68
C TYR A 40 -5.36 16.38 17.80
N GLY A 41 -6.12 15.34 18.01
CA GLY A 41 -5.94 14.15 17.14
C GLY A 41 -4.79 13.32 17.70
N LYS A 42 -5.03 12.57 18.75
CA LYS A 42 -3.93 11.77 19.36
C LYS A 42 -3.10 11.16 18.23
N VAL A 43 -1.84 11.49 18.17
CA VAL A 43 -0.98 10.95 17.08
C VAL A 43 -0.50 9.55 17.45
N LEU A 44 -0.69 8.62 16.57
CA LEU A 44 -0.21 7.23 16.83
C LEU A 44 1.02 6.97 15.97
N THR A 45 1.68 5.86 16.17
CA THR A 45 2.89 5.57 15.35
C THR A 45 3.83 6.78 15.42
N GLU A 46 4.08 7.29 16.59
CA GLU A 46 4.98 8.47 16.74
C GLU A 46 6.29 8.21 15.99
N HIS A 47 6.60 6.96 15.73
CA HIS A 47 7.87 6.64 15.01
C HIS A 47 8.13 7.67 13.90
N VAL A 48 7.13 7.97 13.11
CA VAL A 48 7.34 8.98 12.03
C VAL A 48 7.82 10.29 12.65
N ALA A 49 8.38 11.17 11.86
CA ALA A 49 8.87 12.48 12.40
C ALA A 49 9.94 12.20 13.46
N ASP A 50 9.59 11.48 14.46
CA ASP A 50 10.58 11.15 15.51
C ASP A 50 11.72 10.34 14.88
N ALA A 51 11.82 10.38 13.57
CA ALA A 51 12.92 9.65 12.88
C ALA A 51 14.18 10.50 12.93
N GLU A 52 14.04 11.79 12.76
CA GLU A 52 15.23 12.68 12.82
C GLU A 52 16.07 12.29 14.03
N LEU A 53 15.49 11.54 14.92
CA LEU A 53 16.20 11.08 16.15
C LEU A 53 17.49 10.37 15.77
N GLU A 54 17.40 9.12 15.42
CA GLU A 54 18.61 8.35 15.06
C GLU A 54 18.24 7.18 14.14
N PRO A 55 17.19 6.46 14.47
CA PRO A 55 16.71 5.31 13.66
C PRO A 55 15.83 5.79 12.51
N LEU A 56 16.43 6.25 11.45
CA LEU A 56 15.63 6.77 10.30
C LEU A 56 15.45 5.67 9.25
N GLY A 57 14.44 5.80 8.44
CA GLY A 57 14.19 4.81 7.36
C GLY A 57 14.38 3.38 7.90
N GLU A 58 14.45 2.43 7.01
CA GLU A 58 14.62 1.01 7.45
C GLU A 58 16.06 0.80 7.93
N GLU A 59 17.00 1.52 7.38
CA GLU A 59 18.41 1.37 7.84
C GLU A 59 18.41 1.40 9.37
N ALA A 60 17.37 1.97 9.91
CA ALA A 60 17.23 2.05 11.40
C ALA A 60 17.32 0.63 11.99
N ALA A 61 18.49 0.20 12.34
CA ALA A 61 18.64 -1.17 12.91
C ALA A 61 17.73 -1.33 14.13
N GLY A 62 17.06 -0.28 14.52
CA GLY A 62 16.15 -0.37 15.70
C GLY A 62 15.25 -1.59 15.58
N GLY A 63 14.67 -1.79 14.44
CA GLY A 63 13.76 -2.95 14.24
C GLY A 63 12.75 -2.61 13.16
N ASP A 64 13.15 -2.70 11.93
CA ASP A 64 12.20 -2.39 10.82
C ASP A 64 10.90 -3.14 11.10
N GLN A 65 11.01 -4.38 11.44
CA GLN A 65 9.81 -5.19 11.76
C GLN A 65 9.10 -4.54 12.95
N PHE A 66 9.84 -4.16 13.94
CA PHE A 66 9.23 -3.50 15.14
C PHE A 66 8.54 -2.21 14.71
N ILE A 67 9.22 -1.42 13.94
CA ILE A 67 8.61 -0.13 13.47
C ILE A 67 7.27 -0.47 12.79
N HIS A 68 7.22 -1.54 12.05
CA HIS A 68 5.95 -1.94 11.37
C HIS A 68 4.97 -2.55 12.39
N GLU A 69 5.42 -3.47 13.19
CA GLU A 69 4.51 -4.11 14.19
C GLU A 69 3.77 -3.03 14.99
N GLN A 70 4.50 -2.17 15.65
CA GLN A 70 3.83 -1.11 16.45
C GLN A 70 3.03 -0.21 15.52
N ASP A 71 3.57 0.11 14.36
CA ASP A 71 2.84 1.00 13.42
C ASP A 71 1.51 0.34 13.01
N LEU A 72 1.50 -0.94 12.78
CA LEU A 72 0.23 -1.60 12.37
C LEU A 72 -0.69 -1.74 13.59
N ASN A 73 -0.15 -2.05 14.73
CA ASN A 73 -1.02 -2.20 15.93
C ASN A 73 -1.78 -0.89 16.11
N TRP A 74 -1.11 0.21 16.01
CA TRP A 74 -1.79 1.51 16.16
C TRP A 74 -2.69 1.74 14.93
N LEU A 75 -2.22 1.38 13.76
CA LEU A 75 -3.05 1.56 12.54
C LEU A 75 -4.34 0.78 12.72
N GLN A 76 -4.26 -0.33 13.41
CA GLN A 76 -5.47 -1.16 13.62
C GLN A 76 -6.32 -0.58 14.76
N GLN A 77 -5.71 0.10 15.69
CA GLN A 77 -6.52 0.69 16.80
C GLN A 77 -6.78 2.17 16.50
N ALA A 78 -6.39 2.62 15.34
CA ALA A 78 -6.58 4.06 14.99
C ALA A 78 -8.05 4.40 14.76
N ASP A 79 -8.49 5.48 15.36
CA ASP A 79 -9.91 5.92 15.17
C ASP A 79 -9.96 6.76 13.90
N VAL A 80 -8.87 7.44 13.60
CA VAL A 80 -8.82 8.27 12.36
C VAL A 80 -7.41 8.19 11.78
N VAL A 81 -7.30 8.07 10.49
CA VAL A 81 -5.93 7.93 9.88
C VAL A 81 -5.64 9.06 8.88
N VAL A 82 -4.39 9.44 8.77
CA VAL A 82 -4.00 10.53 7.83
C VAL A 82 -2.65 10.18 7.19
N ALA A 83 -2.64 9.94 5.91
CA ALA A 83 -1.36 9.59 5.23
C ALA A 83 -0.96 10.68 4.22
N GLU A 84 0.27 11.11 4.26
CA GLU A 84 0.72 12.14 3.30
C GLU A 84 1.29 11.40 2.08
N VAL A 85 0.67 11.53 0.94
CA VAL A 85 1.17 10.81 -0.26
C VAL A 85 2.25 11.64 -0.95
N THR A 86 1.94 12.36 -2.00
CA THR A 86 2.98 13.16 -2.70
C THR A 86 4.03 12.22 -3.30
N GLN A 87 5.27 12.37 -2.95
CA GLN A 87 6.31 11.47 -3.51
C GLN A 87 5.84 10.02 -3.37
N PRO A 88 6.22 9.18 -4.31
CA PRO A 88 5.82 7.73 -4.28
C PRO A 88 6.47 6.97 -3.12
N SER A 89 5.68 6.34 -2.30
CA SER A 89 6.26 5.59 -1.15
C SER A 89 5.48 4.28 -0.96
N LEU A 90 6.18 3.19 -0.86
CA LEU A 90 5.50 1.88 -0.67
C LEU A 90 4.89 1.82 0.73
N GLY A 91 5.60 2.29 1.71
CA GLY A 91 5.06 2.27 3.10
C GLY A 91 3.77 3.07 3.16
N VAL A 92 3.74 4.19 2.49
CA VAL A 92 2.50 5.02 2.49
C VAL A 92 1.41 4.30 1.70
N GLY A 93 1.74 3.81 0.54
CA GLY A 93 0.72 3.09 -0.26
C GLY A 93 0.24 1.89 0.54
N TYR A 94 1.16 1.15 1.10
CA TYR A 94 0.77 -0.03 1.92
C TYR A 94 -0.05 0.42 3.13
N GLU A 95 0.38 1.45 3.80
CA GLU A 95 -0.38 1.94 4.98
C GLU A 95 -1.79 2.35 4.53
N LEU A 96 -1.91 2.86 3.34
CA LEU A 96 -3.26 3.26 2.82
C LEU A 96 -4.06 2.00 2.50
N GLY A 97 -3.43 1.03 1.90
CA GLY A 97 -4.16 -0.22 1.54
C GLY A 97 -4.55 -0.95 2.83
N ARG A 98 -3.63 -1.12 3.74
CA ARG A 98 -3.96 -1.81 5.00
C ARG A 98 -5.08 -1.06 5.71
N ALA A 99 -5.02 0.26 5.73
CA ALA A 99 -6.10 1.02 6.40
C ALA A 99 -7.39 0.85 5.60
N VAL A 100 -7.30 0.84 4.31
CA VAL A 100 -8.53 0.65 3.50
C VAL A 100 -9.23 -0.60 4.02
N ALA A 101 -8.45 -1.60 4.32
CA ALA A 101 -9.01 -2.88 4.80
C ALA A 101 -9.56 -2.76 6.24
N LEU A 102 -8.81 -2.19 7.14
CA LEU A 102 -9.30 -2.08 8.56
C LEU A 102 -9.28 -0.62 9.04
N GLY A 103 -8.36 0.17 8.59
CA GLY A 103 -8.32 1.61 9.03
C GLY A 103 -9.46 2.36 8.31
N LYS A 104 -10.33 1.63 7.68
CA LYS A 104 -11.49 2.21 6.92
C LYS A 104 -11.42 3.75 6.82
N PRO A 105 -11.70 4.50 7.87
CA PRO A 105 -11.65 5.99 7.79
C PRO A 105 -10.23 6.48 7.53
N ILE A 106 -9.96 6.97 6.34
CA ILE A 106 -8.58 7.45 6.03
C ILE A 106 -8.60 8.80 5.32
N LEU A 107 -7.56 9.56 5.53
CA LEU A 107 -7.42 10.89 4.86
C LEU A 107 -6.04 10.91 4.20
N CYS A 108 -5.99 10.95 2.90
CA CYS A 108 -4.65 10.95 2.20
C CYS A 108 -4.45 12.28 1.49
N LEU A 109 -3.24 12.72 1.34
CA LEU A 109 -3.01 14.04 0.67
C LEU A 109 -1.91 13.94 -0.40
N PHE A 110 -2.13 14.54 -1.54
CA PHE A 110 -1.10 14.55 -2.63
C PHE A 110 -0.91 16.00 -3.08
N ARG A 111 0.31 16.40 -3.34
CA ARG A 111 0.55 17.82 -3.74
C ARG A 111 0.43 18.00 -5.26
N PRO A 112 -0.28 19.01 -5.69
CA PRO A 112 -0.45 19.31 -7.14
C PRO A 112 0.78 20.02 -7.72
N GLN A 113 1.36 20.90 -6.95
CA GLN A 113 2.57 21.63 -7.44
C GLN A 113 3.55 20.59 -7.99
N SER A 114 3.53 19.42 -7.43
CA SER A 114 4.44 18.34 -7.89
C SER A 114 3.68 17.47 -8.90
N GLY A 115 2.37 17.52 -8.85
CA GLY A 115 1.55 16.70 -9.80
C GLY A 115 2.20 15.34 -9.98
N ARG A 116 2.67 14.75 -8.92
CA ARG A 116 3.35 13.42 -9.05
C ARG A 116 2.32 12.38 -9.46
N VAL A 117 1.12 12.78 -9.76
CA VAL A 117 0.07 11.82 -10.18
C VAL A 117 -0.15 10.77 -9.09
N LEU A 118 -1.17 10.94 -8.32
CA LEU A 118 -1.46 9.95 -7.25
C LEU A 118 -1.57 8.56 -7.87
N SER A 119 -1.26 7.53 -7.14
CA SER A 119 -1.31 6.15 -7.70
C SER A 119 -2.72 5.83 -8.21
N ALA A 120 -2.79 5.12 -9.31
CA ALA A 120 -4.12 4.74 -9.86
C ALA A 120 -4.90 3.96 -8.81
N MET A 121 -4.23 3.08 -8.13
CA MET A 121 -4.90 2.27 -7.08
C MET A 121 -5.41 3.20 -5.98
N ILE A 122 -4.60 4.11 -5.56
CA ILE A 122 -5.03 5.04 -4.49
C ILE A 122 -6.24 5.84 -4.99
N ARG A 123 -6.21 6.30 -6.20
CA ARG A 123 -7.38 7.07 -6.69
C ARG A 123 -8.61 6.20 -6.53
N GLY A 124 -8.53 4.96 -6.90
CA GLY A 124 -9.72 4.09 -6.66
C GLY A 124 -10.04 4.32 -5.19
N ALA A 125 -9.00 4.40 -4.40
CA ALA A 125 -9.14 4.71 -2.97
C ALA A 125 -9.41 6.20 -2.92
N ALA A 126 -10.65 6.51 -2.98
CA ALA A 126 -11.13 7.91 -2.99
C ALA A 126 -12.63 7.93 -2.69
N ASP A 127 -13.07 7.10 -1.78
CA ASP A 127 -14.52 7.04 -1.45
C ASP A 127 -15.03 8.43 -1.07
N GLY A 128 -14.15 9.32 -0.70
CA GLY A 128 -14.59 10.70 -0.33
C GLY A 128 -15.38 10.67 0.97
N SER A 129 -15.81 9.51 1.41
CA SER A 129 -16.57 9.43 2.69
C SER A 129 -15.64 8.90 3.79
N ARG A 130 -15.34 7.63 3.76
CA ARG A 130 -14.40 7.07 4.78
C ARG A 130 -12.99 7.32 4.31
N PHE A 131 -12.72 6.97 3.07
CA PHE A 131 -11.37 7.21 2.49
C PHE A 131 -11.46 8.42 1.57
N GLN A 132 -10.60 9.40 1.71
CA GLN A 132 -10.71 10.60 0.83
C GLN A 132 -9.33 11.12 0.38
N VAL A 133 -9.21 11.44 -0.88
CA VAL A 133 -7.93 11.98 -1.43
C VAL A 133 -7.99 13.52 -1.38
N TRP A 134 -7.19 14.14 -0.55
CA TRP A 134 -7.22 15.65 -0.46
C TRP A 134 -5.95 16.22 -1.08
N ASP A 135 -6.08 17.30 -1.83
CA ASP A 135 -4.87 17.90 -2.44
C ASP A 135 -4.32 18.93 -1.47
N TYR A 136 -3.04 19.24 -1.53
CA TYR A 136 -2.51 20.21 -0.54
C TYR A 136 -1.07 20.62 -0.87
N ALA A 137 -0.50 21.43 -0.03
CA ALA A 137 0.91 21.87 -0.19
C ALA A 137 1.45 22.14 1.21
N GLU A 138 2.72 21.94 1.44
CA GLU A 138 3.27 22.17 2.81
C GLU A 138 2.69 23.46 3.40
N GLY A 139 2.44 24.46 2.60
CA GLY A 139 1.89 25.74 3.14
C GLY A 139 0.37 25.67 3.28
N GLU A 140 -0.21 24.52 3.05
CA GLU A 140 -1.71 24.39 3.18
C GLU A 140 -2.06 23.08 3.90
N VAL A 141 -1.07 22.28 4.20
CA VAL A 141 -1.37 20.99 4.87
C VAL A 141 -2.14 21.28 6.15
N GLU A 142 -1.70 22.23 6.92
CA GLU A 142 -2.41 22.57 8.18
C GLU A 142 -3.88 22.81 7.86
N THR A 143 -4.15 23.37 6.72
CA THR A 143 -5.57 23.64 6.35
C THR A 143 -6.27 22.31 6.07
N MET A 144 -5.60 21.38 5.44
CA MET A 144 -6.25 20.07 5.17
C MET A 144 -6.77 19.55 6.50
N LEU A 145 -5.91 19.48 7.46
CA LEU A 145 -6.34 18.99 8.79
C LEU A 145 -7.44 19.92 9.33
N ASP A 146 -7.29 21.20 9.12
CA ASP A 146 -8.31 22.17 9.63
C ASP A 146 -9.67 21.91 9.00
N ARG A 147 -9.75 21.71 7.71
CA ARG A 147 -11.09 21.48 7.10
C ARG A 147 -11.63 20.14 7.57
N TYR A 148 -10.83 19.12 7.43
CA TYR A 148 -11.27 17.78 7.86
C TYR A 148 -11.66 17.80 9.34
N PHE A 149 -10.85 18.43 10.15
CA PHE A 149 -11.18 18.47 11.60
C PHE A 149 -12.33 19.41 11.86
N GLU A 150 -12.46 20.47 11.11
CA GLU A 150 -13.61 21.38 11.34
C GLU A 150 -14.87 20.54 11.19
N ALA A 151 -14.82 19.54 10.36
CA ALA A 151 -16.00 18.66 10.17
C ALA A 151 -15.82 17.43 11.06
N TYR A 152 -15.10 17.53 12.13
CA TYR A 152 -14.87 16.32 12.97
C TYR A 152 -14.89 16.60 14.49
N LEU A 153 -13.79 17.05 15.03
CA LEU A 153 -13.71 17.28 16.51
C LEU A 153 -14.83 18.20 17.03
N PRO A 154 -14.92 19.40 16.55
CA PRO A 154 -15.97 20.36 16.98
C PRO A 154 -17.33 19.67 17.15
N GLN A 155 -17.50 18.52 16.56
CA GLN A 155 -18.80 17.79 16.69
C GLN A 155 -18.81 16.93 17.95
N LYS A 156 -17.93 15.97 18.04
CA LYS A 156 -17.89 15.08 19.24
C LYS A 156 -17.45 15.88 20.46
N THR A 157 -17.09 17.13 20.28
CA THR A 157 -16.65 17.96 21.43
C THR A 157 -17.67 17.84 22.57
N ALA A 158 -18.93 17.76 22.25
CA ALA A 158 -19.96 17.65 23.31
C ALA A 158 -21.33 17.30 22.69
N SER A 159 -21.35 16.38 21.77
CA SER A 159 -22.65 16.00 21.13
C SER A 159 -23.54 15.32 22.16
N SER A 160 -22.96 14.59 23.08
CA SER A 160 -23.78 13.90 24.11
C SER A 160 -24.39 14.94 25.05
N SER A 161 -25.40 14.55 25.80
CA SER A 161 -26.05 15.52 26.72
C SER A 161 -25.35 15.48 28.08
N HIS A 162 -25.36 16.57 28.80
CA HIS A 162 -24.70 16.61 30.13
C HIS A 162 -25.69 17.13 31.18
N PRO A 163 -26.61 16.31 31.59
CA PRO A 163 -27.65 16.69 32.59
C PRO A 163 -27.04 17.35 33.83
N SER A 164 -25.76 17.18 34.04
CA SER A 164 -25.12 17.79 35.24
C SER A 164 -25.92 17.45 36.49
N ALA A 165 -25.55 16.41 37.19
CA ALA A 165 -26.31 16.03 38.42
C ALA A 165 -25.69 16.72 39.64
N MET B 3 -20.09 -35.25 -8.81
CA MET B 3 -19.50 -33.89 -8.74
C MET B 3 -18.02 -33.96 -9.14
N ALA B 4 -17.37 -32.83 -9.22
CA ALA B 4 -15.93 -32.83 -9.61
C ALA B 4 -15.74 -33.66 -10.87
N ALA B 5 -16.82 -34.03 -11.52
CA ALA B 5 -16.70 -34.84 -12.76
C ALA B 5 -15.89 -34.05 -13.80
N SER B 6 -15.88 -32.76 -13.69
CA SER B 6 -15.11 -31.93 -14.67
C SER B 6 -13.65 -32.38 -14.66
N GLY B 7 -13.24 -33.07 -13.63
CA GLY B 7 -11.82 -33.53 -13.56
C GLY B 7 -10.95 -32.42 -12.98
N GLU B 8 -9.66 -32.47 -13.23
CA GLU B 8 -8.76 -31.42 -12.69
C GLU B 8 -9.36 -30.05 -12.97
N GLN B 9 -9.18 -29.11 -12.08
CA GLN B 9 -9.74 -27.74 -12.29
C GLN B 9 -8.72 -26.88 -13.02
N ALA B 10 -9.00 -25.61 -13.14
CA ALA B 10 -8.05 -24.69 -13.83
C ALA B 10 -6.89 -24.35 -12.88
N PRO B 11 -5.74 -24.03 -13.43
CA PRO B 11 -4.56 -23.66 -12.58
C PRO B 11 -4.88 -22.49 -11.66
N CYS B 12 -4.18 -22.36 -10.58
CA CYS B 12 -4.45 -21.22 -9.66
C CYS B 12 -4.27 -19.91 -10.43
N SER B 13 -4.55 -18.80 -9.82
CA SER B 13 -4.39 -17.50 -10.53
C SER B 13 -3.37 -16.64 -9.79
N VAL B 14 -2.73 -15.77 -10.50
CA VAL B 14 -1.71 -14.89 -9.88
C VAL B 14 -2.08 -13.44 -10.16
N TYR B 15 -2.16 -12.65 -9.13
CA TYR B 15 -2.51 -11.23 -9.31
C TYR B 15 -1.21 -10.45 -9.54
N PHE B 16 -1.16 -9.66 -10.56
CA PHE B 16 0.09 -8.90 -10.85
C PHE B 16 0.00 -7.48 -10.28
N CYS B 17 1.01 -7.05 -9.59
CA CYS B 17 0.99 -5.67 -9.03
C CYS B 17 2.41 -5.06 -9.12
N GLY B 18 2.64 -4.23 -10.09
CA GLY B 18 4.00 -3.61 -10.24
C GLY B 18 3.88 -2.09 -10.38
N SER B 19 4.97 -1.41 -10.59
CA SER B 19 4.93 0.07 -10.71
C SER B 19 4.65 0.46 -12.17
N ILE B 20 3.59 1.17 -12.41
CA ILE B 20 3.25 1.61 -13.79
C ILE B 20 3.44 3.13 -13.90
N ARG B 21 2.36 3.87 -13.99
CA ARG B 21 2.48 5.34 -14.09
C ARG B 21 2.94 5.76 -15.49
N GLY B 22 3.36 4.82 -16.30
CA GLY B 22 3.81 5.17 -17.67
C GLY B 22 4.40 3.93 -18.35
N GLY B 23 4.81 4.04 -19.59
CA GLY B 23 5.40 2.86 -20.28
C GLY B 23 6.44 2.24 -19.36
N ARG B 24 7.64 2.73 -19.39
CA ARG B 24 8.69 2.22 -18.47
C ARG B 24 9.17 0.81 -18.85
N GLU B 25 10.45 0.58 -18.70
CA GLU B 25 10.99 -0.77 -18.97
C GLU B 25 10.24 -1.69 -18.01
N ASP B 26 9.63 -1.11 -17.02
CA ASP B 26 8.85 -1.89 -16.04
C ASP B 26 7.68 -2.51 -16.79
N GLN B 27 7.10 -1.78 -17.70
CA GLN B 27 5.98 -2.34 -18.51
C GLN B 27 6.56 -3.43 -19.39
N ALA B 28 7.70 -3.17 -19.99
CA ALA B 28 8.33 -4.21 -20.85
C ALA B 28 8.59 -5.44 -20.00
N LEU B 29 9.24 -5.24 -18.88
CA LEU B 29 9.53 -6.37 -17.97
C LEU B 29 8.21 -6.99 -17.51
N TYR B 30 7.20 -6.19 -17.32
CA TYR B 30 5.89 -6.74 -16.87
C TYR B 30 5.29 -7.56 -17.99
N ALA B 31 5.35 -7.10 -19.20
CA ALA B 31 4.74 -7.89 -20.30
C ALA B 31 5.47 -9.22 -20.42
N ARG B 32 6.77 -9.24 -20.24
CA ARG B 32 7.49 -10.54 -20.30
C ARG B 32 7.14 -11.36 -19.06
N ILE B 33 7.34 -10.79 -17.90
CA ILE B 33 7.01 -11.50 -16.64
C ILE B 33 5.56 -11.94 -16.72
N VAL B 34 4.72 -11.06 -17.17
CA VAL B 34 3.27 -11.41 -17.30
C VAL B 34 3.12 -12.52 -18.33
N SER B 35 4.02 -12.61 -19.27
CA SER B 35 3.93 -13.68 -20.29
C SER B 35 4.16 -15.04 -19.62
N ARG B 36 5.09 -15.12 -18.71
CA ARG B 36 5.33 -16.42 -18.01
C ARG B 36 4.13 -16.73 -17.12
N LEU B 37 3.69 -15.78 -16.36
CA LEU B 37 2.51 -16.01 -15.49
C LEU B 37 1.35 -16.32 -16.42
N ARG B 38 1.33 -15.70 -17.56
CA ARG B 38 0.24 -15.96 -18.55
C ARG B 38 0.32 -17.41 -19.00
N ARG B 39 1.51 -17.99 -19.00
CA ARG B 39 1.63 -19.42 -19.40
C ARG B 39 1.01 -20.25 -18.26
N TYR B 40 1.55 -20.14 -17.09
CA TYR B 40 0.99 -20.86 -15.90
C TYR B 40 0.62 -19.79 -14.87
N GLY B 41 -0.35 -19.99 -14.02
CA GLY B 41 -0.68 -18.91 -13.07
C GLY B 41 -1.60 -17.92 -13.77
N LYS B 42 -2.87 -18.26 -13.91
CA LYS B 42 -3.81 -17.33 -14.61
C LYS B 42 -3.48 -15.90 -14.19
N VAL B 43 -3.11 -15.06 -15.12
CA VAL B 43 -2.77 -13.67 -14.77
C VAL B 43 -4.03 -12.82 -14.66
N LEU B 44 -4.20 -12.14 -13.57
CA LEU B 44 -5.40 -11.28 -13.40
C LEU B 44 -4.96 -9.82 -13.56
N THR B 45 -5.89 -8.90 -13.60
CA THR B 45 -5.50 -7.47 -13.76
C THR B 45 -4.57 -7.33 -14.97
N GLU B 46 -4.94 -7.92 -16.07
CA GLU B 46 -4.08 -7.85 -17.28
C GLU B 46 -3.70 -6.39 -17.56
N HIS B 47 -4.47 -5.46 -17.04
CA HIS B 47 -4.17 -4.02 -17.27
C HIS B 47 -2.66 -3.77 -17.25
N VAL B 48 -1.98 -4.30 -16.28
CA VAL B 48 -0.50 -4.09 -16.22
C VAL B 48 0.13 -4.62 -17.50
N ALA B 49 1.35 -4.23 -17.79
CA ALA B 49 2.01 -4.71 -19.05
C ALA B 49 1.19 -4.27 -20.24
N ASP B 50 -0.03 -4.66 -20.30
CA ASP B 50 -0.90 -4.26 -21.42
C ASP B 50 -1.03 -2.73 -21.40
N ALA B 51 -0.15 -2.05 -20.70
CA ALA B 51 -0.20 -0.57 -20.65
C ALA B 51 0.50 -0.02 -21.90
N GLU B 52 1.57 -0.64 -22.30
CA GLU B 52 2.28 -0.15 -23.53
C GLU B 52 1.25 0.09 -24.63
N LEU B 53 0.06 -0.43 -24.44
CA LEU B 53 -1.03 -0.25 -25.43
C LEU B 53 -1.25 1.24 -25.71
N GLU B 54 -1.98 1.90 -24.86
CA GLU B 54 -2.26 3.34 -25.07
C GLU B 54 -2.59 4.01 -23.73
N PRO B 55 -3.40 3.38 -22.91
CA PRO B 55 -3.78 3.92 -21.58
C PRO B 55 -2.72 3.56 -20.53
N LEU B 56 -1.65 4.31 -20.49
CA LEU B 56 -0.57 4.00 -19.51
C LEU B 56 -0.73 4.85 -18.25
N GLY B 57 -0.17 4.39 -17.17
CA GLY B 57 -0.25 5.16 -15.90
C GLY B 57 -1.66 5.71 -15.70
N GLU B 58 -1.82 6.61 -14.76
CA GLU B 58 -3.16 7.18 -14.49
C GLU B 58 -3.55 8.15 -15.61
N GLU B 59 -2.58 8.78 -16.22
CA GLU B 59 -2.91 9.72 -17.34
C GLU B 59 -3.86 8.98 -18.28
N ALA B 60 -3.87 7.68 -18.19
CA ALA B 60 -4.76 6.86 -19.04
C ALA B 60 -6.22 7.29 -18.80
N ALA B 61 -6.70 8.21 -19.58
CA ALA B 61 -8.11 8.69 -19.39
C ALA B 61 -9.06 7.50 -19.46
N GLY B 62 -8.56 6.32 -19.74
CA GLY B 62 -9.44 5.13 -19.83
C GLY B 62 -10.35 5.07 -18.60
N GLY B 63 -9.79 5.25 -17.44
CA GLY B 63 -10.62 5.18 -16.20
C GLY B 63 -9.72 4.75 -15.05
N ASP B 64 -8.97 5.67 -14.52
CA ASP B 64 -8.07 5.33 -13.38
C ASP B 64 -8.89 4.55 -12.36
N GLN B 65 -10.05 5.06 -12.06
CA GLN B 65 -10.95 4.36 -11.09
C GLN B 65 -11.27 2.96 -11.65
N PHE B 66 -11.58 2.89 -12.92
CA PHE B 66 -11.90 1.57 -13.54
C PHE B 66 -10.67 0.66 -13.43
N ILE B 67 -9.52 1.18 -13.77
CA ILE B 67 -8.29 0.34 -13.69
C ILE B 67 -8.19 -0.20 -12.25
N HIS B 68 -8.53 0.61 -11.28
CA HIS B 68 -8.47 0.14 -9.86
C HIS B 68 -9.64 -0.80 -9.56
N GLU B 69 -10.84 -0.42 -9.92
CA GLU B 69 -12.02 -1.29 -9.62
C GLU B 69 -11.76 -2.71 -10.13
N GLN B 70 -11.50 -2.86 -11.40
CA GLN B 70 -11.24 -4.22 -11.93
C GLN B 70 -10.00 -4.81 -11.27
N ASP B 71 -8.98 -4.00 -11.08
CA ASP B 71 -7.75 -4.52 -10.44
C ASP B 71 -8.07 -5.04 -9.03
N LEU B 72 -8.89 -4.34 -8.29
CA LEU B 72 -9.20 -4.83 -6.91
C LEU B 72 -10.15 -6.02 -6.99
N ASN B 73 -11.10 -6.00 -7.88
CA ASN B 73 -12.04 -7.16 -7.98
C ASN B 73 -11.21 -8.42 -8.20
N TRP B 74 -10.26 -8.36 -9.08
CA TRP B 74 -9.40 -9.54 -9.32
C TRP B 74 -8.50 -9.76 -8.11
N LEU B 75 -7.97 -8.70 -7.55
CA LEU B 75 -7.11 -8.85 -6.35
C LEU B 75 -7.90 -9.54 -5.26
N GLN B 76 -9.17 -9.31 -5.22
CA GLN B 76 -10.02 -9.94 -4.18
C GLN B 76 -10.37 -11.38 -4.59
N GLN B 77 -10.42 -11.67 -5.86
CA GLN B 77 -10.74 -13.06 -6.28
C GLN B 77 -9.44 -13.79 -6.62
N ALA B 78 -8.32 -13.15 -6.37
CA ALA B 78 -7.00 -13.79 -6.70
C ALA B 78 -6.69 -14.97 -5.77
N ASP B 79 -6.28 -16.07 -6.33
CA ASP B 79 -5.91 -17.25 -5.51
C ASP B 79 -4.45 -17.08 -5.09
N VAL B 80 -3.67 -16.43 -5.93
CA VAL B 80 -2.23 -16.19 -5.61
C VAL B 80 -1.84 -14.81 -6.13
N VAL B 81 -1.09 -14.07 -5.37
CA VAL B 81 -0.72 -12.69 -5.83
C VAL B 81 0.81 -12.52 -5.93
N VAL B 82 1.24 -11.70 -6.86
CA VAL B 82 2.70 -11.45 -7.04
C VAL B 82 2.93 -9.97 -7.36
N ALA B 83 3.60 -9.27 -6.49
CA ALA B 83 3.84 -7.81 -6.75
C ALA B 83 5.34 -7.54 -6.89
N GLU B 84 5.72 -6.83 -7.91
CA GLU B 84 7.15 -6.49 -8.10
C GLU B 84 7.41 -5.17 -7.39
N VAL B 85 8.20 -5.17 -6.36
CA VAL B 85 8.46 -3.90 -5.62
C VAL B 85 9.60 -3.13 -6.30
N THR B 86 10.82 -3.22 -5.80
CA THR B 86 11.93 -2.47 -6.44
C THR B 86 11.67 -0.97 -6.30
N GLN B 87 11.62 -0.26 -7.39
CA GLN B 87 11.37 1.20 -7.32
C GLN B 87 10.15 1.46 -6.42
N PRO B 88 10.14 2.56 -5.69
CA PRO B 88 9.01 2.90 -4.78
C PRO B 88 7.72 3.20 -5.56
N SER B 89 6.66 2.52 -5.25
CA SER B 89 5.37 2.76 -5.97
C SER B 89 4.21 2.68 -4.99
N LEU B 90 3.35 3.66 -4.99
CA LEU B 90 2.19 3.64 -4.06
C LEU B 90 1.20 2.56 -4.49
N GLY B 91 0.97 2.43 -5.77
CA GLY B 91 0.01 1.39 -6.23
C GLY B 91 0.51 0.02 -5.81
N VAL B 92 1.79 -0.21 -5.90
CA VAL B 92 2.35 -1.53 -5.47
C VAL B 92 2.26 -1.65 -3.96
N GLY B 93 2.66 -0.64 -3.25
CA GLY B 93 2.57 -0.72 -1.76
C GLY B 93 1.10 -0.91 -1.38
N TYR B 94 0.24 -0.14 -1.96
CA TYR B 94 -1.22 -0.27 -1.67
C TYR B 94 -1.70 -1.65 -2.07
N GLU B 95 -1.31 -2.11 -3.24
CA GLU B 95 -1.76 -3.46 -3.69
C GLU B 95 -1.24 -4.50 -2.70
N LEU B 96 -0.09 -4.28 -2.12
CA LEU B 96 0.45 -5.26 -1.13
C LEU B 96 -0.35 -5.13 0.17
N GLY B 97 -0.65 -3.94 0.58
CA GLY B 97 -1.43 -3.74 1.84
C GLY B 97 -2.84 -4.31 1.66
N ARG B 98 -3.49 -3.96 0.59
CA ARG B 98 -4.86 -4.49 0.36
C ARG B 98 -4.80 -6.01 0.31
N ALA B 99 -3.81 -6.56 -0.36
CA ALA B 99 -3.72 -8.05 -0.42
C ALA B 99 -3.42 -8.58 0.98
N VAL B 100 -2.58 -7.91 1.72
CA VAL B 100 -2.27 -8.37 3.09
C VAL B 100 -3.61 -8.59 3.80
N ALA B 101 -4.51 -7.68 3.58
CA ALA B 101 -5.84 -7.75 4.24
C ALA B 101 -6.71 -8.87 3.67
N LEU B 102 -6.81 -8.99 2.38
CA LEU B 102 -7.67 -10.06 1.79
C LEU B 102 -6.87 -10.94 0.81
N GLY B 103 -5.93 -10.39 0.12
CA GLY B 103 -5.11 -11.22 -0.83
C GLY B 103 -4.15 -12.10 -0.02
N LYS B 104 -4.34 -12.11 1.28
CA LYS B 104 -3.48 -12.91 2.21
C LYS B 104 -2.24 -13.53 1.52
N PRO B 105 -2.38 -14.56 0.72
CA PRO B 105 -1.19 -15.17 0.04
C PRO B 105 -0.55 -14.20 -0.95
N ILE B 106 0.61 -13.66 -0.62
CA ILE B 106 1.26 -12.69 -1.55
C ILE B 106 2.74 -12.99 -1.73
N LEU B 107 3.25 -12.65 -2.89
CA LEU B 107 4.69 -12.83 -3.18
C LEU B 107 5.22 -11.49 -3.69
N CYS B 108 6.10 -10.85 -2.96
CA CYS B 108 6.62 -9.53 -3.41
C CYS B 108 8.11 -9.65 -3.72
N LEU B 109 8.62 -8.86 -4.63
CA LEU B 109 10.07 -8.98 -4.97
C LEU B 109 10.76 -7.60 -5.00
N PHE B 110 11.94 -7.51 -4.44
CA PHE B 110 12.70 -6.22 -4.45
C PHE B 110 14.11 -6.53 -4.98
N ARG B 111 14.65 -5.66 -5.80
CA ARG B 111 16.00 -5.94 -6.37
C ARG B 111 17.12 -5.41 -5.45
N PRO B 112 18.13 -6.21 -5.20
CA PRO B 112 19.27 -5.79 -4.34
C PRO B 112 20.25 -4.91 -5.13
N GLN B 113 20.48 -5.25 -6.38
CA GLN B 113 21.41 -4.42 -7.21
C GLN B 113 21.03 -2.95 -7.03
N SER B 114 19.78 -2.70 -6.82
CA SER B 114 19.32 -1.31 -6.63
C SER B 114 19.26 -1.01 -5.12
N GLY B 115 19.20 -2.05 -4.33
CA GLY B 115 19.14 -1.86 -2.85
C GLY B 115 18.26 -0.65 -2.53
N ARG B 116 17.16 -0.52 -3.19
CA ARG B 116 16.27 0.64 -2.94
C ARG B 116 15.67 0.54 -1.54
N VAL B 117 16.11 -0.42 -0.78
CA VAL B 117 15.59 -0.60 0.61
C VAL B 117 14.07 -0.77 0.59
N LEU B 118 13.63 -1.99 0.70
CA LEU B 118 12.18 -2.26 0.69
C LEU B 118 11.51 -1.42 1.79
N SER B 119 10.28 -1.05 1.61
CA SER B 119 9.58 -0.21 2.63
C SER B 119 9.59 -0.88 4.00
N ALA B 120 9.75 -0.11 5.04
CA ALA B 120 9.74 -0.68 6.42
C ALA B 120 8.41 -1.41 6.64
N MET B 121 7.34 -0.81 6.21
CA MET B 121 6.00 -1.44 6.38
C MET B 121 5.98 -2.75 5.62
N ILE B 122 6.45 -2.76 4.41
CA ILE B 122 6.44 -4.00 3.62
C ILE B 122 7.29 -5.06 4.33
N ARG B 123 8.44 -4.68 4.83
CA ARG B 123 9.26 -5.69 5.54
C ARG B 123 8.43 -6.30 6.63
N GLY B 124 7.71 -5.50 7.39
CA GLY B 124 6.83 -6.12 8.40
C GLY B 124 6.03 -7.15 7.62
N ALA B 125 5.64 -6.76 6.43
CA ALA B 125 4.95 -7.67 5.51
C ALA B 125 6.05 -8.59 4.97
N ALA B 126 6.25 -9.64 5.66
CA ALA B 126 7.29 -10.63 5.32
C ALA B 126 7.01 -11.92 6.12
N ASP B 127 5.77 -12.30 6.23
CA ASP B 127 5.40 -13.53 7.00
C ASP B 127 6.19 -14.72 6.46
N GLY B 128 6.68 -14.63 5.26
CA GLY B 128 7.47 -15.77 4.69
C GLY B 128 6.55 -16.96 4.43
N SER B 129 5.37 -16.96 4.98
CA SER B 129 4.42 -18.10 4.73
C SER B 129 3.37 -17.66 3.70
N ARG B 130 2.44 -16.84 4.11
CA ARG B 130 1.41 -16.36 3.15
C ARG B 130 2.00 -15.16 2.40
N PHE B 131 2.56 -14.24 3.14
CA PHE B 131 3.19 -13.05 2.51
C PHE B 131 4.70 -13.25 2.56
N GLN B 132 5.41 -13.10 1.46
CA GLN B 132 6.88 -13.33 1.51
C GLN B 132 7.64 -12.30 0.66
N VAL B 133 8.72 -11.77 1.20
CA VAL B 133 9.55 -10.80 0.44
C VAL B 133 10.69 -11.56 -0.27
N TRP B 134 10.68 -11.63 -1.57
CA TRP B 134 11.76 -12.37 -2.30
C TRP B 134 12.69 -11.39 -3.01
N ASP B 135 13.97 -11.62 -2.98
CA ASP B 135 14.91 -10.69 -3.67
C ASP B 135 15.09 -11.19 -5.10
N TYR B 136 15.43 -10.34 -6.03
CA TYR B 136 15.58 -10.83 -7.43
C TYR B 136 16.18 -9.78 -8.34
N ALA B 137 16.30 -10.10 -9.60
CA ALA B 137 16.81 -9.16 -10.61
C ALA B 137 16.15 -9.54 -11.95
N GLU B 138 15.92 -8.58 -12.81
CA GLU B 138 15.25 -8.92 -14.11
C GLU B 138 15.81 -10.23 -14.68
N GLY B 139 17.07 -10.49 -14.50
CA GLY B 139 17.66 -11.74 -15.06
C GLY B 139 17.42 -12.93 -14.11
N GLU B 140 16.65 -12.74 -13.07
CA GLU B 140 16.39 -13.87 -12.12
C GLU B 140 14.91 -13.87 -11.71
N VAL B 141 14.16 -12.91 -12.16
CA VAL B 141 12.73 -12.84 -11.79
C VAL B 141 12.07 -14.17 -12.19
N GLU B 142 12.33 -14.62 -13.39
CA GLU B 142 11.73 -15.90 -13.85
C GLU B 142 12.05 -16.98 -12.82
N THR B 143 13.19 -16.90 -12.20
CA THR B 143 13.54 -17.93 -11.19
C THR B 143 12.67 -17.72 -9.95
N MET B 144 12.40 -16.51 -9.58
CA MET B 144 11.55 -16.28 -8.38
C MET B 144 10.26 -17.05 -8.61
N LEU B 145 9.63 -16.82 -9.72
CA LEU B 145 8.38 -17.55 -10.02
C LEU B 145 8.67 -19.05 -10.06
N ASP B 146 9.78 -19.43 -10.61
CA ASP B 146 10.14 -20.88 -10.71
C ASP B 146 10.27 -21.50 -9.32
N ARG B 147 10.94 -20.87 -8.41
CA ARG B 147 11.09 -21.48 -7.06
C ARG B 147 9.72 -21.51 -6.37
N TYR B 148 9.08 -20.37 -6.33
CA TYR B 148 7.75 -20.30 -5.69
C TYR B 148 6.81 -21.28 -6.35
N PHE B 149 6.80 -21.33 -7.65
CA PHE B 149 5.88 -22.27 -8.33
C PHE B 149 6.37 -23.70 -8.18
N GLU B 150 7.65 -23.93 -8.13
CA GLU B 150 8.11 -25.33 -7.93
C GLU B 150 7.50 -25.83 -6.64
N ALA B 151 7.27 -24.94 -5.72
CA ALA B 151 6.65 -25.35 -4.42
C ALA B 151 5.15 -25.07 -4.50
N TYR B 152 4.57 -25.07 -5.68
CA TYR B 152 3.12 -24.74 -5.77
C TYR B 152 2.36 -25.58 -6.81
N LEU B 153 2.42 -25.21 -8.06
CA LEU B 153 1.64 -25.94 -9.11
C LEU B 153 1.94 -27.44 -9.12
N PRO B 154 3.16 -27.84 -9.32
CA PRO B 154 3.54 -29.28 -9.35
C PRO B 154 2.83 -30.08 -8.25
N GLN B 155 2.31 -29.40 -7.25
CA GLN B 155 1.61 -30.13 -6.15
C GLN B 155 0.13 -30.32 -6.51
N LYS B 156 -0.60 -29.25 -6.68
CA LYS B 156 -2.04 -29.38 -7.01
C LYS B 156 -2.20 -29.99 -8.42
N THR B 157 -1.11 -30.19 -9.10
CA THR B 157 -1.21 -30.77 -10.47
C THR B 157 -2.09 -32.01 -10.44
N ALA B 158 -2.00 -32.80 -9.40
CA ALA B 158 -2.85 -34.03 -9.33
C ALA B 158 -2.79 -34.61 -7.91
N SER B 159 -2.91 -33.78 -6.91
CA SER B 159 -2.86 -34.28 -5.51
C SER B 159 -4.10 -35.13 -5.23
N SER B 160 -5.22 -34.78 -5.81
CA SER B 160 -6.46 -35.58 -5.58
C SER B 160 -6.31 -36.96 -6.23
N SER B 161 -7.15 -37.89 -5.85
CA SER B 161 -7.05 -39.26 -6.45
C SER B 161 -7.91 -39.33 -7.70
N HIS B 162 -7.55 -40.17 -8.63
CA HIS B 162 -8.33 -40.31 -9.89
C HIS B 162 -8.67 -41.78 -10.12
N PRO B 163 -9.62 -42.30 -9.40
CA PRO B 163 -10.04 -43.73 -9.52
C PRO B 163 -10.32 -44.13 -10.97
N SER B 164 -10.49 -43.18 -11.84
CA SER B 164 -10.77 -43.52 -13.26
C SER B 164 -11.91 -44.52 -13.34
N ALA B 165 -13.11 -44.06 -13.51
CA ALA B 165 -14.28 -45.00 -13.58
C ALA B 165 -14.14 -45.88 -14.82
N MET A 3 -16.13 -3.02 40.20
CA MET A 3 -14.79 -3.67 40.30
C MET A 3 -13.93 -3.26 39.08
N ALA A 4 -14.56 -2.78 38.05
CA ALA A 4 -13.78 -2.35 36.85
C ALA A 4 -12.83 -1.23 37.23
N ALA A 5 -11.70 -1.15 36.57
CA ALA A 5 -10.72 -0.08 36.91
C ALA A 5 -11.25 1.27 36.40
N SER A 6 -11.03 2.32 37.15
CA SER A 6 -11.52 3.66 36.71
C SER A 6 -10.38 4.41 36.00
N GLY A 7 -10.72 5.23 35.04
CA GLY A 7 -9.66 5.99 34.31
C GLY A 7 -10.23 7.33 33.84
N GLU A 8 -9.40 8.16 33.28
CA GLU A 8 -9.88 9.49 32.80
C GLU A 8 -10.10 9.43 31.29
N GLN A 9 -10.84 10.36 30.74
CA GLN A 9 -11.08 10.36 29.27
C GLN A 9 -9.80 10.74 28.54
N ALA A 10 -9.83 10.73 27.24
CA ALA A 10 -8.61 11.09 26.46
C ALA A 10 -9.02 11.59 25.07
N PRO A 11 -8.21 12.41 24.45
CA PRO A 11 -8.50 12.94 23.09
C PRO A 11 -8.69 11.82 22.08
N CYS A 12 -8.48 12.11 20.83
CA CYS A 12 -8.59 11.05 19.79
C CYS A 12 -7.19 10.76 19.30
N SER A 13 -7.00 9.77 18.48
CA SER A 13 -5.62 9.48 18.00
C SER A 13 -5.58 9.72 16.49
N VAL A 14 -4.41 9.93 15.97
CA VAL A 14 -4.27 10.17 14.52
C VAL A 14 -3.08 9.39 13.98
N TYR A 15 -3.26 8.73 12.88
CA TYR A 15 -2.14 7.95 12.28
C TYR A 15 -1.81 8.59 10.94
N PHE A 16 -0.82 9.42 10.90
CA PHE A 16 -0.45 10.08 9.62
C PHE A 16 0.64 9.27 8.92
N CYS A 17 0.44 8.90 7.68
CA CYS A 17 1.48 8.12 6.95
C CYS A 17 2.24 9.07 6.01
N GLY A 18 3.54 9.03 6.06
CA GLY A 18 4.35 9.93 5.17
C GLY A 18 5.35 9.12 4.37
N SER A 19 6.62 9.43 4.47
CA SER A 19 7.64 8.67 3.71
C SER A 19 8.99 8.81 4.42
N ILE A 20 9.74 7.75 4.53
CA ILE A 20 11.06 7.84 5.22
C ILE A 20 12.07 6.93 4.52
N ARG A 21 13.32 7.29 4.55
CA ARG A 21 14.36 6.45 3.90
C ARG A 21 15.73 6.91 4.39
N GLY A 22 15.76 7.87 5.27
CA GLY A 22 17.06 8.37 5.81
C GLY A 22 16.80 9.64 6.62
N GLY A 23 15.55 9.97 6.82
CA GLY A 23 15.23 11.20 7.60
C GLY A 23 15.63 12.42 6.77
N ARG A 24 14.71 12.97 6.01
CA ARG A 24 15.08 14.13 5.15
C ARG A 24 14.12 15.32 5.36
N GLU A 25 13.94 16.12 4.34
CA GLU A 25 13.03 17.29 4.47
C GLU A 25 11.62 16.78 4.70
N ASP A 26 11.24 15.74 4.01
CA ASP A 26 9.89 15.17 4.21
C ASP A 26 9.74 14.85 5.69
N GLN A 27 10.82 14.45 6.34
CA GLN A 27 10.74 14.16 7.79
C GLN A 27 10.51 15.47 8.55
N ALA A 28 11.13 16.53 8.12
CA ALA A 28 10.93 17.83 8.80
C ALA A 28 9.45 18.21 8.71
N LEU A 29 8.91 18.20 7.51
CA LEU A 29 7.47 18.54 7.35
C LEU A 29 6.63 17.51 8.11
N TYR A 30 7.07 16.29 8.15
CA TYR A 30 6.29 15.25 8.88
C TYR A 30 6.34 15.50 10.38
N ALA A 31 7.49 15.75 10.93
CA ALA A 31 7.54 16.00 12.39
C ALA A 31 6.67 17.22 12.70
N ARG A 32 6.65 18.20 11.82
CA ARG A 32 5.80 19.39 12.06
C ARG A 32 4.33 18.97 11.91
N ILE A 33 3.98 18.43 10.78
CA ILE A 33 2.57 17.97 10.58
C ILE A 33 2.20 17.09 11.76
N VAL A 34 3.09 16.24 12.14
CA VAL A 34 2.84 15.34 13.30
C VAL A 34 2.62 16.20 14.54
N SER A 35 3.25 17.34 14.58
CA SER A 35 3.07 18.24 15.77
C SER A 35 1.63 18.76 15.81
N ARG A 36 1.08 19.11 14.68
CA ARG A 36 -0.33 19.61 14.67
C ARG A 36 -1.27 18.46 15.02
N LEU A 37 -1.10 17.35 14.38
CA LEU A 37 -1.96 16.18 14.70
C LEU A 37 -1.79 15.87 16.19
N ARG A 38 -0.58 15.96 16.66
CA ARG A 38 -0.32 15.72 18.10
C ARG A 38 -1.08 16.74 18.95
N ARG A 39 -1.37 17.90 18.39
CA ARG A 39 -2.13 18.92 19.18
C ARG A 39 -3.60 18.48 19.23
N TYR A 40 -4.09 17.93 18.16
CA TYR A 40 -5.52 17.50 18.10
C TYR A 40 -5.75 16.29 19.02
N GLY A 41 -4.91 15.29 18.91
CA GLY A 41 -5.05 14.11 19.79
C GLY A 41 -3.67 13.48 19.96
N LYS A 42 -3.60 12.18 20.05
CA LYS A 42 -2.27 11.51 20.19
C LYS A 42 -1.88 10.95 18.82
N VAL A 43 -0.67 11.21 18.39
CA VAL A 43 -0.23 10.65 17.08
C VAL A 43 0.43 9.31 17.35
N LEU A 44 0.01 8.27 16.69
CA LEU A 44 0.60 6.95 16.96
C LEU A 44 1.85 6.75 16.10
N THR A 45 1.83 7.20 14.87
CA THR A 45 3.04 7.03 14.00
C THR A 45 4.15 7.95 14.50
N GLU A 46 4.28 8.11 15.78
CA GLU A 46 5.34 9.01 16.33
C GLU A 46 6.70 8.59 15.77
N HIS A 47 6.86 7.34 15.45
CA HIS A 47 8.18 6.89 14.91
C HIS A 47 8.60 7.78 13.75
N VAL A 48 7.69 8.06 12.86
CA VAL A 48 8.05 8.92 11.68
C VAL A 48 8.75 10.18 12.19
N ALA A 49 8.03 11.05 12.84
CA ALA A 49 8.67 12.29 13.37
C ALA A 49 9.89 11.90 14.17
N ASP A 50 9.77 10.84 14.93
CA ASP A 50 10.92 10.37 15.72
C ASP A 50 11.77 9.45 14.83
N ALA A 51 11.98 9.86 13.61
CA ALA A 51 12.79 9.05 12.65
C ALA A 51 14.01 9.85 12.22
N GLU A 52 13.87 11.15 12.15
CA GLU A 52 15.01 12.00 11.74
C GLU A 52 15.86 12.34 12.97
N LEU A 53 16.38 11.34 13.62
CA LEU A 53 17.20 11.60 14.83
C LEU A 53 17.94 10.31 15.24
N GLU A 54 18.11 9.40 14.32
CA GLU A 54 18.80 8.11 14.62
C GLU A 54 18.46 7.13 13.50
N PRO A 55 19.24 6.08 13.34
CA PRO A 55 18.99 5.06 12.29
C PRO A 55 17.49 4.80 12.09
N LEU A 56 16.91 5.40 11.09
CA LEU A 56 15.45 5.20 10.85
C LEU A 56 15.12 3.71 10.87
N GLY A 57 15.38 3.01 9.81
CA GLY A 57 15.07 1.55 9.78
C GLY A 57 15.58 0.93 8.48
N GLU A 58 15.50 1.66 7.41
CA GLU A 58 15.96 1.12 6.10
C GLU A 58 17.33 0.45 6.24
N GLU A 59 18.37 1.13 5.84
CA GLU A 59 19.74 0.53 5.94
C GLU A 59 20.11 0.29 7.40
N ALA A 60 19.31 0.77 8.32
CA ALA A 60 19.62 0.57 9.76
C ALA A 60 19.76 -0.94 10.04
N ALA A 61 20.42 -1.29 11.10
CA ALA A 61 20.59 -2.73 11.44
C ALA A 61 19.22 -3.32 11.79
N GLY A 62 18.29 -2.49 12.18
CA GLY A 62 16.94 -2.99 12.55
C GLY A 62 15.99 -1.81 12.74
N GLY A 63 14.80 -2.09 13.21
CA GLY A 63 13.82 -1.00 13.43
C GLY A 63 12.79 -1.04 12.31
N ASP A 64 13.19 -1.49 11.15
CA ASP A 64 12.23 -1.56 10.02
C ASP A 64 11.05 -2.42 10.48
N GLN A 65 11.34 -3.51 11.14
CA GLN A 65 10.24 -4.37 11.64
C GLN A 65 9.54 -3.64 12.79
N PHE A 66 10.29 -3.20 13.76
CA PHE A 66 9.68 -2.47 14.89
C PHE A 66 8.89 -1.27 14.33
N ILE A 67 9.33 -0.77 13.20
CA ILE A 67 8.60 0.37 12.57
C ILE A 67 7.28 -0.18 12.03
N HIS A 68 7.31 -1.37 11.49
CA HIS A 68 6.07 -1.98 10.95
C HIS A 68 5.23 -2.51 12.12
N GLU A 69 5.77 -3.43 12.87
CA GLU A 69 5.01 -3.99 14.04
C GLU A 69 4.30 -2.87 14.78
N GLN A 70 5.02 -1.86 15.19
CA GLN A 70 4.37 -0.75 15.93
C GLN A 70 3.38 -0.01 15.02
N ASP A 71 3.77 0.26 13.81
CA ASP A 71 2.87 0.99 12.86
C ASP A 71 1.57 0.20 12.62
N LEU A 72 1.66 -1.07 12.40
CA LEU A 72 0.45 -1.89 12.13
C LEU A 72 -0.46 -1.91 13.37
N ASN A 73 0.09 -2.22 14.51
CA ASN A 73 -0.75 -2.26 15.73
C ASN A 73 -1.32 -0.88 16.01
N TRP A 74 -0.48 0.12 16.02
CA TRP A 74 -0.99 1.50 16.28
C TRP A 74 -1.97 1.90 15.18
N LEU A 75 -1.66 1.61 13.94
CA LEU A 75 -2.59 1.97 12.85
C LEU A 75 -3.96 1.42 13.21
N GLN A 76 -3.99 0.26 13.80
CA GLN A 76 -5.29 -0.33 14.18
C GLN A 76 -5.84 0.40 15.42
N GLN A 77 -4.98 0.92 16.25
CA GLN A 77 -5.48 1.64 17.46
C GLN A 77 -5.84 3.08 17.09
N ALA A 78 -5.56 3.46 15.87
CA ALA A 78 -5.83 4.87 15.45
C ALA A 78 -7.33 5.18 15.43
N ASP A 79 -7.74 6.21 16.13
CA ASP A 79 -9.17 6.62 16.12
C ASP A 79 -9.40 7.36 14.80
N VAL A 80 -8.39 8.06 14.36
CA VAL A 80 -8.48 8.81 13.07
C VAL A 80 -7.20 8.52 12.27
N VAL A 81 -7.28 8.51 10.97
CA VAL A 81 -6.05 8.21 10.17
C VAL A 81 -5.91 9.19 9.00
N VAL A 82 -4.70 9.63 8.77
CA VAL A 82 -4.43 10.58 7.67
C VAL A 82 -3.13 10.16 6.97
N ALA A 83 -2.86 10.66 5.79
CA ALA A 83 -1.61 10.25 5.10
C ALA A 83 -1.24 11.27 4.04
N GLU A 84 -0.01 11.72 4.04
CA GLU A 84 0.44 12.71 3.03
C GLU A 84 1.06 11.96 1.85
N VAL A 85 0.60 12.21 0.66
CA VAL A 85 1.17 11.49 -0.51
C VAL A 85 0.96 12.31 -1.79
N THR A 86 2.02 12.77 -2.41
CA THR A 86 1.90 13.50 -3.69
C THR A 86 2.37 12.53 -4.77
N GLN A 87 3.08 11.54 -4.33
CA GLN A 87 3.62 10.49 -5.23
C GLN A 87 4.72 9.73 -4.49
N PRO A 88 5.52 10.42 -3.69
CA PRO A 88 6.61 9.77 -2.91
C PRO A 88 6.07 8.90 -1.77
N SER A 89 6.09 7.62 -1.92
CA SER A 89 5.59 6.72 -0.86
C SER A 89 6.19 5.32 -1.07
N LEU A 90 5.97 4.44 -0.14
CA LEU A 90 6.50 3.05 -0.25
C LEU A 90 6.31 2.40 1.11
N GLY A 91 5.61 1.31 1.17
CA GLY A 91 5.35 0.70 2.50
C GLY A 91 4.31 1.59 3.16
N VAL A 92 4.27 2.82 2.72
CA VAL A 92 3.28 3.80 3.25
C VAL A 92 2.00 3.61 2.45
N GLY A 93 2.10 3.51 1.15
CA GLY A 93 0.88 3.27 0.34
C GLY A 93 0.24 2.00 0.90
N TYR A 94 1.07 1.13 1.39
CA TYR A 94 0.58 -0.13 1.99
C TYR A 94 -0.16 0.22 3.29
N GLU A 95 0.38 1.12 4.05
CA GLU A 95 -0.30 1.53 5.31
C GLU A 95 -1.71 1.99 4.97
N LEU A 96 -1.86 2.60 3.83
CA LEU A 96 -3.23 3.05 3.42
C LEU A 96 -4.02 1.81 3.01
N GLY A 97 -3.39 0.87 2.37
CA GLY A 97 -4.11 -0.36 1.98
C GLY A 97 -4.61 -1.05 3.25
N ARG A 98 -3.81 -1.02 4.28
CA ARG A 98 -4.24 -1.65 5.57
C ARG A 98 -5.42 -0.86 6.13
N ALA A 99 -5.40 0.45 6.03
CA ALA A 99 -6.54 1.25 6.54
C ALA A 99 -7.74 1.01 5.64
N VAL A 100 -7.54 0.95 4.36
CA VAL A 100 -8.69 0.67 3.48
C VAL A 100 -9.32 -0.64 4.00
N ALA A 101 -8.49 -1.55 4.38
CA ALA A 101 -8.96 -2.86 4.91
C ALA A 101 -9.60 -2.65 6.30
N LEU A 102 -8.93 -1.96 7.18
CA LEU A 102 -9.50 -1.72 8.55
C LEU A 102 -10.67 -0.73 8.42
N GLY A 103 -10.85 -0.20 7.25
CA GLY A 103 -11.99 0.72 6.99
C GLY A 103 -12.07 1.85 8.03
N LYS A 104 -10.98 2.19 8.65
CA LYS A 104 -11.05 3.31 9.65
C LYS A 104 -11.01 4.63 8.88
N PRO A 105 -11.55 5.69 9.44
CA PRO A 105 -11.56 7.02 8.76
C PRO A 105 -10.20 7.33 8.12
N ILE A 106 -10.15 7.50 6.82
CA ILE A 106 -8.84 7.77 6.16
C ILE A 106 -8.86 9.10 5.41
N LEU A 107 -7.83 9.86 5.57
CA LEU A 107 -7.70 11.16 4.84
C LEU A 107 -6.35 11.15 4.14
N CYS A 108 -6.32 11.15 2.84
CA CYS A 108 -5.02 11.13 2.12
C CYS A 108 -4.82 12.49 1.44
N LEU A 109 -3.61 12.88 1.16
CA LEU A 109 -3.40 14.21 0.52
C LEU A 109 -2.37 14.15 -0.60
N PHE A 110 -2.50 15.04 -1.56
CA PHE A 110 -1.53 15.10 -2.70
C PHE A 110 -1.45 16.57 -3.14
N ARG A 111 -0.26 17.09 -3.28
CA ARG A 111 -0.12 18.53 -3.65
C ARG A 111 -0.94 18.84 -4.92
N PRO A 112 -1.59 19.99 -4.95
CA PRO A 112 -2.40 20.41 -6.14
C PRO A 112 -1.46 20.67 -7.31
N GLN A 113 -0.43 21.45 -7.08
CA GLN A 113 0.56 21.69 -8.16
C GLN A 113 1.25 20.36 -8.40
N SER A 114 2.51 20.36 -8.70
CA SER A 114 3.20 19.05 -8.90
C SER A 114 2.44 18.22 -9.92
N GLY A 115 1.31 17.70 -9.54
CA GLY A 115 0.53 16.85 -10.48
C GLY A 115 1.30 15.57 -10.70
N ARG A 116 1.83 15.02 -9.65
CA ARG A 116 2.63 13.77 -9.78
C ARG A 116 1.65 12.60 -9.73
N VAL A 117 0.40 12.87 -9.95
CA VAL A 117 -0.61 11.78 -9.91
C VAL A 117 -0.45 10.99 -8.63
N LEU A 118 -1.27 11.28 -7.67
CA LEU A 118 -1.21 10.54 -6.37
C LEU A 118 -1.07 9.04 -6.66
N SER A 119 -2.05 8.46 -7.31
CA SER A 119 -1.97 7.01 -7.65
C SER A 119 -3.36 6.49 -8.02
N ALA A 120 -3.43 5.58 -8.96
CA ALA A 120 -4.74 5.03 -9.38
C ALA A 120 -5.36 4.21 -8.26
N MET A 121 -4.57 3.48 -7.54
CA MET A 121 -5.15 2.66 -6.44
C MET A 121 -5.52 3.55 -5.27
N ILE A 122 -4.73 4.56 -5.02
CA ILE A 122 -5.05 5.48 -3.90
C ILE A 122 -6.25 6.35 -4.27
N ARG A 123 -6.26 6.91 -5.45
CA ARG A 123 -7.41 7.75 -5.84
C ARG A 123 -8.58 6.85 -6.23
N GLY A 124 -8.29 5.72 -6.81
CA GLY A 124 -9.38 4.78 -7.19
C GLY A 124 -10.00 4.20 -5.93
N ALA A 125 -9.24 4.12 -4.86
CA ALA A 125 -9.78 3.56 -3.60
C ALA A 125 -11.19 4.10 -3.34
N ALA A 126 -11.32 5.40 -3.23
CA ALA A 126 -12.65 5.99 -2.93
C ALA A 126 -12.98 7.17 -3.83
N ASP A 127 -13.02 8.34 -3.24
CA ASP A 127 -13.35 9.59 -3.98
C ASP A 127 -13.79 10.68 -3.00
N GLY A 128 -13.88 10.38 -1.71
CA GLY A 128 -14.30 11.43 -0.74
C GLY A 128 -15.46 10.95 0.16
N SER A 129 -15.46 9.71 0.58
CA SER A 129 -16.57 9.22 1.45
C SER A 129 -15.98 8.84 2.82
N ARG A 130 -15.51 7.63 2.93
CA ARG A 130 -14.89 7.19 4.22
C ARG A 130 -13.39 7.41 4.08
N PHE A 131 -12.95 7.32 2.87
CA PHE A 131 -11.52 7.53 2.53
C PHE A 131 -11.51 8.74 1.59
N GLN A 132 -10.75 9.77 1.88
CA GLN A 132 -10.81 10.98 1.00
C GLN A 132 -9.42 11.48 0.60
N VAL A 133 -9.27 11.81 -0.66
CA VAL A 133 -7.98 12.35 -1.17
C VAL A 133 -8.10 13.89 -1.26
N TRP A 134 -7.45 14.60 -0.37
CA TRP A 134 -7.56 16.10 -0.38
C TRP A 134 -6.28 16.73 -0.93
N ASP A 135 -6.40 17.80 -1.68
CA ASP A 135 -5.19 18.46 -2.23
C ASP A 135 -4.66 19.42 -1.17
N TYR A 136 -3.39 19.74 -1.18
CA TYR A 136 -2.87 20.66 -0.13
C TYR A 136 -1.46 21.14 -0.45
N ALA A 137 -0.96 22.06 0.33
CA ALA A 137 0.42 22.56 0.14
C ALA A 137 0.99 22.78 1.54
N GLU A 138 2.26 22.59 1.75
CA GLU A 138 2.84 22.78 3.11
C GLU A 138 2.20 24.00 3.79
N GLY A 139 1.94 25.04 3.06
CA GLY A 139 1.32 26.25 3.68
C GLY A 139 -0.20 26.08 3.79
N GLU A 140 -0.69 24.88 3.65
CA GLU A 140 -2.16 24.64 3.75
C GLU A 140 -2.45 23.28 4.38
N VAL A 141 -1.45 22.49 4.65
CA VAL A 141 -1.70 21.16 5.25
C VAL A 141 -2.54 21.34 6.52
N GLU A 142 -2.16 22.28 7.34
CA GLU A 142 -2.93 22.52 8.59
C GLU A 142 -4.38 22.81 8.20
N THR A 143 -4.58 23.46 7.09
CA THR A 143 -5.98 23.77 6.67
C THR A 143 -6.70 22.46 6.35
N MET A 144 -6.03 21.52 5.73
CA MET A 144 -6.69 20.23 5.42
C MET A 144 -7.22 19.66 6.72
N LEU A 145 -6.37 19.59 7.70
CA LEU A 145 -6.80 19.05 9.00
C LEU A 145 -7.86 19.97 9.61
N ASP A 146 -7.81 21.24 9.32
CA ASP A 146 -8.81 22.18 9.89
C ASP A 146 -10.19 21.92 9.28
N ARG A 147 -10.29 21.74 7.99
CA ARG A 147 -11.63 21.52 7.39
C ARG A 147 -12.12 20.13 7.77
N TYR A 148 -11.27 19.15 7.70
CA TYR A 148 -11.68 17.77 8.06
C TYR A 148 -12.07 17.70 9.52
N PHE A 149 -11.27 18.23 10.40
CA PHE A 149 -11.61 18.16 11.84
C PHE A 149 -12.74 19.12 12.17
N GLU A 150 -12.85 20.21 11.48
CA GLU A 150 -13.98 21.13 11.77
C GLU A 150 -15.26 20.43 11.33
N ALA A 151 -15.14 19.55 10.37
CA ALA A 151 -16.32 18.80 9.87
C ALA A 151 -16.95 18.01 11.03
N TYR A 152 -16.17 17.63 12.01
CA TYR A 152 -16.73 16.85 13.15
C TYR A 152 -16.02 17.21 14.46
N LEU A 153 -14.74 16.94 14.56
CA LEU A 153 -13.99 17.24 15.81
C LEU A 153 -14.58 18.46 16.53
N PRO A 154 -15.49 18.25 17.44
CA PRO A 154 -16.12 19.33 18.22
C PRO A 154 -15.38 19.58 19.54
N GLN A 155 -14.09 19.76 19.47
CA GLN A 155 -13.32 19.96 20.72
C GLN A 155 -13.66 18.83 21.68
N LYS A 156 -14.15 17.74 21.15
CA LYS A 156 -14.52 16.58 22.02
C LYS A 156 -15.43 17.10 23.14
N THR A 157 -16.11 18.18 22.89
CA THR A 157 -17.03 18.74 23.93
C THR A 157 -18.21 17.80 24.14
N ALA A 158 -18.52 17.00 23.15
CA ALA A 158 -19.67 16.05 23.29
C ALA A 158 -19.23 14.64 22.86
N SER A 159 -19.88 13.63 23.34
CA SER A 159 -19.49 12.24 22.95
C SER A 159 -20.73 11.34 22.97
N SER A 160 -20.67 10.22 22.30
CA SER A 160 -21.85 9.31 22.27
C SER A 160 -22.16 8.83 23.70
N SER A 161 -21.15 8.73 24.53
CA SER A 161 -21.39 8.27 25.92
C SER A 161 -22.16 9.35 26.68
N HIS A 162 -22.66 9.04 27.85
CA HIS A 162 -23.42 10.04 28.63
C HIS A 162 -24.55 10.61 27.77
N PRO A 163 -25.56 9.84 27.54
CA PRO A 163 -26.73 10.25 26.70
C PRO A 163 -27.35 11.56 27.21
N SER A 164 -27.01 11.98 28.39
CA SER A 164 -27.58 13.24 28.94
C SER A 164 -27.35 14.38 27.94
N ALA A 165 -26.25 14.35 27.23
CA ALA A 165 -25.98 15.43 26.25
C ALA A 165 -26.65 15.09 24.92
N MET B 3 -29.23 -29.61 -12.50
CA MET B 3 -29.70 -28.35 -13.12
C MET B 3 -28.56 -27.33 -13.14
N ALA B 4 -27.55 -27.53 -12.33
CA ALA B 4 -26.41 -26.57 -12.30
C ALA B 4 -25.74 -26.54 -13.68
N ALA B 5 -25.19 -25.42 -14.05
CA ALA B 5 -24.53 -25.32 -15.39
C ALA B 5 -23.21 -26.08 -15.35
N SER B 6 -22.88 -26.75 -16.43
CA SER B 6 -21.60 -27.52 -16.48
C SER B 6 -20.50 -26.68 -17.13
N GLY B 7 -19.28 -26.85 -16.71
CA GLY B 7 -18.17 -26.06 -17.31
C GLY B 7 -16.88 -26.88 -17.28
N GLU B 8 -15.82 -26.37 -17.85
CA GLU B 8 -14.54 -27.11 -17.86
C GLU B 8 -13.62 -26.54 -16.77
N GLN B 9 -12.62 -27.28 -16.38
CA GLN B 9 -11.69 -26.78 -15.33
C GLN B 9 -10.84 -25.64 -15.90
N ALA B 10 -10.02 -25.05 -15.08
CA ALA B 10 -9.17 -23.92 -15.57
C ALA B 10 -7.91 -23.82 -14.70
N PRO B 11 -6.85 -23.26 -15.22
CA PRO B 11 -5.58 -23.10 -14.46
C PRO B 11 -5.80 -22.25 -13.21
N CYS B 12 -4.75 -21.65 -12.72
CA CYS B 12 -4.90 -20.77 -11.52
C CYS B 12 -4.71 -19.34 -12.01
N SER B 13 -4.93 -18.38 -11.18
CA SER B 13 -4.75 -16.97 -11.65
C SER B 13 -3.60 -16.34 -10.87
N VAL B 14 -3.04 -15.30 -11.41
CA VAL B 14 -1.90 -14.64 -10.74
C VAL B 14 -2.08 -13.13 -10.83
N TYR B 15 -1.88 -12.44 -9.74
CA TYR B 15 -2.02 -10.96 -9.75
C TYR B 15 -0.66 -10.37 -9.44
N PHE B 16 0.07 -9.98 -10.45
CA PHE B 16 1.42 -9.40 -10.21
C PHE B 16 1.31 -7.87 -10.12
N CYS B 17 1.81 -7.29 -9.07
CA CYS B 17 1.75 -5.80 -8.94
C CYS B 17 3.12 -5.21 -9.30
N GLY B 18 3.14 -4.24 -10.16
CA GLY B 18 4.45 -3.62 -10.57
C GLY B 18 4.40 -2.12 -10.35
N SER B 19 4.66 -1.34 -11.37
CA SER B 19 4.63 0.14 -11.23
C SER B 19 4.35 0.77 -12.59
N ILE B 20 3.52 1.77 -12.65
CA ILE B 20 3.23 2.40 -13.97
C ILE B 20 3.04 3.91 -13.78
N ARG B 21 3.38 4.69 -14.78
CA ARG B 21 3.23 6.16 -14.67
C ARG B 21 3.34 6.77 -16.07
N GLY B 22 3.50 5.94 -17.06
CA GLY B 22 3.61 6.45 -18.46
C GLY B 22 4.04 5.30 -19.37
N GLY B 23 4.09 4.10 -18.84
CA GLY B 23 4.51 2.93 -19.66
C GLY B 23 6.00 3.08 -19.98
N ARG B 24 6.86 2.48 -19.19
CA ARG B 24 8.32 2.64 -19.43
C ARG B 24 9.03 1.27 -19.50
N GLU B 25 10.28 1.24 -19.14
CA GLU B 25 11.04 -0.04 -19.17
C GLU B 25 10.42 -0.98 -18.16
N ASP B 26 10.04 -0.48 -17.01
CA ASP B 26 9.40 -1.34 -15.99
C ASP B 26 8.19 -2.01 -16.65
N GLN B 27 7.54 -1.31 -17.55
CA GLN B 27 6.37 -1.91 -18.24
C GLN B 27 6.87 -3.04 -19.15
N ALA B 28 8.00 -2.84 -19.79
CA ALA B 28 8.54 -3.91 -20.66
C ALA B 28 8.80 -5.16 -19.82
N LEU B 29 9.52 -5.01 -18.74
CA LEU B 29 9.80 -6.18 -17.85
C LEU B 29 8.47 -6.70 -17.30
N TYR B 30 7.53 -5.83 -17.05
CA TYR B 30 6.23 -6.28 -16.51
C TYR B 30 5.46 -7.06 -17.56
N ALA B 31 5.36 -6.56 -18.75
CA ALA B 31 4.61 -7.32 -19.78
C ALA B 31 5.30 -8.68 -19.98
N ARG B 32 6.60 -8.73 -19.89
CA ARG B 32 7.30 -10.03 -20.02
C ARG B 32 6.99 -10.89 -18.79
N ILE B 33 7.30 -10.38 -17.64
CA ILE B 33 7.00 -11.15 -16.39
C ILE B 33 5.55 -11.58 -16.45
N VAL B 34 4.69 -10.68 -16.87
CA VAL B 34 3.26 -11.01 -16.99
C VAL B 34 3.09 -12.15 -18.00
N SER B 35 3.97 -12.21 -18.96
CA SER B 35 3.88 -13.31 -19.98
C SER B 35 4.16 -14.65 -19.31
N ARG B 36 5.13 -14.71 -18.43
CA ARG B 36 5.43 -16.00 -17.74
C ARG B 36 4.28 -16.35 -16.81
N LEU B 37 3.85 -15.42 -16.03
CA LEU B 37 2.70 -15.69 -15.12
C LEU B 37 1.52 -16.11 -15.98
N ARG B 38 1.35 -15.46 -17.10
CA ARG B 38 0.23 -15.82 -18.03
C ARG B 38 0.44 -17.26 -18.52
N ARG B 39 1.66 -17.75 -18.54
CA ARG B 39 1.88 -19.16 -18.97
C ARG B 39 1.43 -20.10 -17.86
N TYR B 40 1.67 -19.71 -16.63
CA TYR B 40 1.29 -20.58 -15.48
C TYR B 40 -0.23 -20.63 -15.32
N GLY B 41 -0.87 -19.49 -15.35
CA GLY B 41 -2.35 -19.47 -15.23
C GLY B 41 -2.86 -18.21 -15.94
N LYS B 42 -3.90 -17.61 -15.46
CA LYS B 42 -4.41 -16.36 -16.09
C LYS B 42 -3.93 -15.17 -15.26
N VAL B 43 -3.38 -14.18 -15.89
CA VAL B 43 -2.94 -12.98 -15.12
C VAL B 43 -4.10 -12.00 -15.10
N LEU B 44 -4.48 -11.54 -13.94
CA LEU B 44 -5.63 -10.61 -13.89
C LEU B 44 -5.15 -9.17 -14.09
N THR B 45 -4.02 -8.82 -13.54
CA THR B 45 -3.52 -7.42 -13.71
C THR B 45 -3.06 -7.23 -15.16
N GLU B 46 -3.77 -7.80 -16.10
CA GLU B 46 -3.38 -7.66 -17.53
C GLU B 46 -3.26 -6.18 -17.88
N HIS B 47 -3.99 -5.33 -17.21
CA HIS B 47 -3.91 -3.88 -17.54
C HIS B 47 -2.45 -3.42 -17.51
N VAL B 48 -1.71 -3.82 -16.50
CA VAL B 48 -0.28 -3.40 -16.43
C VAL B 48 0.40 -3.67 -17.76
N ALA B 49 0.58 -4.91 -18.11
CA ALA B 49 1.22 -5.24 -19.40
C ALA B 49 0.48 -4.50 -20.50
N ASP B 50 -0.81 -4.46 -20.40
CA ASP B 50 -1.62 -3.74 -21.41
C ASP B 50 -1.69 -2.28 -21.00
N ALA B 51 -0.58 -1.73 -20.58
CA ALA B 51 -0.54 -0.30 -20.14
C ALA B 51 0.43 0.46 -21.05
N GLU B 52 1.46 -0.20 -21.52
CA GLU B 52 2.44 0.48 -22.41
C GLU B 52 1.96 0.39 -23.85
N LEU B 53 0.82 0.95 -24.12
CA LEU B 53 0.27 0.88 -25.51
C LEU B 53 -0.94 1.83 -25.64
N GLU B 54 -1.02 2.81 -24.77
CA GLU B 54 -2.16 3.77 -24.81
C GLU B 54 -2.21 4.47 -23.45
N PRO B 55 -2.86 5.61 -23.38
CA PRO B 55 -2.97 6.38 -22.11
C PRO B 55 -3.14 5.46 -20.90
N LEU B 56 -2.07 5.21 -20.18
CA LEU B 56 -2.15 4.31 -19.00
C LEU B 56 -3.32 4.72 -18.10
N GLY B 57 -3.16 5.75 -17.32
CA GLY B 57 -4.26 6.19 -16.43
C GLY B 57 -3.87 7.47 -15.68
N GLU B 58 -2.63 7.58 -15.31
CA GLU B 58 -2.18 8.79 -14.57
C GLU B 58 -2.69 10.07 -15.25
N GLU B 59 -1.86 10.73 -15.99
CA GLU B 59 -2.28 11.99 -16.66
C GLU B 59 -3.39 11.69 -17.68
N ALA B 60 -3.67 10.44 -17.93
CA ALA B 60 -4.73 10.10 -18.91
C ALA B 60 -6.05 10.75 -18.48
N ALA B 61 -6.96 10.91 -19.40
CA ALA B 61 -8.27 11.53 -19.05
C ALA B 61 -9.03 10.60 -18.11
N GLY B 62 -8.69 9.33 -18.12
CA GLY B 62 -9.40 8.37 -17.22
C GLY B 62 -8.68 7.02 -17.27
N GLY B 63 -9.26 6.03 -16.67
CA GLY B 63 -8.63 4.68 -16.66
C GLY B 63 -8.01 4.45 -15.29
N ASP B 64 -7.57 5.50 -14.64
CA ASP B 64 -6.96 5.32 -13.29
C ASP B 64 -7.98 4.60 -12.41
N GLN B 65 -9.22 5.01 -12.50
CA GLN B 65 -10.27 4.34 -11.69
C GLN B 65 -10.49 2.94 -12.27
N PHE B 66 -10.74 2.87 -13.55
CA PHE B 66 -10.94 1.53 -14.18
C PHE B 66 -9.72 0.66 -13.89
N ILE B 67 -8.58 1.28 -13.71
CA ILE B 67 -7.35 0.51 -13.37
C ILE B 67 -7.50 0.00 -11.93
N HIS B 68 -8.05 0.83 -11.08
CA HIS B 68 -8.25 0.42 -9.66
C HIS B 68 -9.45 -0.53 -9.58
N GLU B 69 -10.61 -0.06 -9.97
CA GLU B 69 -11.82 -0.92 -9.92
C GLU B 69 -11.48 -2.33 -10.44
N GLN B 70 -10.95 -2.42 -11.63
CA GLN B 70 -10.62 -3.75 -12.17
C GLN B 70 -9.53 -4.41 -11.32
N ASP B 71 -8.52 -3.68 -10.94
CA ASP B 71 -7.41 -4.27 -10.13
C ASP B 71 -7.93 -4.78 -8.78
N LEU B 72 -8.76 -4.03 -8.12
CA LEU B 72 -9.26 -4.46 -6.79
C LEU B 72 -10.13 -5.70 -6.94
N ASN B 73 -11.07 -5.68 -7.84
CA ASN B 73 -11.95 -6.87 -8.02
C ASN B 73 -11.11 -8.06 -8.46
N TRP B 74 -10.30 -7.89 -9.46
CA TRP B 74 -9.47 -9.02 -9.93
C TRP B 74 -8.50 -9.43 -8.82
N LEU B 75 -7.90 -8.48 -8.14
CA LEU B 75 -6.98 -8.84 -7.04
C LEU B 75 -7.71 -9.79 -6.12
N GLN B 76 -8.98 -9.57 -5.92
CA GLN B 76 -9.75 -10.48 -5.03
C GLN B 76 -10.03 -11.79 -5.76
N GLN B 77 -10.11 -11.77 -7.06
CA GLN B 77 -10.37 -13.04 -7.81
C GLN B 77 -9.06 -13.79 -8.00
N ALA B 78 -7.97 -13.18 -7.63
CA ALA B 78 -6.64 -13.84 -7.84
C ALA B 78 -6.48 -15.11 -7.00
N ASP B 79 -6.17 -16.20 -7.63
CA ASP B 79 -5.93 -17.47 -6.89
C ASP B 79 -4.54 -17.37 -6.28
N VAL B 80 -3.66 -16.72 -6.99
CA VAL B 80 -2.26 -16.53 -6.50
C VAL B 80 -1.88 -15.06 -6.71
N VAL B 81 -1.06 -14.50 -5.85
CA VAL B 81 -0.71 -13.06 -6.03
C VAL B 81 0.80 -12.85 -5.88
N VAL B 82 1.37 -12.03 -6.73
CA VAL B 82 2.82 -11.75 -6.67
C VAL B 82 3.03 -10.24 -6.89
N ALA B 83 4.18 -9.71 -6.60
CA ALA B 83 4.38 -8.26 -6.80
C ALA B 83 5.88 -7.94 -6.87
N GLU B 84 6.29 -7.21 -7.87
CA GLU B 84 7.72 -6.86 -8.01
C GLU B 84 7.95 -5.50 -7.36
N VAL B 85 8.88 -5.40 -6.45
CA VAL B 85 9.12 -4.09 -5.77
C VAL B 85 10.55 -4.02 -5.24
N THR B 86 11.36 -3.14 -5.76
CA THR B 86 12.74 -2.96 -5.25
C THR B 86 12.72 -1.67 -4.45
N GLN B 87 11.72 -0.87 -4.74
CA GLN B 87 11.54 0.44 -4.06
C GLN B 87 10.55 1.27 -4.89
N PRO B 88 10.60 1.18 -6.19
CA PRO B 88 9.67 1.94 -7.09
C PRO B 88 8.24 1.38 -7.03
N SER B 89 7.37 2.07 -6.34
CA SER B 89 5.97 1.60 -6.25
C SER B 89 5.08 2.78 -5.86
N LEU B 90 3.79 2.59 -5.86
CA LEU B 90 2.84 3.68 -5.50
C LEU B 90 1.45 3.19 -5.90
N GLY B 91 0.55 3.14 -4.98
CA GLY B 91 -0.80 2.60 -5.32
C GLY B 91 -0.60 1.09 -5.47
N VAL B 92 0.61 0.71 -5.74
CA VAL B 92 0.95 -0.73 -5.87
C VAL B 92 1.25 -1.25 -4.46
N GLY B 93 2.03 -0.52 -3.70
CA GLY B 93 2.29 -0.96 -2.31
C GLY B 93 0.93 -1.12 -1.65
N TYR B 94 -0.02 -0.33 -2.09
CA TYR B 94 -1.39 -0.41 -1.55
C TYR B 94 -2.00 -1.74 -2.01
N GLU B 95 -1.77 -2.09 -3.25
CA GLU B 95 -2.33 -3.38 -3.76
C GLU B 95 -1.83 -4.50 -2.85
N LEU B 96 -0.64 -4.37 -2.34
CA LEU B 96 -0.12 -5.42 -1.41
C LEU B 96 -0.85 -5.28 -0.09
N GLY B 97 -1.10 -4.07 0.33
CA GLY B 97 -1.84 -3.87 1.61
C GLY B 97 -3.21 -4.53 1.48
N ARG B 98 -3.81 -4.43 0.31
CA ARG B 98 -5.13 -5.06 0.11
C ARG B 98 -4.96 -6.58 0.18
N ALA B 99 -3.90 -7.11 -0.38
CA ALA B 99 -3.69 -8.59 -0.31
C ALA B 99 -3.37 -8.96 1.12
N VAL B 100 -2.58 -8.19 1.79
CA VAL B 100 -2.28 -8.52 3.21
C VAL B 100 -3.65 -8.65 3.90
N ALA B 101 -4.55 -7.77 3.54
CA ALA B 101 -5.91 -7.78 4.13
C ALA B 101 -6.69 -9.00 3.62
N LEU B 102 -6.69 -9.22 2.32
CA LEU B 102 -7.42 -10.40 1.76
C LEU B 102 -6.67 -11.69 2.14
N GLY B 103 -5.52 -11.52 2.72
CA GLY B 103 -4.71 -12.69 3.19
C GLY B 103 -4.53 -13.73 2.09
N LYS B 104 -4.60 -13.36 0.85
CA LYS B 104 -4.40 -14.37 -0.23
C LYS B 104 -2.88 -14.59 -0.39
N PRO B 105 -2.47 -15.74 -0.89
CA PRO B 105 -1.02 -16.04 -1.07
C PRO B 105 -0.29 -14.85 -1.71
N ILE B 106 0.66 -14.28 -1.03
CA ILE B 106 1.38 -13.09 -1.60
C ILE B 106 2.87 -13.36 -1.75
N LEU B 107 3.42 -13.01 -2.87
CA LEU B 107 4.88 -13.16 -3.11
C LEU B 107 5.41 -11.80 -3.56
N CYS B 108 6.25 -11.17 -2.79
CA CYS B 108 6.78 -9.84 -3.19
C CYS B 108 8.26 -9.99 -3.53
N LEU B 109 8.81 -9.12 -4.33
CA LEU B 109 10.26 -9.28 -4.70
C LEU B 109 11.00 -7.93 -4.65
N PHE B 110 12.28 -8.00 -4.40
CA PHE B 110 13.12 -6.76 -4.36
C PHE B 110 14.53 -7.15 -4.82
N ARG B 111 15.09 -6.42 -5.75
CA ARG B 111 16.43 -6.80 -6.27
C ARG B 111 17.44 -6.98 -5.12
N PRO B 112 18.29 -7.98 -5.21
CA PRO B 112 19.32 -8.22 -4.17
C PRO B 112 20.33 -7.07 -4.19
N GLN B 113 20.85 -6.76 -5.35
CA GLN B 113 21.78 -5.62 -5.44
C GLN B 113 20.96 -4.38 -5.13
N SER B 114 21.23 -3.27 -5.78
CA SER B 114 20.41 -2.06 -5.51
C SER B 114 20.38 -1.78 -4.00
N GLY B 115 19.67 -2.58 -3.26
CA GLY B 115 19.59 -2.36 -1.79
C GLY B 115 18.80 -1.08 -1.57
N ARG B 116 17.74 -0.91 -2.31
CA ARG B 116 16.91 0.31 -2.16
C ARG B 116 15.93 0.09 -1.03
N VAL B 117 16.20 -0.90 -0.21
CA VAL B 117 15.29 -1.19 0.92
C VAL B 117 13.87 -1.30 0.40
N LEU B 118 13.41 -2.51 0.22
CA LEU B 118 12.03 -2.72 -0.26
C LEU B 118 11.08 -1.81 0.52
N SER B 119 11.01 -1.98 1.82
CA SER B 119 10.11 -1.11 2.64
C SER B 119 9.87 -1.76 4.00
N ALA B 120 9.79 -0.95 5.04
CA ALA B 120 9.56 -1.51 6.40
C ALA B 120 8.17 -2.13 6.49
N MET B 121 7.20 -1.53 5.89
CA MET B 121 5.83 -2.10 5.97
C MET B 121 5.75 -3.34 5.09
N ILE B 122 6.39 -3.32 3.96
CA ILE B 122 6.35 -4.50 3.06
C ILE B 122 7.17 -5.63 3.67
N ARG B 123 8.36 -5.34 4.14
CA ARG B 123 9.19 -6.42 4.73
C ARG B 123 8.67 -6.72 6.13
N GLY B 124 8.21 -5.71 6.83
CA GLY B 124 7.69 -5.95 8.19
C GLY B 124 6.39 -6.73 8.10
N ALA B 125 5.68 -6.61 7.00
CA ALA B 125 4.40 -7.36 6.85
C ALA B 125 4.58 -8.79 7.35
N ALA B 126 5.48 -9.53 6.77
CA ALA B 126 5.65 -10.96 7.18
C ALA B 126 7.12 -11.32 7.39
N ASP B 127 7.63 -12.16 6.51
CA ASP B 127 9.04 -12.61 6.61
C ASP B 127 9.21 -13.91 5.80
N GLY B 128 8.15 -14.44 5.22
CA GLY B 128 8.29 -15.70 4.43
C GLY B 128 7.28 -16.78 4.87
N SER B 129 6.06 -16.41 5.18
CA SER B 129 5.05 -17.43 5.60
C SER B 129 3.93 -17.45 4.56
N ARG B 130 2.96 -16.60 4.75
CA ARG B 130 1.83 -16.53 3.77
C ARG B 130 2.18 -15.43 2.77
N PHE B 131 2.91 -14.48 3.26
CA PHE B 131 3.38 -13.34 2.44
C PHE B 131 4.90 -13.44 2.45
N GLN B 132 5.56 -13.46 1.31
CA GLN B 132 7.04 -13.64 1.32
C GLN B 132 7.76 -12.64 0.43
N VAL B 133 8.84 -12.09 0.94
CA VAL B 133 9.65 -11.12 0.16
C VAL B 133 10.87 -11.86 -0.42
N TRP B 134 10.88 -12.11 -1.71
CA TRP B 134 12.01 -12.86 -2.33
C TRP B 134 12.94 -11.92 -3.11
N ASP B 135 14.22 -12.15 -3.07
CA ASP B 135 15.15 -11.27 -3.83
C ASP B 135 15.24 -11.81 -5.26
N TYR B 136 15.56 -10.98 -6.22
CA TYR B 136 15.62 -11.50 -7.61
C TYR B 136 16.27 -10.49 -8.56
N ALA B 137 16.50 -10.90 -9.77
CA ALA B 137 17.08 -10.00 -10.78
C ALA B 137 16.39 -10.33 -12.12
N GLU B 138 16.19 -9.36 -12.97
CA GLU B 138 15.49 -9.64 -14.26
C GLU B 138 15.94 -10.99 -14.82
N GLY B 139 17.20 -11.33 -14.68
CA GLY B 139 17.69 -12.63 -15.21
C GLY B 139 17.39 -13.76 -14.22
N GLU B 140 16.52 -13.53 -13.26
CA GLU B 140 16.20 -14.58 -12.26
C GLU B 140 14.73 -14.48 -11.83
N VAL B 141 14.03 -13.47 -12.27
CA VAL B 141 12.60 -13.34 -11.85
C VAL B 141 11.88 -14.65 -12.17
N GLU B 142 12.07 -15.17 -13.35
CA GLU B 142 11.41 -16.44 -13.71
C GLU B 142 11.79 -17.49 -12.68
N THR B 143 13.00 -17.43 -12.18
CA THR B 143 13.41 -18.43 -11.16
C THR B 143 12.58 -18.24 -9.89
N MET B 144 12.31 -17.02 -9.52
CA MET B 144 11.48 -16.79 -8.30
C MET B 144 10.18 -17.54 -8.48
N LEU B 145 9.55 -17.31 -9.59
CA LEU B 145 8.26 -18.01 -9.86
C LEU B 145 8.50 -19.52 -9.95
N ASP B 146 9.67 -19.91 -10.40
CA ASP B 146 9.96 -21.37 -10.53
C ASP B 146 10.07 -22.02 -9.16
N ARG B 147 10.77 -21.41 -8.23
CA ARG B 147 10.90 -22.04 -6.89
C ARG B 147 9.56 -21.97 -6.15
N TYR B 148 8.92 -20.84 -6.21
CA TYR B 148 7.61 -20.69 -5.53
C TYR B 148 6.59 -21.65 -6.12
N PHE B 149 6.47 -21.68 -7.42
CA PHE B 149 5.47 -22.58 -8.04
C PHE B 149 5.92 -24.03 -7.95
N GLU B 150 7.19 -24.28 -7.97
CA GLU B 150 7.64 -25.70 -7.83
C GLU B 150 7.30 -26.14 -6.42
N ALA B 151 7.26 -25.20 -5.50
CA ALA B 151 6.93 -25.54 -4.09
C ALA B 151 5.55 -26.18 -4.02
N TYR B 152 4.69 -25.87 -4.95
CA TYR B 152 3.32 -26.48 -4.91
C TYR B 152 2.80 -26.72 -6.33
N LEU B 153 2.60 -25.67 -7.09
CA LEU B 153 2.05 -25.82 -8.47
C LEU B 153 2.50 -27.15 -9.09
N PRO B 154 1.69 -28.18 -8.96
CA PRO B 154 1.99 -29.51 -9.51
C PRO B 154 1.37 -29.68 -10.90
N GLN B 155 1.63 -28.75 -11.78
CA GLN B 155 1.02 -28.84 -13.13
C GLN B 155 -0.48 -29.04 -12.98
N LYS B 156 -1.01 -28.66 -11.84
CA LYS B 156 -2.46 -28.82 -11.59
C LYS B 156 -2.85 -30.28 -11.91
N THR B 157 -1.91 -31.17 -11.81
CA THR B 157 -2.20 -32.60 -12.11
C THR B 157 -3.12 -33.17 -11.03
N ALA B 158 -3.12 -32.58 -9.86
CA ALA B 158 -4.00 -33.08 -8.76
C ALA B 158 -4.75 -31.91 -8.14
N SER B 159 -5.89 -32.16 -7.55
CA SER B 159 -6.68 -31.06 -6.93
C SER B 159 -7.44 -31.59 -5.71
N SER B 160 -7.87 -30.73 -4.84
CA SER B 160 -8.62 -31.18 -3.63
C SER B 160 -9.91 -31.87 -4.08
N SER B 161 -10.46 -31.45 -5.18
CA SER B 161 -11.73 -32.08 -5.67
C SER B 161 -11.44 -33.51 -6.13
N HIS B 162 -12.46 -34.28 -6.36
CA HIS B 162 -12.24 -35.69 -6.82
C HIS B 162 -11.31 -36.39 -5.83
N PRO B 163 -11.81 -36.70 -4.66
CA PRO B 163 -11.04 -37.38 -3.60
C PRO B 163 -10.40 -38.68 -4.10
N SER B 164 -10.84 -39.18 -5.21
CA SER B 164 -10.26 -40.45 -5.75
C SER B 164 -8.73 -40.33 -5.79
N ALA B 165 -8.23 -39.13 -5.88
CA ALA B 165 -6.74 -38.96 -5.93
C ALA B 165 -6.40 -37.46 -5.80
N MET A 3 -14.27 12.41 42.37
CA MET A 3 -14.94 12.16 41.07
C MET A 3 -16.08 13.16 40.89
N ALA A 4 -16.63 13.66 41.96
CA ALA A 4 -17.75 14.64 41.84
C ALA A 4 -17.25 15.88 41.11
N ALA A 5 -15.97 16.15 41.17
CA ALA A 5 -15.43 17.35 40.48
C ALA A 5 -15.36 17.09 38.97
N SER A 6 -15.55 18.09 38.18
CA SER A 6 -15.48 17.90 36.70
C SER A 6 -14.02 17.82 36.25
N GLY A 7 -13.77 17.22 35.11
CA GLY A 7 -12.38 17.11 34.62
C GLY A 7 -12.36 17.21 33.10
N GLU A 8 -11.21 17.10 32.49
CA GLU A 8 -11.13 17.19 31.01
C GLU A 8 -10.88 15.81 30.41
N GLN A 9 -11.51 15.50 29.32
CA GLN A 9 -11.30 14.16 28.70
C GLN A 9 -10.09 14.21 27.76
N ALA A 10 -9.75 13.09 27.18
CA ALA A 10 -8.57 13.07 26.25
C ALA A 10 -9.07 13.12 24.80
N PRO A 11 -8.30 13.70 23.93
CA PRO A 11 -8.66 13.81 22.49
C PRO A 11 -8.63 12.45 21.78
N CYS A 12 -8.57 12.43 20.48
CA CYS A 12 -8.53 11.13 19.76
C CYS A 12 -7.09 10.81 19.36
N SER A 13 -6.89 9.77 18.59
CA SER A 13 -5.52 9.41 18.16
C SER A 13 -5.49 9.48 16.64
N VAL A 14 -4.40 9.92 16.09
CA VAL A 14 -4.30 10.03 14.61
C VAL A 14 -3.06 9.27 14.17
N TYR A 15 -3.17 8.52 13.12
CA TYR A 15 -2.01 7.75 12.62
C TYR A 15 -1.61 8.32 11.25
N PHE A 16 -0.49 8.99 11.19
CA PHE A 16 -0.06 9.57 9.89
C PHE A 16 0.97 8.64 9.23
N CYS A 17 0.77 8.31 7.98
CA CYS A 17 1.73 7.41 7.28
C CYS A 17 2.65 8.23 6.36
N GLY A 18 3.84 7.77 6.14
CA GLY A 18 4.78 8.51 5.25
C GLY A 18 5.96 7.60 4.88
N SER A 19 6.70 7.94 3.85
CA SER A 19 7.85 7.09 3.44
C SER A 19 9.09 7.50 4.24
N ILE A 20 9.79 6.53 4.78
CA ILE A 20 11.02 6.86 5.58
C ILE A 20 12.25 6.65 4.70
N ARG A 21 12.16 5.77 3.74
CA ARG A 21 13.34 5.51 2.86
C ARG A 21 13.82 6.82 2.24
N GLY A 22 13.06 7.37 1.34
CA GLY A 22 13.47 8.65 0.68
C GLY A 22 12.80 9.83 1.40
N GLY A 23 12.34 9.63 2.60
CA GLY A 23 11.68 10.73 3.33
C GLY A 23 12.71 11.80 3.67
N ARG A 24 13.34 11.70 4.81
CA ARG A 24 14.35 12.72 5.20
C ARG A 24 13.70 14.10 5.15
N GLU A 25 13.82 14.80 4.06
CA GLU A 25 13.17 16.13 3.97
C GLU A 25 11.71 15.95 4.37
N ASP A 26 11.07 14.95 3.83
CA ASP A 26 9.66 14.68 4.22
C ASP A 26 9.65 14.31 5.70
N GLN A 27 10.77 13.85 6.21
CA GLN A 27 10.84 13.49 7.65
C GLN A 27 10.61 14.77 8.44
N ALA A 28 11.15 15.86 7.98
CA ALA A 28 10.95 17.16 8.68
C ALA A 28 9.47 17.54 8.51
N LEU A 29 8.97 17.45 7.31
CA LEU A 29 7.54 17.77 7.06
C LEU A 29 6.69 16.85 7.94
N TYR A 30 7.17 15.65 8.17
CA TYR A 30 6.40 14.69 9.02
C TYR A 30 6.36 15.20 10.44
N ALA A 31 7.46 15.60 10.99
CA ALA A 31 7.43 16.08 12.39
C ALA A 31 6.49 17.29 12.49
N ARG A 32 6.46 18.13 11.50
CA ARG A 32 5.51 19.28 11.56
C ARG A 32 4.08 18.75 11.37
N ILE A 33 3.85 18.07 10.30
CA ILE A 33 2.49 17.50 10.05
C ILE A 33 2.11 16.69 11.29
N VAL A 34 3.03 15.92 11.78
CA VAL A 34 2.76 15.10 12.99
C VAL A 34 2.39 16.04 14.15
N SER A 35 2.89 17.24 14.14
CA SER A 35 2.54 18.20 15.23
C SER A 35 1.08 18.65 15.07
N ARG A 36 0.62 18.77 13.86
CA ARG A 36 -0.79 19.19 13.65
C ARG A 36 -1.70 18.04 14.09
N LEU A 37 -1.46 16.87 13.56
CA LEU A 37 -2.29 15.71 13.95
C LEU A 37 -2.18 15.56 15.46
N ARG A 38 -1.01 15.78 15.99
CA ARG A 38 -0.82 15.70 17.46
C ARG A 38 -1.68 16.78 18.11
N ARG A 39 -2.01 17.81 17.36
CA ARG A 39 -2.86 18.90 17.92
C ARG A 39 -4.30 18.40 18.07
N TYR A 40 -4.79 17.73 17.06
CA TYR A 40 -6.21 17.24 17.10
C TYR A 40 -6.34 15.92 17.89
N GLY A 41 -5.53 14.94 17.59
CA GLY A 41 -5.60 13.66 18.32
C GLY A 41 -4.18 13.15 18.51
N LYS A 42 -3.84 12.73 19.69
CA LYS A 42 -2.46 12.24 19.93
C LYS A 42 -1.97 11.48 18.69
N VAL A 43 -0.71 11.56 18.39
CA VAL A 43 -0.21 10.82 17.21
C VAL A 43 -0.04 9.38 17.67
N LEU A 44 -0.97 8.52 17.37
CA LEU A 44 -0.84 7.14 17.87
C LEU A 44 0.55 6.60 17.56
N THR A 45 1.44 6.71 18.51
CA THR A 45 2.84 6.20 18.34
C THR A 45 3.26 6.21 16.86
N GLU A 46 4.01 7.20 16.47
CA GLU A 46 4.48 7.25 15.06
C GLU A 46 5.92 7.80 15.05
N HIS A 47 6.83 7.05 15.60
CA HIS A 47 8.25 7.51 15.65
C HIS A 47 8.71 7.96 14.26
N VAL A 48 7.89 7.80 13.27
CA VAL A 48 8.29 8.21 11.89
C VAL A 48 9.04 9.54 11.95
N ALA A 49 8.42 10.56 12.47
CA ALA A 49 9.13 11.86 12.56
C ALA A 49 10.28 11.73 13.56
N ASP A 50 10.05 11.05 14.64
CA ASP A 50 11.13 10.85 15.64
C ASP A 50 12.15 9.89 15.03
N ALA A 51 12.20 9.85 13.72
CA ALA A 51 13.18 8.96 13.03
C ALA A 51 14.34 9.82 12.54
N GLU A 52 14.15 11.12 12.50
CA GLU A 52 15.26 12.01 12.04
C GLU A 52 16.51 11.73 12.87
N LEU A 53 16.34 11.59 14.16
CA LEU A 53 17.50 11.32 15.05
C LEU A 53 18.31 10.14 14.49
N GLU A 54 19.60 10.25 14.48
CA GLU A 54 20.45 9.14 13.92
C GLU A 54 19.99 8.82 12.50
N PRO A 55 20.86 8.30 11.68
CA PRO A 55 20.52 7.94 10.27
C PRO A 55 19.41 6.90 10.21
N LEU A 56 18.18 7.32 10.19
CA LEU A 56 17.05 6.34 10.13
C LEU A 56 17.15 5.50 8.86
N GLY A 57 16.09 4.85 8.48
CA GLY A 57 16.12 4.01 7.26
C GLY A 57 16.53 2.58 7.62
N GLU A 58 16.09 1.62 6.87
CA GLU A 58 16.47 0.21 7.19
C GLU A 58 17.97 0.12 7.37
N GLU A 59 18.49 -1.03 7.68
CA GLU A 59 19.96 -1.17 7.88
C GLU A 59 20.38 -0.34 9.10
N ALA A 60 19.62 0.66 9.44
CA ALA A 60 19.97 1.50 10.62
C ALA A 60 19.51 0.80 11.89
N ALA A 61 20.29 0.86 12.93
CA ALA A 61 19.88 0.19 14.20
C ALA A 61 18.46 0.64 14.58
N GLY A 62 17.61 -0.29 14.93
CA GLY A 62 16.22 0.10 15.30
C GLY A 62 15.33 -1.15 15.37
N GLY A 63 14.93 -1.67 14.24
CA GLY A 63 14.06 -2.87 14.23
C GLY A 63 12.98 -2.68 13.17
N ASP A 64 13.28 -2.98 11.94
CA ASP A 64 12.27 -2.82 10.87
C ASP A 64 11.00 -3.56 11.28
N GLN A 65 11.15 -4.75 11.77
CA GLN A 65 9.96 -5.53 12.21
C GLN A 65 9.29 -4.78 13.36
N PHE A 66 10.06 -4.33 14.31
CA PHE A 66 9.47 -3.58 15.46
C PHE A 66 8.81 -2.30 14.93
N ILE A 67 9.46 -1.63 14.02
CA ILE A 67 8.87 -0.39 13.45
C ILE A 67 7.49 -0.72 12.89
N HIS A 68 7.38 -1.79 12.16
CA HIS A 68 6.07 -2.20 11.58
C HIS A 68 5.19 -2.82 12.66
N GLU A 69 5.80 -3.40 13.66
CA GLU A 69 4.99 -4.03 14.74
C GLU A 69 4.14 -2.98 15.44
N GLN A 70 4.74 -1.95 15.95
CA GLN A 70 3.97 -0.89 16.65
C GLN A 70 3.26 -0.01 15.61
N ASP A 71 3.95 0.34 14.54
CA ASP A 71 3.32 1.21 13.52
C ASP A 71 2.08 0.52 12.94
N LEU A 72 2.23 -0.70 12.49
CA LEU A 72 1.06 -1.43 11.91
C LEU A 72 0.02 -1.74 12.99
N ASN A 73 0.47 -2.21 14.12
CA ASN A 73 -0.48 -2.56 15.21
C ASN A 73 -1.28 -1.34 15.59
N TRP A 74 -0.63 -0.24 15.83
CA TRP A 74 -1.40 0.96 16.22
C TRP A 74 -2.06 1.56 14.98
N LEU A 75 -1.59 1.24 13.82
CA LEU A 75 -2.26 1.77 12.61
C LEU A 75 -3.65 1.16 12.59
N GLN A 76 -3.77 -0.06 13.02
CA GLN A 76 -5.11 -0.69 13.04
C GLN A 76 -5.82 -0.34 14.34
N GLN A 77 -5.11 0.07 15.35
CA GLN A 77 -5.79 0.43 16.63
C GLN A 77 -5.94 1.95 16.70
N ALA A 78 -5.55 2.64 15.67
CA ALA A 78 -5.67 4.14 15.67
C ALA A 78 -7.12 4.59 15.60
N ASP A 79 -7.51 5.46 16.49
CA ASP A 79 -8.91 5.98 16.47
C ASP A 79 -9.12 6.74 15.16
N VAL A 80 -8.09 7.40 14.70
CA VAL A 80 -8.20 8.15 13.41
C VAL A 80 -6.91 7.94 12.61
N VAL A 81 -6.99 7.97 11.30
CA VAL A 81 -5.76 7.73 10.48
C VAL A 81 -5.66 8.69 9.30
N VAL A 82 -4.45 9.12 9.02
CA VAL A 82 -4.18 10.05 7.89
C VAL A 82 -2.90 9.58 7.20
N ALA A 83 -2.63 10.05 6.02
CA ALA A 83 -1.39 9.61 5.33
C ALA A 83 -0.99 10.65 4.28
N GLU A 84 0.27 10.96 4.20
CA GLU A 84 0.73 12.00 3.24
C GLU A 84 1.17 11.35 1.93
N VAL A 85 0.61 11.77 0.82
CA VAL A 85 1.01 11.19 -0.50
C VAL A 85 1.42 12.34 -1.43
N THR A 86 2.55 12.23 -2.07
CA THR A 86 3.04 13.31 -2.96
C THR A 86 4.25 12.79 -3.73
N GLN A 87 5.42 13.01 -3.21
CA GLN A 87 6.67 12.51 -3.87
C GLN A 87 7.14 11.22 -3.19
N PRO A 88 6.78 11.02 -1.94
CA PRO A 88 7.19 9.82 -1.17
C PRO A 88 7.06 8.54 -2.00
N SER A 89 6.65 7.46 -1.40
CA SER A 89 6.53 6.19 -2.18
C SER A 89 6.22 5.03 -1.24
N LEU A 90 6.58 3.83 -1.62
CA LEU A 90 6.30 2.64 -0.75
C LEU A 90 6.31 3.05 0.72
N GLY A 91 5.34 2.57 1.47
CA GLY A 91 5.24 2.93 2.91
C GLY A 91 3.95 3.72 3.10
N VAL A 92 3.63 4.55 2.15
CA VAL A 92 2.37 5.35 2.25
C VAL A 92 1.23 4.54 1.61
N GLY A 93 1.50 3.90 0.51
CA GLY A 93 0.45 3.09 -0.15
C GLY A 93 0.15 1.85 0.69
N TYR A 94 1.13 1.32 1.35
CA TYR A 94 0.90 0.11 2.19
C TYR A 94 0.00 0.45 3.36
N GLU A 95 0.34 1.46 4.10
CA GLU A 95 -0.52 1.84 5.27
C GLU A 95 -1.88 2.31 4.76
N LEU A 96 -1.92 2.91 3.60
CA LEU A 96 -3.23 3.35 3.06
C LEU A 96 -4.07 2.11 2.75
N GLY A 97 -3.47 1.12 2.15
CA GLY A 97 -4.22 -0.12 1.83
C GLY A 97 -4.63 -0.80 3.13
N ARG A 98 -3.82 -0.68 4.16
CA ARG A 98 -4.16 -1.31 5.45
C ARG A 98 -5.41 -0.66 6.04
N ALA A 99 -5.49 0.63 6.02
CA ALA A 99 -6.71 1.30 6.57
C ALA A 99 -7.88 1.03 5.64
N VAL A 100 -7.64 1.00 4.37
CA VAL A 100 -8.75 0.69 3.44
C VAL A 100 -9.37 -0.63 3.92
N ALA A 101 -8.53 -1.57 4.25
CA ALA A 101 -8.99 -2.89 4.70
C ALA A 101 -9.51 -2.82 6.14
N LEU A 102 -8.75 -2.25 7.03
CA LEU A 102 -9.17 -2.15 8.45
C LEU A 102 -10.39 -1.22 8.55
N GLY A 103 -10.74 -0.60 7.47
CA GLY A 103 -11.96 0.27 7.46
C GLY A 103 -11.78 1.51 8.34
N LYS A 104 -10.58 1.85 8.70
CA LYS A 104 -10.39 3.06 9.53
C LYS A 104 -10.38 4.29 8.60
N PRO A 105 -11.07 5.35 8.94
CA PRO A 105 -11.09 6.56 8.08
C PRO A 105 -9.71 6.85 7.49
N ILE A 106 -9.60 6.90 6.19
CA ILE A 106 -8.25 7.15 5.58
C ILE A 106 -8.17 8.55 4.96
N LEU A 107 -7.57 9.48 5.65
CA LEU A 107 -7.41 10.83 5.05
C LEU A 107 -6.06 10.83 4.33
N CYS A 108 -6.04 10.95 3.03
CA CYS A 108 -4.74 10.91 2.29
C CYS A 108 -4.46 12.30 1.71
N LEU A 109 -3.21 12.63 1.49
CA LEU A 109 -2.87 13.99 0.94
C LEU A 109 -2.08 13.87 -0.37
N PHE A 110 -2.25 14.84 -1.24
CA PHE A 110 -1.50 14.85 -2.55
C PHE A 110 -1.18 16.30 -2.89
N ARG A 111 0.07 16.64 -3.01
CA ARG A 111 0.43 18.06 -3.30
C ARG A 111 0.24 18.37 -4.80
N PRO A 112 -0.54 19.38 -5.12
CA PRO A 112 -0.77 19.80 -6.53
C PRO A 112 0.35 20.72 -7.01
N GLN A 113 0.93 21.48 -6.11
CA GLN A 113 2.05 22.39 -6.49
C GLN A 113 3.08 21.57 -7.25
N SER A 114 3.25 20.34 -6.86
CA SER A 114 4.20 19.44 -7.56
C SER A 114 3.41 18.58 -8.52
N GLY A 115 2.10 18.60 -8.40
CA GLY A 115 1.24 17.78 -9.30
C GLY A 115 1.88 16.43 -9.54
N ARG A 116 2.32 15.77 -8.50
CA ARG A 116 2.99 14.46 -8.69
C ARG A 116 1.95 13.42 -9.09
N VAL A 117 0.74 13.84 -9.31
CA VAL A 117 -0.33 12.90 -9.72
C VAL A 117 -0.42 11.74 -8.73
N LEU A 118 -1.47 11.70 -7.96
CA LEU A 118 -1.64 10.60 -6.99
C LEU A 118 -1.59 9.28 -7.76
N SER A 119 -1.12 8.23 -7.15
CA SER A 119 -1.05 6.92 -7.87
C SER A 119 -2.44 6.56 -8.40
N ALA A 120 -2.49 5.84 -9.49
CA ALA A 120 -3.82 5.43 -10.05
C ALA A 120 -4.50 4.49 -9.06
N MET A 121 -3.73 3.66 -8.43
CA MET A 121 -4.29 2.71 -7.45
C MET A 121 -4.97 3.50 -6.34
N ILE A 122 -4.27 4.44 -5.78
CA ILE A 122 -4.88 5.24 -4.69
C ILE A 122 -6.07 6.02 -5.25
N ARG A 123 -6.00 6.49 -6.47
CA ARG A 123 -7.18 7.22 -7.02
C ARG A 123 -8.37 6.30 -6.86
N GLY A 124 -8.21 5.04 -7.16
CA GLY A 124 -9.36 4.12 -6.93
C GLY A 124 -9.71 4.31 -5.46
N ALA A 125 -8.69 4.38 -4.64
CA ALA A 125 -8.87 4.66 -3.20
C ALA A 125 -9.09 6.17 -3.14
N ALA A 126 -10.31 6.52 -3.24
CA ALA A 126 -10.72 7.95 -3.23
C ALA A 126 -12.26 8.00 -3.22
N ASP A 127 -12.88 7.23 -2.36
CA ASP A 127 -14.37 7.20 -2.30
C ASP A 127 -14.93 8.50 -1.71
N GLY A 128 -14.09 9.32 -1.13
CA GLY A 128 -14.59 10.61 -0.56
C GLY A 128 -15.50 10.35 0.66
N SER A 129 -15.67 9.11 1.05
CA SER A 129 -16.54 8.80 2.23
C SER A 129 -15.65 8.44 3.41
N ARG A 130 -15.16 7.23 3.43
CA ARG A 130 -14.24 6.82 4.53
C ARG A 130 -12.82 7.06 4.04
N PHE A 131 -12.64 6.93 2.76
CA PHE A 131 -11.31 7.18 2.15
C PHE A 131 -11.42 8.45 1.31
N GLN A 132 -10.52 9.38 1.48
CA GLN A 132 -10.63 10.63 0.67
C GLN A 132 -9.25 11.18 0.31
N VAL A 133 -9.02 11.41 -0.96
CA VAL A 133 -7.73 11.99 -1.41
C VAL A 133 -7.82 13.51 -1.31
N TRP A 134 -7.17 14.11 -0.36
CA TRP A 134 -7.24 15.59 -0.21
C TRP A 134 -5.96 16.22 -0.77
N ASP A 135 -6.06 17.30 -1.48
CA ASP A 135 -4.83 17.93 -2.05
C ASP A 135 -4.31 18.98 -1.06
N TYR A 136 -3.03 19.25 -1.05
CA TYR A 136 -2.53 20.27 -0.08
C TYR A 136 -1.12 20.76 -0.43
N ALA A 137 -0.61 21.64 0.37
CA ALA A 137 0.77 22.17 0.16
C ALA A 137 1.30 22.59 1.52
N GLU A 138 2.58 22.48 1.77
CA GLU A 138 3.13 22.87 3.10
C GLU A 138 2.48 24.18 3.57
N GLY A 139 2.21 25.09 2.67
CA GLY A 139 1.61 26.39 3.08
C GLY A 139 0.12 26.24 3.42
N GLU A 140 -0.42 25.04 3.41
CA GLU A 140 -1.87 24.89 3.74
C GLU A 140 -2.16 23.49 4.31
N VAL A 141 -1.14 22.71 4.55
CA VAL A 141 -1.38 21.34 5.08
C VAL A 141 -2.30 21.45 6.31
N GLU A 142 -2.04 22.41 7.15
CA GLU A 142 -2.89 22.59 8.35
C GLU A 142 -4.33 22.80 7.90
N THR A 143 -4.53 23.49 6.81
CA THR A 143 -5.92 23.73 6.33
C THR A 143 -6.56 22.40 5.94
N MET A 144 -5.85 21.57 5.21
CA MET A 144 -6.40 20.26 4.82
C MET A 144 -6.93 19.58 6.07
N LEU A 145 -6.14 19.60 7.11
CA LEU A 145 -6.58 18.97 8.38
C LEU A 145 -7.67 19.82 9.03
N ASP A 146 -7.62 21.11 8.87
CA ASP A 146 -8.67 21.98 9.51
C ASP A 146 -10.02 21.69 8.86
N ARG A 147 -10.06 21.51 7.57
CA ARG A 147 -11.37 21.22 6.91
C ARG A 147 -11.84 19.83 7.32
N TYR A 148 -10.97 18.86 7.21
CA TYR A 148 -11.34 17.47 7.61
C TYR A 148 -11.72 17.44 9.09
N PHE A 149 -10.89 18.00 9.91
CA PHE A 149 -11.19 17.97 11.37
C PHE A 149 -12.42 18.81 11.66
N GLU A 150 -12.64 19.86 10.92
CA GLU A 150 -13.86 20.67 11.18
C GLU A 150 -15.06 19.83 10.76
N ALA A 151 -14.86 18.91 9.87
CA ALA A 151 -15.98 18.05 9.41
C ALA A 151 -16.41 17.07 10.51
N TYR A 152 -15.58 16.79 11.49
CA TYR A 152 -16.00 15.83 12.55
C TYR A 152 -15.41 16.21 13.93
N LEU A 153 -14.64 17.27 14.02
CA LEU A 153 -14.09 17.67 15.35
C LEU A 153 -14.67 19.04 15.75
N PRO A 154 -15.85 19.05 16.31
CA PRO A 154 -16.51 20.32 16.74
C PRO A 154 -16.03 20.77 18.12
N GLN A 155 -16.77 20.44 19.15
CA GLN A 155 -16.36 20.86 20.53
C GLN A 155 -15.18 20.00 20.98
N LYS A 156 -15.14 18.76 20.60
CA LYS A 156 -14.02 17.87 21.02
C LYS A 156 -12.69 18.56 20.69
N THR A 157 -12.68 19.41 19.69
CA THR A 157 -11.41 20.11 19.32
C THR A 157 -10.84 20.78 20.56
N ALA A 158 -11.69 21.29 21.41
CA ALA A 158 -11.20 21.97 22.64
C ALA A 158 -12.25 21.84 23.74
N SER A 159 -11.95 21.13 24.80
CA SER A 159 -12.94 20.96 25.89
C SER A 159 -13.38 22.33 26.41
N SER A 160 -12.53 23.32 26.27
CA SER A 160 -12.90 24.68 26.76
C SER A 160 -14.09 25.20 25.96
N SER A 161 -14.91 26.03 26.54
CA SER A 161 -16.08 26.57 25.81
C SER A 161 -15.61 27.34 24.57
N HIS A 162 -16.36 27.30 23.51
CA HIS A 162 -15.94 28.02 22.27
C HIS A 162 -16.16 29.52 22.47
N PRO A 163 -15.37 30.34 21.82
CA PRO A 163 -15.50 31.82 21.93
C PRO A 163 -16.81 32.34 21.37
N SER A 164 -17.23 33.50 21.78
CA SER A 164 -18.52 34.06 21.26
C SER A 164 -18.49 34.09 19.73
N ALA A 165 -17.36 34.38 19.16
CA ALA A 165 -17.28 34.43 17.67
C ALA A 165 -17.43 33.01 17.11
N MET B 3 -18.83 -36.15 -22.23
CA MET B 3 -18.21 -35.94 -20.89
C MET B 3 -17.38 -37.17 -20.51
N ALA B 4 -17.75 -38.32 -21.01
CA ALA B 4 -16.99 -39.56 -20.68
C ALA B 4 -15.54 -39.40 -21.13
N ALA B 5 -15.31 -38.59 -22.14
CA ALA B 5 -13.91 -38.39 -22.62
C ALA B 5 -13.14 -37.53 -21.63
N SER B 6 -11.86 -37.74 -21.51
CA SER B 6 -11.05 -36.92 -20.54
C SER B 6 -10.74 -35.57 -21.18
N GLY B 7 -10.45 -34.59 -20.37
CA GLY B 7 -10.13 -33.23 -20.92
C GLY B 7 -9.05 -32.57 -20.06
N GLU B 8 -8.67 -31.36 -20.39
CA GLU B 8 -7.63 -30.65 -19.59
C GLU B 8 -8.29 -29.56 -18.74
N GLN B 9 -7.86 -29.40 -17.52
CA GLN B 9 -8.47 -28.35 -16.65
C GLN B 9 -7.75 -27.02 -16.88
N ALA B 10 -8.20 -25.98 -16.26
CA ALA B 10 -7.55 -24.65 -16.43
C ALA B 10 -6.61 -24.38 -15.25
N PRO B 11 -5.55 -23.64 -15.48
CA PRO B 11 -4.56 -23.30 -14.42
C PRO B 11 -5.14 -22.34 -13.40
N CYS B 12 -4.32 -21.67 -12.64
CA CYS B 12 -4.84 -20.72 -11.62
C CYS B 12 -4.73 -19.29 -12.17
N SER B 13 -5.02 -18.32 -11.35
CA SER B 13 -4.91 -16.90 -11.80
C SER B 13 -3.88 -16.21 -10.93
N VAL B 14 -3.13 -15.32 -11.50
CA VAL B 14 -2.09 -14.61 -10.72
C VAL B 14 -2.30 -13.12 -10.90
N TYR B 15 -2.20 -12.38 -9.84
CA TYR B 15 -2.40 -10.91 -9.93
C TYR B 15 -1.07 -10.23 -9.64
N PHE B 16 -0.45 -9.65 -10.62
CA PHE B 16 0.86 -8.98 -10.38
C PHE B 16 0.65 -7.48 -10.21
N CYS B 17 1.19 -6.90 -9.18
CA CYS B 17 1.01 -5.43 -8.95
C CYS B 17 2.29 -4.69 -9.37
N GLY B 18 2.15 -3.45 -9.79
CA GLY B 18 3.35 -2.66 -10.21
C GLY B 18 2.97 -1.19 -10.31
N SER B 19 3.95 -0.31 -10.33
CA SER B 19 3.63 1.15 -10.43
C SER B 19 3.49 1.53 -11.91
N ILE B 20 2.45 2.26 -12.25
CA ILE B 20 2.27 2.67 -13.67
C ILE B 20 2.74 4.11 -13.84
N ARG B 21 2.68 4.90 -12.80
CA ARG B 21 3.12 6.32 -12.90
C ARG B 21 4.56 6.38 -13.44
N GLY B 22 5.50 5.96 -12.66
CA GLY B 22 6.93 6.00 -13.12
C GLY B 22 7.32 4.63 -13.66
N GLY B 23 6.37 3.81 -14.00
CA GLY B 23 6.69 2.45 -14.53
C GLY B 23 7.35 2.60 -15.90
N ARG B 24 6.58 2.60 -16.95
CA ARG B 24 7.17 2.73 -18.32
C ARG B 24 8.21 1.63 -18.50
N GLU B 25 9.45 1.91 -18.24
CA GLU B 25 10.49 0.84 -18.38
C GLU B 25 10.00 -0.38 -17.60
N ASP B 26 9.53 -0.16 -16.40
CA ASP B 26 9.01 -1.28 -15.60
C ASP B 26 7.76 -1.81 -16.31
N GLN B 27 7.15 -0.98 -17.12
CA GLN B 27 5.96 -1.44 -17.88
C GLN B 27 6.40 -2.56 -18.81
N ALA B 28 7.57 -2.42 -19.39
CA ALA B 28 8.08 -3.50 -20.27
C ALA B 28 8.39 -4.71 -19.40
N LEU B 29 9.08 -4.49 -18.31
CA LEU B 29 9.39 -5.61 -17.38
C LEU B 29 8.07 -6.25 -16.94
N TYR B 30 7.04 -5.45 -16.83
CA TYR B 30 5.72 -5.99 -16.40
C TYR B 30 5.18 -6.92 -17.48
N ALA B 31 5.20 -6.52 -18.70
CA ALA B 31 4.65 -7.40 -19.75
C ALA B 31 5.44 -8.72 -19.75
N ARG B 32 6.73 -8.66 -19.54
CA ARG B 32 7.52 -9.92 -19.49
C ARG B 32 7.15 -10.68 -18.22
N ILE B 33 7.31 -10.05 -17.09
CA ILE B 33 6.96 -10.71 -15.81
C ILE B 33 5.51 -11.22 -15.93
N VAL B 34 4.67 -10.40 -16.47
CA VAL B 34 3.24 -10.79 -16.66
C VAL B 34 3.18 -12.04 -17.55
N SER B 35 4.14 -12.19 -18.43
CA SER B 35 4.13 -13.40 -19.31
C SER B 35 4.49 -14.64 -18.48
N ARG B 36 5.35 -14.49 -17.51
CA ARG B 36 5.70 -15.66 -16.65
C ARG B 36 4.49 -16.03 -15.80
N LEU B 37 3.97 -15.07 -15.09
CA LEU B 37 2.77 -15.35 -14.26
C LEU B 37 1.70 -15.90 -15.17
N ARG B 38 1.60 -15.35 -16.35
CA ARG B 38 0.59 -15.86 -17.34
C ARG B 38 0.95 -17.30 -17.67
N ARG B 39 2.19 -17.67 -17.49
CA ARG B 39 2.60 -19.07 -17.78
C ARG B 39 2.04 -20.01 -16.71
N TYR B 40 2.16 -19.62 -15.46
CA TYR B 40 1.67 -20.49 -14.35
C TYR B 40 0.16 -20.36 -14.13
N GLY B 41 -0.35 -19.16 -14.03
CA GLY B 41 -1.80 -18.97 -13.83
C GLY B 41 -2.23 -17.74 -14.61
N LYS B 42 -3.30 -17.85 -15.36
CA LYS B 42 -3.74 -16.68 -16.16
C LYS B 42 -3.47 -15.40 -15.38
N VAL B 43 -3.14 -14.33 -16.04
CA VAL B 43 -2.92 -13.06 -15.30
C VAL B 43 -4.30 -12.50 -15.02
N LEU B 44 -4.80 -12.68 -13.84
CA LEU B 44 -6.18 -12.18 -13.58
C LEU B 44 -6.31 -10.73 -14.04
N THR B 45 -6.80 -10.54 -15.25
CA THR B 45 -6.99 -9.16 -15.81
C THR B 45 -6.00 -8.17 -15.20
N GLU B 46 -4.96 -7.85 -15.91
CA GLU B 46 -3.96 -6.87 -15.38
C GLU B 46 -3.46 -6.03 -16.55
N HIS B 47 -4.33 -5.24 -17.13
CA HIS B 47 -3.93 -4.39 -18.29
C HIS B 47 -2.66 -3.61 -17.96
N VAL B 48 -2.19 -3.70 -16.74
CA VAL B 48 -0.97 -2.95 -16.35
C VAL B 48 0.05 -3.01 -17.49
N ALA B 49 0.46 -4.18 -17.89
CA ALA B 49 1.43 -4.27 -19.01
C ALA B 49 0.75 -3.80 -20.29
N ASP B 50 -0.48 -4.17 -20.48
CA ASP B 50 -1.21 -3.72 -21.69
C ASP B 50 -1.48 -2.23 -21.53
N ALA B 51 -0.67 -1.56 -20.75
CA ALA B 51 -0.84 -0.09 -20.56
C ALA B 51 0.20 0.62 -21.41
N GLU B 52 1.20 -0.08 -21.87
CA GLU B 52 2.24 0.56 -22.72
C GLU B 52 1.56 1.25 -23.89
N LEU B 53 0.62 0.59 -24.51
CA LEU B 53 -0.09 1.19 -25.66
C LEU B 53 -0.57 2.60 -25.29
N GLU B 54 -0.41 3.54 -26.18
CA GLU B 54 -0.84 4.95 -25.88
C GLU B 54 -0.19 5.40 -24.57
N PRO B 55 0.00 6.69 -24.39
CA PRO B 55 0.61 7.24 -23.16
C PRO B 55 -0.21 6.90 -21.91
N LEU B 56 0.06 5.78 -21.29
CA LEU B 56 -0.71 5.39 -20.08
C LEU B 56 -0.52 6.43 -18.98
N GLY B 57 -0.85 6.10 -17.76
CA GLY B 57 -0.68 7.06 -16.65
C GLY B 57 -1.99 7.85 -16.48
N GLU B 58 -2.26 8.30 -15.29
CA GLU B 58 -3.52 9.09 -15.08
C GLU B 58 -3.60 10.19 -16.13
N GLU B 59 -4.65 10.96 -16.10
CA GLU B 59 -4.81 12.05 -17.10
C GLU B 59 -4.95 11.43 -18.50
N ALA B 60 -4.44 10.25 -18.68
CA ALA B 60 -4.55 9.58 -20.01
C ALA B 60 -5.93 8.97 -20.15
N ALA B 61 -6.50 9.03 -21.33
CA ALA B 61 -7.86 8.44 -21.52
C ALA B 61 -7.86 6.99 -21.05
N GLY B 62 -8.82 6.60 -20.27
CA GLY B 62 -8.87 5.20 -19.78
C GLY B 62 -9.92 5.07 -18.67
N GLY B 63 -9.59 5.49 -17.48
CA GLY B 63 -10.56 5.39 -16.36
C GLY B 63 -9.80 4.96 -15.10
N ASP B 64 -9.20 5.90 -14.42
CA ASP B 64 -8.45 5.55 -13.19
C ASP B 64 -9.35 4.73 -12.28
N GLN B 65 -10.57 5.18 -12.11
CA GLN B 65 -11.52 4.42 -11.26
C GLN B 65 -11.73 3.04 -11.86
N PHE B 66 -11.96 2.98 -13.16
CA PHE B 66 -12.17 1.65 -13.81
C PHE B 66 -10.89 0.82 -13.67
N ILE B 67 -9.75 1.44 -13.83
CA ILE B 67 -8.47 0.70 -13.70
C ILE B 67 -8.44 0.04 -12.32
N HIS B 68 -8.79 0.79 -11.30
CA HIS B 68 -8.80 0.24 -9.91
C HIS B 68 -10.02 -0.64 -9.71
N GLU B 69 -11.08 -0.39 -10.43
CA GLU B 69 -12.31 -1.21 -10.27
C GLU B 69 -12.02 -2.67 -10.63
N GLN B 70 -11.53 -2.91 -11.81
CA GLN B 70 -11.22 -4.31 -12.21
C GLN B 70 -9.92 -4.75 -11.54
N ASP B 71 -8.93 -3.91 -11.51
CA ASP B 71 -7.64 -4.29 -10.88
C ASP B 71 -7.87 -4.67 -9.42
N LEU B 72 -8.50 -3.80 -8.68
CA LEU B 72 -8.74 -4.09 -7.23
C LEU B 72 -9.74 -5.23 -7.07
N ASN B 73 -10.80 -5.20 -7.83
CA ASN B 73 -11.82 -6.28 -7.71
C ASN B 73 -11.18 -7.62 -7.99
N TRP B 74 -10.46 -7.73 -9.07
CA TRP B 74 -9.84 -9.04 -9.35
C TRP B 74 -8.62 -9.23 -8.46
N LEU B 75 -8.09 -8.19 -7.91
CA LEU B 75 -6.95 -8.38 -6.99
C LEU B 75 -7.47 -9.15 -5.80
N GLN B 76 -8.71 -8.89 -5.42
CA GLN B 76 -9.27 -9.63 -4.26
C GLN B 76 -9.88 -10.94 -4.75
N GLN B 77 -10.19 -11.06 -6.03
CA GLN B 77 -10.79 -12.32 -6.53
C GLN B 77 -9.68 -13.17 -7.17
N ALA B 78 -8.45 -12.70 -7.13
CA ALA B 78 -7.32 -13.47 -7.75
C ALA B 78 -7.03 -14.75 -6.97
N ASP B 79 -6.96 -15.85 -7.67
CA ASP B 79 -6.64 -17.15 -6.99
C ASP B 79 -5.24 -17.04 -6.41
N VAL B 80 -4.38 -16.34 -7.10
CA VAL B 80 -2.97 -16.17 -6.60
C VAL B 80 -2.54 -14.72 -6.85
N VAL B 81 -1.68 -14.19 -6.02
CA VAL B 81 -1.26 -12.77 -6.20
C VAL B 81 0.25 -12.57 -6.01
N VAL B 82 0.82 -11.72 -6.82
CA VAL B 82 2.27 -11.42 -6.74
C VAL B 82 2.44 -9.91 -6.91
N ALA B 83 3.58 -9.37 -6.60
CA ALA B 83 3.76 -7.90 -6.78
C ALA B 83 5.26 -7.59 -6.88
N GLU B 84 5.63 -6.74 -7.80
CA GLU B 84 7.06 -6.40 -7.98
C GLU B 84 7.44 -5.17 -7.16
N VAL B 85 8.45 -5.27 -6.34
CA VAL B 85 8.88 -4.10 -5.52
C VAL B 85 10.38 -3.87 -5.76
N THR B 86 10.78 -2.67 -6.04
CA THR B 86 12.21 -2.38 -6.32
C THR B 86 12.38 -0.86 -6.39
N GLN B 87 12.28 -0.30 -7.57
CA GLN B 87 12.40 1.18 -7.74
C GLN B 87 11.01 1.80 -7.87
N PRO B 88 10.04 1.04 -8.29
CA PRO B 88 8.64 1.53 -8.46
C PRO B 88 8.19 2.40 -7.29
N SER B 89 6.96 2.31 -6.89
CA SER B 89 6.51 3.15 -5.75
C SER B 89 4.99 3.01 -5.59
N LEU B 90 4.34 4.00 -5.03
CA LEU B 90 2.86 3.93 -4.82
C LEU B 90 2.22 3.07 -5.91
N GLY B 91 1.32 2.21 -5.52
CA GLY B 91 0.66 1.31 -6.49
C GLY B 91 1.05 -0.12 -6.15
N VAL B 92 2.28 -0.31 -5.74
CA VAL B 92 2.74 -1.67 -5.36
C VAL B 92 2.46 -1.88 -3.88
N GLY B 93 2.71 -0.88 -3.07
CA GLY B 93 2.47 -1.01 -1.61
C GLY B 93 0.97 -1.07 -1.36
N TYR B 94 0.19 -0.38 -2.15
CA TYR B 94 -1.29 -0.40 -1.94
C TYR B 94 -1.84 -1.79 -2.23
N GLU B 95 -1.54 -2.33 -3.37
CA GLU B 95 -2.05 -3.69 -3.71
C GLU B 95 -1.45 -4.71 -2.74
N LEU B 96 -0.25 -4.47 -2.27
CA LEU B 96 0.37 -5.41 -1.31
C LEU B 96 -0.43 -5.35 0.00
N GLY B 97 -0.76 -4.17 0.44
CA GLY B 97 -1.54 -4.03 1.69
C GLY B 97 -2.92 -4.63 1.49
N ARG B 98 -3.44 -4.54 0.29
CA ARG B 98 -4.79 -5.11 0.01
C ARG B 98 -4.75 -6.63 0.17
N ALA B 99 -3.76 -7.27 -0.36
CA ALA B 99 -3.68 -8.76 -0.23
C ALA B 99 -3.36 -9.10 1.22
N VAL B 100 -2.54 -8.32 1.85
CA VAL B 100 -2.24 -8.59 3.27
C VAL B 100 -3.59 -8.68 4.00
N ALA B 101 -4.45 -7.76 3.68
CA ALA B 101 -5.80 -7.72 4.31
C ALA B 101 -6.70 -8.82 3.74
N LEU B 102 -6.79 -8.91 2.45
CA LEU B 102 -7.66 -9.95 1.81
C LEU B 102 -7.10 -11.33 2.11
N GLY B 103 -5.94 -11.38 2.71
CA GLY B 103 -5.34 -12.70 3.10
C GLY B 103 -4.97 -13.53 1.88
N LYS B 104 -4.86 -12.94 0.73
CA LYS B 104 -4.47 -13.74 -0.47
C LYS B 104 -2.94 -13.84 -0.48
N PRO B 105 -2.40 -15.01 -0.74
CA PRO B 105 -0.92 -15.19 -0.76
C PRO B 105 -0.23 -13.99 -1.44
N ILE B 106 0.66 -13.32 -0.74
CA ILE B 106 1.32 -12.13 -1.35
C ILE B 106 2.79 -12.42 -1.68
N LEU B 107 3.08 -12.70 -2.91
CA LEU B 107 4.52 -12.92 -3.28
C LEU B 107 5.06 -11.56 -3.72
N CYS B 108 5.98 -10.99 -2.99
CA CYS B 108 6.53 -9.65 -3.37
C CYS B 108 7.97 -9.79 -3.85
N LEU B 109 8.43 -8.88 -4.66
CA LEU B 109 9.84 -8.99 -5.19
C LEU B 109 10.65 -7.72 -4.86
N PHE B 110 11.94 -7.89 -4.68
CA PHE B 110 12.83 -6.71 -4.37
C PHE B 110 14.18 -6.97 -5.04
N ARG B 111 14.60 -6.11 -5.94
CA ARG B 111 15.89 -6.36 -6.64
C ARG B 111 17.08 -5.96 -5.75
N PRO B 112 18.01 -6.86 -5.52
CA PRO B 112 19.22 -6.58 -4.72
C PRO B 112 20.30 -5.91 -5.58
N GLN B 113 20.32 -6.23 -6.85
CA GLN B 113 21.32 -5.61 -7.77
C GLN B 113 21.26 -4.11 -7.58
N SER B 114 20.08 -3.59 -7.35
CA SER B 114 19.91 -2.14 -7.13
C SER B 114 19.84 -1.90 -5.63
N GLY B 115 19.69 -2.97 -4.87
CA GLY B 115 19.61 -2.83 -3.39
C GLY B 115 18.77 -1.61 -3.04
N ARG B 116 17.63 -1.46 -3.65
CA ARG B 116 16.79 -0.27 -3.35
C ARG B 116 16.20 -0.40 -1.95
N VAL B 117 16.57 -1.42 -1.24
CA VAL B 117 16.05 -1.62 0.14
C VAL B 117 14.53 -1.61 0.13
N LEU B 118 13.95 -2.75 0.36
CA LEU B 118 12.47 -2.83 0.40
C LEU B 118 11.97 -1.83 1.45
N SER B 119 10.79 -1.30 1.27
CA SER B 119 10.27 -0.32 2.26
C SER B 119 10.26 -0.95 3.65
N ALA B 120 10.42 -0.17 4.68
CA ALA B 120 10.38 -0.73 6.06
C ALA B 120 8.99 -1.28 6.33
N MET B 121 8.00 -0.61 5.83
CA MET B 121 6.60 -1.05 6.04
C MET B 121 6.44 -2.45 5.43
N ILE B 122 6.85 -2.61 4.21
CA ILE B 122 6.72 -3.93 3.58
C ILE B 122 7.60 -4.93 4.33
N ARG B 123 8.75 -4.53 4.80
CA ARG B 123 9.58 -5.50 5.57
C ARG B 123 8.71 -6.07 6.67
N GLY B 124 7.96 -5.24 7.33
CA GLY B 124 7.04 -5.80 8.35
C GLY B 124 6.22 -6.83 7.58
N ALA B 125 5.80 -6.47 6.41
CA ALA B 125 5.08 -7.39 5.53
C ALA B 125 6.17 -8.27 4.93
N ALA B 126 6.43 -9.32 5.61
CA ALA B 126 7.48 -10.28 5.21
C ALA B 126 7.43 -11.49 6.16
N ASP B 127 6.24 -12.01 6.40
CA ASP B 127 6.09 -13.16 7.34
C ASP B 127 6.67 -14.45 6.74
N GLY B 128 6.97 -14.44 5.47
CA GLY B 128 7.55 -15.67 4.85
C GLY B 128 6.51 -16.81 4.82
N SER B 129 5.31 -16.56 5.27
CA SER B 129 4.27 -17.63 5.25
C SER B 129 3.28 -17.33 4.13
N ARG B 130 2.38 -16.42 4.37
CA ARG B 130 1.40 -16.04 3.31
C ARG B 130 1.99 -14.85 2.57
N PHE B 131 2.72 -14.06 3.29
CA PHE B 131 3.38 -12.87 2.69
C PHE B 131 4.88 -13.14 2.67
N GLN B 132 5.54 -12.97 1.57
CA GLN B 132 7.01 -13.26 1.54
C GLN B 132 7.75 -12.29 0.61
N VAL B 133 8.75 -11.62 1.13
CA VAL B 133 9.56 -10.69 0.30
C VAL B 133 10.65 -11.50 -0.40
N TRP B 134 10.52 -11.72 -1.69
CA TRP B 134 11.55 -12.51 -2.42
C TRP B 134 12.46 -11.57 -3.20
N ASP B 135 13.74 -11.80 -3.19
CA ASP B 135 14.65 -10.89 -3.95
C ASP B 135 14.85 -11.44 -5.37
N TYR B 136 15.12 -10.59 -6.32
CA TYR B 136 15.29 -11.11 -7.72
C TYR B 136 15.98 -10.10 -8.63
N ALA B 137 16.15 -10.47 -9.87
CA ALA B 137 16.78 -9.56 -10.86
C ALA B 137 16.25 -9.99 -12.24
N GLU B 138 16.09 -9.07 -13.15
CA GLU B 138 15.57 -9.45 -14.49
C GLU B 138 16.22 -10.76 -14.97
N GLY B 139 17.47 -10.96 -14.67
CA GLY B 139 18.17 -12.20 -15.14
C GLY B 139 17.74 -13.43 -14.31
N GLU B 140 16.80 -13.28 -13.40
CA GLU B 140 16.39 -14.48 -12.59
C GLU B 140 14.94 -14.32 -12.10
N VAL B 141 14.25 -13.30 -12.54
CA VAL B 141 12.84 -13.11 -12.07
C VAL B 141 12.09 -14.42 -12.28
N GLU B 142 12.29 -15.04 -13.39
CA GLU B 142 11.59 -16.33 -13.66
C GLU B 142 11.96 -17.32 -12.56
N THR B 143 13.17 -17.28 -12.09
CA THR B 143 13.59 -18.22 -11.01
C THR B 143 12.79 -17.92 -9.75
N MET B 144 12.67 -16.68 -9.38
CA MET B 144 11.90 -16.32 -8.18
C MET B 144 10.54 -16.99 -8.29
N LEU B 145 9.93 -16.87 -9.44
CA LEU B 145 8.60 -17.50 -9.63
C LEU B 145 8.75 -19.02 -9.71
N ASP B 146 9.84 -19.51 -10.25
CA ASP B 146 10.02 -20.99 -10.35
C ASP B 146 10.14 -21.59 -8.95
N ARG B 147 10.84 -20.95 -8.06
CA ARG B 147 10.98 -21.51 -6.70
C ARG B 147 9.62 -21.42 -5.99
N TYR B 148 9.01 -20.27 -6.03
CA TYR B 148 7.68 -20.11 -5.38
C TYR B 148 6.67 -21.06 -6.02
N PHE B 149 6.61 -21.07 -7.32
CA PHE B 149 5.64 -21.96 -7.99
C PHE B 149 6.01 -23.42 -7.77
N GLU B 150 7.28 -23.72 -7.65
CA GLU B 150 7.65 -25.13 -7.40
C GLU B 150 7.20 -25.48 -5.98
N ALA B 151 7.09 -24.48 -5.14
CA ALA B 151 6.67 -24.74 -3.73
C ALA B 151 5.18 -25.13 -3.67
N TYR B 152 4.40 -24.82 -4.68
CA TYR B 152 2.94 -25.20 -4.61
C TYR B 152 2.38 -25.56 -6.00
N LEU B 153 3.18 -25.49 -7.04
CA LEU B 153 2.66 -25.87 -8.40
C LEU B 153 3.41 -27.11 -8.90
N PRO B 154 2.99 -28.29 -8.48
CA PRO B 154 3.63 -29.56 -8.90
C PRO B 154 3.12 -30.05 -10.26
N GLN B 155 2.15 -30.93 -10.26
CA GLN B 155 1.61 -31.44 -11.55
C GLN B 155 0.72 -30.37 -12.19
N LYS B 156 0.03 -29.60 -11.41
CA LYS B 156 -0.85 -28.53 -11.97
C LYS B 156 -0.03 -27.68 -12.94
N THR B 157 1.26 -27.60 -12.74
CA THR B 157 2.10 -26.78 -13.66
C THR B 157 1.85 -27.23 -15.10
N ALA B 158 1.65 -28.50 -15.30
CA ALA B 158 1.39 -29.01 -16.68
C ALA B 158 0.52 -30.26 -16.60
N SER B 159 -0.68 -30.19 -17.11
CA SER B 159 -1.59 -31.38 -17.05
C SER B 159 -0.90 -32.57 -17.73
N SER B 160 -0.01 -32.32 -18.65
CA SER B 160 0.69 -33.43 -19.34
C SER B 160 1.54 -34.21 -18.32
N SER B 161 1.75 -35.47 -18.54
CA SER B 161 2.56 -36.27 -17.58
C SER B 161 3.97 -35.68 -17.50
N HIS B 162 4.58 -35.75 -16.35
CA HIS B 162 5.96 -35.18 -16.21
C HIS B 162 6.96 -36.13 -16.87
N PRO B 163 8.04 -35.60 -17.37
CA PRO B 163 9.09 -36.41 -18.06
C PRO B 163 9.78 -37.39 -17.10
N SER B 164 10.38 -38.42 -17.61
CA SER B 164 11.05 -39.41 -16.72
C SER B 164 12.04 -38.68 -15.81
N ALA B 165 12.64 -37.62 -16.28
CA ALA B 165 13.61 -36.86 -15.44
C ALA B 165 13.88 -35.49 -16.08
#